data_8KHC
#
_entry.id   8KHC
#
_cell.length_a   1.00
_cell.length_b   1.00
_cell.length_c   1.00
_cell.angle_alpha   90.00
_cell.angle_beta   90.00
_cell.angle_gamma   90.00
#
_symmetry.space_group_name_H-M   'P 1'
#
loop_
_entity.id
_entity.type
_entity.pdbx_description
1 polymer 'Spike glycoprotein'
2 polymer 'Heavy chain of 5817 Fab'
3 polymer 'Light chain of 5817 Fab'
4 branched 2-acetamido-2-deoxy-beta-D-glucopyranose-(1-4)-2-acetamido-2-deoxy-beta-D-glucopyranose
5 non-polymer 2-acetamido-2-deoxy-beta-D-glucopyranose
6 water water
#
loop_
_entity_poly.entity_id
_entity_poly.type
_entity_poly.pdbx_seq_one_letter_code
_entity_poly.pdbx_strand_id
1 'polypeptide(L)'
;AYTNSFTRGVYYPDKVFRSSVLHSTQDLFLPFFSNVTWFHVIHVSGTNGTKRFDNPVLPFNDGVYFASIEKSNIIRGWIF
GTTLDSKTQSLLIVNNATNVVIKVCEFQFCNDPFLDVYYHKNNKSWMESDFRVYSSANNCTFEYVSQPFLMDLEGKQGNF
KNLREFVFKNIDGYFKIYSKHTPINLVRDLPQGFSALEPLVDLPIGINITRFQTLLALHRSYLTPGDSSSGWTAGAAAYY
VGYLQPRTFLLKYNENGTITDAVDCALDPLSETKCTLKSFTVEKGIYQTSNFRVQPTESIVRFPNITNLCPFDEVFNATR
FASVYAWNRKRISNCVADYSVLYNLAPFFTFKCYGVSPTKLNDLCFTNVYADSFVIRGDEVRQIAPGQTGNIADYNYKLP
DDFTGCVIAWNSNKLDSKVSGNYNYLYRLFRKSNLKPFERDISTEIYQAGNKPCNGVAGFNCYFPLRSYSFRPTYGVGHQ
PYRVVVLSFELLHAPATVCGPKKSTNLVKNKCVNFNFNGLKGTGVLTESNKKFLPFQQFGRDIADTTDAVRDPQTLEILD
ITPCSFGGVSVITPGTNTSNQVAVLYQGVNCTEVPVAIHADQLTPTWRVYSTGSNVFQTRAGCLIGAEYVNNSYECDIPI
GAGICASYQTQTNSPRRARSVASQSIIAYTMSLGAENSVAYSNNSIAIPTNFTISVTTEILPVSMTKTSVDCTMYICGDS
TECSNLLLQYGSFCTQLKRALTGIAVEQDKNTQEVFAQVKQIYKTPPIKYFGGFNFSQILPDPSKPSKRSFIEDLLFNKV
TLADAGFIKQYGDCLGDIAARDLICAQKFKGLTVLPPLLTDEMIAQYTSALLAGTITSGWTFGAGAALQIPFAMQMAYRF
NGIGVTQNVLYENQKLIANQFNSAIGKIQDSLSSTASALGKLQDVVNHNAQALNTLVKQLSSKFGAISSVLNDIFSRLDP
PEAEVQIDRLITGRLQSLQTYVTQQLIRAAEIRASANLAATKMSECVLGQSKRVDFCGKGYHLMSFPQSAPHGVVFLHVT
YVPAQEKNFTTAPAICHDGKAHFPREGVFVSNGTHWFVTQRNFYEPQIITTDNTFVSGNCDVVIGIVNNTVYDPLQPELD
;
A,B,C
2 'polypeptide(L)'
;EVQLVESGGGLVKPGGSLRLSCAASGFSFSDAWMSWVRQAPGKGLEWVGRVSSEIGGGTTDYAAPVKGRFTISRDDSKNT
LFLQMSSLKTEDTAVYYCTTGVDIVVMMYADDAFDIWGQGTMVTV
;
F,H
3 'polypeptide(L)'
;ELTQDPAVSVALGQTVRITCQGDSLRSYYASWYQQKPGQAPVLVIYGKNNRPSGIPDRFSGSSSGNTASLTITGPQAEDE
ADYYCTSRDSSGNHVIFGGGTKLTVLGQ
;
G,J
#
loop_
_chem_comp.id
_chem_comp.type
_chem_comp.name
_chem_comp.formula
NAG D-saccharide, beta linking 2-acetamido-2-deoxy-beta-D-glucopyranose 'C8 H15 N O6'
#
# COMPACT_ATOMS: atom_id res chain seq x y z
N ALA A 1 28.32 -19.81 51.66
CA ALA A 1 29.47 -19.31 50.91
C ALA A 1 29.11 -19.08 49.45
N TYR A 2 29.57 -17.96 48.89
CA TYR A 2 29.22 -17.54 47.54
C TYR A 2 30.46 -17.45 46.68
N THR A 3 30.27 -17.55 45.37
CA THR A 3 31.35 -17.35 44.41
C THR A 3 30.75 -16.98 43.06
N ASN A 4 31.57 -16.38 42.21
CA ASN A 4 31.15 -15.99 40.87
C ASN A 4 31.38 -17.15 39.90
N SER A 5 30.49 -17.26 38.91
CA SER A 5 30.58 -18.34 37.95
C SER A 5 31.43 -18.00 36.73
N PHE A 6 32.04 -16.82 36.69
CA PHE A 6 32.95 -16.39 35.62
C PHE A 6 32.17 -16.36 34.31
N THR A 7 32.73 -16.84 33.20
CA THR A 7 32.10 -16.75 31.89
C THR A 7 31.59 -18.11 31.40
N ARG A 8 31.25 -19.01 32.31
CA ARG A 8 30.83 -20.34 31.95
C ARG A 8 29.33 -20.38 31.69
N GLY A 9 28.82 -21.59 31.42
CA GLY A 9 27.41 -21.80 31.20
C GLY A 9 26.95 -21.79 29.75
N VAL A 10 27.84 -21.54 28.81
CA VAL A 10 27.49 -21.47 27.40
C VAL A 10 27.55 -22.86 26.80
N TYR A 11 26.54 -23.18 25.98
CA TYR A 11 26.42 -24.49 25.37
C TYR A 11 25.85 -24.37 23.96
N TYR A 12 25.61 -25.51 23.34
CA TYR A 12 24.98 -25.54 22.03
C TYR A 12 23.47 -25.70 22.21
N PRO A 13 22.66 -24.69 21.89
CA PRO A 13 21.22 -24.79 22.14
C PRO A 13 20.43 -25.35 20.97
N ASP A 14 21.03 -25.41 19.78
CA ASP A 14 20.31 -25.83 18.58
C ASP A 14 20.96 -26.99 17.84
N LYS A 15 22.26 -27.24 18.03
CA LYS A 15 22.98 -28.35 17.39
C LYS A 15 22.96 -28.22 15.86
N VAL A 16 22.85 -27.00 15.36
CA VAL A 16 22.90 -26.71 13.93
C VAL A 16 24.28 -26.20 13.59
N PHE A 17 24.96 -26.89 12.68
CA PHE A 17 26.37 -26.61 12.44
C PHE A 17 26.57 -25.20 11.89
N ARG A 18 27.56 -24.50 12.43
CA ARG A 18 27.90 -23.15 11.98
C ARG A 18 29.41 -22.99 12.05
N SER A 19 29.97 -22.28 11.07
CA SER A 19 31.41 -22.12 10.97
C SER A 19 31.77 -20.65 10.81
N SER A 20 32.63 -20.16 11.70
CA SER A 20 33.21 -18.83 11.61
C SER A 20 32.14 -17.75 11.47
N VAL A 21 31.08 -17.89 12.26
CA VAL A 21 29.98 -16.92 12.24
C VAL A 21 29.63 -16.55 13.68
N LEU A 22 29.31 -15.28 13.88
CA LEU A 22 28.90 -14.77 15.19
C LEU A 22 27.39 -14.64 15.19
N HIS A 23 26.71 -15.53 15.93
CA HIS A 23 25.27 -15.59 15.95
C HIS A 23 24.74 -15.12 17.30
N SER A 24 23.61 -14.42 17.27
CA SER A 24 22.97 -13.89 18.47
C SER A 24 21.69 -14.65 18.75
N THR A 25 21.59 -15.22 19.95
CA THR A 25 20.41 -15.97 20.37
C THR A 25 19.86 -15.37 21.66
N GLN A 26 18.54 -15.27 21.74
CA GLN A 26 17.85 -14.75 22.91
C GLN A 26 17.18 -15.92 23.62
N ASP A 27 17.90 -16.55 24.54
CA ASP A 27 17.40 -17.74 25.22
C ASP A 27 17.96 -17.77 26.64
N LEU A 28 17.60 -18.81 27.38
CA LEU A 28 17.94 -18.91 28.80
C LEU A 28 19.39 -19.37 28.95
N PHE A 29 20.19 -18.56 29.63
CA PHE A 29 21.61 -18.84 29.82
C PHE A 29 22.06 -18.32 31.18
N LEU A 30 23.29 -18.68 31.54
CA LEU A 30 23.88 -18.27 32.80
C LEU A 30 24.33 -16.81 32.73
N PRO A 31 23.81 -15.93 33.58
CA PRO A 31 24.35 -14.55 33.62
C PRO A 31 25.79 -14.56 34.09
N PHE A 32 26.61 -13.77 33.40
CA PHE A 32 28.03 -13.72 33.72
C PHE A 32 28.26 -13.06 35.07
N PHE A 33 29.16 -13.65 35.85
CA PHE A 33 29.56 -13.11 37.15
C PHE A 33 28.38 -12.96 38.11
N SER A 34 27.54 -14.00 38.16
CA SER A 34 26.48 -14.07 39.16
C SER A 34 26.97 -14.87 40.36
N ASN A 35 26.34 -14.63 41.51
CA ASN A 35 26.72 -15.31 42.73
C ASN A 35 25.99 -16.64 42.86
N VAL A 36 26.70 -17.67 43.30
CA VAL A 36 26.17 -19.03 43.41
C VAL A 36 26.55 -19.58 44.78
N THR A 37 25.70 -20.46 45.31
CA THR A 37 26.00 -21.12 46.57
C THR A 37 27.16 -22.10 46.39
N TRP A 38 27.82 -22.43 47.49
CA TRP A 38 28.98 -23.31 47.47
C TRP A 38 28.97 -24.18 48.72
N PHE A 39 28.69 -25.47 48.53
CA PHE A 39 28.54 -26.40 49.63
C PHE A 39 29.70 -27.38 49.63
N HIS A 40 29.74 -28.23 50.65
CA HIS A 40 30.71 -29.30 50.76
C HIS A 40 29.99 -30.63 50.84
N VAL A 41 30.42 -31.59 50.03
CA VAL A 41 29.79 -32.91 50.02
C VAL A 41 29.99 -33.62 51.36
N ILE A 42 31.11 -33.35 52.04
CA ILE A 42 31.39 -34.00 53.31
C ILE A 42 30.50 -33.44 54.41
N ASP A 54 23.88 -32.33 55.27
CA ASP A 54 23.70 -32.86 53.93
C ASP A 54 23.25 -31.75 52.96
N ASN A 55 23.27 -32.07 51.67
CA ASN A 55 22.91 -31.09 50.66
C ASN A 55 21.39 -30.97 50.56
N PRO A 56 20.84 -29.76 50.68
CA PRO A 56 19.38 -29.59 50.54
C PRO A 56 18.96 -29.44 49.08
N VAL A 57 17.64 -29.40 48.89
CA VAL A 57 17.04 -29.30 47.56
C VAL A 57 16.84 -27.83 47.21
N LEU A 58 17.09 -27.49 45.95
CA LEU A 58 16.97 -26.13 45.43
C LEU A 58 16.15 -26.11 44.13
N PRO A 59 15.48 -25.00 43.82
CA PRO A 59 14.48 -25.00 42.75
C PRO A 59 15.08 -25.07 41.35
N PHE A 60 14.25 -25.53 40.42
CA PHE A 60 14.50 -25.57 38.97
C PHE A 60 13.44 -24.68 38.33
N ASN A 61 13.72 -23.38 38.23
CA ASN A 61 12.71 -22.45 37.74
C ASN A 61 12.85 -22.19 36.24
N ASP A 62 13.98 -21.60 35.82
CA ASP A 62 14.15 -21.24 34.43
C ASP A 62 15.57 -21.54 33.96
N GLY A 63 16.21 -22.55 34.52
CA GLY A 63 17.56 -22.91 34.13
C GLY A 63 18.52 -22.88 35.30
N VAL A 64 19.16 -24.02 35.56
CA VAL A 64 20.06 -24.19 36.69
C VAL A 64 21.36 -24.80 36.21
N TYR A 65 22.49 -24.26 36.69
CA TYR A 65 23.81 -24.77 36.35
C TYR A 65 24.41 -25.45 37.58
N PHE A 66 25.09 -26.58 37.35
CA PHE A 66 25.73 -27.37 38.40
C PHE A 66 27.15 -27.74 37.97
N ALA A 67 28.11 -27.58 38.88
CA ALA A 67 29.50 -27.90 38.60
C ALA A 67 30.11 -28.61 39.80
N SER A 68 31.18 -29.36 39.56
CA SER A 68 31.94 -30.02 40.61
C SER A 68 33.35 -30.31 40.13
N ILE A 69 34.32 -30.17 41.04
CA ILE A 69 35.71 -30.48 40.75
C ILE A 69 36.19 -31.52 41.75
N GLU A 70 36.70 -32.64 41.24
CA GLU A 70 37.13 -33.75 42.08
C GLU A 70 38.04 -34.66 41.27
N LYS A 71 38.71 -35.58 41.97
CA LYS A 71 39.61 -36.52 41.34
C LYS A 71 39.39 -37.96 41.78
N SER A 72 38.31 -38.26 42.50
CA SER A 72 38.06 -39.61 42.98
C SER A 72 36.66 -40.12 42.61
N ASN A 73 35.94 -39.43 41.74
CA ASN A 73 34.62 -39.84 41.26
C ASN A 73 33.65 -39.99 42.45
N ILE A 74 33.45 -38.88 43.14
CA ILE A 74 32.60 -38.85 44.32
C ILE A 74 31.19 -38.37 43.98
N ILE A 75 31.05 -37.37 43.12
CA ILE A 75 29.75 -36.92 42.63
C ILE A 75 29.34 -37.78 41.44
N ARG A 76 28.16 -38.42 41.54
CA ARG A 76 27.78 -39.40 40.53
C ARG A 76 26.31 -39.31 40.09
N GLY A 77 25.57 -38.28 40.47
CA GLY A 77 24.19 -38.22 40.06
C GLY A 77 23.46 -36.98 40.54
N TRP A 78 22.18 -36.92 40.18
CA TRP A 78 21.33 -35.78 40.47
C TRP A 78 19.93 -36.25 40.81
N ILE A 79 19.13 -35.32 41.33
CA ILE A 79 17.69 -35.50 41.52
C ILE A 79 16.99 -34.22 41.09
N PHE A 80 15.87 -34.37 40.38
CA PHE A 80 15.00 -33.26 40.04
C PHE A 80 13.55 -33.64 40.36
N GLY A 81 12.73 -32.64 40.62
CA GLY A 81 11.34 -32.88 40.95
C GLY A 81 10.74 -31.67 41.63
N THR A 82 9.63 -31.92 42.33
CA THR A 82 8.95 -30.88 43.09
C THR A 82 8.88 -31.16 44.58
N THR A 83 8.80 -32.41 44.99
CA THR A 83 8.73 -32.76 46.40
C THR A 83 9.14 -34.22 46.58
N LEU A 84 9.26 -34.63 47.84
CA LEU A 84 9.66 -35.99 48.16
C LEU A 84 8.59 -37.02 47.79
N ASP A 85 7.35 -36.60 47.58
CA ASP A 85 6.28 -37.54 47.27
C ASP A 85 6.51 -38.20 45.93
N SER A 86 6.08 -39.45 45.81
CA SER A 86 6.29 -40.22 44.59
C SER A 86 5.50 -39.67 43.42
N LYS A 87 4.24 -39.27 43.63
CA LYS A 87 3.39 -38.80 42.54
C LYS A 87 3.77 -37.42 42.04
N THR A 88 4.93 -36.90 42.44
CA THR A 88 5.39 -35.58 42.02
C THR A 88 6.46 -35.64 40.93
N GLN A 89 6.61 -36.78 40.26
CA GLN A 89 7.55 -36.95 39.15
C GLN A 89 8.99 -36.69 39.58
N SER A 90 9.47 -37.55 40.47
CA SER A 90 10.86 -37.51 40.90
C SER A 90 11.77 -37.99 39.77
N LEU A 91 13.00 -37.47 39.76
CA LEU A 91 13.95 -37.73 38.68
C LEU A 91 15.21 -38.34 39.25
N LEU A 92 15.75 -39.32 38.53
CA LEU A 92 17.02 -39.94 38.88
C LEU A 92 17.90 -40.02 37.64
N ILE A 93 19.13 -39.52 37.76
CA ILE A 93 20.20 -39.76 36.79
C ILE A 93 21.40 -40.28 37.57
N VAL A 94 21.58 -41.60 37.56
CA VAL A 94 22.56 -42.25 38.40
C VAL A 94 23.64 -42.89 37.52
N ASN A 95 24.89 -42.80 37.97
CA ASN A 95 26.01 -43.38 37.25
C ASN A 95 26.44 -44.69 37.89
N ASN A 96 26.81 -45.64 37.04
CA ASN A 96 27.26 -46.95 37.49
C ASN A 96 28.65 -47.21 36.93
N ALA A 97 29.15 -48.43 37.14
CA ALA A 97 30.50 -48.77 36.72
C ALA A 97 30.67 -48.72 35.21
N THR A 98 29.70 -49.21 34.46
CA THR A 98 29.81 -49.31 33.01
C THR A 98 28.77 -48.51 32.24
N ASN A 99 27.72 -48.00 32.90
CA ASN A 99 26.68 -47.26 32.22
C ASN A 99 26.09 -46.23 33.19
N VAL A 100 25.33 -45.29 32.63
CA VAL A 100 24.58 -44.31 33.40
C VAL A 100 23.09 -44.56 33.18
N VAL A 101 22.36 -44.66 34.27
CA VAL A 101 20.95 -45.06 34.25
C VAL A 101 20.09 -43.87 34.64
N ILE A 102 19.25 -43.43 33.71
CA ILE A 102 18.26 -42.39 33.96
C ILE A 102 16.90 -43.05 34.06
N LYS A 103 16.23 -42.84 35.19
CA LYS A 103 14.93 -43.45 35.42
C LYS A 103 14.03 -42.48 36.15
N VAL A 104 13.20 -41.77 35.41
CA VAL A 104 12.23 -40.83 36.02
C VAL A 104 11.02 -41.67 36.36
N CYS A 105 11.12 -42.38 37.49
CA CYS A 105 10.10 -43.36 37.86
C CYS A 105 9.08 -42.80 38.84
N GLU A 106 9.21 -41.53 39.22
CA GLU A 106 8.28 -40.90 40.15
C GLU A 106 8.10 -41.74 41.39
N PHE A 107 9.22 -42.11 42.03
CA PHE A 107 9.21 -42.99 43.19
C PHE A 107 9.60 -42.23 44.43
N GLN A 108 9.10 -42.68 45.58
CA GLN A 108 9.42 -42.05 46.85
C GLN A 108 10.89 -42.27 47.19
N PHE A 109 11.58 -41.19 47.55
CA PHE A 109 12.99 -41.25 47.89
C PHE A 109 13.17 -41.09 49.39
N CYS A 110 14.43 -41.29 49.83
CA CYS A 110 14.78 -41.04 51.22
C CYS A 110 15.11 -39.57 51.41
N ASN A 111 15.24 -39.16 52.68
CA ASN A 111 15.55 -37.77 52.99
C ASN A 111 16.98 -37.39 52.61
N ASP A 112 17.81 -38.36 52.25
CA ASP A 112 19.20 -38.11 51.90
C ASP A 112 19.53 -38.84 50.60
N PRO A 113 20.46 -38.30 49.82
CA PRO A 113 20.91 -39.02 48.62
C PRO A 113 21.67 -40.27 48.99
N PHE A 114 21.62 -41.26 48.11
CA PHE A 114 22.29 -42.52 48.40
C PHE A 114 23.82 -42.31 48.37
N LEU A 115 24.53 -43.27 48.95
CA LEU A 115 25.98 -43.20 49.08
C LEU A 115 26.58 -44.45 48.42
N ASP A 116 26.84 -44.34 47.12
CA ASP A 116 27.36 -45.45 46.34
C ASP A 116 28.81 -45.76 46.71
N PHE A 131 23.09 -49.40 49.77
CA PHE A 131 23.26 -47.96 49.76
C PHE A 131 23.45 -47.43 48.33
N ARG A 132 23.26 -48.32 47.35
CA ARG A 132 23.40 -47.94 45.95
C ARG A 132 22.13 -47.36 45.36
N VAL A 133 21.03 -47.33 46.12
CA VAL A 133 19.76 -46.79 45.64
C VAL A 133 19.05 -46.12 46.79
N TYR A 134 18.33 -45.04 46.49
CA TYR A 134 17.55 -44.30 47.47
C TYR A 134 16.14 -44.05 46.94
N SER A 135 15.52 -45.09 46.40
CA SER A 135 14.21 -44.97 45.78
C SER A 135 13.32 -46.13 46.21
N SER A 136 12.02 -45.91 46.10
CA SER A 136 11.03 -46.94 46.41
C SER A 136 10.41 -47.46 45.12
N ALA A 137 9.39 -48.32 45.26
CA ALA A 137 8.68 -48.84 44.11
C ALA A 137 7.62 -47.83 43.67
N ASN A 138 7.38 -47.77 42.35
CA ASN A 138 6.40 -46.83 41.84
C ASN A 138 5.94 -47.28 40.46
N ASN A 139 5.00 -46.52 39.91
CA ASN A 139 4.44 -46.77 38.59
C ASN A 139 5.11 -45.78 37.65
N CYS A 140 5.72 -46.27 36.56
CA CYS A 140 6.42 -45.34 35.68
C CYS A 140 6.55 -45.87 34.26
N THR A 141 7.11 -45.01 33.40
CA THR A 141 7.14 -45.17 31.95
C THR A 141 8.55 -45.13 31.36
N PHE A 142 9.42 -44.24 31.81
CA PHE A 142 10.66 -43.92 31.13
C PHE A 142 11.87 -44.55 31.83
N GLU A 143 12.75 -45.14 31.03
CA GLU A 143 14.02 -45.68 31.50
C GLU A 143 15.02 -45.61 30.35
N TYR A 144 16.25 -45.23 30.67
CA TYR A 144 17.24 -45.02 29.60
C TYR A 144 18.62 -45.43 30.10
N VAL A 145 19.33 -46.17 29.26
CA VAL A 145 20.70 -46.60 29.51
C VAL A 145 21.57 -46.11 28.38
N SER A 146 22.68 -45.45 28.71
CA SER A 146 23.59 -44.89 27.72
C SER A 146 25.02 -45.14 28.16
N GLN A 147 25.96 -44.69 27.34
CA GLN A 147 27.37 -44.82 27.67
C GLN A 147 27.69 -43.96 28.90
N PRO A 148 28.63 -44.40 29.74
CA PRO A 148 28.94 -43.65 30.96
C PRO A 148 29.48 -42.26 30.63
N PHE A 149 29.10 -41.30 31.47
CA PHE A 149 29.52 -39.90 31.30
C PHE A 149 30.85 -39.64 31.99
N LEU A 150 31.86 -40.45 31.65
CA LEU A 150 33.17 -40.33 32.26
C LEU A 150 34.27 -40.33 31.21
N LYS A 161 41.64 -33.16 39.94
CA LYS A 161 42.40 -33.41 38.72
C LYS A 161 41.52 -33.22 37.48
N ASN A 162 40.21 -33.37 37.67
CA ASN A 162 39.26 -33.22 36.57
C ASN A 162 38.49 -31.91 36.70
N LEU A 163 37.87 -31.51 35.58
CA LEU A 163 36.98 -30.34 35.53
C LEU A 163 35.67 -30.85 34.94
N ARG A 164 34.67 -31.02 35.80
CA ARG A 164 33.43 -31.69 35.44
C ARG A 164 32.25 -30.74 35.67
N GLU A 165 31.59 -30.34 34.58
CA GLU A 165 30.55 -29.33 34.62
C GLU A 165 29.26 -29.91 34.06
N PHE A 166 28.12 -29.34 34.44
CA PHE A 166 26.83 -29.81 33.96
C PHE A 166 25.87 -28.65 33.78
N VAL A 167 25.04 -28.75 32.73
CA VAL A 167 24.04 -27.75 32.40
C VAL A 167 22.73 -28.47 32.14
N PHE A 168 21.62 -27.92 32.65
CA PHE A 168 20.34 -28.60 32.64
C PHE A 168 19.25 -27.69 32.08
N LYS A 169 18.26 -28.30 31.42
CA LYS A 169 17.23 -27.58 30.68
C LYS A 169 16.02 -28.47 30.47
N ASN A 170 14.85 -27.99 30.92
CA ASN A 170 13.56 -28.57 30.53
C ASN A 170 12.49 -27.50 30.75
N ILE A 171 12.01 -26.92 29.65
CA ILE A 171 10.91 -25.95 29.69
C ILE A 171 9.89 -26.26 28.61
N ASP A 172 10.25 -27.12 27.66
CA ASP A 172 9.50 -27.26 26.41
C ASP A 172 9.21 -28.72 26.10
N GLY A 173 8.82 -29.49 27.12
CA GLY A 173 8.53 -30.89 26.92
C GLY A 173 9.73 -31.74 26.54
N TYR A 174 10.94 -31.20 26.70
CA TYR A 174 12.17 -31.91 26.42
C TYR A 174 13.17 -31.61 27.53
N PHE A 175 13.91 -32.63 27.95
CA PHE A 175 15.01 -32.46 28.89
C PHE A 175 16.29 -32.63 28.08
N LYS A 176 17.18 -31.65 28.16
CA LYS A 176 18.44 -31.68 27.43
C LYS A 176 19.58 -31.62 28.44
N ILE A 177 20.55 -32.52 28.26
CA ILE A 177 21.68 -32.67 29.18
C ILE A 177 22.94 -32.21 28.47
N TYR A 178 23.74 -31.39 29.15
CA TYR A 178 25.02 -30.95 28.62
C TYR A 178 26.08 -31.10 29.70
N SER A 179 27.34 -31.20 29.28
CA SER A 179 28.46 -31.33 30.19
C SER A 179 29.76 -31.11 29.42
N LYS A 180 30.86 -31.12 30.16
CA LYS A 180 32.19 -31.09 29.56
C LYS A 180 33.19 -31.63 30.57
N HIS A 181 34.08 -32.50 30.11
CA HIS A 181 35.06 -33.15 30.95
C HIS A 181 36.46 -32.80 30.48
N THR A 182 37.18 -32.00 31.26
CA THR A 182 38.50 -31.52 30.92
C THR A 182 39.41 -31.67 32.13
N PRO A 183 40.73 -31.75 31.93
CA PRO A 183 41.63 -31.81 33.09
C PRO A 183 41.63 -30.50 33.87
N ILE A 184 41.95 -30.62 35.15
CA ILE A 184 42.02 -29.45 36.03
C ILE A 184 43.11 -29.66 37.08
N ASP A 189 38.81 -23.08 42.39
CA ASP A 189 37.66 -22.52 41.70
C ASP A 189 37.60 -22.99 40.25
N LEU A 190 36.54 -22.61 39.55
CA LEU A 190 36.44 -22.89 38.13
C LEU A 190 37.49 -22.09 37.37
N PRO A 191 38.31 -22.73 36.54
CA PRO A 191 39.39 -22.00 35.88
C PRO A 191 38.88 -21.00 34.86
N GLN A 192 39.70 -19.98 34.62
CA GLN A 192 39.38 -18.94 33.65
C GLN A 192 39.36 -19.43 32.22
N GLY A 193 39.95 -20.60 31.95
CA GLY A 193 39.93 -21.17 30.62
C GLY A 193 38.54 -21.41 30.09
N PHE A 194 38.28 -20.96 28.87
CA PHE A 194 36.95 -21.10 28.28
C PHE A 194 36.74 -22.53 27.78
N SER A 195 35.52 -23.04 27.99
CA SER A 195 35.18 -24.37 27.51
C SER A 195 33.75 -24.35 26.98
N ALA A 196 33.57 -24.95 25.81
CA ALA A 196 32.27 -25.02 25.16
C ALA A 196 31.66 -26.39 25.42
N LEU A 197 30.42 -26.40 25.91
CA LEU A 197 29.76 -27.62 26.33
C LEU A 197 29.00 -28.23 25.16
N GLU A 198 29.48 -29.38 24.69
CA GLU A 198 28.79 -30.09 23.61
C GLU A 198 27.54 -30.78 24.14
N PRO A 199 26.50 -30.89 23.30
CA PRO A 199 25.28 -31.59 23.74
C PRO A 199 25.58 -33.06 24.04
N LEU A 200 24.95 -33.58 25.09
CA LEU A 200 25.16 -34.97 25.50
C LEU A 200 24.02 -35.87 25.04
N VAL A 201 22.81 -35.63 25.53
CA VAL A 201 21.62 -36.39 25.16
C VAL A 201 20.42 -35.46 25.12
N ASP A 202 19.27 -36.00 24.73
CA ASP A 202 18.03 -35.24 24.63
C ASP A 202 16.90 -36.11 25.16
N LEU A 203 16.38 -35.78 26.34
CA LEU A 203 15.36 -36.59 26.99
C LEU A 203 13.97 -36.08 26.62
N PRO A 204 13.11 -36.91 26.01
CA PRO A 204 11.77 -36.44 25.64
C PRO A 204 10.78 -36.35 26.80
N ILE A 205 11.23 -36.37 28.06
CA ILE A 205 10.31 -36.43 29.18
C ILE A 205 9.44 -35.18 29.23
N GLY A 206 8.20 -35.35 29.67
CA GLY A 206 7.27 -34.25 29.81
C GLY A 206 6.68 -34.15 31.20
N ILE A 207 7.50 -34.44 32.21
CA ILE A 207 7.08 -34.37 33.61
C ILE A 207 7.19 -32.93 34.10
N ASN A 208 6.62 -32.65 35.27
CA ASN A 208 6.73 -31.35 35.91
C ASN A 208 7.95 -31.33 36.82
N ILE A 209 8.84 -30.36 36.58
CA ILE A 209 10.04 -30.17 37.38
C ILE A 209 10.01 -28.78 37.97
N THR A 210 10.28 -28.65 39.27
CA THR A 210 10.45 -27.35 39.89
C THR A 210 11.71 -27.22 40.74
N ARG A 211 12.31 -28.33 41.19
CA ARG A 211 13.48 -28.29 42.07
C ARG A 211 14.51 -29.32 41.62
N PHE A 212 15.69 -29.26 42.22
CA PHE A 212 16.74 -30.20 41.88
C PHE A 212 17.53 -30.59 43.12
N GLN A 213 18.26 -31.69 43.01
CA GLN A 213 19.22 -32.14 44.03
C GLN A 213 20.30 -32.96 43.35
N THR A 214 21.40 -33.18 44.06
CA THR A 214 22.51 -33.98 43.55
C THR A 214 22.65 -35.27 44.35
N LEU A 215 23.53 -36.15 43.86
CA LEU A 215 23.80 -37.43 44.50
C LEU A 215 25.30 -37.61 44.71
N LEU A 216 25.65 -38.39 45.73
CA LEU A 216 27.01 -38.53 46.20
C LEU A 216 27.45 -39.99 46.10
N ALA A 217 28.71 -40.25 46.43
CA ALA A 217 29.25 -41.61 46.47
C ALA A 217 30.14 -41.76 47.69
N LEU A 218 30.07 -42.95 48.30
CA LEU A 218 30.84 -43.24 49.50
C LEU A 218 31.04 -44.74 49.61
N HIS A 219 32.25 -45.16 49.99
CA HIS A 219 32.59 -46.56 50.09
C HIS A 219 32.19 -47.12 51.46
N ARG A 220 31.54 -48.29 51.45
CA ARG A 220 31.15 -49.00 52.67
C ARG A 220 30.34 -48.10 53.60
N SER A 221 29.35 -47.42 53.04
CA SER A 221 28.52 -46.48 53.78
C SER A 221 27.14 -47.07 54.02
N TYR A 222 26.69 -47.04 55.27
CA TYR A 222 25.35 -47.48 55.59
C TYR A 222 24.32 -46.45 55.16
N LEU A 223 23.15 -46.92 54.74
CA LEU A 223 22.08 -46.05 54.29
C LEU A 223 20.80 -46.36 55.05
N THR A 224 20.09 -45.30 55.41
CA THR A 224 18.83 -45.41 56.14
C THR A 224 17.85 -44.43 55.53
N PRO A 225 16.54 -44.67 55.71
CA PRO A 225 15.57 -43.67 55.23
C PRO A 225 15.78 -42.29 55.83
N GLY A 226 16.19 -42.22 57.09
CA GLY A 226 16.54 -40.95 57.70
C GLY A 226 17.87 -41.06 58.42
N ASP A 227 18.65 -39.98 58.34
CA ASP A 227 19.96 -39.96 58.95
C ASP A 227 20.28 -38.54 59.41
N SER A 228 21.22 -38.44 60.34
CA SER A 228 21.61 -37.16 60.91
C SER A 228 22.60 -36.44 60.00
N SER A 229 23.04 -35.27 60.46
CA SER A 229 23.98 -34.47 59.68
C SER A 229 25.38 -35.07 59.65
N SER A 230 25.70 -35.95 60.60
CA SER A 230 27.03 -36.57 60.62
C SER A 230 27.26 -37.41 59.37
N GLY A 231 26.25 -38.20 58.98
CA GLY A 231 26.38 -39.02 57.78
C GLY A 231 27.49 -40.04 57.90
N TRP A 232 28.27 -40.17 56.82
CA TRP A 232 29.37 -41.11 56.76
C TRP A 232 30.54 -40.46 56.05
N THR A 233 31.74 -40.99 56.30
CA THR A 233 32.94 -40.44 55.70
C THR A 233 32.89 -40.55 54.17
N ALA A 234 33.41 -39.54 53.50
CA ALA A 234 33.39 -39.49 52.04
C ALA A 234 34.61 -38.72 51.55
N GLY A 235 34.88 -38.87 50.25
CA GLY A 235 36.03 -38.20 49.67
C GLY A 235 35.85 -36.70 49.57
N ALA A 236 36.94 -36.03 49.27
CA ALA A 236 36.95 -34.57 49.21
C ALA A 236 36.40 -34.09 47.86
N ALA A 237 35.37 -33.26 47.91
CA ALA A 237 34.79 -32.68 46.70
C ALA A 237 34.04 -31.41 47.08
N ALA A 238 33.94 -30.50 46.11
CA ALA A 238 33.21 -29.26 46.27
C ALA A 238 32.42 -28.99 45.00
N TYR A 239 31.37 -28.19 45.12
CA TYR A 239 30.49 -27.96 43.99
C TYR A 239 29.80 -26.61 44.09
N TYR A 240 29.14 -26.21 43.00
CA TYR A 240 28.47 -24.92 42.87
C TYR A 240 27.00 -25.17 42.55
N VAL A 241 26.22 -24.08 42.56
CA VAL A 241 24.82 -24.12 42.15
C VAL A 241 24.49 -22.84 41.39
N GLY A 242 24.40 -22.94 40.07
CA GLY A 242 24.19 -21.77 39.24
C GLY A 242 22.75 -21.67 38.75
N TYR A 243 22.41 -20.47 38.28
CA TYR A 243 21.09 -20.18 37.73
C TYR A 243 21.20 -19.64 36.32
N LEU A 244 20.34 -20.12 35.43
CA LEU A 244 20.17 -19.50 34.13
C LEU A 244 19.01 -18.50 34.19
N GLN A 245 19.16 -17.39 33.46
CA GLN A 245 18.21 -16.30 33.51
C GLN A 245 17.89 -15.84 32.09
N PRO A 246 16.73 -15.17 31.90
CA PRO A 246 16.39 -14.67 30.56
C PRO A 246 17.26 -13.50 30.12
N ARG A 247 18.04 -13.72 29.06
CA ARG A 247 19.00 -12.73 28.59
C ARG A 247 19.08 -12.78 27.08
N THR A 248 19.97 -11.97 26.53
CA THR A 248 20.35 -12.03 25.13
C THR A 248 21.84 -12.32 25.05
N PHE A 249 22.22 -13.28 24.21
CA PHE A 249 23.59 -13.77 24.15
C PHE A 249 24.12 -13.72 22.74
N LEU A 250 25.44 -13.58 22.62
CA LEU A 250 26.16 -13.56 21.35
C LEU A 250 27.22 -14.66 21.40
N LEU A 251 27.14 -15.60 20.45
CA LEU A 251 28.01 -16.76 20.43
C LEU A 251 28.98 -16.70 19.26
N LYS A 252 30.20 -17.17 19.48
CA LYS A 252 31.26 -17.18 18.46
C LYS A 252 31.61 -18.62 18.11
N TYR A 253 31.76 -18.88 16.81
CA TYR A 253 32.18 -20.18 16.31
C TYR A 253 33.50 -20.04 15.56
N ASN A 254 34.32 -21.09 15.61
CA ASN A 254 35.63 -21.06 14.97
C ASN A 254 35.57 -21.79 13.62
N GLU A 255 36.73 -21.97 12.99
CA GLU A 255 36.78 -22.61 11.67
C GLU A 255 36.29 -24.05 11.74
N ASN A 256 36.70 -24.79 12.77
CA ASN A 256 36.31 -26.19 12.94
C ASN A 256 34.94 -26.35 13.59
N GLY A 257 34.12 -25.31 13.57
CA GLY A 257 32.76 -25.40 14.08
C GLY A 257 32.65 -25.61 15.58
N THR A 258 33.51 -24.96 16.37
CA THR A 258 33.49 -25.08 17.82
C THR A 258 33.34 -23.70 18.43
N ILE A 259 32.54 -23.60 19.50
CA ILE A 259 32.35 -22.34 20.20
C ILE A 259 33.63 -21.98 20.95
N THR A 260 34.06 -20.72 20.84
CA THR A 260 35.27 -20.27 21.52
C THR A 260 35.06 -19.08 22.45
N ASP A 261 33.85 -18.49 22.48
CA ASP A 261 33.59 -17.36 23.35
C ASP A 261 32.09 -17.06 23.35
N ALA A 262 31.68 -16.16 24.24
CA ALA A 262 30.29 -15.74 24.34
C ALA A 262 30.22 -14.39 25.03
N VAL A 263 29.11 -13.68 24.80
CA VAL A 263 28.89 -12.34 25.35
C VAL A 263 27.46 -12.25 25.87
N ASP A 264 27.31 -11.68 27.07
CA ASP A 264 26.01 -11.35 27.64
C ASP A 264 25.70 -9.91 27.25
N CYS A 265 24.42 -9.59 27.07
CA CYS A 265 24.06 -8.27 26.57
C CYS A 265 23.75 -7.31 27.72
N ALA A 266 23.00 -7.76 28.72
CA ALA A 266 22.51 -6.88 29.77
C ALA A 266 23.42 -6.83 30.99
N LEU A 267 24.72 -7.08 30.83
CA LEU A 267 25.62 -7.04 31.98
C LEU A 267 26.08 -5.61 32.27
N ASP A 268 26.77 -5.00 31.32
CA ASP A 268 27.32 -3.66 31.49
C ASP A 268 27.20 -2.92 30.16
N PRO A 269 27.43 -1.60 30.15
CA PRO A 269 27.28 -0.86 28.88
C PRO A 269 28.19 -1.37 27.77
N LEU A 270 29.41 -1.80 28.09
CA LEU A 270 30.28 -2.35 27.04
C LEU A 270 29.69 -3.62 26.46
N SER A 271 28.97 -4.39 27.28
CA SER A 271 28.28 -5.57 26.76
C SER A 271 27.20 -5.19 25.76
N GLU A 272 26.44 -4.13 26.05
CA GLU A 272 25.43 -3.66 25.09
C GLU A 272 26.09 -3.15 23.82
N THR A 273 27.24 -2.47 23.96
CA THR A 273 28.00 -2.03 22.79
C THR A 273 28.41 -3.23 21.93
N LYS A 274 28.92 -4.28 22.57
CA LYS A 274 29.35 -5.47 21.84
C LYS A 274 28.17 -6.15 21.16
N CYS A 275 27.03 -6.22 21.84
CA CYS A 275 25.85 -6.85 21.24
C CYS A 275 25.35 -6.04 20.05
N THR A 276 25.28 -4.72 20.19
CA THR A 276 24.77 -3.88 19.10
C THR A 276 25.71 -3.92 17.89
N LEU A 277 27.02 -3.83 18.14
CA LEU A 277 27.99 -3.87 17.06
C LEU A 277 28.16 -5.26 16.45
N LYS A 278 27.64 -6.30 17.10
CA LYS A 278 27.80 -7.68 16.65
C LYS A 278 29.27 -8.05 16.53
N SER A 279 30.10 -7.54 17.43
CA SER A 279 31.53 -7.79 17.40
C SER A 279 32.03 -7.95 18.82
N PHE A 280 33.14 -8.69 18.96
CA PHE A 280 33.79 -8.86 20.24
C PHE A 280 34.85 -7.79 20.50
N THR A 281 35.25 -7.05 19.47
CA THR A 281 36.22 -5.97 19.59
C THR A 281 35.56 -4.67 19.14
N VAL A 282 35.73 -3.61 19.93
CA VAL A 282 35.11 -2.32 19.68
C VAL A 282 36.22 -1.29 19.47
N GLU A 283 36.14 -0.55 18.37
CA GLU A 283 37.12 0.48 18.08
C GLU A 283 36.83 1.74 18.89
N LYS A 284 37.83 2.62 18.94
CA LYS A 284 37.70 3.88 19.67
C LYS A 284 36.59 4.74 19.06
N GLY A 285 35.74 5.29 19.91
CA GLY A 285 34.67 6.14 19.45
C GLY A 285 33.54 6.19 20.47
N ILE A 286 32.50 6.92 20.10
CA ILE A 286 31.28 7.05 20.91
C ILE A 286 30.14 6.40 20.13
N TYR A 287 29.45 5.47 20.77
CA TYR A 287 28.44 4.63 20.11
C TYR A 287 27.10 4.83 20.78
N GLN A 288 26.04 4.94 19.96
CA GLN A 288 24.67 5.02 20.45
C GLN A 288 24.14 3.59 20.55
N THR A 289 24.40 2.95 21.70
CA THR A 289 24.14 1.52 21.84
C THR A 289 22.67 1.17 21.91
N SER A 290 21.91 1.87 22.75
CA SER A 290 20.51 1.54 22.97
C SER A 290 19.79 2.75 23.52
N ASN A 291 18.61 2.51 24.08
CA ASN A 291 17.79 3.57 24.65
C ASN A 291 17.09 3.04 25.89
N PHE A 292 17.34 3.69 27.03
CA PHE A 292 16.73 3.27 28.28
C PHE A 292 15.45 4.05 28.56
N ARG A 293 14.56 3.39 29.30
CA ARG A 293 13.29 3.95 29.76
C ARG A 293 12.81 3.11 30.92
N VAL A 294 12.57 3.72 32.07
CA VAL A 294 12.18 2.99 33.26
C VAL A 294 10.83 2.33 33.02
N GLN A 295 10.70 1.07 33.43
CA GLN A 295 9.49 0.31 33.17
C GLN A 295 8.38 0.70 34.14
N PRO A 296 7.12 0.48 33.77
CA PRO A 296 6.02 0.74 34.71
C PRO A 296 6.10 -0.18 35.91
N THR A 297 5.63 0.32 37.05
CA THR A 297 5.72 -0.41 38.30
C THR A 297 4.37 -0.81 38.89
N GLU A 298 3.26 -0.42 38.27
CA GLU A 298 1.95 -0.72 38.82
C GLU A 298 0.93 -0.71 37.69
N SER A 299 -0.16 -1.47 37.90
CA SER A 299 -1.25 -1.58 36.94
C SER A 299 -2.55 -1.15 37.59
N ILE A 300 -3.34 -0.35 36.86
CA ILE A 300 -4.59 0.21 37.38
C ILE A 300 -5.67 0.07 36.33
N VAL A 301 -6.92 -0.11 36.78
CA VAL A 301 -8.10 -0.10 35.94
C VAL A 301 -9.17 0.72 36.65
N ARG A 302 -9.91 1.53 35.88
CA ARG A 302 -10.86 2.48 36.45
C ARG A 302 -12.16 2.43 35.65
N PHE A 303 -13.28 2.17 36.33
CA PHE A 303 -14.61 2.03 35.74
C PHE A 303 -15.67 2.81 36.54
N PRO A 304 -16.83 3.13 35.93
CA PRO A 304 -17.89 3.82 36.69
C PRO A 304 -18.77 2.89 37.50
N ASN A 308 -19.86 3.43 38.08
CA ASN A 308 -20.61 2.78 39.15
C ASN A 308 -21.74 1.89 38.64
N LEU A 309 -22.61 1.44 39.53
CA LEU A 309 -23.51 0.32 39.29
C LEU A 309 -24.81 0.51 40.08
N CYS A 310 -25.76 -0.43 39.91
CA CYS A 310 -27.07 -0.37 40.56
C CYS A 310 -27.10 -1.17 41.86
N PRO A 311 -27.88 -0.70 42.85
CA PRO A 311 -28.32 -1.60 43.92
C PRO A 311 -29.69 -2.19 43.62
N PHE A 312 -29.91 -3.47 43.97
CA PHE A 312 -31.18 -4.10 43.61
C PHE A 312 -31.73 -4.99 44.72
N ASP A 313 -31.31 -4.77 45.97
CA ASP A 313 -31.64 -5.67 47.07
C ASP A 313 -33.15 -5.85 47.24
N GLU A 314 -33.85 -4.77 47.61
CA GLU A 314 -35.30 -4.71 47.77
C GLU A 314 -35.97 -5.98 48.30
N VAL A 315 -35.84 -7.10 47.58
CA VAL A 315 -36.64 -8.29 47.84
C VAL A 315 -36.20 -8.99 49.11
N PHE A 316 -34.91 -8.90 49.44
CA PHE A 316 -34.35 -9.63 50.57
C PHE A 316 -34.76 -9.07 51.92
N ASN A 317 -35.21 -7.82 51.97
CA ASN A 317 -35.69 -7.20 53.20
C ASN A 317 -37.17 -6.87 53.01
N ALA A 318 -38.04 -7.61 53.70
CA ALA A 318 -39.49 -7.43 53.61
C ALA A 318 -40.09 -7.57 55.00
N THR A 319 -41.37 -7.19 55.10
CA THR A 319 -42.07 -7.30 56.37
C THR A 319 -42.40 -8.76 56.70
N ARG A 320 -43.20 -9.40 55.84
CA ARG A 320 -43.50 -10.82 55.97
C ARG A 320 -43.46 -11.45 54.58
N PHE A 321 -42.92 -12.65 54.50
CA PHE A 321 -42.75 -13.32 53.22
C PHE A 321 -43.96 -14.19 52.91
N ALA A 322 -44.05 -14.60 51.64
CA ALA A 322 -45.15 -15.44 51.19
C ALA A 322 -44.98 -16.87 51.72
N SER A 323 -46.09 -17.60 51.74
CA SER A 323 -46.08 -18.98 52.21
C SER A 323 -45.51 -19.91 51.14
N VAL A 324 -45.30 -21.16 51.54
CA VAL A 324 -44.71 -22.14 50.63
C VAL A 324 -45.67 -22.47 49.49
N TYR A 325 -46.98 -22.53 49.77
CA TYR A 325 -47.96 -22.81 48.74
C TYR A 325 -48.32 -21.58 47.93
N ALA A 326 -47.98 -20.39 48.41
CA ALA A 326 -48.38 -19.13 47.78
C ALA A 326 -47.15 -18.29 47.45
N TRP A 327 -46.11 -18.92 46.91
CA TRP A 327 -44.87 -18.21 46.61
C TRP A 327 -45.07 -17.19 45.51
N ASN A 328 -44.31 -16.10 45.60
CA ASN A 328 -44.41 -14.98 44.66
C ASN A 328 -43.19 -14.94 43.76
N ARG A 329 -43.40 -14.48 42.53
CA ARG A 329 -42.34 -14.39 41.53
C ARG A 329 -42.08 -12.92 41.22
N LYS A 330 -40.79 -12.54 41.24
CA LYS A 330 -40.38 -11.16 41.04
C LYS A 330 -39.42 -11.10 39.85
N ARG A 331 -39.57 -10.08 39.02
CA ARG A 331 -38.78 -9.93 37.80
C ARG A 331 -37.79 -8.78 37.95
N ILE A 332 -36.56 -9.02 37.49
CA ILE A 332 -35.47 -8.05 37.56
C ILE A 332 -35.02 -7.74 36.14
N SER A 333 -34.88 -6.45 35.82
CA SER A 333 -34.61 -6.09 34.43
C SER A 333 -33.93 -4.71 34.34
N ASN A 334 -33.03 -4.60 33.36
CA ASN A 334 -32.59 -3.34 32.75
C ASN A 334 -31.67 -2.51 33.66
N CYS A 335 -30.76 -3.22 34.34
CA CYS A 335 -29.40 -2.71 34.56
C CYS A 335 -28.58 -3.82 35.22
N VAL A 336 -27.36 -3.46 35.60
CA VAL A 336 -26.39 -4.38 36.18
C VAL A 336 -26.92 -4.89 37.51
N ALA A 337 -26.57 -6.14 37.84
CA ALA A 337 -26.95 -6.75 39.10
C ALA A 337 -25.68 -7.19 39.82
N ASP A 338 -25.36 -6.48 40.90
CA ASP A 338 -24.14 -6.72 41.68
C ASP A 338 -24.48 -7.60 42.88
N TYR A 339 -23.97 -8.84 42.86
CA TYR A 339 -24.13 -9.76 43.98
C TYR A 339 -23.06 -9.60 45.04
N SER A 340 -22.13 -8.65 44.88
CA SER A 340 -21.00 -8.53 45.80
C SER A 340 -21.46 -8.19 47.21
N VAL A 341 -22.45 -7.32 47.35
CA VAL A 341 -22.91 -6.92 48.68
C VAL A 341 -23.52 -8.10 49.43
N LEU A 342 -24.24 -8.97 48.72
CA LEU A 342 -24.78 -10.18 49.34
C LEU A 342 -23.77 -11.32 49.40
N TYR A 343 -22.67 -11.21 48.66
CA TYR A 343 -21.66 -12.26 48.66
C TYR A 343 -21.00 -12.41 50.03
N ASN A 344 -20.72 -11.29 50.69
CA ASN A 344 -20.03 -11.30 51.97
C ASN A 344 -20.96 -11.19 53.17
N LEU A 345 -22.27 -11.30 52.96
CA LEU A 345 -23.22 -11.15 54.05
C LEU A 345 -23.07 -12.30 55.04
N ALA A 346 -23.19 -11.98 56.34
CA ALA A 346 -22.90 -12.97 57.38
C ALA A 346 -24.02 -13.99 57.56
N PRO A 347 -25.26 -13.60 57.87
CA PRO A 347 -26.23 -14.58 58.36
C PRO A 347 -26.83 -15.50 57.31
N PHE A 348 -26.26 -15.56 56.10
CA PHE A 348 -26.69 -16.56 55.14
C PHE A 348 -26.16 -17.93 55.55
N PHE A 349 -27.07 -18.89 55.76
CA PHE A 349 -26.71 -20.20 56.28
C PHE A 349 -26.67 -21.29 55.22
N THR A 350 -27.76 -21.48 54.47
CA THR A 350 -27.84 -22.50 53.44
C THR A 350 -27.52 -21.86 52.09
N PHE A 351 -26.35 -22.20 51.55
CA PHE A 351 -25.83 -21.59 50.33
C PHE A 351 -25.41 -22.73 49.40
N LYS A 352 -26.36 -23.24 48.62
CA LYS A 352 -26.15 -24.42 47.78
C LYS A 352 -26.98 -24.27 46.51
N CYS A 353 -26.31 -24.18 45.37
CA CYS A 353 -26.96 -24.04 44.07
C CYS A 353 -26.16 -24.80 43.01
N TYR A 354 -26.80 -25.05 41.87
CA TYR A 354 -26.25 -25.94 40.85
C TYR A 354 -25.99 -25.22 39.52
N GLY A 355 -26.59 -24.04 39.34
CA GLY A 355 -26.74 -23.52 37.99
C GLY A 355 -25.44 -23.09 37.33
N VAL A 356 -24.82 -22.02 37.82
CA VAL A 356 -23.77 -21.34 37.10
C VAL A 356 -22.44 -21.45 37.85
N SER A 357 -21.40 -20.88 37.26
CA SER A 357 -20.09 -20.83 37.91
C SER A 357 -20.19 -20.03 39.20
N PRO A 358 -19.58 -20.50 40.29
CA PRO A 358 -19.82 -19.88 41.60
C PRO A 358 -19.31 -18.45 41.74
N THR A 359 -18.02 -18.20 41.52
CA THR A 359 -17.45 -16.87 41.70
C THR A 359 -17.35 -16.09 40.40
N LYS A 360 -17.69 -16.71 39.27
CA LYS A 360 -17.64 -16.05 37.97
C LYS A 360 -19.02 -15.54 37.54
N LEU A 361 -20.00 -15.59 38.45
CA LEU A 361 -21.37 -15.20 38.13
C LEU A 361 -21.50 -13.75 37.70
N ASN A 362 -20.56 -12.89 38.07
CA ASN A 362 -20.57 -11.50 37.61
C ASN A 362 -19.85 -11.30 36.30
N ASP A 363 -19.28 -12.36 35.72
CA ASP A 363 -18.50 -12.26 34.49
C ASP A 363 -19.27 -12.73 33.26
N LEU A 364 -20.28 -13.58 33.44
CA LEU A 364 -21.17 -13.95 32.35
C LEU A 364 -22.49 -13.21 32.54
N CYS A 365 -23.08 -12.77 31.43
CA CYS A 365 -24.19 -11.84 31.50
C CYS A 365 -25.48 -12.52 31.06
N PHE A 366 -26.56 -12.25 31.80
CA PHE A 366 -27.84 -12.91 31.64
C PHE A 366 -28.81 -11.98 30.90
N THR A 367 -30.04 -12.46 30.74
CA THR A 367 -31.10 -11.70 30.08
C THR A 367 -32.16 -11.22 31.06
N ASN A 368 -32.74 -12.12 31.84
CA ASN A 368 -33.72 -11.77 32.86
C ASN A 368 -33.50 -12.62 34.09
N VAL A 369 -33.82 -12.05 35.25
CA VAL A 369 -33.64 -12.72 36.53
C VAL A 369 -34.99 -12.79 37.22
N TYR A 370 -35.38 -14.00 37.63
CA TYR A 370 -36.65 -14.24 38.31
C TYR A 370 -36.38 -14.65 39.75
N ALA A 371 -37.02 -13.96 40.69
CA ALA A 371 -36.83 -14.20 42.11
C ALA A 371 -38.09 -14.82 42.69
N ASP A 372 -37.94 -15.98 43.32
CA ASP A 372 -39.05 -16.70 43.95
C ASP A 372 -38.83 -16.71 45.45
N SER A 373 -39.82 -16.23 46.21
CA SER A 373 -39.72 -16.08 47.65
C SER A 373 -40.85 -16.84 48.33
N PHE A 374 -40.51 -17.60 49.37
CA PHE A 374 -41.49 -18.29 50.20
C PHE A 374 -40.83 -18.61 51.54
N VAL A 375 -41.55 -19.31 52.40
CA VAL A 375 -41.05 -19.72 53.70
C VAL A 375 -41.27 -21.22 53.87
N ILE A 376 -40.23 -21.92 54.32
CA ILE A 376 -40.29 -23.36 54.51
C ILE A 376 -39.62 -23.71 55.83
N ARG A 377 -39.96 -24.88 56.37
CA ARG A 377 -39.33 -25.36 57.59
C ARG A 377 -37.86 -25.64 57.36
N GLY A 378 -37.05 -25.43 58.39
CA GLY A 378 -35.62 -25.65 58.28
C GLY A 378 -35.21 -27.09 58.10
N ASP A 379 -36.09 -28.03 58.46
CA ASP A 379 -35.74 -29.45 58.35
C ASP A 379 -35.62 -29.89 56.90
N GLU A 380 -36.58 -29.50 56.06
CA GLU A 380 -36.63 -29.95 54.67
C GLU A 380 -36.07 -28.92 53.69
N VAL A 381 -35.12 -28.10 54.11
CA VAL A 381 -34.46 -27.19 53.18
C VAL A 381 -33.68 -27.97 52.12
N ARG A 382 -33.07 -29.10 52.52
CA ARG A 382 -32.37 -29.94 51.56
C ARG A 382 -33.31 -30.49 50.50
N GLN A 383 -34.58 -30.67 50.83
CA GLN A 383 -35.55 -31.20 49.90
C GLN A 383 -35.84 -30.26 48.73
N ILE A 384 -35.46 -28.99 48.82
CA ILE A 384 -35.75 -28.05 47.76
C ILE A 384 -34.94 -28.35 46.49
N ALA A 385 -33.86 -29.11 46.61
CA ALA A 385 -33.07 -29.44 45.43
C ALA A 385 -33.86 -30.39 44.52
N PRO A 386 -33.70 -30.24 43.20
CA PRO A 386 -34.37 -31.16 42.29
C PRO A 386 -33.75 -32.55 42.32
N GLY A 387 -34.56 -33.54 41.94
CA GLY A 387 -34.09 -34.91 41.85
C GLY A 387 -34.79 -35.88 42.77
N GLN A 388 -35.07 -35.46 44.00
CA GLN A 388 -35.72 -36.33 44.97
C GLN A 388 -37.22 -36.07 44.99
N THR A 389 -37.92 -36.77 45.88
CA THR A 389 -39.37 -36.66 45.99
C THR A 389 -39.80 -36.46 47.44
N GLY A 390 -41.10 -36.50 47.69
CA GLY A 390 -41.61 -36.34 49.04
C GLY A 390 -42.61 -35.21 49.17
N ASN A 391 -42.91 -34.82 50.41
CA ASN A 391 -43.85 -33.74 50.65
C ASN A 391 -43.24 -32.40 50.24
N ILE A 392 -44.12 -31.43 50.00
CA ILE A 392 -43.75 -30.04 49.70
C ILE A 392 -42.99 -29.95 48.39
N ALA A 393 -41.91 -30.73 48.25
CA ALA A 393 -41.18 -30.77 46.99
C ALA A 393 -42.06 -31.24 45.85
N ASP A 394 -43.02 -32.12 46.13
CA ASP A 394 -44.02 -32.52 45.15
C ASP A 394 -45.40 -31.95 45.41
N TYR A 395 -45.62 -31.37 46.59
CA TYR A 395 -46.95 -30.89 46.98
C TYR A 395 -47.08 -29.38 46.95
N ASN A 396 -45.99 -28.64 47.10
CA ASN A 396 -46.07 -27.19 47.16
C ASN A 396 -45.17 -26.48 46.16
N TYR A 397 -43.98 -27.01 45.89
CA TYR A 397 -43.03 -26.36 44.99
C TYR A 397 -42.11 -27.41 44.40
N LYS A 398 -42.14 -27.57 43.08
CA LYS A 398 -41.32 -28.54 42.39
C LYS A 398 -40.37 -27.83 41.45
N LEU A 399 -39.13 -28.34 41.38
CA LEU A 399 -38.10 -27.81 40.51
C LEU A 399 -37.77 -28.81 39.41
N PRO A 400 -37.55 -28.34 38.18
CA PRO A 400 -37.22 -29.25 37.08
C PRO A 400 -35.85 -29.89 37.28
N ASP A 401 -35.69 -31.06 36.64
CA ASP A 401 -34.42 -31.79 36.76
C ASP A 401 -33.26 -30.99 36.17
N ASP A 402 -33.51 -30.22 35.11
CA ASP A 402 -32.49 -29.37 34.49
C ASP A 402 -32.56 -27.93 34.97
N PHE A 403 -32.97 -27.72 36.21
CA PHE A 403 -33.10 -26.37 36.75
C PHE A 403 -31.74 -25.69 36.86
N THR A 404 -31.68 -24.44 36.44
CA THR A 404 -30.48 -23.62 36.60
C THR A 404 -30.86 -22.33 37.33
N GLY A 405 -29.97 -21.88 38.20
CA GLY A 405 -30.25 -20.73 39.03
C GLY A 405 -29.53 -20.88 40.36
N CYS A 406 -30.12 -20.28 41.40
CA CYS A 406 -29.54 -20.36 42.73
C CYS A 406 -30.62 -20.11 43.77
N VAL A 407 -30.52 -20.80 44.90
CA VAL A 407 -31.45 -20.64 46.02
C VAL A 407 -30.67 -20.15 47.23
N ILE A 408 -31.28 -19.24 47.97
CA ILE A 408 -30.67 -18.65 49.16
C ILE A 408 -31.59 -18.88 50.35
N ALA A 409 -31.00 -19.28 51.47
CA ALA A 409 -31.76 -19.55 52.68
C ALA A 409 -30.96 -19.09 53.89
N TRP A 410 -31.66 -18.76 54.97
CA TRP A 410 -31.03 -18.30 56.20
C TRP A 410 -31.98 -18.57 57.37
N ASN A 411 -31.57 -18.11 58.55
CA ASN A 411 -32.33 -18.32 59.77
C ASN A 411 -33.15 -17.09 60.12
N SER A 412 -34.25 -17.33 60.84
CA SER A 412 -35.21 -16.29 61.22
C SER A 412 -35.60 -16.45 62.68
N ASN A 413 -34.60 -16.58 63.56
CA ASN A 413 -34.87 -16.85 64.97
C ASN A 413 -35.66 -15.70 65.61
N LYS A 414 -35.28 -14.46 65.31
CA LYS A 414 -35.87 -13.30 65.95
C LYS A 414 -36.69 -12.45 64.98
N LEU A 415 -37.36 -13.09 64.03
CA LEU A 415 -38.20 -12.37 63.07
C LEU A 415 -39.58 -12.99 62.86
N ASP A 416 -39.77 -14.28 63.15
CA ASP A 416 -41.04 -14.94 62.90
C ASP A 416 -41.61 -15.67 64.10
N SER A 417 -40.79 -16.01 65.10
CA SER A 417 -41.29 -16.78 66.24
C SER A 417 -42.17 -15.90 67.13
N LYS A 418 -43.36 -16.42 67.45
CA LYS A 418 -44.31 -15.72 68.30
C LYS A 418 -44.72 -16.62 69.46
N VAL A 419 -44.80 -16.03 70.66
CA VAL A 419 -45.18 -16.80 71.84
C VAL A 419 -46.65 -17.23 71.76
N SER A 420 -47.52 -16.37 71.22
CA SER A 420 -48.93 -16.70 71.11
C SER A 420 -49.21 -17.71 70.00
N GLY A 421 -48.27 -17.93 69.10
CA GLY A 421 -48.46 -18.86 68.02
C GLY A 421 -48.89 -18.21 66.72
N ASN A 422 -48.14 -18.42 65.66
CA ASN A 422 -48.43 -17.86 64.35
C ASN A 422 -48.91 -18.98 63.43
N TYR A 423 -50.12 -18.81 62.87
CA TYR A 423 -50.74 -19.83 62.03
C TYR A 423 -51.02 -19.32 60.62
N ASN A 424 -50.45 -18.17 60.25
CA ASN A 424 -50.71 -17.59 58.94
C ASN A 424 -50.02 -18.33 57.80
N TYR A 425 -49.07 -19.21 58.12
CA TYR A 425 -48.34 -19.97 57.12
C TYR A 425 -48.95 -21.35 57.00
N LEU A 426 -49.40 -21.70 55.78
CA LEU A 426 -50.08 -22.96 55.52
C LEU A 426 -49.24 -23.82 54.57
N TYR A 427 -49.44 -25.13 54.64
CA TYR A 427 -48.82 -26.08 53.72
C TYR A 427 -49.85 -27.10 53.29
N ARG A 428 -49.83 -27.44 51.99
CA ARG A 428 -50.78 -28.38 51.42
C ARG A 428 -50.13 -29.74 51.23
N LEU A 429 -50.88 -30.79 51.54
CA LEU A 429 -50.35 -32.16 51.55
C LEU A 429 -51.05 -33.09 50.57
N PHE A 430 -52.33 -32.88 50.30
CA PHE A 430 -53.13 -33.83 49.52
C PHE A 430 -53.32 -33.32 48.10
N ARG A 431 -53.06 -34.20 47.13
CA ARG A 431 -53.28 -33.91 45.72
C ARG A 431 -53.52 -35.20 44.97
N LYS A 432 -54.51 -35.20 44.08
CA LYS A 432 -54.81 -36.40 43.29
C LYS A 432 -53.75 -36.62 42.22
N SER A 433 -53.36 -35.56 41.51
CA SER A 433 -52.42 -35.65 40.41
C SER A 433 -51.00 -35.36 40.92
N ASN A 434 -50.06 -35.21 39.99
CA ASN A 434 -48.67 -34.90 40.29
C ASN A 434 -48.38 -33.48 39.81
N LEU A 435 -47.80 -32.68 40.69
CA LEU A 435 -47.48 -31.30 40.35
C LEU A 435 -46.35 -31.25 39.33
N LYS A 436 -46.51 -30.38 38.33
CA LYS A 436 -45.45 -30.13 37.37
C LYS A 436 -44.42 -29.17 37.95
N PRO A 437 -43.20 -29.19 37.44
CA PRO A 437 -42.19 -28.22 37.91
C PRO A 437 -42.65 -26.78 37.67
N PHE A 438 -42.44 -25.94 38.68
CA PHE A 438 -42.81 -24.53 38.64
C PHE A 438 -44.28 -24.34 38.26
N GLU A 439 -45.14 -24.97 39.06
CA GLU A 439 -46.59 -24.94 38.85
C GLU A 439 -47.28 -24.39 40.08
N ARG A 440 -48.29 -23.55 39.83
CA ARG A 440 -49.09 -22.96 40.91
C ARG A 440 -50.26 -23.85 41.27
N ASP A 441 -50.75 -23.68 42.50
CA ASP A 441 -51.94 -24.38 42.97
C ASP A 441 -52.55 -23.55 44.08
N ILE A 442 -53.65 -22.85 43.77
CA ILE A 442 -54.29 -21.96 44.72
C ILE A 442 -55.62 -22.51 45.22
N SER A 443 -56.32 -23.31 44.42
CA SER A 443 -57.60 -23.86 44.84
C SER A 443 -57.44 -24.71 46.09
N THR A 444 -58.39 -24.56 47.02
CA THR A 444 -58.37 -25.24 48.30
C THR A 444 -59.51 -26.25 48.41
N GLU A 445 -59.78 -26.97 47.32
CA GLU A 445 -60.83 -27.98 47.33
C GLU A 445 -60.45 -29.14 48.24
N ILE A 446 -61.43 -29.67 48.96
CA ILE A 446 -61.17 -30.79 49.86
C ILE A 446 -60.83 -32.03 49.06
N TYR A 447 -59.96 -32.87 49.62
CA TYR A 447 -59.50 -34.07 48.94
C TYR A 447 -60.59 -35.13 48.94
N GLN A 448 -60.74 -35.82 47.80
CA GLN A 448 -61.68 -36.92 47.66
C GLN A 448 -60.90 -38.23 47.60
N ALA A 449 -61.30 -39.19 48.43
CA ALA A 449 -60.58 -40.44 48.58
C ALA A 449 -61.41 -41.59 48.00
N GLY A 450 -61.26 -41.80 46.70
CA GLY A 450 -61.81 -42.97 46.05
C GLY A 450 -63.32 -42.99 45.90
N ASN A 451 -64.04 -42.86 47.01
CA ASN A 451 -65.50 -43.01 47.02
C ASN A 451 -66.06 -42.09 48.09
N LYS A 452 -67.30 -42.37 48.51
CA LYS A 452 -68.07 -41.63 49.50
C LYS A 452 -68.57 -40.31 48.91
N PRO A 453 -69.76 -39.84 49.31
CA PRO A 453 -70.34 -38.67 48.66
C PRO A 453 -69.72 -37.35 49.05
N CYS A 454 -68.60 -37.38 49.80
CA CYS A 454 -67.94 -36.15 50.23
C CYS A 454 -67.16 -35.57 49.04
N ASN A 455 -67.90 -34.95 48.12
CA ASN A 455 -67.32 -34.25 46.98
C ASN A 455 -67.47 -32.74 47.16
N GLY A 456 -67.43 -32.26 48.40
CA GLY A 456 -67.64 -30.87 48.71
C GLY A 456 -68.46 -30.71 49.97
N VAL A 457 -68.92 -31.83 50.53
CA VAL A 457 -69.70 -31.79 51.77
C VAL A 457 -68.80 -31.45 52.95
N ALA A 458 -67.52 -31.80 52.87
CA ALA A 458 -66.54 -31.56 53.95
C ALA A 458 -66.98 -32.25 55.24
N GLY A 459 -67.06 -33.57 55.17
CA GLY A 459 -67.43 -34.38 56.31
C GLY A 459 -66.34 -35.36 56.70
N PHE A 460 -66.67 -36.64 56.76
CA PHE A 460 -65.72 -37.69 57.10
C PHE A 460 -65.20 -38.36 55.84
N ASN A 461 -64.08 -39.07 55.99
CA ASN A 461 -63.38 -39.70 54.88
C ASN A 461 -62.94 -38.68 53.84
N CYS A 462 -62.72 -37.43 54.28
CA CYS A 462 -62.29 -36.35 53.40
C CYS A 462 -61.72 -35.25 54.29
N TYR A 463 -60.46 -34.88 54.06
CA TYR A 463 -59.74 -33.97 54.93
C TYR A 463 -59.29 -32.73 54.17
N PHE A 464 -59.30 -31.60 54.86
CA PHE A 464 -58.87 -30.36 54.23
C PHE A 464 -57.36 -30.38 54.00
N PRO A 465 -56.90 -30.17 52.77
CA PRO A 465 -55.46 -30.29 52.50
C PRO A 465 -54.62 -29.15 53.06
N LEU A 466 -55.22 -28.03 53.43
CA LEU A 466 -54.48 -26.87 53.93
C LEU A 466 -54.36 -26.98 55.44
N ARG A 467 -53.11 -27.08 55.92
CA ARG A 467 -52.82 -27.16 57.34
C ARG A 467 -51.84 -26.04 57.70
N SER A 468 -52.11 -25.36 58.81
CA SER A 468 -51.24 -24.27 59.25
C SER A 468 -49.97 -24.83 59.89
N TYR A 469 -48.89 -24.06 59.75
CA TYR A 469 -47.62 -24.42 60.38
C TYR A 469 -47.68 -24.16 61.88
N SER A 470 -46.83 -24.88 62.61
CA SER A 470 -46.73 -24.76 64.07
C SER A 470 -45.57 -23.82 64.38
N PHE A 471 -45.87 -22.54 64.49
CA PHE A 471 -44.86 -21.53 64.76
C PHE A 471 -45.13 -20.81 66.08
N ARG A 472 -42.35 -20.15 67.78
CA ARG A 472 -42.39 -20.06 69.23
C ARG A 472 -40.98 -20.12 69.82
N PRO A 473 -40.74 -19.37 70.91
CA PRO A 473 -39.41 -19.36 71.52
C PRO A 473 -39.08 -20.61 72.32
N THR A 474 -40.06 -21.49 72.59
CA THR A 474 -39.83 -22.66 73.41
C THR A 474 -39.16 -23.80 72.67
N TYR A 475 -38.99 -23.69 71.35
CA TYR A 475 -38.35 -24.73 70.56
C TYR A 475 -37.01 -24.25 70.02
N GLY A 476 -36.14 -25.20 69.74
CA GLY A 476 -34.81 -24.90 69.26
C GLY A 476 -34.67 -24.97 67.75
N VAL A 477 -33.72 -25.77 67.28
CA VAL A 477 -33.41 -25.90 65.85
C VAL A 477 -33.93 -27.24 65.35
N GLY A 478 -34.57 -27.22 64.18
CA GLY A 478 -35.11 -28.43 63.60
C GLY A 478 -36.49 -28.22 62.99
N HIS A 479 -37.28 -27.33 63.57
CA HIS A 479 -38.59 -26.98 63.05
C HIS A 479 -38.76 -25.48 62.85
N GLN A 480 -37.73 -24.69 63.14
CA GLN A 480 -37.84 -23.24 62.99
C GLN A 480 -37.92 -22.89 61.51
N PRO A 481 -38.80 -21.95 61.12
CA PRO A 481 -38.96 -21.63 59.69
C PRO A 481 -37.72 -20.93 59.13
N TYR A 482 -37.18 -21.46 58.04
CA TYR A 482 -36.07 -20.85 57.34
C TYR A 482 -36.61 -20.05 56.16
N ARG A 483 -36.16 -18.80 56.03
CA ARG A 483 -36.56 -17.94 54.92
C ARG A 483 -35.75 -18.32 53.69
N VAL A 484 -36.43 -18.79 52.65
CA VAL A 484 -35.78 -19.28 51.44
C VAL A 484 -36.24 -18.45 50.26
N VAL A 485 -35.29 -17.95 49.47
CA VAL A 485 -35.57 -17.22 48.24
C VAL A 485 -34.86 -17.91 47.10
N VAL A 486 -35.56 -18.06 45.98
CA VAL A 486 -35.05 -18.78 44.81
C VAL A 486 -34.81 -17.78 43.69
N LEU A 487 -33.61 -17.82 43.11
CA LEU A 487 -33.24 -16.97 41.98
C LEU A 487 -33.20 -17.82 40.72
N SER A 488 -33.87 -17.36 39.67
CA SER A 488 -33.96 -18.07 38.41
C SER A 488 -33.65 -17.12 37.25
N PHE A 489 -33.23 -17.70 36.13
CA PHE A 489 -32.89 -16.92 34.96
C PHE A 489 -33.12 -17.76 33.71
N GLU A 490 -33.27 -17.08 32.58
CA GLU A 490 -33.43 -17.72 31.27
C GLU A 490 -32.51 -17.03 30.29
N LEU A 491 -31.99 -17.80 29.32
CA LEU A 491 -30.93 -17.33 28.44
C LEU A 491 -31.30 -17.56 26.99
N LEU A 492 -30.71 -16.72 26.12
CA LEU A 492 -30.83 -16.85 24.66
C LEU A 492 -32.27 -16.64 24.19
N HIS A 493 -32.88 -15.55 24.66
CA HIS A 493 -34.18 -15.14 24.16
C HIS A 493 -34.28 -13.65 23.90
N ALA A 494 -33.33 -12.85 24.39
CA ALA A 494 -33.39 -11.40 24.29
C ALA A 494 -31.98 -10.86 24.52
N PRO A 495 -31.73 -9.60 24.14
CA PRO A 495 -30.41 -9.00 24.45
C PRO A 495 -30.15 -8.99 25.95
N ALA A 496 -28.89 -9.21 26.31
CA ALA A 496 -28.50 -9.28 27.71
C ALA A 496 -28.74 -7.95 28.40
N THR A 497 -29.38 -7.99 29.56
CA THR A 497 -29.73 -6.77 30.27
C THR A 497 -29.25 -6.74 31.71
N VAL A 498 -29.28 -7.87 32.42
CA VAL A 498 -28.96 -7.92 33.84
C VAL A 498 -27.75 -8.83 34.05
N CYS A 499 -26.73 -8.29 34.71
CA CYS A 499 -25.51 -9.03 35.05
C CYS A 499 -24.58 -8.21 35.93
N GLY A 500 -23.43 -8.79 36.30
CA GLY A 500 -22.50 -8.12 37.18
C GLY A 500 -21.71 -7.03 36.47
N PRO A 501 -20.97 -6.23 37.25
CA PRO A 501 -20.19 -5.11 36.72
C PRO A 501 -18.81 -5.54 36.22
N LYS A 502 -14.82 -5.24 34.94
CA LYS A 502 -13.71 -5.46 35.86
C LYS A 502 -13.80 -4.51 37.05
N LYS A 503 -13.17 -4.90 38.16
CA LYS A 503 -13.13 -4.06 39.34
C LYS A 503 -12.23 -2.86 39.13
N SER A 504 -12.46 -1.80 39.90
CA SER A 504 -11.69 -0.57 39.82
C SER A 504 -10.60 -0.59 40.89
N THR A 505 -9.36 -0.35 40.47
CA THR A 505 -8.22 -0.36 41.36
C THR A 505 -7.91 1.08 41.78
N ASN A 506 -6.89 1.28 42.59
CA ASN A 506 -6.52 2.60 43.04
C ASN A 506 -5.82 3.38 41.92
N LEU A 507 -5.51 4.63 42.20
CA LEU A 507 -4.90 5.53 41.23
C LEU A 507 -3.50 5.90 41.72
N VAL A 508 -2.51 5.77 40.83
CA VAL A 508 -1.13 6.09 41.16
C VAL A 508 -0.78 7.44 40.55
N LYS A 509 -0.11 8.28 41.34
CA LYS A 509 0.32 9.59 40.88
C LYS A 509 1.84 9.72 40.98
N ASN A 510 2.41 10.45 40.02
CA ASN A 510 3.85 10.72 39.97
C ASN A 510 4.69 9.45 39.87
N LYS A 511 4.18 8.45 39.15
CA LYS A 511 4.92 7.20 38.95
C LYS A 511 4.58 6.63 37.58
N CYS A 512 5.58 6.05 36.92
CA CYS A 512 5.39 5.39 35.63
C CYS A 512 4.63 4.09 35.87
N VAL A 513 3.38 4.03 35.41
CA VAL A 513 2.49 2.89 35.66
C VAL A 513 1.69 2.56 34.41
N ASN A 514 1.12 1.36 34.40
CA ASN A 514 0.20 0.93 33.36
C ASN A 514 -1.21 1.33 33.77
N PHE A 515 -2.04 1.67 32.78
CA PHE A 515 -3.40 2.14 33.03
C PHE A 515 -4.38 1.58 32.01
N ASN A 516 -5.67 1.69 32.33
CA ASN A 516 -6.76 1.35 31.42
C ASN A 516 -7.96 2.19 31.88
N PHE A 517 -8.23 3.27 31.15
CA PHE A 517 -9.34 4.17 31.44
C PHE A 517 -10.41 3.98 30.37
N ASN A 518 -11.38 3.11 30.65
CA ASN A 518 -12.46 2.81 29.71
C ASN A 518 -11.92 2.35 28.36
N GLY A 519 -10.94 1.46 28.40
CA GLY A 519 -10.33 0.93 27.19
C GLY A 519 -9.11 1.68 26.71
N LEU A 520 -8.83 2.85 27.28
CA LEU A 520 -7.65 3.64 26.90
C LEU A 520 -6.44 3.05 27.61
N LYS A 521 -5.79 2.09 26.95
CA LYS A 521 -4.65 1.40 27.53
C LYS A 521 -3.34 2.04 27.09
N GLY A 522 -2.37 2.04 27.99
CA GLY A 522 -1.07 2.61 27.70
C GLY A 522 -0.20 2.60 28.93
N THR A 523 0.96 3.26 28.81
CA THR A 523 1.94 3.32 29.89
C THR A 523 2.45 4.75 30.02
N GLY A 524 2.62 5.20 31.25
CA GLY A 524 3.16 6.53 31.47
C GLY A 524 3.07 6.93 32.94
N VAL A 525 3.52 8.15 33.20
CA VAL A 525 3.45 8.77 34.52
C VAL A 525 2.14 9.53 34.61
N LEU A 526 1.41 9.35 35.72
CA LEU A 526 0.22 10.12 35.99
C LEU A 526 0.57 11.23 36.99
N THR A 527 0.31 12.47 36.61
CA THR A 527 0.69 13.63 37.41
C THR A 527 -0.45 14.65 37.40
N GLU A 528 -0.51 15.46 38.45
CA GLU A 528 -1.52 16.50 38.55
C GLU A 528 -1.38 17.51 37.41
N SER A 529 -2.42 17.66 36.61
CA SER A 529 -2.36 18.55 35.47
C SER A 529 -2.63 20.00 35.89
N ASN A 530 -2.30 20.93 34.99
CA ASN A 530 -2.55 22.34 35.21
C ASN A 530 -3.29 22.99 34.04
N LYS A 531 -3.70 22.21 33.05
CA LYS A 531 -4.43 22.73 31.91
C LYS A 531 -5.93 22.72 32.19
N LYS A 532 -6.60 23.81 31.84
CA LYS A 532 -8.02 23.99 32.19
C LYS A 532 -8.89 23.17 31.25
N PHE A 533 -9.17 21.94 31.66
CA PHE A 533 -10.17 21.14 30.95
C PHE A 533 -11.55 21.77 31.09
N LEU A 534 -12.28 21.82 29.99
CA LEU A 534 -13.66 22.26 30.03
C LEU A 534 -14.54 21.16 30.62
N PRO A 535 -15.69 21.53 31.18
CA PRO A 535 -16.54 20.53 31.87
C PRO A 535 -16.87 19.31 31.04
N PHE A 536 -17.15 19.48 29.74
CA PHE A 536 -17.54 18.36 28.90
C PHE A 536 -16.36 17.53 28.43
N GLN A 537 -15.17 18.12 28.27
CA GLN A 537 -14.01 17.44 27.74
C GLN A 537 -13.50 16.41 28.73
N GLN A 538 -13.10 15.24 28.22
CA GLN A 538 -12.59 14.16 29.07
C GLN A 538 -11.34 13.51 28.50
N PHE A 539 -10.80 14.02 27.40
CA PHE A 539 -9.62 13.45 26.76
C PHE A 539 -8.64 14.56 26.36
N GLY A 540 -7.35 14.32 26.52
CA GLY A 540 -6.35 15.25 26.06
C GLY A 540 -5.47 14.65 24.98
N ARG A 541 -5.25 15.39 23.90
CA ARG A 541 -4.43 14.91 22.79
C ARG A 541 -3.34 15.92 22.49
N ASP A 542 -2.18 15.40 22.11
CA ASP A 542 -1.05 16.20 21.66
C ASP A 542 -0.95 16.09 20.14
N ILE A 543 0.14 16.65 19.59
CA ILE A 543 0.39 16.49 18.16
C ILE A 543 0.52 15.01 17.84
N ALA A 544 0.08 14.64 16.63
CA ALA A 544 0.05 13.26 16.14
C ALA A 544 -1.04 12.42 16.79
N ASP A 545 -2.05 13.06 17.36
CA ASP A 545 -3.23 12.42 17.94
C ASP A 545 -2.91 11.43 19.06
N THR A 546 -1.74 11.54 19.68
CA THR A 546 -1.42 10.70 20.82
C THR A 546 -2.06 11.27 22.09
N THR A 547 -2.53 10.37 22.95
CA THR A 547 -3.21 10.79 24.17
C THR A 547 -2.20 11.45 25.11
N ASP A 548 -2.49 12.70 25.49
CA ASP A 548 -1.62 13.47 26.38
C ASP A 548 -2.10 13.47 27.82
N ALA A 549 -3.38 13.74 28.06
CA ALA A 549 -3.94 13.78 29.40
C ALA A 549 -5.27 13.05 29.40
N VAL A 550 -5.66 12.57 30.58
CA VAL A 550 -6.89 11.82 30.75
C VAL A 550 -7.59 12.30 32.02
N ARG A 551 -8.92 12.24 31.99
CA ARG A 551 -9.74 12.59 33.14
C ARG A 551 -10.18 11.31 33.85
N ASP A 552 -10.00 11.28 35.16
CA ASP A 552 -10.38 10.11 35.94
C ASP A 552 -11.90 10.03 36.02
N PRO A 553 -12.53 8.98 35.50
CA PRO A 553 -14.00 8.92 35.51
C PRO A 553 -14.61 8.82 36.89
N GLN A 554 -13.86 8.36 37.89
CA GLN A 554 -14.41 8.18 39.22
C GLN A 554 -14.28 9.42 40.09
N THR A 555 -13.10 10.05 40.11
CA THR A 555 -12.87 11.23 40.94
C THR A 555 -12.96 12.54 40.18
N LEU A 556 -13.16 12.50 38.87
CA LEU A 556 -13.28 13.68 38.01
C LEU A 556 -12.06 14.60 38.09
N GLU A 557 -10.87 14.04 38.26
CA GLU A 557 -9.65 14.81 38.19
C GLU A 557 -8.88 14.45 36.93
N ILE A 558 -8.07 15.39 36.46
CA ILE A 558 -7.34 15.23 35.20
C ILE A 558 -5.88 14.95 35.49
N LEU A 559 -5.31 13.98 34.79
CA LEU A 559 -3.91 13.59 34.95
C LEU A 559 -3.20 13.67 33.60
N ASP A 560 -1.98 14.17 33.61
CA ASP A 560 -1.18 14.25 32.40
C ASP A 560 -0.42 12.95 32.20
N ILE A 561 -0.75 12.22 31.12
CA ILE A 561 -0.06 11.00 30.76
C ILE A 561 1.19 11.38 29.98
N THR A 562 2.31 11.46 30.68
CA THR A 562 3.59 11.78 30.07
C THR A 562 4.44 10.51 30.12
N PRO A 563 4.85 9.98 28.97
CA PRO A 563 5.73 8.81 28.99
C PRO A 563 6.92 9.04 29.91
N CYS A 564 7.15 8.07 30.80
CA CYS A 564 8.19 8.22 31.80
C CYS A 564 9.57 8.27 31.15
N SER A 565 10.54 8.74 31.93
CA SER A 565 11.76 9.32 31.39
C SER A 565 12.51 8.35 30.49
N PHE A 566 12.97 8.87 29.34
CA PHE A 566 13.73 8.09 28.39
C PHE A 566 14.62 9.04 27.60
N GLY A 567 15.67 8.48 27.00
CA GLY A 567 16.57 9.26 26.20
C GLY A 567 17.71 8.40 25.70
N GLY A 568 18.45 8.95 24.75
CA GLY A 568 19.57 8.24 24.15
C GLY A 568 20.73 8.08 25.12
N VAL A 569 21.30 6.88 25.15
CA VAL A 569 22.46 6.57 25.97
C VAL A 569 23.62 6.22 25.05
N SER A 570 24.74 6.89 25.25
CA SER A 570 25.93 6.72 24.41
C SER A 570 27.08 6.20 25.27
N VAL A 571 27.92 5.37 24.65
CA VAL A 571 29.04 4.72 25.32
C VAL A 571 30.33 5.18 24.68
N ILE A 572 31.22 5.76 25.48
CA ILE A 572 32.53 6.22 25.02
C ILE A 572 33.56 5.18 25.44
N THR A 573 34.22 4.58 24.46
CA THR A 573 35.22 3.55 24.72
C THR A 573 36.53 3.94 24.06
N PRO A 574 37.67 3.72 24.73
CA PRO A 574 38.97 3.92 24.09
C PRO A 574 39.43 2.75 23.21
N GLY A 575 38.58 1.74 23.01
CA GLY A 575 38.94 0.58 22.23
C GLY A 575 39.31 -0.62 23.08
N THR A 576 38.85 -1.80 22.68
CA THR A 576 39.19 -3.01 23.42
C THR A 576 40.69 -3.30 23.34
N ASN A 577 41.30 -3.00 22.19
CA ASN A 577 42.75 -3.15 22.06
C ASN A 577 43.52 -2.30 23.06
N THR A 578 42.93 -1.20 23.54
CA THR A 578 43.63 -0.30 24.44
C THR A 578 43.29 -0.57 25.91
N SER A 579 41.99 -0.58 26.23
CA SER A 579 41.58 -0.73 27.62
C SER A 579 40.16 -1.30 27.67
N ASN A 580 39.62 -1.37 28.87
CA ASN A 580 38.31 -1.94 29.11
C ASN A 580 37.38 -0.93 29.80
N GLN A 581 37.87 0.27 30.10
CA GLN A 581 37.07 1.26 30.81
C GLN A 581 36.00 1.85 29.89
N VAL A 582 34.94 2.38 30.51
CA VAL A 582 33.77 2.86 29.79
C VAL A 582 33.26 4.13 30.45
N ALA A 583 32.82 5.07 29.63
CA ALA A 583 32.10 6.26 30.07
C ALA A 583 30.74 6.29 29.40
N VAL A 584 29.74 6.79 30.12
CA VAL A 584 28.35 6.74 29.68
C VAL A 584 27.78 8.15 29.68
N LEU A 585 27.09 8.50 28.59
CA LEU A 585 26.45 9.80 28.44
C LEU A 585 24.95 9.63 28.25
N TYR A 586 24.17 10.39 29.01
CA TYR A 586 22.72 10.41 28.89
C TYR A 586 22.33 11.69 28.17
N GLN A 587 21.86 11.56 26.93
CA GLN A 587 21.83 12.71 26.03
C GLN A 587 20.83 13.78 26.49
N GLY A 588 19.60 13.38 26.77
CA GLY A 588 18.58 14.36 27.08
C GLY A 588 18.05 14.30 28.49
N VAL A 589 18.93 13.99 29.46
CA VAL A 589 18.53 13.79 30.84
C VAL A 589 19.39 14.65 31.74
N ASN A 590 18.75 15.42 32.60
CA ASN A 590 19.44 16.06 33.72
C ASN A 590 19.56 15.04 34.84
N CYS A 591 20.78 14.50 35.00
CA CYS A 591 20.92 13.24 35.74
C CYS A 591 20.97 13.42 37.25
N THR A 592 20.38 14.48 37.77
CA THR A 592 19.81 14.44 39.11
C THR A 592 18.52 13.62 39.14
N GLU A 593 18.04 13.18 37.96
CA GLU A 593 16.81 12.40 37.82
C GLU A 593 17.10 10.98 37.36
N VAL A 594 18.14 10.36 37.91
CA VAL A 594 18.47 8.97 37.60
C VAL A 594 18.46 8.13 38.87
N ASN A 615 33.16 9.78 38.76
CA ASN A 615 32.93 11.21 38.76
C ASN A 615 31.75 11.56 37.86
N VAL A 616 31.05 12.65 38.17
CA VAL A 616 29.87 13.06 37.42
C VAL A 616 30.09 14.46 36.88
N PHE A 617 29.97 14.61 35.56
CA PHE A 617 30.10 15.89 34.88
C PHE A 617 28.85 16.11 34.04
N GLN A 618 28.42 17.37 33.93
CA GLN A 618 27.27 17.73 33.12
C GLN A 618 27.68 18.56 31.92
N THR A 619 27.11 18.25 30.77
CA THR A 619 27.39 18.92 29.51
C THR A 619 26.06 19.40 28.92
N ARG A 620 26.13 20.39 28.02
CA ARG A 620 24.92 20.87 27.37
C ARG A 620 24.22 19.77 26.56
N ALA A 621 24.94 18.70 26.23
CA ALA A 621 24.35 17.56 25.54
C ALA A 621 23.98 16.42 26.47
N GLY A 622 23.81 16.69 27.76
CA GLY A 622 23.56 15.66 28.76
C GLY A 622 24.74 15.55 29.68
N CYS A 623 24.68 14.69 30.70
CA CYS A 623 25.78 14.60 31.66
C CYS A 623 26.62 13.36 31.34
N LEU A 624 27.93 13.48 31.57
CA LEU A 624 28.86 12.40 31.33
C LEU A 624 29.25 11.78 32.66
N ILE A 625 29.02 10.48 32.81
CA ILE A 625 29.30 9.77 34.04
C ILE A 625 30.41 8.76 33.77
N GLY A 626 31.43 8.75 34.64
CA GLY A 626 32.55 7.86 34.50
C GLY A 626 33.80 8.49 33.93
N ALA A 627 33.78 9.79 33.63
CA ALA A 627 34.93 10.50 33.10
C ALA A 627 35.17 11.76 33.91
N GLU A 628 36.43 12.05 34.19
CA GLU A 628 36.79 13.20 35.03
C GLU A 628 37.07 14.41 34.15
N TYR A 629 36.56 15.57 34.56
CA TYR A 629 36.81 16.80 33.83
C TYR A 629 38.12 17.44 34.28
N VAL A 630 38.90 17.90 33.32
CA VAL A 630 40.17 18.57 33.58
C VAL A 630 40.13 19.92 32.89
N ASN A 631 40.84 20.89 33.47
CA ASN A 631 40.84 22.25 32.93
C ASN A 631 41.83 22.43 31.78
N ASN A 632 42.66 21.42 31.49
CA ASN A 632 43.55 21.50 30.35
C ASN A 632 42.76 21.36 29.04
N SER A 633 43.35 21.85 27.96
CA SER A 633 42.74 21.79 26.64
C SER A 633 43.69 21.09 25.67
N TYR A 634 43.16 20.14 24.91
CA TYR A 634 43.93 19.41 23.92
C TYR A 634 43.15 19.39 22.61
N GLU A 635 43.73 18.73 21.61
CA GLU A 635 43.00 18.46 20.38
C GLU A 635 41.92 17.42 20.65
N CYS A 636 40.79 17.56 19.95
CA CYS A 636 39.65 16.69 20.18
C CYS A 636 39.97 15.26 19.75
N ASP A 637 39.72 14.30 20.64
CA ASP A 637 39.92 12.88 20.36
C ASP A 637 38.59 12.19 20.07
N ILE A 638 37.64 12.25 21.00
CA ILE A 638 36.32 11.66 20.81
C ILE A 638 35.27 12.76 20.99
N PRO A 639 34.57 13.15 19.93
CA PRO A 639 33.62 14.27 20.05
C PRO A 639 32.38 13.87 20.84
N ILE A 640 32.04 14.69 21.82
CA ILE A 640 30.83 14.48 22.62
C ILE A 640 29.74 15.47 22.22
N GLY A 641 30.09 16.74 22.07
CA GLY A 641 29.16 17.77 21.66
C GLY A 641 29.31 19.03 22.49
N ALA A 642 28.91 20.15 21.89
CA ALA A 642 28.93 21.46 22.54
C ALA A 642 30.35 21.85 22.97
N GLY A 643 31.34 21.42 22.20
CA GLY A 643 32.71 21.82 22.44
C GLY A 643 33.47 21.01 23.47
N ILE A 644 32.94 19.86 23.87
CA ILE A 644 33.58 19.02 24.87
C ILE A 644 33.94 17.68 24.24
N CYS A 645 35.17 17.23 24.45
CA CYS A 645 35.65 15.96 23.92
C CYS A 645 36.22 15.14 25.06
N ALA A 646 36.47 13.86 24.79
CA ALA A 646 37.00 12.93 25.78
C ALA A 646 38.16 12.14 25.18
N SER A 647 39.05 11.69 26.06
CA SER A 647 40.22 10.93 25.62
C SER A 647 40.76 10.13 26.79
N TYR A 648 41.60 9.14 26.45
CA TYR A 648 42.29 8.35 27.45
C TYR A 648 43.52 9.10 27.93
N GLN A 649 43.64 9.28 29.25
CA GLN A 649 44.70 10.12 29.80
C GLN A 649 46.05 9.41 29.75
N THR A 650 46.16 8.28 30.44
CA THR A 650 47.40 7.50 30.51
C THR A 650 48.58 8.36 30.98
N SER A 665 42.87 6.26 32.72
CA SER A 665 41.51 6.72 32.94
C SER A 665 41.00 7.52 31.75
N ILE A 666 39.72 7.86 31.78
CA ILE A 666 39.08 8.63 30.71
C ILE A 666 38.80 10.04 31.24
N ILE A 667 39.27 11.04 30.51
CA ILE A 667 39.13 12.43 30.92
C ILE A 667 38.23 13.16 29.93
N ALA A 668 37.66 14.26 30.37
CA ALA A 668 36.83 15.12 29.55
C ALA A 668 37.39 16.54 29.62
N TYR A 669 37.38 17.23 28.47
CA TYR A 669 38.00 18.55 28.39
C TYR A 669 37.33 19.36 27.29
N THR A 670 37.62 20.66 27.29
CA THR A 670 37.14 21.56 26.26
C THR A 670 38.12 21.62 25.10
N MET A 671 37.59 21.74 23.89
CA MET A 671 38.43 21.81 22.71
C MET A 671 39.32 23.05 22.74
N SER A 672 40.55 22.90 22.25
CA SER A 672 41.46 24.02 22.02
C SER A 672 41.50 24.26 20.52
N LEU A 673 41.21 25.50 20.11
CA LEU A 673 41.19 25.81 18.69
C LEU A 673 42.59 25.89 18.10
N GLY A 674 43.59 26.20 18.90
CA GLY A 674 44.96 26.25 18.42
C GLY A 674 45.78 27.21 19.26
N ALA A 675 47.03 27.37 18.84
CA ALA A 675 47.94 28.26 19.52
C ALA A 675 47.57 29.72 19.26
N GLU A 676 47.96 30.58 20.18
CA GLU A 676 47.69 32.01 20.09
C GLU A 676 48.94 32.74 19.60
N ASN A 677 48.76 33.60 18.59
CA ASN A 677 49.88 34.31 17.97
C ASN A 677 49.44 35.75 17.73
N SER A 678 49.98 36.68 18.52
CA SER A 678 49.68 38.10 18.36
C SER A 678 50.75 38.72 17.46
N VAL A 679 50.42 38.81 16.17
CA VAL A 679 51.32 39.42 15.21
C VAL A 679 51.37 40.92 15.43
N ALA A 680 52.58 41.49 15.38
CA ALA A 680 52.78 42.89 15.68
C ALA A 680 52.48 43.73 14.44
N TYR A 681 51.67 44.78 14.61
CA TYR A 681 51.30 45.67 13.53
C TYR A 681 51.91 47.04 13.77
N SER A 682 52.49 47.62 12.72
CA SER A 682 52.98 48.99 12.74
C SER A 682 52.78 49.56 11.35
N ASN A 683 52.74 50.90 11.26
CA ASN A 683 52.50 51.54 9.98
C ASN A 683 53.78 51.92 9.25
N ASN A 684 54.94 51.52 9.76
CA ASN A 684 56.18 51.67 9.00
C ASN A 684 57.09 50.46 9.14
N SER A 685 56.56 49.26 9.38
CA SER A 685 57.36 48.07 9.56
C SER A 685 56.85 46.95 8.66
N ILE A 686 57.78 46.22 8.05
CA ILE A 686 57.47 45.08 7.21
C ILE A 686 58.39 43.92 7.59
N ALA A 687 57.97 42.71 7.20
CA ALA A 687 58.77 41.51 7.37
C ALA A 687 58.97 40.85 6.02
N ILE A 688 60.21 40.51 5.69
CA ILE A 688 60.55 39.90 4.40
C ILE A 688 61.35 38.63 4.65
N PRO A 689 60.93 37.49 4.09
CA PRO A 689 61.70 36.25 4.31
C PRO A 689 63.07 36.31 3.65
N THR A 690 64.04 35.66 4.27
CA THR A 690 65.40 35.58 3.76
C THR A 690 65.78 34.19 3.28
N ASN A 691 64.91 33.20 3.45
CA ASN A 691 65.18 31.84 3.04
C ASN A 691 63.85 31.20 2.62
N PHE A 692 63.90 29.93 2.24
CA PHE A 692 62.70 29.24 1.80
C PHE A 692 62.84 27.75 2.02
N THR A 693 61.69 27.07 2.07
CA THR A 693 61.64 25.61 2.18
C THR A 693 60.59 25.12 1.19
N ILE A 694 60.94 24.12 0.39
CA ILE A 694 59.98 23.52 -0.53
C ILE A 694 59.47 22.22 0.08
N SER A 695 58.15 22.03 0.04
CA SER A 695 57.50 20.92 0.72
C SER A 695 56.62 20.14 -0.24
N VAL A 696 56.44 18.86 0.02
CA VAL A 696 55.61 17.97 -0.79
C VAL A 696 54.51 17.42 0.12
N THR A 697 53.27 17.53 -0.35
CA THR A 697 52.11 17.05 0.39
C THR A 697 51.28 16.14 -0.51
N THR A 698 50.51 15.25 0.11
CA THR A 698 49.74 14.25 -0.60
C THR A 698 48.25 14.53 -0.46
N GLU A 699 47.50 14.28 -1.53
CA GLU A 699 46.05 14.42 -1.55
C GLU A 699 45.45 13.14 -2.13
N ILE A 700 44.45 12.60 -1.44
CA ILE A 700 43.80 11.34 -1.84
C ILE A 700 42.36 11.65 -2.20
N LEU A 701 41.92 11.17 -3.36
CA LEU A 701 40.57 11.41 -3.86
C LEU A 701 39.99 10.16 -4.51
N PRO A 702 38.89 9.62 -4.01
CA PRO A 702 38.24 8.49 -4.68
C PRO A 702 37.68 8.89 -6.04
N VAL A 703 37.77 7.96 -6.99
CA VAL A 703 37.42 8.24 -8.37
C VAL A 703 36.28 7.34 -8.82
N SER A 704 36.20 6.13 -8.27
CA SER A 704 35.21 5.17 -8.70
C SER A 704 34.95 4.17 -7.59
N MET A 705 33.86 3.41 -7.74
CA MET A 705 33.48 2.39 -6.78
C MET A 705 33.19 1.09 -7.52
N THR A 706 32.66 0.11 -6.78
CA THR A 706 32.47 -1.22 -7.31
C THR A 706 31.25 -1.30 -8.20
N LYS A 707 31.38 -2.04 -9.30
CA LYS A 707 30.26 -2.32 -10.21
C LYS A 707 29.59 -3.60 -9.76
N THR A 708 28.29 -3.54 -9.52
CA THR A 708 27.53 -4.68 -9.01
C THR A 708 26.32 -4.98 -9.88
N SER A 709 25.89 -6.23 -9.87
CA SER A 709 24.71 -6.67 -10.59
C SER A 709 23.80 -7.45 -9.66
N VAL A 710 22.54 -7.57 -10.02
CA VAL A 710 21.54 -8.23 -9.17
C VAL A 710 20.72 -9.18 -10.03
N ASP A 711 20.15 -10.21 -9.40
CA ASP A 711 19.23 -11.12 -10.07
C ASP A 711 17.93 -11.12 -9.26
N CYS A 712 16.83 -10.76 -9.91
CA CYS A 712 15.55 -10.69 -9.22
C CYS A 712 15.07 -12.07 -8.78
N THR A 713 14.92 -13.00 -9.72
CA THR A 713 14.34 -14.29 -9.40
C THR A 713 15.20 -15.05 -8.40
N MET A 714 16.52 -15.04 -8.61
CA MET A 714 17.41 -15.78 -7.72
C MET A 714 17.37 -15.23 -6.30
N TYR A 715 17.33 -13.90 -6.15
CA TYR A 715 17.33 -13.31 -4.82
C TYR A 715 15.98 -13.48 -4.13
N ILE A 716 14.89 -13.22 -4.86
CA ILE A 716 13.57 -13.19 -4.23
C ILE A 716 12.96 -14.58 -4.15
N CYS A 717 12.77 -15.23 -5.30
CA CYS A 717 12.04 -16.49 -5.36
C CYS A 717 12.91 -17.70 -5.02
N GLY A 718 14.23 -17.53 -4.96
CA GLY A 718 15.11 -18.64 -4.61
C GLY A 718 15.08 -19.81 -5.57
N ASP A 719 14.93 -19.52 -6.86
CA ASP A 719 14.91 -20.56 -7.91
C ASP A 719 13.81 -21.59 -7.65
N SER A 720 12.64 -21.10 -7.23
CA SER A 720 11.46 -21.93 -7.06
C SER A 720 10.45 -21.56 -8.14
N THR A 721 9.96 -22.56 -8.86
CA THR A 721 9.10 -22.31 -10.02
C THR A 721 7.75 -21.72 -9.62
N GLU A 722 7.22 -22.12 -8.46
CA GLU A 722 5.90 -21.63 -8.04
C GLU A 722 5.92 -20.11 -7.82
N CYS A 723 6.99 -19.61 -7.21
CA CYS A 723 7.12 -18.18 -6.93
C CYS A 723 7.39 -17.34 -8.17
N SER A 724 8.09 -17.90 -9.17
CA SER A 724 8.45 -17.11 -10.34
C SER A 724 7.21 -16.65 -11.11
N ASN A 725 6.20 -17.52 -11.22
CA ASN A 725 4.98 -17.16 -11.92
C ASN A 725 4.23 -16.05 -11.19
N LEU A 726 4.32 -16.03 -9.87
CA LEU A 726 3.67 -14.95 -9.11
C LEU A 726 4.47 -13.66 -9.19
N LEU A 727 5.80 -13.77 -9.31
CA LEU A 727 6.65 -12.59 -9.34
C LEU A 727 6.42 -11.74 -10.59
N LEU A 728 6.20 -12.36 -11.75
CA LEU A 728 6.01 -11.59 -12.97
C LEU A 728 4.69 -10.81 -12.95
N GLN A 729 3.84 -11.09 -11.97
CA GLN A 729 2.57 -10.39 -11.84
C GLN A 729 2.74 -9.01 -11.21
N TYR A 730 3.91 -8.72 -10.65
CA TYR A 730 4.12 -7.47 -9.91
C TYR A 730 4.54 -6.30 -10.79
N GLY A 731 4.77 -6.51 -12.09
CA GLY A 731 5.07 -5.40 -12.96
C GLY A 731 6.51 -5.34 -13.45
N SER A 732 7.01 -4.13 -13.69
CA SER A 732 8.31 -3.91 -14.32
C SER A 732 9.33 -3.31 -13.35
N PHE A 733 9.35 -3.76 -12.10
CA PHE A 733 10.32 -3.23 -11.14
C PHE A 733 11.73 -3.71 -11.48
N CYS A 734 11.85 -4.95 -11.93
CA CYS A 734 13.16 -5.52 -12.21
C CYS A 734 13.87 -4.81 -13.35
N THR A 735 13.12 -4.45 -14.39
CA THR A 735 13.72 -3.66 -15.47
C THR A 735 14.26 -2.35 -14.95
N GLN A 736 13.53 -1.70 -14.04
CA GLN A 736 13.98 -0.46 -13.44
C GLN A 736 15.29 -0.65 -12.68
N LEU A 737 15.36 -1.71 -11.86
CA LEU A 737 16.56 -1.95 -11.07
C LEU A 737 17.77 -2.27 -11.97
N LYS A 738 17.56 -3.09 -13.00
CA LYS A 738 18.65 -3.40 -13.92
C LYS A 738 19.12 -2.16 -14.65
N ARG A 739 18.19 -1.31 -15.09
CA ARG A 739 18.58 -0.07 -15.75
C ARG A 739 19.40 0.82 -14.83
N ALA A 740 18.97 0.95 -13.57
CA ALA A 740 19.70 1.78 -12.63
C ALA A 740 21.11 1.28 -12.40
N LEU A 741 21.26 -0.03 -12.18
CA LEU A 741 22.60 -0.56 -11.91
C LEU A 741 23.50 -0.48 -13.14
N THR A 742 22.93 -0.71 -14.34
CA THR A 742 23.72 -0.56 -15.56
C THR A 742 24.20 0.88 -15.73
N GLY A 743 23.31 1.85 -15.47
CA GLY A 743 23.72 3.24 -15.53
C GLY A 743 24.84 3.55 -14.55
N ILE A 744 24.76 2.99 -13.34
CA ILE A 744 25.81 3.21 -12.35
C ILE A 744 27.14 2.66 -12.84
N ALA A 745 27.12 1.45 -13.42
CA ALA A 745 28.36 0.85 -13.90
C ALA A 745 29.00 1.68 -15.03
N VAL A 746 28.17 2.10 -16.00
CA VAL A 746 28.69 2.96 -17.06
C VAL A 746 29.21 4.28 -16.51
N GLU A 747 28.56 4.80 -15.47
CA GLU A 747 29.05 6.01 -14.83
C GLU A 747 30.43 5.81 -14.22
N GLN A 748 30.65 4.66 -13.57
CA GLN A 748 31.97 4.39 -13.00
C GLN A 748 33.04 4.33 -14.08
N ASP A 749 32.74 3.65 -15.19
CA ASP A 749 33.71 3.59 -16.28
C ASP A 749 34.00 4.98 -16.84
N LYS A 750 32.95 5.79 -17.00
CA LYS A 750 33.14 7.16 -17.51
C LYS A 750 33.96 7.99 -16.55
N ASN A 751 33.75 7.83 -15.24
CA ASN A 751 34.54 8.55 -14.25
C ASN A 751 36.02 8.23 -14.41
N THR A 752 36.35 6.93 -14.49
CA THR A 752 37.75 6.56 -14.63
C THR A 752 38.35 7.11 -15.92
N GLN A 753 37.61 7.00 -17.03
CA GLN A 753 38.10 7.50 -18.31
C GLN A 753 38.33 9.01 -18.25
N GLU A 754 37.40 9.74 -17.65
CA GLU A 754 37.53 11.19 -17.56
C GLU A 754 38.74 11.59 -16.73
N VAL A 755 38.96 10.91 -15.60
CA VAL A 755 40.06 11.30 -14.72
C VAL A 755 41.41 10.97 -15.35
N PHE A 756 41.57 9.76 -15.91
CA PHE A 756 42.90 9.28 -16.23
C PHE A 756 43.29 9.38 -17.70
N ALA A 757 42.33 9.49 -18.63
CA ALA A 757 42.63 9.42 -20.05
C ALA A 757 42.71 10.81 -20.69
N GLN A 758 43.25 11.79 -19.98
CA GLN A 758 43.33 13.15 -20.51
C GLN A 758 44.49 13.36 -21.47
N VAL A 759 45.43 12.42 -21.58
CA VAL A 759 46.60 12.58 -22.41
C VAL A 759 46.36 11.87 -23.75
N LYS A 760 46.70 12.55 -24.85
CA LYS A 760 46.47 12.00 -26.17
C LYS A 760 47.49 10.92 -26.55
N GLN A 761 48.74 11.08 -26.15
CA GLN A 761 49.82 10.19 -26.58
C GLN A 761 50.56 9.66 -25.36
N ILE A 762 51.19 8.50 -25.54
CA ILE A 762 51.92 7.82 -24.46
C ILE A 762 53.37 8.28 -24.55
N TYR A 763 53.70 9.30 -23.76
CA TYR A 763 55.07 9.81 -23.72
C TYR A 763 55.98 8.85 -22.96
N LYS A 764 57.25 8.84 -23.36
CA LYS A 764 58.25 7.97 -22.74
C LYS A 764 59.41 8.81 -22.22
N THR A 765 59.89 8.47 -21.03
CA THR A 765 61.01 9.18 -20.45
C THR A 765 62.32 8.72 -21.11
N PRO A 766 63.29 9.62 -21.24
CA PRO A 766 64.58 9.24 -21.85
C PRO A 766 65.30 8.21 -21.00
N PRO A 767 66.10 7.35 -21.62
CA PRO A 767 66.81 6.32 -20.84
C PRO A 767 67.80 6.89 -19.84
N ILE A 768 68.44 8.02 -20.17
CA ILE A 768 69.38 8.67 -19.27
C ILE A 768 68.61 9.56 -18.31
N LYS A 769 68.36 9.07 -17.10
CA LYS A 769 67.52 9.78 -16.13
C LYS A 769 68.38 10.69 -15.25
N TYR A 770 68.81 11.79 -15.86
CA TYR A 770 69.48 12.88 -15.14
C TYR A 770 68.77 14.19 -15.47
N PHE A 771 68.21 14.83 -14.46
CA PHE A 771 67.40 16.03 -14.64
C PHE A 771 67.95 17.17 -13.80
N GLY A 772 69.27 17.33 -13.83
CA GLY A 772 69.93 18.41 -13.11
C GLY A 772 69.87 18.30 -11.60
N GLY A 773 70.04 17.08 -11.06
CA GLY A 773 70.15 16.89 -9.63
C GLY A 773 68.92 16.36 -8.94
N PHE A 774 67.85 16.08 -9.67
CA PHE A 774 66.61 15.66 -9.02
C PHE A 774 66.45 14.14 -9.02
N ASN A 775 65.79 13.65 -7.98
CA ASN A 775 65.47 12.24 -7.70
C ASN A 775 63.99 11.95 -7.92
N PHE A 776 63.64 11.55 -9.13
CA PHE A 776 62.29 11.10 -9.46
C PHE A 776 62.15 9.59 -9.46
N SER A 777 63.08 8.88 -8.82
CA SER A 777 63.02 7.42 -8.83
C SER A 777 61.84 6.90 -8.02
N GLN A 778 61.43 7.64 -6.98
CA GLN A 778 60.30 7.23 -6.17
C GLN A 778 58.98 7.30 -6.93
N ILE A 779 58.91 8.08 -8.00
CA ILE A 779 57.67 8.26 -8.74
C ILE A 779 57.72 7.67 -10.14
N LEU A 780 58.89 7.30 -10.65
CA LEU A 780 58.96 6.72 -11.97
C LEU A 780 58.80 5.20 -11.90
N PRO A 781 58.26 4.57 -12.94
CA PRO A 781 57.97 3.14 -12.87
C PRO A 781 59.23 2.28 -12.78
N ASP A 782 59.08 1.13 -12.12
CA ASP A 782 60.18 0.19 -11.99
C ASP A 782 60.31 -0.67 -13.24
N PRO A 783 61.51 -0.78 -13.81
CA PRO A 783 61.70 -1.62 -14.99
C PRO A 783 61.66 -3.11 -14.65
N SER A 784 61.86 -3.44 -13.38
CA SER A 784 62.00 -4.83 -12.96
C SER A 784 60.68 -5.48 -12.57
N LYS A 785 59.82 -4.79 -11.82
CA LYS A 785 58.60 -5.40 -11.35
C LYS A 785 57.65 -5.70 -12.51
N PRO A 786 56.99 -6.86 -12.50
CA PRO A 786 56.06 -7.18 -13.61
C PRO A 786 54.92 -6.20 -13.73
N SER A 787 54.46 -5.63 -12.61
CA SER A 787 53.36 -4.68 -12.65
C SER A 787 53.78 -3.33 -13.22
N LYS A 788 55.09 -3.08 -13.33
CA LYS A 788 55.64 -1.82 -13.83
C LYS A 788 55.19 -0.62 -13.01
N ARG A 789 54.96 -0.81 -11.72
CA ARG A 789 54.56 0.28 -10.85
C ARG A 789 55.77 0.86 -10.13
N SER A 790 55.62 2.11 -9.70
CA SER A 790 56.67 2.79 -8.95
C SER A 790 56.68 2.32 -7.50
N PHE A 791 57.59 2.91 -6.72
CA PHE A 791 57.68 2.58 -5.30
C PHE A 791 56.44 3.03 -4.55
N ILE A 792 56.05 4.30 -4.73
CA ILE A 792 54.92 4.85 -4.01
C ILE A 792 53.62 4.17 -4.44
N GLU A 793 53.51 3.83 -5.73
CA GLU A 793 52.34 3.11 -6.19
C GLU A 793 52.25 1.72 -5.57
N ASP A 794 53.39 1.03 -5.45
CA ASP A 794 53.39 -0.26 -4.77
C ASP A 794 52.96 -0.12 -3.31
N LEU A 795 53.47 0.90 -2.62
CA LEU A 795 53.07 1.11 -1.24
C LEU A 795 51.56 1.36 -1.15
N LEU A 796 51.04 2.20 -2.03
CA LEU A 796 49.61 2.52 -2.00
C LEU A 796 48.76 1.29 -2.28
N PHE A 797 49.18 0.46 -3.23
CA PHE A 797 48.41 -0.74 -3.55
C PHE A 797 48.47 -1.77 -2.43
N ASN A 798 49.60 -1.86 -1.74
CA ASN A 798 49.70 -2.79 -0.61
C ASN A 798 48.96 -2.28 0.63
N LYS A 799 48.86 -0.97 0.79
CA LYS A 799 48.25 -0.41 2.00
C LYS A 799 46.75 -0.66 2.07
N VAL A 800 46.06 -0.57 0.94
CA VAL A 800 44.60 -0.72 0.90
C VAL A 800 44.29 -2.02 0.17
N THR A 801 43.43 -2.84 0.79
CA THR A 801 43.08 -4.16 0.26
C THR A 801 41.56 -4.30 0.22
N LEU A 802 41.10 -5.18 -0.66
CA LEU A 802 39.67 -5.42 -0.81
C LEU A 802 39.10 -6.12 0.42
N PHE A 829 25.71 -18.31 -5.04
CA PHE A 829 25.39 -16.99 -4.50
C PHE A 829 23.89 -16.85 -4.27
N LYS A 830 23.45 -15.60 -4.13
CA LYS A 830 22.04 -15.25 -4.02
C LYS A 830 21.60 -14.36 -5.17
N GLY A 831 22.39 -14.33 -6.25
CA GLY A 831 22.11 -13.48 -7.39
C GLY A 831 22.85 -12.16 -7.41
N LEU A 832 23.83 -11.98 -6.55
CA LEU A 832 24.57 -10.72 -6.44
C LEU A 832 26.00 -10.93 -6.92
N THR A 833 26.35 -10.27 -8.02
CA THR A 833 27.66 -10.45 -8.65
C THR A 833 28.36 -9.11 -8.80
N VAL A 834 29.65 -9.18 -9.11
CA VAL A 834 30.52 -8.01 -9.27
C VAL A 834 31.12 -8.06 -10.67
N LEU A 835 31.10 -6.92 -11.36
CA LEU A 835 31.63 -6.85 -12.72
C LEU A 835 33.04 -6.25 -12.71
N PRO A 836 33.92 -6.71 -13.60
CA PRO A 836 35.28 -6.18 -13.61
C PRO A 836 35.32 -4.82 -14.32
N PRO A 837 36.21 -3.93 -13.89
CA PRO A 837 36.32 -2.63 -14.55
C PRO A 837 36.94 -2.76 -15.94
N LEU A 838 36.60 -1.79 -16.79
CA LEU A 838 37.09 -1.80 -18.17
C LEU A 838 38.60 -1.61 -18.22
N LEU A 839 39.12 -0.67 -17.43
CA LEU A 839 40.54 -0.36 -17.41
C LEU A 839 41.21 -1.14 -16.28
N THR A 840 42.17 -1.98 -16.62
CA THR A 840 42.96 -2.68 -15.62
C THR A 840 43.93 -1.71 -14.94
N ASP A 841 44.52 -2.16 -13.83
CA ASP A 841 45.44 -1.31 -13.09
C ASP A 841 46.69 -1.01 -13.91
N GLU A 842 47.09 -1.95 -14.77
CA GLU A 842 48.26 -1.72 -15.62
C GLU A 842 48.03 -0.57 -16.59
N MET A 843 46.82 -0.48 -17.15
CA MET A 843 46.51 0.59 -18.09
C MET A 843 46.51 1.94 -17.39
N ILE A 844 45.95 2.01 -16.18
CA ILE A 844 45.97 3.25 -15.41
C ILE A 844 47.39 3.64 -15.05
N ALA A 845 48.22 2.65 -14.69
CA ALA A 845 49.63 2.94 -14.41
C ALA A 845 50.35 3.45 -15.66
N GLN A 846 50.01 2.91 -16.83
CA GLN A 846 50.58 3.41 -18.07
C GLN A 846 50.18 4.87 -18.32
N TYR A 847 48.91 5.20 -18.09
CA TYR A 847 48.47 6.58 -18.23
C TYR A 847 49.23 7.51 -17.29
N THR A 848 49.39 7.07 -16.04
CA THR A 848 50.12 7.88 -15.06
C THR A 848 51.59 8.05 -15.48
N SER A 849 52.22 7.00 -15.98
CA SER A 849 53.60 7.10 -16.43
C SER A 849 53.71 8.06 -17.60
N ALA A 850 52.75 8.03 -18.51
CA ALA A 850 52.75 8.98 -19.63
C ALA A 850 52.65 10.40 -19.13
N LEU A 851 51.76 10.65 -18.17
CA LEU A 851 51.62 12.00 -17.62
C LEU A 851 52.91 12.46 -16.94
N LEU A 852 53.53 11.59 -16.15
CA LEU A 852 54.78 11.95 -15.47
C LEU A 852 55.88 12.25 -16.48
N ALA A 853 56.02 11.40 -17.50
CA ALA A 853 57.06 11.63 -18.50
C ALA A 853 56.83 12.94 -19.24
N GLY A 854 55.59 13.21 -19.62
CA GLY A 854 55.29 14.46 -20.31
C GLY A 854 55.59 15.68 -19.46
N THR A 855 55.19 15.65 -18.19
CA THR A 855 55.38 16.83 -17.35
C THR A 855 56.85 17.02 -16.97
N ILE A 856 57.60 15.93 -16.83
CA ILE A 856 59.01 16.05 -16.51
C ILE A 856 59.79 16.55 -17.72
N THR A 857 59.45 16.08 -18.92
CA THR A 857 60.25 16.38 -20.10
C THR A 857 59.85 17.68 -20.80
N SER A 858 58.58 18.08 -20.76
CA SER A 858 58.13 19.21 -21.55
C SER A 858 57.42 20.30 -20.76
N GLY A 859 57.30 20.18 -19.44
CA GLY A 859 56.64 21.23 -18.69
C GLY A 859 55.14 21.17 -18.87
N TRP A 860 54.50 22.34 -18.97
CA TRP A 860 53.07 22.41 -19.23
C TRP A 860 52.73 22.49 -20.71
N THR A 861 53.73 22.43 -21.58
CA THR A 861 53.48 22.61 -23.01
C THR A 861 52.69 21.44 -23.58
N PHE A 862 52.91 20.22 -23.07
CA PHE A 862 52.25 19.05 -23.63
C PHE A 862 50.75 19.07 -23.39
N GLY A 863 50.25 19.88 -22.45
CA GLY A 863 48.84 19.99 -22.19
C GLY A 863 48.11 21.06 -22.96
N ALA A 864 48.78 21.75 -23.89
CA ALA A 864 48.14 22.83 -24.63
C ALA A 864 48.45 22.78 -26.12
N GLY A 865 48.95 21.68 -26.64
CA GLY A 865 49.29 21.56 -28.04
C GLY A 865 50.45 20.59 -28.21
N ALA A 866 51.37 20.93 -29.12
CA ALA A 866 52.55 20.12 -29.32
C ALA A 866 53.45 20.17 -28.09
N ALA A 867 54.08 19.04 -27.77
CA ALA A 867 54.96 18.95 -26.62
C ALA A 867 56.35 19.47 -27.01
N LEU A 868 56.81 20.49 -26.29
CA LEU A 868 58.09 21.13 -26.55
C LEU A 868 59.04 20.86 -25.39
N GLN A 869 60.21 20.34 -25.70
CA GLN A 869 61.17 19.97 -24.67
C GLN A 869 61.83 21.22 -24.07
N ILE A 870 62.28 21.09 -22.83
CA ILE A 870 62.96 22.18 -22.12
C ILE A 870 63.72 21.57 -20.95
N PRO A 871 64.95 22.02 -20.67
CA PRO A 871 65.68 21.49 -19.51
C PRO A 871 64.92 21.76 -18.22
N PHE A 872 65.04 20.83 -17.27
CA PHE A 872 64.24 20.90 -16.05
C PHE A 872 64.60 22.12 -15.22
N ALA A 873 65.88 22.49 -15.19
CA ALA A 873 66.30 23.67 -14.42
C ALA A 873 65.63 24.93 -14.95
N MET A 874 65.56 25.10 -16.27
CA MET A 874 64.91 26.26 -16.83
C MET A 874 63.41 26.22 -16.60
N GLN A 875 62.81 25.03 -16.63
CA GLN A 875 61.39 24.91 -16.33
C GLN A 875 61.09 25.34 -14.90
N MET A 876 61.93 24.93 -13.95
CA MET A 876 61.71 25.32 -12.56
C MET A 876 62.01 26.79 -12.34
N ALA A 877 62.94 27.37 -13.11
CA ALA A 877 63.14 28.81 -13.07
C ALA A 877 61.90 29.54 -13.55
N TYR A 878 61.27 29.05 -14.62
CA TYR A 878 60.00 29.61 -15.08
C TYR A 878 58.94 29.51 -13.98
N ARG A 879 58.90 28.36 -13.30
CA ARG A 879 57.89 28.17 -12.26
C ARG A 879 58.13 29.08 -11.06
N PHE A 880 59.40 29.42 -10.78
CA PHE A 880 59.67 30.45 -9.78
C PHE A 880 59.23 31.83 -10.26
N ASN A 881 59.49 32.15 -11.52
CA ASN A 881 58.99 33.42 -12.06
C ASN A 881 57.47 33.49 -11.99
N GLY A 882 56.80 32.34 -12.05
CA GLY A 882 55.35 32.30 -11.96
C GLY A 882 54.79 32.64 -10.60
N ILE A 883 55.58 32.50 -9.54
CA ILE A 883 55.12 32.78 -8.19
C ILE A 883 55.67 34.10 -7.65
N GLY A 884 56.35 34.88 -8.50
CA GLY A 884 56.83 36.18 -8.09
C GLY A 884 58.25 36.22 -7.58
N VAL A 885 59.05 35.19 -7.82
CA VAL A 885 60.45 35.15 -7.42
C VAL A 885 61.29 35.08 -8.68
N THR A 886 62.36 35.88 -8.73
CA THR A 886 63.20 35.93 -9.92
C THR A 886 63.94 34.62 -10.11
N GLN A 887 64.34 34.34 -11.36
CA GLN A 887 64.95 33.06 -11.68
C GLN A 887 66.40 32.95 -11.21
N ASN A 888 67.07 34.07 -10.98
CA ASN A 888 68.44 34.00 -10.50
C ASN A 888 68.50 33.36 -9.11
N VAL A 889 67.41 33.45 -8.35
CA VAL A 889 67.36 32.76 -7.06
C VAL A 889 67.56 31.26 -7.26
N LEU A 890 66.84 30.66 -8.21
CA LEU A 890 67.04 29.25 -8.51
C LEU A 890 68.43 29.01 -9.11
N TYR A 891 68.87 29.86 -10.02
CA TYR A 891 70.14 29.60 -10.70
C TYR A 891 71.30 29.72 -9.72
N GLU A 892 71.08 30.32 -8.55
CA GLU A 892 72.11 30.37 -7.53
C GLU A 892 71.87 29.41 -6.36
N ASN A 893 70.66 28.87 -6.20
CA ASN A 893 70.40 27.92 -5.13
C ASN A 893 69.90 26.58 -5.66
N GLN A 894 70.32 26.21 -6.88
CA GLN A 894 69.85 24.97 -7.50
C GLN A 894 70.17 23.74 -6.66
N LYS A 895 71.40 23.65 -6.14
CA LYS A 895 71.77 22.47 -5.37
C LYS A 895 70.93 22.35 -4.10
N LEU A 896 70.73 23.47 -3.40
CA LEU A 896 69.91 23.44 -2.19
C LEU A 896 68.46 23.07 -2.50
N ILE A 897 67.90 23.62 -3.58
CA ILE A 897 66.52 23.31 -3.94
C ILE A 897 66.39 21.83 -4.29
N ALA A 898 67.36 21.30 -5.04
CA ALA A 898 67.33 19.88 -5.39
C ALA A 898 67.40 19.01 -4.14
N ASN A 899 68.26 19.36 -3.20
CA ASN A 899 68.38 18.57 -1.97
C ASN A 899 67.09 18.61 -1.16
N GLN A 900 66.46 19.79 -1.07
CA GLN A 900 65.20 19.89 -0.33
C GLN A 900 64.10 19.07 -0.99
N PHE A 901 64.00 19.14 -2.32
CA PHE A 901 63.02 18.34 -3.03
C PHE A 901 63.25 16.85 -2.79
N ASN A 902 64.51 16.42 -2.85
CA ASN A 902 64.84 15.02 -2.67
C ASN A 902 64.49 14.55 -1.26
N SER A 903 64.81 15.37 -0.26
CA SER A 903 64.49 15.00 1.12
C SER A 903 62.97 14.91 1.32
N ALA A 904 62.21 15.85 0.76
CA ALA A 904 60.76 15.79 0.88
C ALA A 904 60.18 14.55 0.21
N ILE A 905 60.68 14.23 -0.98
CA ILE A 905 60.19 13.05 -1.69
C ILE A 905 60.53 11.78 -0.91
N GLY A 906 61.73 11.72 -0.34
CA GLY A 906 62.09 10.58 0.48
C GLY A 906 61.22 10.45 1.72
N LYS A 907 60.88 11.58 2.35
CA LYS A 907 60.06 11.54 3.55
C LYS A 907 58.61 11.20 3.26
N ILE A 908 58.13 11.46 2.03
CA ILE A 908 56.76 11.10 1.67
C ILE A 908 56.54 9.59 1.82
N GLN A 909 57.54 8.80 1.44
CA GLN A 909 57.43 7.34 1.56
C GLN A 909 57.16 6.93 3.00
N ASP A 910 57.99 7.41 3.93
CA ASP A 910 57.83 7.06 5.33
C ASP A 910 56.52 7.62 5.90
N SER A 911 56.13 8.82 5.46
CA SER A 911 54.88 9.40 5.95
C SER A 911 53.68 8.55 5.54
N LEU A 912 53.67 8.07 4.30
CA LEU A 912 52.58 7.20 3.86
C LEU A 912 52.64 5.85 4.56
N SER A 913 53.84 5.31 4.76
CA SER A 913 53.95 3.97 5.34
C SER A 913 53.53 3.95 6.81
N SER A 914 54.04 4.91 7.60
CA SER A 914 53.81 4.87 9.04
C SER A 914 52.35 5.16 9.40
N THR A 915 51.73 6.12 8.71
CA THR A 915 50.36 6.50 9.04
C THR A 915 49.40 5.34 8.82
N ALA A 916 48.53 5.11 9.80
CA ALA A 916 47.56 4.02 9.72
C ALA A 916 46.26 4.42 9.05
N SER A 917 46.04 5.71 8.78
CA SER A 917 44.80 6.17 8.19
C SER A 917 45.04 7.14 7.04
N ALA A 918 46.15 6.97 6.32
CA ALA A 918 46.43 7.85 5.19
C ALA A 918 45.44 7.63 4.05
N LEU A 919 45.12 6.37 3.75
CA LEU A 919 44.22 6.02 2.66
C LEU A 919 42.83 5.69 3.16
N GLY A 920 42.35 6.44 4.15
CA GLY A 920 41.08 6.11 4.78
C GLY A 920 39.88 6.18 3.85
N LYS A 921 39.91 7.10 2.88
CA LYS A 921 38.73 7.33 2.04
C LYS A 921 38.44 6.14 1.13
N LEU A 922 39.48 5.60 0.47
CA LEU A 922 39.27 4.45 -0.41
C LEU A 922 38.85 3.23 0.39
N GLN A 923 39.44 3.03 1.57
CA GLN A 923 39.02 1.95 2.44
C GLN A 923 37.57 2.12 2.86
N ASP A 924 37.15 3.36 3.13
CA ASP A 924 35.75 3.61 3.48
C ASP A 924 34.83 3.25 2.32
N VAL A 925 35.22 3.59 1.09
CA VAL A 925 34.40 3.23 -0.07
C VAL A 925 34.25 1.72 -0.16
N VAL A 926 35.37 1.00 -0.07
CA VAL A 926 35.34 -0.46 -0.17
C VAL A 926 34.48 -1.06 0.94
N ASN A 927 34.65 -0.56 2.17
CA ASN A 927 33.90 -1.08 3.31
C ASN A 927 32.42 -0.81 3.16
N HIS A 928 32.05 0.37 2.66
CA HIS A 928 30.64 0.69 2.46
C HIS A 928 30.00 -0.26 1.45
N ASN A 929 30.69 -0.50 0.33
CA ASN A 929 30.14 -1.43 -0.66
C ASN A 929 30.00 -2.83 -0.07
N ALA A 930 31.02 -3.30 0.65
CA ALA A 930 30.97 -4.63 1.24
C ALA A 930 29.84 -4.76 2.25
N GLN A 931 29.68 -3.75 3.11
CA GLN A 931 28.63 -3.81 4.12
C GLN A 931 27.24 -3.76 3.49
N ALA A 932 27.06 -2.95 2.46
CA ALA A 932 25.76 -2.91 1.79
C ALA A 932 25.42 -4.27 1.18
N LEU A 933 26.38 -4.89 0.51
CA LEU A 933 26.10 -6.19 -0.09
C LEU A 933 25.87 -7.25 0.98
N ASN A 934 26.63 -7.18 2.08
CA ASN A 934 26.48 -8.15 3.16
C ASN A 934 25.12 -8.05 3.82
N THR A 935 24.64 -6.83 4.08
CA THR A 935 23.32 -6.69 4.68
C THR A 935 22.21 -7.08 3.71
N LEU A 936 22.42 -6.84 2.41
CA LEU A 936 21.44 -7.33 1.42
C LEU A 936 21.35 -8.85 1.46
N VAL A 937 22.49 -9.53 1.59
CA VAL A 937 22.47 -10.99 1.72
C VAL A 937 21.80 -11.40 3.03
N LYS A 938 22.11 -10.71 4.13
CA LYS A 938 21.69 -11.16 5.45
C LYS A 938 20.19 -10.95 5.66
N GLN A 939 19.61 -9.93 5.03
CA GLN A 939 18.22 -9.60 5.32
C GLN A 939 17.24 -10.66 4.82
N LEU A 940 17.69 -11.63 4.01
CA LEU A 940 16.79 -12.67 3.53
C LEU A 940 16.24 -13.53 4.67
N SER A 941 16.95 -13.62 5.79
CA SER A 941 16.58 -14.52 6.87
C SER A 941 15.34 -14.06 7.64
N SER A 942 14.89 -12.82 7.44
CA SER A 942 13.73 -12.34 8.17
C SER A 942 12.44 -12.87 7.56
N LYS A 943 11.42 -13.02 8.40
CA LYS A 943 10.17 -13.66 7.97
C LYS A 943 9.17 -12.67 7.42
N PHE A 944 9.26 -11.39 7.80
CA PHE A 944 8.35 -10.34 7.34
C PHE A 944 6.90 -10.64 7.70
N GLY A 945 6.69 -11.31 8.84
CA GLY A 945 5.35 -11.62 9.29
C GLY A 945 4.80 -12.95 8.82
N ALA A 946 5.49 -13.65 7.92
CA ALA A 946 5.04 -14.95 7.48
C ALA A 946 5.40 -16.01 8.52
N ILE A 947 4.92 -17.24 8.27
CA ILE A 947 5.21 -18.33 9.20
C ILE A 947 6.67 -18.72 9.15
N SER A 948 7.30 -18.59 7.98
CA SER A 948 8.70 -18.95 7.83
C SER A 948 9.30 -18.12 6.71
N SER A 949 10.63 -18.06 6.70
CA SER A 949 11.36 -17.31 5.69
C SER A 949 11.76 -18.17 4.49
N VAL A 950 11.32 -19.41 4.43
CA VAL A 950 11.66 -20.33 3.34
C VAL A 950 10.40 -20.57 2.53
N LEU A 951 10.49 -20.35 1.21
CA LEU A 951 9.35 -20.53 0.33
C LEU A 951 8.97 -22.00 0.22
N ASN A 952 9.97 -22.89 0.23
CA ASN A 952 9.73 -24.31 0.04
C ASN A 952 8.85 -24.86 1.16
N ASP A 953 9.12 -24.49 2.41
CA ASP A 953 8.31 -24.98 3.52
C ASP A 953 6.87 -24.47 3.42
N ILE A 954 6.70 -23.19 3.08
CA ILE A 954 5.37 -22.61 2.97
C ILE A 954 4.57 -23.34 1.90
N PHE A 955 5.19 -23.59 0.76
CA PHE A 955 4.49 -24.33 -0.29
C PHE A 955 4.26 -25.79 0.06
N SER A 956 5.16 -26.39 0.85
CA SER A 956 5.07 -27.81 1.14
C SER A 956 4.00 -28.12 2.17
N ARG A 957 3.82 -27.25 3.17
CA ARG A 957 2.96 -27.57 4.29
C ARG A 957 1.75 -26.64 4.44
N LEU A 958 1.33 -25.97 3.38
CA LEU A 958 0.09 -25.20 3.39
C LEU A 958 -0.65 -25.37 2.07
N ASP A 959 -1.96 -25.16 2.11
CA ASP A 959 -2.75 -25.12 0.89
C ASP A 959 -2.42 -23.86 0.10
N PRO A 960 -2.50 -23.93 -1.22
CA PRO A 960 -2.15 -22.77 -2.06
C PRO A 960 -2.95 -21.52 -1.71
N PRO A 961 -4.27 -21.62 -1.43
CA PRO A 961 -4.99 -20.41 -1.01
C PRO A 961 -4.43 -19.79 0.26
N GLU A 962 -3.93 -20.61 1.19
CA GLU A 962 -3.35 -20.08 2.42
C GLU A 962 -1.88 -19.73 2.28
N ALA A 963 -1.16 -20.37 1.35
CA ALA A 963 0.24 -20.05 1.13
C ALA A 963 0.41 -18.80 0.27
N GLU A 964 -0.63 -18.40 -0.45
CA GLU A 964 -0.53 -17.24 -1.34
C GLU A 964 -0.22 -15.97 -0.55
N VAL A 965 -0.87 -15.78 0.61
CA VAL A 965 -0.64 -14.57 1.39
C VAL A 965 0.77 -14.55 1.95
N GLN A 966 1.27 -15.71 2.40
CA GLN A 966 2.64 -15.78 2.91
C GLN A 966 3.65 -15.43 1.81
N ILE A 967 3.44 -15.99 0.62
CA ILE A 967 4.34 -15.70 -0.49
C ILE A 967 4.27 -14.22 -0.85
N ASP A 968 3.07 -13.63 -0.80
CA ASP A 968 2.93 -12.21 -1.09
C ASP A 968 3.69 -11.35 -0.09
N ARG A 969 3.59 -11.70 1.20
CA ARG A 969 4.31 -10.94 2.22
C ARG A 969 5.81 -11.01 2.00
N LEU A 970 6.33 -12.22 1.76
CA LEU A 970 7.77 -12.36 1.55
C LEU A 970 8.23 -11.61 0.31
N ILE A 971 7.47 -11.69 -0.78
CA ILE A 971 7.84 -11.00 -2.01
C ILE A 971 7.86 -9.50 -1.79
N THR A 972 6.85 -8.96 -1.09
CA THR A 972 6.81 -7.52 -0.84
C THR A 972 8.00 -7.08 0.00
N GLY A 973 8.32 -7.83 1.06
CA GLY A 973 9.47 -7.47 1.88
C GLY A 973 10.78 -7.47 1.12
N ARG A 974 11.00 -8.51 0.32
CA ARG A 974 12.25 -8.61 -0.42
C ARG A 974 12.35 -7.53 -1.49
N LEU A 975 11.23 -7.22 -2.16
CA LEU A 975 11.23 -6.13 -3.14
C LEU A 975 11.56 -4.81 -2.47
N GLN A 976 11.00 -4.55 -1.28
CA GLN A 976 11.32 -3.31 -0.58
C GLN A 976 12.79 -3.24 -0.23
N SER A 977 13.37 -4.34 0.25
CA SER A 977 14.79 -4.35 0.57
C SER A 977 15.65 -4.04 -0.66
N LEU A 978 15.32 -4.67 -1.79
CA LEU A 978 16.11 -4.46 -3.00
C LEU A 978 15.99 -3.03 -3.50
N GLN A 979 14.79 -2.45 -3.42
CA GLN A 979 14.61 -1.05 -3.81
C GLN A 979 15.41 -0.11 -2.93
N THR A 980 15.44 -0.36 -1.62
CA THR A 980 16.24 0.45 -0.73
C THR A 980 17.72 0.38 -1.10
N TYR A 981 18.21 -0.83 -1.38
CA TYR A 981 19.60 -0.98 -1.81
C TYR A 981 19.89 -0.15 -3.06
N VAL A 982 18.98 -0.20 -4.04
CA VAL A 982 19.20 0.53 -5.29
C VAL A 982 19.26 2.04 -5.02
N THR A 983 18.36 2.55 -4.18
CA THR A 983 18.36 3.98 -3.89
C THR A 983 19.66 4.42 -3.22
N GLN A 984 20.14 3.65 -2.23
CA GLN A 984 21.39 4.00 -1.59
C GLN A 984 22.55 3.96 -2.58
N GLN A 985 22.54 2.98 -3.49
CA GLN A 985 23.59 2.91 -4.50
C GLN A 985 23.56 4.13 -5.40
N LEU A 986 22.38 4.61 -5.78
CA LEU A 986 22.29 5.79 -6.62
C LEU A 986 22.87 7.02 -5.93
N ILE A 987 22.54 7.19 -4.64
CA ILE A 987 23.06 8.35 -3.91
C ILE A 987 24.59 8.28 -3.81
N ARG A 988 25.12 7.11 -3.48
CA ARG A 988 26.57 6.96 -3.40
C ARG A 988 27.24 7.18 -4.75
N ALA A 989 26.60 6.75 -5.85
CA ALA A 989 27.16 6.97 -7.17
C ALA A 989 27.23 8.46 -7.49
N ALA A 990 26.20 9.23 -7.11
CA ALA A 990 26.25 10.67 -7.32
C ALA A 990 27.40 11.29 -6.55
N GLU A 991 27.59 10.89 -5.29
CA GLU A 991 28.71 11.42 -4.51
C GLU A 991 30.06 11.10 -5.15
N ILE A 992 30.21 9.85 -5.60
CA ILE A 992 31.47 9.44 -6.22
C ILE A 992 31.70 10.21 -7.53
N ARG A 993 30.62 10.50 -8.27
CA ARG A 993 30.76 11.29 -9.48
C ARG A 993 31.25 12.69 -9.17
N ALA A 994 30.72 13.31 -8.12
CA ALA A 994 31.22 14.62 -7.72
C ALA A 994 32.71 14.57 -7.39
N SER A 995 33.11 13.54 -6.63
CA SER A 995 34.53 13.42 -6.27
C SER A 995 35.41 13.21 -7.51
N ALA A 996 34.92 12.42 -8.47
CA ALA A 996 35.69 12.18 -9.69
C ALA A 996 35.83 13.46 -10.52
N ASN A 997 34.77 14.26 -10.60
CA ASN A 997 34.87 15.55 -11.28
C ASN A 997 35.91 16.45 -10.62
N LEU A 998 35.91 16.47 -9.28
CA LEU A 998 36.94 17.24 -8.57
C LEU A 998 38.33 16.74 -8.90
N ALA A 999 38.51 15.41 -8.93
CA ALA A 999 39.83 14.86 -9.23
C ALA A 999 40.29 15.20 -10.64
N ALA A 1000 39.36 15.17 -11.60
CA ALA A 1000 39.71 15.55 -12.98
C ALA A 1000 40.11 17.02 -13.07
N THR A 1001 39.37 17.89 -12.39
CA THR A 1001 39.75 19.31 -12.37
C THR A 1001 41.12 19.51 -11.73
N LYS A 1002 41.39 18.79 -10.64
CA LYS A 1002 42.70 18.87 -10.00
C LYS A 1002 43.80 18.43 -10.95
N MET A 1003 43.59 17.33 -11.66
CA MET A 1003 44.58 16.90 -12.65
C MET A 1003 44.84 17.99 -13.66
N SER A 1004 43.78 18.52 -14.29
CA SER A 1004 43.94 19.48 -15.36
C SER A 1004 44.63 20.75 -14.89
N GLU A 1005 44.32 21.22 -13.68
CA GLU A 1005 44.81 22.52 -13.25
C GLU A 1005 46.10 22.47 -12.45
N CYS A 1006 46.44 21.35 -11.83
CA CYS A 1006 47.67 21.24 -11.05
C CYS A 1006 48.76 20.47 -11.77
N VAL A 1007 48.42 19.45 -12.55
CA VAL A 1007 49.44 18.63 -13.20
C VAL A 1007 49.81 19.17 -14.57
N LEU A 1008 48.81 19.60 -15.35
CA LEU A 1008 49.04 20.10 -16.69
C LEU A 1008 49.37 21.58 -16.73
N GLY A 1009 49.44 22.24 -15.58
CA GLY A 1009 49.79 23.65 -15.53
C GLY A 1009 50.17 24.06 -14.13
N GLN A 1010 50.36 25.37 -13.96
CA GLN A 1010 50.64 25.96 -12.65
C GLN A 1010 49.45 26.80 -12.23
N SER A 1011 48.98 26.60 -11.01
CA SER A 1011 47.74 27.17 -10.53
C SER A 1011 48.01 28.36 -9.62
N LYS A 1012 47.29 29.45 -9.86
CA LYS A 1012 47.35 30.63 -9.00
C LYS A 1012 46.27 30.64 -7.94
N ARG A 1013 45.33 29.69 -7.98
CA ARG A 1013 44.29 29.60 -6.97
C ARG A 1013 44.88 29.20 -5.63
N VAL A 1014 44.39 29.83 -4.56
CA VAL A 1014 44.96 29.65 -3.23
C VAL A 1014 44.46 28.35 -2.63
N ASP A 1015 45.39 27.53 -2.15
CA ASP A 1015 45.12 26.27 -1.45
C ASP A 1015 44.38 25.26 -2.31
N PHE A 1016 44.40 25.42 -3.63
CA PHE A 1016 43.81 24.44 -4.53
C PHE A 1016 44.74 23.28 -4.84
N CYS A 1017 46.03 23.54 -4.98
CA CYS A 1017 47.00 22.47 -5.22
C CYS A 1017 48.02 22.42 -4.08
N GLY A 1018 47.54 22.48 -2.84
CA GLY A 1018 48.40 22.35 -1.69
C GLY A 1018 48.57 23.67 -0.95
N LYS A 1019 49.22 23.58 0.22
CA LYS A 1019 49.48 24.75 1.05
C LYS A 1019 50.83 25.36 0.67
N GLY A 1020 50.82 26.63 0.32
CA GLY A 1020 52.01 27.32 -0.15
C GLY A 1020 51.85 27.81 -1.57
N TYR A 1021 52.93 28.36 -2.11
CA TYR A 1021 52.95 28.83 -3.49
C TYR A 1021 53.22 27.64 -4.41
N HIS A 1022 52.23 27.29 -5.23
CA HIS A 1022 52.27 26.08 -6.03
C HIS A 1022 53.37 26.15 -7.08
N LEU A 1023 54.12 25.05 -7.22
CA LEU A 1023 55.14 24.92 -8.25
C LEU A 1023 54.77 23.84 -9.28
N MET A 1024 54.53 22.62 -8.81
CA MET A 1024 54.15 21.52 -9.69
C MET A 1024 53.54 20.42 -8.84
N SER A 1025 52.91 19.45 -9.52
CA SER A 1025 52.30 18.30 -8.86
C SER A 1025 52.49 17.08 -9.73
N PHE A 1026 52.46 15.91 -9.09
CA PHE A 1026 52.64 14.63 -9.77
C PHE A 1026 51.51 13.69 -9.39
N PRO A 1027 50.84 13.07 -10.34
CA PRO A 1027 49.80 12.09 -10.03
C PRO A 1027 50.35 10.69 -9.79
N GLN A 1028 49.68 9.97 -8.90
CA GLN A 1028 49.99 8.57 -8.61
C GLN A 1028 48.71 7.77 -8.60
N SER A 1029 48.81 6.48 -8.89
CA SER A 1029 47.64 5.64 -9.02
C SER A 1029 47.31 4.93 -7.71
N ALA A 1030 46.03 4.74 -7.46
CA ALA A 1030 45.51 4.04 -6.30
C ALA A 1030 44.43 3.08 -6.76
N PRO A 1031 44.12 2.04 -5.97
CA PRO A 1031 43.15 1.04 -6.43
C PRO A 1031 41.78 1.60 -6.80
N HIS A 1032 41.26 2.57 -6.06
CA HIS A 1032 39.98 3.16 -6.42
C HIS A 1032 40.03 4.68 -6.48
N GLY A 1033 41.20 5.26 -6.70
CA GLY A 1033 41.31 6.70 -6.73
C GLY A 1033 42.65 7.13 -7.25
N VAL A 1034 43.00 8.38 -6.95
CA VAL A 1034 44.24 8.99 -7.42
C VAL A 1034 44.91 9.71 -6.25
N VAL A 1035 46.23 9.81 -6.30
CA VAL A 1035 47.03 10.47 -5.28
C VAL A 1035 47.86 11.55 -5.95
N PHE A 1036 47.79 12.77 -5.41
CA PHE A 1036 48.52 13.92 -5.94
C PHE A 1036 49.64 14.28 -4.99
N LEU A 1037 50.84 14.52 -5.52
CA LEU A 1037 51.97 14.97 -4.73
C LEU A 1037 52.23 16.43 -5.10
N HIS A 1038 51.85 17.34 -4.21
CA HIS A 1038 51.91 18.76 -4.50
C HIS A 1038 53.23 19.35 -4.01
N VAL A 1039 53.98 19.96 -4.92
CA VAL A 1039 55.22 20.65 -4.58
C VAL A 1039 54.92 22.15 -4.49
N THR A 1040 55.29 22.76 -3.37
CA THR A 1040 54.96 24.15 -3.09
C THR A 1040 56.17 24.89 -2.54
N TYR A 1041 56.07 26.22 -2.54
CA TYR A 1041 57.13 27.09 -2.05
C TYR A 1041 56.66 27.77 -0.76
N VAL A 1042 57.40 27.55 0.31
CA VAL A 1042 57.06 28.08 1.63
C VAL A 1042 58.18 29.01 2.08
N PRO A 1043 57.94 30.31 2.25
CA PRO A 1043 58.98 31.21 2.75
C PRO A 1043 59.29 30.91 4.21
N ALA A 1044 60.51 31.26 4.62
CA ALA A 1044 60.97 31.00 5.97
C ALA A 1044 62.04 32.00 6.36
N GLN A 1045 62.28 32.10 7.67
CA GLN A 1045 63.33 32.95 8.24
C GLN A 1045 63.15 34.42 7.85
N GLU A 1046 62.03 34.98 8.30
CA GLU A 1046 61.70 36.37 8.05
C GLU A 1046 62.53 37.30 8.95
N LYS A 1047 62.55 38.57 8.58
CA LYS A 1047 63.33 39.57 9.30
C LYS A 1047 62.58 40.90 9.29
N ASN A 1048 62.66 41.63 10.40
CA ASN A 1048 61.98 42.91 10.52
C ASN A 1048 62.71 43.99 9.74
N PHE A 1049 61.94 44.95 9.23
CA PHE A 1049 62.49 46.06 8.46
C PHE A 1049 61.64 47.29 8.64
N THR A 1050 62.16 48.42 8.20
CA THR A 1050 61.44 49.69 8.16
C THR A 1050 61.16 50.07 6.71
N THR A 1051 59.92 50.44 6.42
CA THR A 1051 59.48 50.66 5.05
C THR A 1051 58.94 52.07 4.88
N ALA A 1052 58.88 52.50 3.63
CA ALA A 1052 58.30 53.78 3.23
C ALA A 1052 57.51 53.60 1.95
N PRO A 1053 56.44 54.38 1.75
CA PRO A 1053 55.65 54.24 0.52
C PRO A 1053 56.26 54.90 -0.69
N ALA A 1054 57.08 55.94 -0.53
CA ALA A 1054 57.65 56.66 -1.66
C ALA A 1054 58.90 57.39 -1.20
N ILE A 1055 59.66 57.88 -2.19
CA ILE A 1055 60.90 58.62 -1.97
C ILE A 1055 60.78 59.96 -2.65
N CYS A 1056 61.06 61.04 -1.91
CA CYS A 1056 61.05 62.39 -2.46
C CYS A 1056 62.48 62.82 -2.75
N HIS A 1057 62.78 63.06 -4.02
CA HIS A 1057 64.08 63.57 -4.44
C HIS A 1057 63.86 64.60 -5.53
N ASP A 1058 64.50 65.77 -5.39
CA ASP A 1058 64.39 66.87 -6.34
C ASP A 1058 62.95 67.32 -6.53
N GLY A 1059 62.12 67.17 -5.51
CA GLY A 1059 60.75 67.61 -5.56
C GLY A 1059 59.79 66.65 -6.23
N LYS A 1060 60.23 65.45 -6.60
CA LYS A 1060 59.37 64.45 -7.23
C LYS A 1060 59.19 63.25 -6.30
N ALA A 1061 58.15 62.48 -6.55
CA ALA A 1061 57.87 61.28 -5.78
C ALA A 1061 58.23 60.05 -6.60
N HIS A 1062 58.95 59.12 -5.98
CA HIS A 1062 59.42 57.91 -6.65
C HIS A 1062 58.76 56.69 -6.03
N PHE A 1063 58.21 55.83 -6.89
CA PHE A 1063 57.59 54.57 -6.47
C PHE A 1063 58.33 53.42 -7.12
N PRO A 1064 58.41 52.27 -6.43
CA PRO A 1064 59.15 51.13 -7.00
C PRO A 1064 58.33 50.42 -8.06
N ARG A 1065 58.99 50.07 -9.17
CA ARG A 1065 58.31 49.35 -10.24
C ARG A 1065 57.83 47.98 -9.76
N GLU A 1066 58.75 47.19 -9.20
CA GLU A 1066 58.40 45.86 -8.69
C GLU A 1066 59.23 45.62 -7.44
N GLY A 1067 58.64 45.85 -6.28
CA GLY A 1067 59.34 45.61 -5.04
C GLY A 1067 58.89 46.58 -3.96
N VAL A 1068 59.68 46.65 -2.90
CA VAL A 1068 59.35 47.42 -1.71
C VAL A 1068 60.55 48.29 -1.36
N PHE A 1069 60.28 49.53 -0.94
CA PHE A 1069 61.31 50.37 -0.34
C PHE A 1069 61.59 49.87 1.06
N VAL A 1070 62.84 49.52 1.35
CA VAL A 1070 63.21 48.88 2.60
C VAL A 1070 64.40 49.63 3.19
N SER A 1071 64.57 49.53 4.50
CA SER A 1071 65.66 50.17 5.22
C SER A 1071 66.18 49.25 6.31
N ASN A 1072 67.51 49.20 6.46
CA ASN A 1072 68.13 48.42 7.51
C ASN A 1072 68.58 49.28 8.69
N GLY A 1073 68.16 50.54 8.73
CA GLY A 1073 68.47 51.45 9.82
C GLY A 1073 69.19 52.71 9.38
N THR A 1074 70.06 52.58 8.40
CA THR A 1074 70.86 53.72 7.93
C THR A 1074 70.65 54.03 6.46
N HIS A 1075 70.51 53.03 5.61
CA HIS A 1075 70.35 53.21 4.17
C HIS A 1075 69.01 52.66 3.70
N TRP A 1076 68.70 52.96 2.44
CA TRP A 1076 67.44 52.56 1.84
C TRP A 1076 67.72 51.73 0.59
N PHE A 1077 66.97 50.64 0.42
CA PHE A 1077 67.14 49.75 -0.71
C PHE A 1077 65.79 49.37 -1.27
N VAL A 1078 65.81 48.64 -2.38
CA VAL A 1078 64.62 48.09 -2.99
C VAL A 1078 64.76 46.58 -3.05
N THR A 1079 63.76 45.86 -2.53
CA THR A 1079 63.76 44.41 -2.50
C THR A 1079 62.48 43.88 -3.10
N GLN A 1080 62.55 42.71 -3.72
CA GLN A 1080 61.35 42.01 -4.13
C GLN A 1080 60.57 41.55 -2.91
N ARG A 1081 59.25 41.41 -3.08
CA ARG A 1081 58.37 41.19 -1.94
C ARG A 1081 58.63 39.86 -1.27
N ASN A 1082 58.87 38.81 -2.04
CA ASN A 1082 58.92 37.44 -1.51
C ASN A 1082 60.32 36.96 -1.17
N PHE A 1083 61.34 37.79 -1.32
CA PHE A 1083 62.71 37.36 -1.04
C PHE A 1083 63.56 38.60 -0.78
N TYR A 1084 64.52 38.49 0.13
CA TYR A 1084 65.35 39.64 0.49
C TYR A 1084 66.55 39.72 -0.44
N GLU A 1085 66.47 40.61 -1.42
CA GLU A 1085 67.58 40.88 -2.34
C GLU A 1085 67.72 42.38 -2.48
N PRO A 1086 68.44 43.02 -1.55
CA PRO A 1086 68.55 44.49 -1.58
C PRO A 1086 69.26 45.00 -2.83
N GLN A 1087 68.77 46.12 -3.35
CA GLN A 1087 69.36 46.77 -4.51
C GLN A 1087 69.40 48.27 -4.26
N ILE A 1088 70.36 48.93 -4.92
CA ILE A 1088 70.45 50.38 -4.82
C ILE A 1088 69.29 51.02 -5.58
N ILE A 1089 68.70 52.05 -4.98
CA ILE A 1089 67.57 52.74 -5.59
C ILE A 1089 68.08 53.56 -6.77
N THR A 1090 67.60 53.26 -7.96
CA THR A 1090 68.02 53.94 -9.18
C THR A 1090 66.78 54.42 -9.93
N THR A 1091 67.02 55.00 -11.11
CA THR A 1091 65.92 55.39 -11.98
C THR A 1091 65.38 54.22 -12.78
N ASP A 1092 66.09 53.09 -12.80
CA ASP A 1092 65.63 51.93 -13.55
C ASP A 1092 64.49 51.21 -12.82
N ASN A 1093 64.57 51.11 -11.49
CA ASN A 1093 63.60 50.39 -10.70
C ASN A 1093 62.58 51.30 -10.01
N THR A 1094 62.55 52.59 -10.36
CA THR A 1094 61.59 53.52 -9.80
C THR A 1094 61.01 54.37 -10.93
N PHE A 1095 59.78 54.85 -10.71
CA PHE A 1095 59.12 55.74 -11.65
C PHE A 1095 58.56 56.94 -10.90
N VAL A 1096 58.57 58.09 -11.58
CA VAL A 1096 58.17 59.36 -10.99
C VAL A 1096 56.70 59.61 -11.25
N SER A 1097 55.98 60.06 -10.22
CA SER A 1097 54.55 60.36 -10.35
C SER A 1097 54.24 61.57 -9.45
N GLY A 1098 54.32 62.76 -10.01
CA GLY A 1098 53.90 63.97 -9.32
C GLY A 1098 54.91 64.45 -8.30
N ASN A 1099 54.52 65.52 -7.61
CA ASN A 1099 55.34 66.12 -6.56
C ASN A 1099 55.19 65.33 -5.26
N CYS A 1100 56.11 65.58 -4.32
CA CYS A 1100 56.27 64.75 -3.15
C CYS A 1100 55.63 65.34 -1.90
N ASP A 1101 54.51 66.06 -2.04
CA ASP A 1101 53.79 66.58 -0.88
C ASP A 1101 52.39 66.00 -0.74
N VAL A 1102 52.02 65.03 -1.56
CA VAL A 1102 50.70 64.41 -1.50
C VAL A 1102 50.71 63.06 -0.81
N VAL A 1103 51.74 62.25 -1.01
CA VAL A 1103 51.83 60.91 -0.42
C VAL A 1103 52.09 61.04 1.06
N ILE A 1104 51.30 60.33 1.86
CA ILE A 1104 51.45 60.37 3.32
C ILE A 1104 52.54 59.39 3.73
N GLY A 1105 53.56 59.89 4.42
CA GLY A 1105 54.66 59.06 4.85
C GLY A 1105 55.86 59.02 3.94
N ILE A 1106 55.88 59.85 2.89
CA ILE A 1106 57.01 59.87 1.98
C ILE A 1106 58.24 60.42 2.71
N VAL A 1107 59.38 59.78 2.48
CA VAL A 1107 60.61 60.11 3.18
C VAL A 1107 61.60 60.74 2.22
N ASN A 1108 62.71 61.23 2.77
CA ASN A 1108 63.73 61.91 1.98
C ASN A 1108 64.90 60.97 1.74
N ASN A 1109 65.32 60.86 0.48
CA ASN A 1109 66.46 60.03 0.12
C ASN A 1109 66.93 60.45 -1.27
N THR A 1110 68.10 59.96 -1.66
CA THR A 1110 68.66 60.24 -2.96
C THR A 1110 68.39 59.08 -3.91
N VAL A 1111 68.28 59.40 -5.20
CA VAL A 1111 68.07 58.41 -6.25
C VAL A 1111 69.28 58.45 -7.17
N TYR A 1112 69.87 57.29 -7.43
CA TYR A 1112 71.10 57.19 -8.20
C TYR A 1112 70.79 57.12 -9.70
N ASP A 1113 71.46 57.96 -10.47
CA ASP A 1113 71.27 57.99 -11.92
C ASP A 1113 72.51 57.38 -12.56
N PRO A 1114 72.41 56.20 -13.16
CA PRO A 1114 73.62 55.57 -13.74
C PRO A 1114 74.18 56.32 -14.95
N LEU A 1115 73.37 57.16 -15.60
CA LEU A 1115 73.81 57.83 -16.82
C LEU A 1115 74.82 58.94 -16.57
N GLN A 1116 74.65 59.72 -15.49
CA GLN A 1116 75.50 60.88 -15.27
C GLN A 1116 76.98 60.53 -15.13
N PRO A 1117 77.38 59.53 -14.33
CA PRO A 1117 78.82 59.21 -14.27
C PRO A 1117 79.42 58.82 -15.60
N GLU A 1118 78.67 58.12 -16.45
CA GLU A 1118 79.18 57.78 -17.78
C GLU A 1118 79.44 59.04 -18.60
N LEU A 1119 78.53 60.01 -18.52
CA LEU A 1119 78.65 61.29 -19.22
C LEU A 1119 78.77 61.06 -20.73
N ASP A 1120 77.72 60.48 -21.29
CA ASP A 1120 77.67 60.21 -22.73
C ASP A 1120 77.67 61.52 -23.54
N ALA B 1 -36.87 40.28 5.46
CA ALA B 1 -35.59 40.72 4.94
C ALA B 1 -34.55 39.62 5.03
N TYR B 2 -33.34 39.90 4.53
CA TYR B 2 -32.24 38.94 4.55
C TYR B 2 -30.97 39.63 5.03
N THR B 3 -30.12 38.85 5.71
CA THR B 3 -28.86 39.35 6.24
C THR B 3 -27.87 38.21 6.32
N ASN B 4 -26.60 38.55 6.40
CA ASN B 4 -25.52 37.56 6.43
C ASN B 4 -25.25 37.10 7.86
N SER B 5 -24.87 35.82 7.99
CA SER B 5 -24.55 35.22 9.28
C SER B 5 -23.13 35.51 9.74
N PHE B 6 -22.33 36.20 8.93
CA PHE B 6 -20.92 36.51 9.22
C PHE B 6 -20.19 35.18 9.44
N THR B 7 -19.49 35.00 10.57
CA THR B 7 -18.71 33.80 10.83
C THR B 7 -19.27 33.00 12.00
N ARG B 8 -20.58 33.05 12.22
CA ARG B 8 -21.11 32.73 13.53
C ARG B 8 -21.85 31.39 13.50
N GLY B 9 -21.94 30.75 14.66
CA GLY B 9 -22.68 29.49 14.76
C GLY B 9 -21.90 28.18 14.63
N VAL B 10 -20.83 28.00 15.41
CA VAL B 10 -20.01 26.79 15.37
C VAL B 10 -19.85 26.24 16.79
N TYR B 11 -19.63 24.92 16.90
CA TYR B 11 -19.61 24.23 18.18
C TYR B 11 -18.36 23.36 18.28
N TYR B 12 -18.22 22.70 19.42
CA TYR B 12 -17.11 21.76 19.63
C TYR B 12 -17.46 20.41 19.03
N PRO B 13 -16.69 19.91 18.06
CA PRO B 13 -17.07 18.67 17.38
C PRO B 13 -16.81 17.36 18.12
N ASP B 14 -15.65 17.20 18.77
CA ASP B 14 -15.22 15.88 19.21
C ASP B 14 -15.02 15.76 20.72
N LYS B 15 -15.30 16.82 21.48
CA LYS B 15 -15.25 16.78 22.94
C LYS B 15 -13.84 16.51 23.47
N VAL B 16 -12.82 16.83 22.69
CA VAL B 16 -11.43 16.51 23.03
C VAL B 16 -10.66 17.81 23.25
N PHE B 17 -9.84 17.84 24.30
CA PHE B 17 -9.05 19.02 24.62
C PHE B 17 -7.89 19.19 23.65
N ARG B 18 -7.76 20.39 23.08
CA ARG B 18 -6.59 20.78 22.31
C ARG B 18 -6.28 22.23 22.61
N SER B 19 -5.00 22.55 22.73
CA SER B 19 -4.56 23.89 23.07
C SER B 19 -3.48 24.36 22.11
N SER B 20 -3.61 25.61 21.65
CA SER B 20 -2.60 26.28 20.83
C SER B 20 -2.28 25.48 19.57
N VAL B 21 -3.33 24.94 18.94
CA VAL B 21 -3.18 24.17 17.71
C VAL B 21 -4.24 24.62 16.71
N LEU B 22 -3.97 24.37 15.44
CA LEU B 22 -4.93 24.56 14.36
C LEU B 22 -5.39 23.20 13.89
N HIS B 23 -6.69 22.93 14.00
CA HIS B 23 -7.23 21.61 13.72
C HIS B 23 -8.29 21.71 12.62
N SER B 24 -8.26 20.73 11.70
CA SER B 24 -9.20 20.66 10.60
C SER B 24 -10.20 19.55 10.87
N THR B 25 -11.49 19.88 10.78
CA THR B 25 -12.57 18.94 11.08
C THR B 25 -13.55 18.91 9.91
N GLN B 26 -14.19 17.77 9.72
CA GLN B 26 -15.26 17.61 8.73
C GLN B 26 -16.51 17.13 9.43
N ASP B 27 -17.55 17.95 9.43
CA ASP B 27 -18.80 17.64 10.11
C ASP B 27 -19.88 18.59 9.60
N LEU B 28 -21.06 18.49 10.19
CA LEU B 28 -22.20 19.33 9.79
C LEU B 28 -22.09 20.67 10.51
N PHE B 29 -22.02 21.75 9.74
CA PHE B 29 -21.89 23.09 10.27
C PHE B 29 -22.74 24.06 9.45
N LEU B 30 -22.95 25.26 10.01
CA LEU B 30 -23.60 26.33 9.28
C LEU B 30 -22.57 27.01 8.38
N PRO B 31 -22.77 27.05 7.06
CA PRO B 31 -21.81 27.72 6.19
C PRO B 31 -21.68 29.20 6.55
N PHE B 32 -20.45 29.70 6.47
CA PHE B 32 -20.19 31.09 6.83
C PHE B 32 -20.80 32.06 5.82
N PHE B 33 -21.25 33.21 6.30
CA PHE B 33 -21.72 34.32 5.46
C PHE B 33 -22.91 33.91 4.60
N SER B 34 -23.65 32.90 5.02
CA SER B 34 -24.86 32.50 4.32
C SER B 34 -26.03 33.40 4.72
N ASN B 35 -26.82 33.80 3.74
CA ASN B 35 -27.94 34.71 3.99
C ASN B 35 -28.98 34.02 4.88
N VAL B 36 -29.44 34.74 5.90
CA VAL B 36 -30.50 34.27 6.77
C VAL B 36 -31.63 35.29 6.77
N THR B 37 -32.86 34.80 6.64
CA THR B 37 -34.01 35.67 6.64
C THR B 37 -34.12 36.40 7.97
N TRP B 38 -34.48 37.68 7.91
CA TRP B 38 -34.63 38.52 9.09
C TRP B 38 -36.09 38.50 9.50
N PHE B 39 -36.36 38.08 10.74
CA PHE B 39 -37.70 37.99 11.26
C PHE B 39 -37.87 38.98 12.42
N HIS B 40 -39.11 39.44 12.59
CA HIS B 40 -39.47 40.31 13.70
C HIS B 40 -40.68 39.73 14.41
N VAL B 41 -40.64 39.77 15.75
CA VAL B 41 -41.70 39.15 16.55
C VAL B 41 -42.91 40.06 16.74
N ILE B 42 -42.81 41.33 16.35
CA ILE B 42 -43.90 42.27 16.52
C ILE B 42 -45.07 41.90 15.60
N ASP B 54 -42.79 37.52 12.78
CA ASP B 54 -43.81 36.50 12.93
C ASP B 54 -43.21 35.18 13.39
N ASN B 55 -44.03 34.13 13.44
CA ASN B 55 -43.59 32.79 13.84
C ASN B 55 -44.05 31.77 12.81
N PRO B 56 -43.43 31.76 11.63
CA PRO B 56 -43.83 30.80 10.59
C PRO B 56 -43.17 29.45 10.79
N VAL B 57 -43.79 28.43 10.20
CA VAL B 57 -43.22 27.09 10.19
C VAL B 57 -42.14 27.04 9.12
N LEU B 58 -40.94 26.58 9.50
CA LEU B 58 -39.81 26.61 8.58
C LEU B 58 -39.20 25.22 8.43
N PRO B 59 -38.69 24.88 7.25
CA PRO B 59 -38.16 23.54 7.02
C PRO B 59 -36.84 23.30 7.75
N PHE B 60 -36.67 22.07 8.23
CA PHE B 60 -35.50 21.63 9.00
C PHE B 60 -34.79 20.56 8.18
N ASN B 61 -33.75 20.96 7.44
CA ASN B 61 -33.11 20.05 6.50
C ASN B 61 -31.98 19.26 7.16
N ASP B 62 -30.92 19.96 7.59
CA ASP B 62 -29.72 19.29 8.07
C ASP B 62 -29.18 19.98 9.33
N GLY B 63 -30.09 20.47 10.17
CA GLY B 63 -29.71 21.19 11.38
C GLY B 63 -29.98 22.68 11.26
N VAL B 64 -30.16 23.32 12.42
CA VAL B 64 -30.53 24.73 12.47
C VAL B 64 -29.74 25.44 13.57
N TYR B 65 -29.23 26.62 13.24
CA TYR B 65 -28.67 27.57 14.20
C TYR B 65 -29.68 28.69 14.42
N PHE B 66 -30.06 28.92 15.67
CA PHE B 66 -31.05 29.93 16.05
C PHE B 66 -30.37 31.03 16.85
N ALA B 67 -30.72 32.29 16.55
CA ALA B 67 -30.15 33.45 17.24
C ALA B 67 -31.25 34.44 17.58
N SER B 68 -30.95 35.30 18.55
CA SER B 68 -31.87 36.38 18.94
C SER B 68 -31.10 37.52 19.57
N ILE B 69 -31.67 38.73 19.45
CA ILE B 69 -31.14 39.92 20.08
C ILE B 69 -32.29 40.72 20.70
N GLU B 70 -32.40 40.67 22.03
CA GLU B 70 -33.44 41.42 22.71
C GLU B 70 -33.08 41.53 24.19
N LYS B 71 -33.76 42.45 24.87
CA LYS B 71 -33.60 42.65 26.32
C LYS B 71 -34.75 42.07 27.13
N SER B 72 -35.99 42.15 26.62
CA SER B 72 -37.15 41.66 27.34
C SER B 72 -37.37 40.16 27.17
N ASN B 73 -36.62 39.51 26.28
CA ASN B 73 -36.58 38.04 26.16
C ASN B 73 -37.97 37.47 25.83
N ILE B 74 -38.45 37.84 24.65
CA ILE B 74 -39.66 37.24 24.10
C ILE B 74 -39.43 35.79 23.69
N ILE B 75 -38.32 35.53 23.00
CA ILE B 75 -38.03 34.20 22.50
C ILE B 75 -37.82 33.25 23.68
N ARG B 76 -38.67 32.24 23.78
CA ARG B 76 -38.63 31.35 24.94
C ARG B 76 -38.82 29.89 24.59
N GLY B 77 -38.85 29.51 23.32
CA GLY B 77 -39.01 28.12 22.98
C GLY B 77 -39.16 27.90 21.49
N TRP B 78 -39.26 26.62 21.12
CA TRP B 78 -39.37 26.20 19.73
C TRP B 78 -40.28 24.97 19.65
N ILE B 79 -40.82 24.73 18.46
CA ILE B 79 -41.52 23.49 18.16
C ILE B 79 -40.91 22.87 16.90
N PHE B 80 -40.65 21.57 16.97
CA PHE B 80 -39.99 20.83 15.89
C PHE B 80 -40.91 19.70 15.43
N GLY B 81 -40.67 19.23 14.22
CA GLY B 81 -41.37 18.05 13.74
C GLY B 81 -41.30 17.95 12.24
N THR B 82 -41.58 16.74 11.75
CA THR B 82 -41.68 16.53 10.31
C THR B 82 -42.97 17.12 9.77
N THR B 83 -44.06 17.01 10.52
CA THR B 83 -45.34 17.58 10.13
C THR B 83 -46.00 18.43 11.22
N LEU B 84 -45.45 18.45 12.43
CA LEU B 84 -46.00 19.23 13.55
C LEU B 84 -47.46 18.87 13.84
N ASP B 85 -47.77 17.57 13.79
CA ASP B 85 -49.13 17.09 14.03
C ASP B 85 -49.08 15.90 14.98
N SER B 86 -50.24 15.58 15.56
CA SER B 86 -50.33 14.48 16.50
C SER B 86 -50.10 13.12 15.84
N LYS B 87 -50.25 13.03 14.51
CA LYS B 87 -50.04 11.78 13.81
C LYS B 87 -48.57 11.41 13.67
N THR B 88 -47.65 12.32 13.99
CA THR B 88 -46.22 12.06 13.85
C THR B 88 -45.51 12.58 15.10
N GLN B 89 -44.29 12.10 15.29
CA GLN B 89 -43.50 12.54 16.42
C GLN B 89 -43.05 13.98 16.24
N SER B 90 -42.87 14.68 17.36
CA SER B 90 -42.52 16.09 17.32
C SER B 90 -41.69 16.45 18.54
N LEU B 91 -40.98 17.57 18.45
CA LEU B 91 -40.11 18.03 19.53
C LEU B 91 -40.47 19.46 19.91
N LEU B 92 -40.61 19.70 21.22
CA LEU B 92 -40.97 21.01 21.72
C LEU B 92 -39.97 21.42 22.79
N ILE B 93 -39.51 22.67 22.72
CA ILE B 93 -38.61 23.25 23.71
C ILE B 93 -39.26 24.53 24.22
N VAL B 94 -39.21 24.75 25.52
CA VAL B 94 -39.69 25.98 26.13
C VAL B 94 -38.90 26.24 27.41
N ASN B 95 -38.63 27.51 27.70
CA ASN B 95 -37.92 27.90 28.91
C ASN B 95 -38.93 28.48 29.90
N ASN B 96 -38.98 27.88 31.09
CA ASN B 96 -39.89 28.34 32.15
C ASN B 96 -39.23 29.50 32.89
N ALA B 97 -39.84 29.90 34.02
CA ALA B 97 -39.29 31.00 34.80
C ALA B 97 -37.93 30.63 35.38
N THR B 98 -37.78 29.40 35.89
CA THR B 98 -36.51 28.98 36.49
C THR B 98 -36.06 27.63 35.96
N ASN B 99 -36.59 27.17 34.84
CA ASN B 99 -36.22 25.88 34.27
C ASN B 99 -36.39 25.92 32.76
N VAL B 100 -35.80 24.95 32.08
CA VAL B 100 -36.07 24.68 30.68
C VAL B 100 -36.48 23.22 30.57
N VAL B 101 -37.71 22.99 30.10
CA VAL B 101 -38.28 21.65 30.00
C VAL B 101 -38.31 21.26 28.52
N ILE B 102 -37.53 20.25 28.17
CA ILE B 102 -37.35 19.81 26.79
C ILE B 102 -38.04 18.47 26.63
N LYS B 103 -38.89 18.36 25.60
CA LYS B 103 -39.79 17.22 25.48
C LYS B 103 -39.96 16.80 24.03
N VAL B 104 -39.92 15.49 23.77
CA VAL B 104 -40.38 14.90 22.53
C VAL B 104 -41.73 14.26 22.84
N CYS B 105 -42.82 14.94 22.47
CA CYS B 105 -44.15 14.56 22.93
C CYS B 105 -45.10 14.12 21.84
N GLU B 106 -44.82 14.42 20.56
CA GLU B 106 -45.71 14.07 19.45
C GLU B 106 -47.10 14.67 19.64
N PHE B 107 -47.17 15.85 20.26
CA PHE B 107 -48.45 16.47 20.56
C PHE B 107 -49.03 17.16 19.33
N GLN B 108 -50.32 17.47 19.40
CA GLN B 108 -51.01 18.20 18.34
C GLN B 108 -50.80 19.69 18.59
N PHE B 109 -49.83 20.26 17.88
CA PHE B 109 -49.53 21.68 18.03
C PHE B 109 -50.68 22.53 17.51
N CYS B 110 -50.87 23.68 18.14
CA CYS B 110 -51.85 24.64 17.66
C CYS B 110 -51.34 25.33 16.40
N ASN B 111 -52.26 25.99 15.70
CA ASN B 111 -51.88 26.71 14.49
C ASN B 111 -50.91 27.84 14.79
N ASP B 112 -51.13 28.56 15.90
CA ASP B 112 -50.22 29.59 16.36
C ASP B 112 -49.89 29.28 17.82
N PRO B 113 -48.86 28.48 18.07
CA PRO B 113 -48.51 28.14 19.45
C PRO B 113 -48.13 29.37 20.25
N PHE B 114 -48.53 29.36 21.52
CA PHE B 114 -48.34 30.52 22.38
C PHE B 114 -47.80 30.08 23.73
N LEU B 115 -47.19 31.03 24.44
CA LEU B 115 -46.55 30.74 25.72
C LEU B 115 -47.12 31.60 26.85
N ASP B 116 -48.41 31.97 26.75
CA ASP B 116 -49.13 32.84 27.70
C ASP B 116 -48.28 33.61 28.71
N PHE B 131 -49.33 27.59 30.39
CA PHE B 131 -50.51 26.79 30.70
C PHE B 131 -50.80 25.78 29.59
N ARG B 132 -49.74 25.23 29.01
CA ARG B 132 -49.84 24.26 27.92
C ARG B 132 -50.66 24.82 26.76
N VAL B 133 -50.46 26.11 26.47
CA VAL B 133 -51.17 26.77 25.39
C VAL B 133 -50.75 26.28 24.01
N TYR B 134 -49.46 25.99 23.82
CA TYR B 134 -48.95 25.64 22.50
C TYR B 134 -49.53 24.35 21.95
N SER B 135 -49.95 23.43 22.80
CA SER B 135 -50.50 22.15 22.35
C SER B 135 -51.86 21.91 22.99
N SER B 136 -52.80 21.44 22.18
CA SER B 136 -54.15 21.17 22.68
C SER B 136 -54.18 19.90 23.52
N ALA B 137 -53.46 18.86 23.09
CA ALA B 137 -53.42 17.60 23.82
C ALA B 137 -51.97 17.17 23.97
N ASN B 138 -51.69 16.44 25.05
CA ASN B 138 -50.33 16.04 25.37
C ASN B 138 -50.30 14.62 25.90
N ASN B 139 -49.52 13.77 25.21
CA ASN B 139 -49.14 12.47 25.75
C ASN B 139 -47.70 12.22 25.31
N CYS B 140 -46.76 12.42 26.23
CA CYS B 140 -45.34 12.47 25.90
C CYS B 140 -44.66 11.15 26.25
N THR B 141 -43.49 10.96 25.65
CA THR B 141 -42.66 9.78 25.85
C THR B 141 -41.34 10.09 26.54
N PHE B 142 -40.73 11.23 26.24
CA PHE B 142 -39.50 11.65 26.88
C PHE B 142 -39.66 13.04 27.47
N GLU B 143 -39.13 13.23 28.67
CA GLU B 143 -39.20 14.51 29.36
C GLU B 143 -37.82 14.84 29.93
N TYR B 144 -37.44 16.11 29.89
CA TYR B 144 -36.16 16.53 30.40
C TYR B 144 -36.29 17.93 31.00
N VAL B 145 -35.74 18.11 32.19
CA VAL B 145 -35.77 19.38 32.90
C VAL B 145 -34.35 19.74 33.31
N SER B 146 -33.99 21.01 33.10
CA SER B 146 -32.64 21.49 33.38
C SER B 146 -32.73 22.94 33.82
N GLN B 147 -31.56 23.53 34.05
CA GLN B 147 -31.47 24.92 34.48
C GLN B 147 -31.90 25.86 33.35
N PRO B 148 -32.32 27.08 33.69
CA PRO B 148 -32.71 28.03 32.63
C PRO B 148 -31.54 28.33 31.69
N PHE B 149 -31.86 28.45 30.41
CA PHE B 149 -30.82 28.63 29.41
C PHE B 149 -30.43 30.09 29.23
N LEU B 150 -31.26 31.02 29.68
CA LEU B 150 -30.97 32.45 29.56
C LEU B 150 -30.12 32.94 30.71
N LYS B 161 -30.19 44.03 23.74
CA LYS B 161 -28.73 44.12 23.79
C LYS B 161 -28.09 42.83 24.29
N ASN B 162 -28.89 41.77 24.39
CA ASN B 162 -28.41 40.46 24.82
C ASN B 162 -28.53 39.50 23.65
N LEU B 163 -27.40 38.94 23.24
CA LEU B 163 -27.29 38.14 22.04
C LEU B 163 -27.10 36.67 22.43
N ARG B 164 -27.84 35.78 21.77
CA ARG B 164 -27.97 34.37 22.15
C ARG B 164 -27.77 33.45 20.96
N GLU B 165 -27.36 32.21 21.24
CA GLU B 165 -27.20 31.17 20.25
C GLU B 165 -27.77 29.85 20.78
N PHE B 166 -28.48 29.13 19.93
CA PHE B 166 -28.90 27.77 20.22
C PHE B 166 -28.80 26.96 18.94
N VAL B 167 -28.28 25.74 19.08
CA VAL B 167 -28.09 24.85 17.95
C VAL B 167 -28.52 23.43 18.32
N PHE B 168 -29.28 22.78 17.44
CA PHE B 168 -29.79 21.44 17.64
C PHE B 168 -29.45 20.57 16.43
N LYS B 169 -28.96 19.36 16.71
CA LYS B 169 -28.55 18.45 15.64
C LYS B 169 -29.10 17.06 15.92
N ASN B 170 -29.43 16.35 14.84
CA ASN B 170 -30.02 15.00 14.92
C ASN B 170 -29.21 14.07 14.03
N ILE B 171 -28.28 13.32 14.63
CA ILE B 171 -27.50 12.32 13.92
C ILE B 171 -27.34 11.09 14.81
N ASP B 172 -27.28 9.93 14.17
CA ASP B 172 -27.00 8.66 14.85
C ASP B 172 -28.03 8.35 15.93
N GLY B 173 -29.23 8.89 15.78
CA GLY B 173 -30.31 8.63 16.73
C GLY B 173 -30.24 9.40 18.03
N TYR B 174 -29.26 10.28 18.20
CA TYR B 174 -29.09 11.05 19.42
C TYR B 174 -29.29 12.53 19.14
N PHE B 175 -30.05 13.19 20.00
CA PHE B 175 -30.33 14.62 19.88
C PHE B 175 -29.32 15.39 20.73
N LYS B 176 -28.68 16.38 20.13
CA LYS B 176 -27.61 17.13 20.78
C LYS B 176 -27.95 18.61 20.80
N ILE B 177 -27.58 19.28 21.89
CA ILE B 177 -27.98 20.65 22.16
C ILE B 177 -26.75 21.48 22.52
N TYR B 178 -26.67 22.69 22.00
CA TYR B 178 -25.56 23.60 22.25
C TYR B 178 -26.08 25.01 22.50
N SER B 179 -25.34 25.80 23.26
CA SER B 179 -25.82 27.11 23.64
C SER B 179 -24.66 28.06 23.94
N LYS B 180 -24.94 29.36 23.85
CA LYS B 180 -23.99 30.40 24.16
C LYS B 180 -24.75 31.72 24.28
N HIS B 181 -24.17 32.65 25.05
CA HIS B 181 -24.72 34.00 25.20
C HIS B 181 -23.59 35.00 25.22
N THR B 182 -23.74 36.07 24.44
CA THR B 182 -22.81 37.19 24.42
C THR B 182 -23.59 38.49 24.52
N PRO B 183 -23.03 39.52 25.14
CA PRO B 183 -23.71 40.82 25.19
C PRO B 183 -23.44 41.64 23.93
N ILE B 184 -24.35 42.59 23.67
CA ILE B 184 -24.21 43.50 22.54
C ILE B 184 -24.98 44.78 22.81
N ASP B 189 -28.23 43.84 13.58
CA ASP B 189 -27.39 42.91 12.82
C ASP B 189 -26.43 42.16 13.74
N LEU B 190 -26.03 40.96 13.30
CA LEU B 190 -25.06 40.19 14.07
C LEU B 190 -23.69 40.87 14.01
N PRO B 191 -22.92 40.85 15.09
CA PRO B 191 -21.60 41.50 15.07
C PRO B 191 -20.65 40.82 14.09
N GLN B 192 -19.71 41.60 13.57
CA GLN B 192 -18.67 41.06 12.72
C GLN B 192 -17.67 40.19 13.48
N GLY B 193 -17.73 40.19 14.81
CA GLY B 193 -16.83 39.36 15.60
C GLY B 193 -17.25 37.91 15.61
N PHE B 194 -16.48 37.12 16.37
CA PHE B 194 -16.66 35.68 16.45
C PHE B 194 -17.09 35.28 17.85
N SER B 195 -17.98 34.29 17.95
CA SER B 195 -18.36 33.72 19.23
C SER B 195 -18.72 32.26 19.03
N ALA B 196 -18.11 31.40 19.83
CA ALA B 196 -18.27 29.96 19.68
C ALA B 196 -19.34 29.41 20.63
N LEU B 197 -19.72 28.16 20.40
CA LEU B 197 -20.73 27.48 21.19
C LEU B 197 -20.09 26.36 22.00
N GLU B 198 -20.62 26.13 23.24
CA GLU B 198 -20.22 25.00 24.06
C GLU B 198 -21.37 24.01 24.19
N PRO B 199 -21.09 22.71 24.27
CA PRO B 199 -22.18 21.73 24.36
C PRO B 199 -22.90 21.82 25.69
N LEU B 200 -24.21 21.61 25.64
CA LEU B 200 -25.05 21.70 26.82
C LEU B 200 -25.73 20.39 27.19
N VAL B 201 -26.48 19.79 26.25
CA VAL B 201 -27.26 18.59 26.54
C VAL B 201 -27.03 17.59 25.42
N ASP B 202 -26.90 16.32 25.78
CA ASP B 202 -26.71 15.23 24.82
C ASP B 202 -27.82 14.20 25.08
N LEU B 203 -28.98 14.40 24.45
CA LEU B 203 -30.07 13.46 24.57
C LEU B 203 -29.82 12.24 23.68
N PRO B 204 -30.24 11.05 24.13
CA PRO B 204 -30.09 9.86 23.29
C PRO B 204 -31.30 9.61 22.39
N ILE B 205 -32.31 10.47 22.51
CA ILE B 205 -33.52 10.31 21.71
C ILE B 205 -33.30 10.87 20.32
N GLY B 206 -33.99 10.30 19.33
CA GLY B 206 -33.90 10.78 17.96
C GLY B 206 -35.20 10.66 17.19
N ILE B 207 -35.61 11.75 16.53
CA ILE B 207 -36.80 11.77 15.70
C ILE B 207 -36.48 12.44 14.37
N ASN B 208 -37.35 12.23 13.40
CA ASN B 208 -37.18 12.76 12.04
C ASN B 208 -37.78 14.16 12.01
N ILE B 209 -36.93 15.16 12.19
CA ILE B 209 -37.35 16.56 12.19
C ILE B 209 -37.10 17.15 10.82
N THR B 210 -38.17 17.66 10.19
CA THR B 210 -38.07 18.20 8.84
C THR B 210 -38.56 19.64 8.80
N ARG B 211 -39.34 20.04 9.81
CA ARG B 211 -39.83 21.41 9.91
C ARG B 211 -39.71 21.89 11.35
N PHE B 212 -39.77 23.21 11.53
CA PHE B 212 -39.71 23.80 12.84
C PHE B 212 -40.42 25.14 12.85
N GLN B 213 -40.81 25.58 14.03
CA GLN B 213 -41.44 26.87 14.25
C GLN B 213 -41.02 27.39 15.62
N THR B 214 -40.92 28.71 15.74
CA THR B 214 -40.51 29.34 16.99
C THR B 214 -41.73 29.65 17.86
N LEU B 215 -41.47 29.77 19.17
CA LEU B 215 -42.51 30.10 20.14
C LEU B 215 -42.27 31.49 20.69
N LEU B 216 -43.30 32.32 20.69
CA LEU B 216 -43.23 33.69 21.16
C LEU B 216 -43.97 33.81 22.49
N ALA B 217 -43.26 34.29 23.51
CA ALA B 217 -43.85 34.42 24.86
C ALA B 217 -44.33 35.84 25.07
N LEU B 218 -45.43 36.18 24.39
CA LEU B 218 -46.05 37.48 24.52
C LEU B 218 -47.01 37.50 25.71
N HIS B 219 -47.66 38.64 25.91
CA HIS B 219 -48.49 38.83 27.09
C HIS B 219 -49.71 37.92 27.08
N ARG B 220 -50.46 37.91 25.98
CA ARG B 220 -51.67 37.10 25.90
C ARG B 220 -52.05 36.86 24.45
N SER B 221 -52.82 35.81 24.22
CA SER B 221 -53.32 35.46 22.89
C SER B 221 -54.42 34.43 23.05
N TYR B 222 -55.00 34.01 21.94
CA TYR B 222 -56.04 33.00 21.96
C TYR B 222 -55.47 31.64 22.34
N LEU B 223 -56.20 30.90 23.17
CA LEU B 223 -55.80 29.57 23.59
C LEU B 223 -56.34 28.48 22.66
N THR B 224 -56.70 28.84 21.43
CA THR B 224 -57.23 27.89 20.47
C THR B 224 -56.53 28.11 19.15
N PRO B 225 -56.43 27.06 18.32
CA PRO B 225 -55.76 27.18 17.02
C PRO B 225 -56.61 27.80 15.93
N GLY B 226 -57.71 28.47 16.27
CA GLY B 226 -58.57 29.03 15.24
C GLY B 226 -57.91 30.16 14.47
N ASP B 227 -57.19 31.04 15.17
CA ASP B 227 -56.56 32.20 14.56
C ASP B 227 -55.05 32.10 14.73
N SER B 228 -54.33 33.03 14.08
CA SER B 228 -52.88 33.02 14.13
C SER B 228 -52.36 34.45 13.98
N SER B 229 -51.15 34.66 14.50
CA SER B 229 -50.43 35.94 14.37
C SER B 229 -51.26 37.10 14.89
N SER B 230 -51.93 36.88 16.02
CA SER B 230 -52.75 37.92 16.62
C SER B 230 -52.94 37.60 18.11
N GLY B 231 -53.34 38.63 18.85
CA GLY B 231 -53.64 38.47 20.27
C GLY B 231 -53.07 39.57 21.13
N TRP B 232 -51.90 40.08 20.77
CA TRP B 232 -51.23 41.14 21.52
C TRP B 232 -50.06 41.64 20.70
N THR B 233 -49.65 42.88 20.98
CA THR B 233 -48.49 43.49 20.33
C THR B 233 -47.27 43.18 21.19
N ALA B 234 -46.46 42.22 20.74
CA ALA B 234 -45.28 41.82 21.49
C ALA B 234 -44.21 42.91 21.44
N GLY B 235 -43.25 42.80 22.35
CA GLY B 235 -42.17 43.77 22.40
C GLY B 235 -41.23 43.64 21.21
N ALA B 236 -40.44 44.68 21.00
CA ALA B 236 -39.51 44.71 19.87
C ALA B 236 -38.39 43.71 20.09
N ALA B 237 -38.22 42.80 19.13
CA ALA B 237 -37.20 41.77 19.19
C ALA B 237 -37.04 41.15 17.81
N ALA B 238 -35.85 40.63 17.55
CA ALA B 238 -35.54 39.98 16.28
C ALA B 238 -34.85 38.65 16.55
N TYR B 239 -35.14 37.66 15.70
CA TYR B 239 -34.52 36.35 15.79
C TYR B 239 -34.08 35.90 14.40
N TYR B 240 -32.95 35.19 14.37
CA TYR B 240 -32.36 34.70 13.14
C TYR B 240 -32.35 33.18 13.12
N VAL B 241 -32.42 32.60 11.93
CA VAL B 241 -32.44 31.15 11.74
C VAL B 241 -31.54 30.79 10.57
N GLY B 242 -30.73 29.76 10.74
CA GLY B 242 -29.88 29.27 9.66
C GLY B 242 -29.97 27.75 9.53
N TYR B 243 -29.42 27.25 8.43
CA TYR B 243 -29.43 25.82 8.13
C TYR B 243 -27.99 25.28 8.06
N LEU B 244 -27.77 24.11 8.66
CA LEU B 244 -26.45 23.52 8.65
C LEU B 244 -26.23 22.67 7.40
N GLN B 245 -24.96 22.56 7.01
CA GLN B 245 -24.53 21.79 5.85
C GLN B 245 -23.26 21.03 6.20
N PRO B 246 -23.00 19.90 5.53
CA PRO B 246 -21.75 19.17 5.78
C PRO B 246 -20.57 19.75 5.03
N ARG B 247 -19.64 20.38 5.74
CA ARG B 247 -18.46 20.99 5.14
C ARG B 247 -17.25 20.75 6.02
N THR B 248 -16.11 21.27 5.58
CA THR B 248 -14.83 21.12 6.28
C THR B 248 -14.39 22.48 6.83
N PHE B 249 -14.07 22.53 8.11
CA PHE B 249 -13.69 23.76 8.80
C PHE B 249 -12.32 23.59 9.43
N LEU B 250 -11.63 24.71 9.63
CA LEU B 250 -10.34 24.76 10.31
C LEU B 250 -10.50 25.57 11.58
N LEU B 251 -10.53 24.87 12.72
CA LEU B 251 -10.79 25.50 14.00
C LEU B 251 -9.49 25.89 14.69
N LYS B 252 -9.49 27.06 15.33
CA LYS B 252 -8.33 27.59 16.02
C LYS B 252 -8.54 27.47 17.52
N TYR B 253 -7.76 26.59 18.16
CA TYR B 253 -7.77 26.42 19.60
C TYR B 253 -6.71 27.32 20.23
N ASN B 254 -7.09 28.03 21.28
CA ASN B 254 -6.21 28.99 21.93
C ASN B 254 -5.41 28.30 23.03
N GLU B 255 -4.60 29.07 23.77
CA GLU B 255 -3.90 28.53 24.92
C GLU B 255 -4.88 28.12 26.02
N ASN B 256 -6.03 28.79 26.06
CA ASN B 256 -7.09 28.55 27.03
C ASN B 256 -7.93 27.32 26.70
N GLY B 257 -7.88 26.83 25.46
CA GLY B 257 -8.62 25.64 25.09
C GLY B 257 -9.98 25.87 24.48
N THR B 258 -10.32 27.12 24.16
CA THR B 258 -11.59 27.46 23.55
C THR B 258 -11.36 27.98 22.14
N ILE B 259 -12.16 27.49 21.19
CA ILE B 259 -11.99 27.90 19.80
C ILE B 259 -12.40 29.37 19.66
N THR B 260 -11.55 30.14 18.99
CA THR B 260 -11.76 31.57 18.83
C THR B 260 -11.91 32.02 17.38
N ASP B 261 -11.71 31.12 16.42
CA ASP B 261 -11.84 31.48 15.02
C ASP B 261 -12.06 30.21 14.20
N ALA B 262 -12.56 30.40 12.98
CA ALA B 262 -12.76 29.29 12.05
C ALA B 262 -12.82 29.84 10.64
N VAL B 263 -12.49 29.00 9.67
CA VAL B 263 -12.56 29.34 8.25
C VAL B 263 -13.33 28.24 7.54
N ASP B 264 -14.13 28.63 6.55
CA ASP B 264 -14.93 27.68 5.77
C ASP B 264 -14.22 27.44 4.45
N CYS B 265 -13.79 26.20 4.21
CA CYS B 265 -12.95 25.91 3.06
C CYS B 265 -13.72 26.00 1.76
N ALA B 266 -15.05 26.01 1.83
CA ALA B 266 -15.87 25.99 0.62
C ALA B 266 -16.33 27.37 0.17
N LEU B 267 -15.91 28.44 0.84
CA LEU B 267 -16.40 29.76 0.47
C LEU B 267 -15.66 30.35 -0.72
N ASP B 268 -14.36 30.61 -0.55
CA ASP B 268 -13.60 31.42 -1.50
C ASP B 268 -12.31 30.69 -1.82
N PRO B 269 -11.66 31.02 -2.94
CA PRO B 269 -10.31 30.50 -3.19
C PRO B 269 -9.33 30.86 -2.09
N LEU B 270 -9.47 32.05 -1.48
CA LEU B 270 -8.60 32.42 -0.38
C LEU B 270 -8.78 31.51 0.82
N SER B 271 -10.04 31.17 1.14
CA SER B 271 -10.29 30.25 2.24
C SER B 271 -9.77 28.86 1.92
N GLU B 272 -9.89 28.43 0.67
CA GLU B 272 -9.31 27.16 0.26
C GLU B 272 -7.79 27.15 0.44
N THR B 273 -7.14 28.25 0.07
CA THR B 273 -5.70 28.36 0.27
C THR B 273 -5.35 28.31 1.76
N LYS B 274 -6.14 29.00 2.59
CA LYS B 274 -5.90 28.98 4.03
C LYS B 274 -6.02 27.57 4.59
N CYS B 275 -7.04 26.83 4.15
CA CYS B 275 -7.19 25.45 4.60
C CYS B 275 -6.04 24.58 4.11
N THR B 276 -5.62 24.76 2.86
CA THR B 276 -4.54 23.93 2.31
C THR B 276 -3.22 24.17 3.04
N LEU B 277 -2.89 25.42 3.32
CA LEU B 277 -1.68 25.72 4.08
C LEU B 277 -1.88 25.58 5.58
N LYS B 278 -3.11 25.35 6.04
CA LYS B 278 -3.42 25.17 7.46
C LYS B 278 -2.92 26.36 8.28
N SER B 279 -3.24 27.57 7.80
CA SER B 279 -2.85 28.79 8.49
C SER B 279 -3.86 29.88 8.20
N PHE B 280 -3.88 30.90 9.05
CA PHE B 280 -4.79 32.03 8.88
C PHE B 280 -4.15 33.18 8.10
N THR B 281 -2.88 33.08 7.74
CA THR B 281 -2.20 34.11 6.97
C THR B 281 -1.50 33.47 5.78
N VAL B 282 -1.59 34.12 4.62
CA VAL B 282 -0.95 33.67 3.40
C VAL B 282 -0.08 34.80 2.87
N GLU B 283 1.15 34.48 2.49
CA GLU B 283 2.07 35.45 1.95
C GLU B 283 1.92 35.56 0.44
N LYS B 284 2.55 36.58 -0.14
CA LYS B 284 2.45 36.81 -1.57
C LYS B 284 3.05 35.64 -2.35
N GLY B 285 2.33 35.19 -3.36
CA GLY B 285 2.80 34.09 -4.18
C GLY B 285 1.64 33.41 -4.87
N ILE B 286 1.97 32.33 -5.59
CA ILE B 286 0.99 31.51 -6.28
C ILE B 286 0.98 30.13 -5.62
N TYR B 287 -0.21 29.65 -5.28
CA TYR B 287 -0.37 28.37 -4.58
C TYR B 287 -1.31 27.48 -5.38
N GLN B 288 -1.01 26.19 -5.39
CA GLN B 288 -1.88 25.19 -6.01
C GLN B 288 -2.74 24.56 -4.92
N THR B 289 -4.01 24.92 -4.88
CA THR B 289 -4.91 24.52 -3.81
C THR B 289 -5.59 23.19 -4.06
N SER B 290 -6.10 22.96 -5.26
CA SER B 290 -6.84 21.74 -5.57
C SER B 290 -6.81 21.51 -7.07
N ASN B 291 -7.67 20.62 -7.54
CA ASN B 291 -7.82 20.32 -8.96
C ASN B 291 -9.29 20.10 -9.27
N PHE B 292 -9.72 20.58 -10.43
CA PHE B 292 -11.12 20.49 -10.82
C PHE B 292 -11.31 19.45 -11.93
N ARG B 293 -12.57 19.11 -12.18
CA ARG B 293 -12.92 18.20 -13.27
C ARG B 293 -14.41 18.32 -13.52
N VAL B 294 -14.80 18.38 -14.78
CA VAL B 294 -16.19 18.55 -15.15
C VAL B 294 -16.95 17.26 -14.89
N GLN B 295 -18.11 17.36 -14.24
CA GLN B 295 -18.90 16.20 -13.90
C GLN B 295 -19.64 15.67 -15.12
N PRO B 296 -19.95 14.36 -15.13
CA PRO B 296 -20.73 13.81 -16.23
C PRO B 296 -22.13 14.41 -16.28
N THR B 297 -22.68 14.48 -17.49
CA THR B 297 -23.99 15.09 -17.70
C THR B 297 -25.13 14.07 -17.67
N GLU B 298 -24.95 12.90 -18.28
CA GLU B 298 -25.99 11.89 -18.35
C GLU B 298 -25.37 10.55 -18.72
N SER B 299 -26.23 9.54 -18.87
CA SER B 299 -25.81 8.18 -19.15
C SER B 299 -26.47 7.68 -20.42
N ILE B 300 -25.76 6.82 -21.16
CA ILE B 300 -26.27 6.21 -22.37
C ILE B 300 -25.96 4.72 -22.34
N VAL B 301 -26.79 3.93 -23.04
CA VAL B 301 -26.64 2.48 -23.11
C VAL B 301 -26.89 2.06 -24.55
N ARG B 302 -26.10 1.11 -25.05
CA ARG B 302 -26.19 0.62 -26.42
C ARG B 302 -26.15 -0.90 -26.44
N PHE B 303 -27.28 -1.53 -26.73
CA PHE B 303 -27.42 -2.99 -26.79
C PHE B 303 -27.91 -3.45 -28.17
N PRO B 304 -27.84 -4.77 -28.47
CA PRO B 304 -28.22 -5.23 -29.82
C PRO B 304 -29.71 -5.19 -30.10
N ASN B 308 -30.11 -5.75 -31.23
CA ASN B 308 -31.40 -5.49 -31.85
C ASN B 308 -32.45 -6.44 -31.28
N LEU B 309 -33.64 -6.56 -31.87
CA LEU B 309 -34.77 -7.20 -31.23
C LEU B 309 -35.40 -8.21 -32.18
N CYS B 310 -36.57 -8.73 -31.77
CA CYS B 310 -37.42 -9.59 -32.57
C CYS B 310 -38.47 -8.76 -33.28
N PRO B 311 -38.94 -9.22 -34.44
CA PRO B 311 -40.22 -8.73 -34.96
C PRO B 311 -41.37 -9.64 -34.53
N PHE B 312 -42.54 -9.07 -34.25
CA PHE B 312 -43.68 -9.88 -33.83
C PHE B 312 -44.95 -9.07 -34.07
N ASP B 313 -45.73 -9.52 -35.06
CA ASP B 313 -46.92 -8.77 -35.46
C ASP B 313 -48.17 -9.64 -35.60
N GLU B 314 -48.00 -10.86 -36.12
CA GLU B 314 -49.09 -11.61 -36.75
C GLU B 314 -50.27 -11.92 -35.84
N VAL B 315 -50.03 -12.19 -34.56
CA VAL B 315 -51.12 -12.63 -33.69
C VAL B 315 -52.12 -11.52 -33.38
N PHE B 316 -51.69 -10.26 -33.34
CA PHE B 316 -52.58 -9.16 -32.96
C PHE B 316 -53.36 -8.61 -34.14
N ASN B 317 -53.14 -9.09 -35.36
CA ASN B 317 -53.87 -8.62 -36.53
C ASN B 317 -53.88 -9.75 -37.56
N ALA B 318 -55.00 -10.44 -37.65
CA ALA B 318 -55.18 -11.57 -38.56
C ALA B 318 -56.36 -11.32 -39.48
N THR B 319 -56.65 -12.31 -40.33
CA THR B 319 -57.76 -12.19 -41.27
C THR B 319 -59.10 -12.46 -40.58
N ARG B 320 -59.24 -13.61 -39.93
CA ARG B 320 -60.46 -13.98 -39.24
C ARG B 320 -60.11 -14.68 -37.95
N PHE B 321 -60.48 -14.06 -36.83
CA PHE B 321 -60.20 -14.64 -35.52
C PHE B 321 -61.12 -15.84 -35.24
N ALA B 322 -60.64 -16.73 -34.38
CA ALA B 322 -61.40 -17.91 -34.01
C ALA B 322 -62.59 -17.53 -33.15
N SER B 323 -63.57 -18.43 -33.11
CA SER B 323 -64.79 -18.20 -32.34
C SER B 323 -64.50 -18.33 -30.84
N VAL B 324 -65.47 -17.90 -30.03
CA VAL B 324 -65.31 -17.94 -28.58
C VAL B 324 -65.26 -19.38 -28.07
N TYR B 325 -66.07 -20.27 -28.65
CA TYR B 325 -66.10 -21.65 -28.22
C TYR B 325 -64.96 -22.50 -28.79
N ALA B 326 -64.19 -21.95 -29.71
CA ALA B 326 -63.08 -22.66 -30.36
C ALA B 326 -61.84 -21.78 -30.42
N TRP B 327 -61.51 -21.16 -29.29
CA TRP B 327 -60.36 -20.26 -29.25
C TRP B 327 -59.06 -21.02 -29.46
N ASN B 328 -58.13 -20.39 -30.17
CA ASN B 328 -56.85 -21.00 -30.48
C ASN B 328 -55.76 -20.46 -29.56
N ARG B 329 -54.68 -21.23 -29.42
CA ARG B 329 -53.56 -20.86 -28.57
C ARG B 329 -52.27 -20.92 -29.38
N LYS B 330 -51.31 -20.08 -29.01
CA LYS B 330 -50.03 -19.97 -29.71
C LYS B 330 -48.88 -20.15 -28.74
N ARG B 331 -47.79 -20.73 -29.22
CA ARG B 331 -46.61 -21.03 -28.42
C ARG B 331 -45.43 -20.22 -28.92
N ILE B 332 -44.79 -19.48 -28.02
CA ILE B 332 -43.67 -18.60 -28.36
C ILE B 332 -42.48 -18.96 -27.49
N SER B 333 -41.30 -19.07 -28.09
CA SER B 333 -40.09 -19.40 -27.35
C SER B 333 -38.87 -18.85 -28.08
N ASN B 334 -37.83 -18.52 -27.29
CA ASN B 334 -36.51 -18.15 -27.78
C ASN B 334 -36.58 -16.93 -28.72
N CYS B 335 -37.15 -15.86 -28.18
CA CYS B 335 -37.33 -14.62 -28.91
C CYS B 335 -37.82 -13.57 -27.93
N VAL B 336 -37.34 -12.33 -28.09
CA VAL B 336 -37.60 -11.25 -27.14
C VAL B 336 -39.02 -10.74 -27.38
N ALA B 337 -39.72 -10.40 -26.29
CA ALA B 337 -41.10 -9.93 -26.36
C ALA B 337 -41.10 -8.41 -26.23
N ASP B 338 -41.17 -7.74 -27.39
CA ASP B 338 -41.21 -6.28 -27.44
C ASP B 338 -42.68 -5.85 -27.36
N TYR B 339 -43.10 -5.50 -26.15
CA TYR B 339 -44.47 -5.04 -25.90
C TYR B 339 -44.60 -3.52 -26.00
N SER B 340 -43.51 -2.80 -26.30
CA SER B 340 -43.59 -1.36 -26.40
C SER B 340 -44.40 -0.91 -27.61
N VAL B 341 -44.32 -1.65 -28.71
CA VAL B 341 -45.05 -1.29 -29.92
C VAL B 341 -46.56 -1.41 -29.70
N LEU B 342 -46.98 -2.33 -28.85
CA LEU B 342 -48.40 -2.54 -28.61
C LEU B 342 -48.95 -1.64 -27.50
N TYR B 343 -48.10 -1.17 -26.59
CA TYR B 343 -48.58 -0.34 -25.49
C TYR B 343 -49.02 1.02 -25.98
N ASN B 344 -48.33 1.59 -26.96
CA ASN B 344 -48.64 2.92 -27.48
C ASN B 344 -49.48 2.88 -28.75
N LEU B 345 -49.93 1.71 -29.19
CA LEU B 345 -50.72 1.62 -30.40
C LEU B 345 -52.08 2.27 -30.19
N ALA B 346 -52.60 2.89 -31.27
CA ALA B 346 -53.77 3.76 -31.13
C ALA B 346 -55.06 2.99 -30.85
N PRO B 347 -55.52 2.08 -31.70
CA PRO B 347 -56.90 1.58 -31.58
C PRO B 347 -57.13 0.55 -30.48
N PHE B 348 -56.18 0.35 -29.57
CA PHE B 348 -56.40 -0.55 -28.43
C PHE B 348 -57.25 0.16 -27.39
N PHE B 349 -58.36 -0.47 -27.00
CA PHE B 349 -59.31 0.14 -26.08
C PHE B 349 -59.21 -0.37 -24.66
N THR B 350 -58.93 -1.65 -24.46
CA THR B 350 -58.96 -2.27 -23.15
C THR B 350 -57.58 -2.79 -22.77
N PHE B 351 -57.15 -2.47 -21.55
CA PHE B 351 -55.90 -2.99 -20.99
C PHE B 351 -56.11 -3.13 -19.48
N LYS B 352 -56.49 -4.34 -19.07
CA LYS B 352 -56.81 -4.60 -17.67
C LYS B 352 -56.14 -5.91 -17.24
N CYS B 353 -55.42 -5.87 -16.13
CA CYS B 353 -54.81 -7.05 -15.55
C CYS B 353 -54.43 -6.76 -14.11
N TYR B 354 -54.14 -7.83 -13.37
CA TYR B 354 -53.84 -7.73 -11.94
C TYR B 354 -52.49 -8.31 -11.57
N GLY B 355 -52.04 -9.36 -12.25
CA GLY B 355 -50.83 -10.04 -11.83
C GLY B 355 -49.58 -9.19 -11.99
N VAL B 356 -49.45 -8.50 -13.12
CA VAL B 356 -48.25 -7.75 -13.42
C VAL B 356 -48.60 -6.27 -13.57
N SER B 357 -47.62 -5.42 -13.30
CA SER B 357 -47.82 -3.99 -13.42
C SER B 357 -47.97 -3.59 -14.89
N PRO B 358 -48.82 -2.60 -15.19
CA PRO B 358 -49.01 -2.21 -16.60
C PRO B 358 -47.75 -1.74 -17.28
N THR B 359 -46.82 -1.11 -16.55
CA THR B 359 -45.62 -0.55 -17.14
C THR B 359 -44.34 -1.31 -16.80
N LYS B 360 -44.40 -2.32 -15.94
CA LYS B 360 -43.23 -3.08 -15.53
C LYS B 360 -43.16 -4.44 -16.22
N LEU B 361 -44.00 -4.66 -17.24
CA LEU B 361 -44.06 -5.97 -17.90
C LEU B 361 -42.81 -6.28 -18.70
N ASN B 362 -41.98 -5.28 -19.01
CA ASN B 362 -40.78 -5.50 -19.80
C ASN B 362 -39.50 -5.50 -18.96
N ASP B 363 -39.61 -5.33 -17.65
CA ASP B 363 -38.44 -5.32 -16.78
C ASP B 363 -38.12 -6.67 -16.15
N LEU B 364 -39.01 -7.65 -16.29
CA LEU B 364 -38.79 -8.99 -15.78
C LEU B 364 -38.80 -9.98 -16.94
N CYS B 365 -38.07 -11.07 -16.78
CA CYS B 365 -37.90 -12.06 -17.84
C CYS B 365 -38.73 -13.30 -17.53
N PHE B 366 -39.50 -13.74 -18.51
CA PHE B 366 -40.33 -14.93 -18.40
C PHE B 366 -39.65 -16.11 -19.08
N THR B 367 -40.37 -17.22 -19.17
CA THR B 367 -39.88 -18.43 -19.82
C THR B 367 -40.71 -18.83 -21.03
N ASN B 368 -42.03 -18.85 -20.91
CA ASN B 368 -42.90 -19.24 -22.00
C ASN B 368 -44.03 -18.22 -22.13
N VAL B 369 -44.51 -18.04 -23.35
CA VAL B 369 -45.58 -17.10 -23.66
C VAL B 369 -46.70 -17.85 -24.35
N TYR B 370 -47.92 -17.72 -23.82
CA TYR B 370 -49.11 -18.31 -24.40
C TYR B 370 -50.06 -17.21 -24.82
N ALA B 371 -50.52 -17.25 -26.06
CA ALA B 371 -51.45 -16.26 -26.61
C ALA B 371 -52.77 -16.94 -26.93
N ASP B 372 -53.86 -16.41 -26.38
CA ASP B 372 -55.20 -16.92 -26.61
C ASP B 372 -55.97 -15.89 -27.41
N SER B 373 -56.52 -16.31 -28.56
CA SER B 373 -57.21 -15.42 -29.47
C SER B 373 -58.63 -15.92 -29.72
N PHE B 374 -59.60 -15.01 -29.59
CA PHE B 374 -61.00 -15.32 -29.86
C PHE B 374 -61.73 -14.01 -30.10
N VAL B 375 -63.00 -14.11 -30.46
CA VAL B 375 -63.86 -12.96 -30.70
C VAL B 375 -65.12 -13.10 -29.87
N ILE B 376 -65.48 -12.03 -29.16
CA ILE B 376 -66.67 -12.00 -28.31
C ILE B 376 -67.40 -10.69 -28.54
N ARG B 377 -68.67 -10.65 -28.12
CA ARG B 377 -69.44 -9.43 -28.16
C ARG B 377 -68.93 -8.45 -27.10
N GLY B 378 -69.18 -7.16 -27.34
CA GLY B 378 -68.72 -6.13 -26.44
C GLY B 378 -69.41 -6.14 -25.08
N ASP B 379 -70.53 -6.85 -24.96
CA ASP B 379 -71.26 -6.87 -23.69
C ASP B 379 -70.51 -7.67 -22.64
N GLU B 380 -69.82 -8.74 -23.05
CA GLU B 380 -69.15 -9.64 -22.11
C GLU B 380 -67.65 -9.37 -21.99
N VAL B 381 -67.19 -8.18 -22.40
CA VAL B 381 -65.79 -7.83 -22.20
C VAL B 381 -65.47 -7.75 -20.72
N ARG B 382 -66.38 -7.16 -19.93
CA ARG B 382 -66.21 -7.17 -18.48
C ARG B 382 -66.31 -8.58 -17.91
N GLN B 383 -67.11 -9.44 -18.54
CA GLN B 383 -67.33 -10.79 -18.06
C GLN B 383 -66.12 -11.70 -18.26
N ILE B 384 -65.18 -11.32 -19.13
CA ILE B 384 -64.01 -12.18 -19.37
C ILE B 384 -63.10 -12.26 -18.14
N ALA B 385 -63.25 -11.35 -17.19
CA ALA B 385 -62.41 -11.41 -15.99
C ALA B 385 -62.77 -12.64 -15.16
N PRO B 386 -61.79 -13.26 -14.49
CA PRO B 386 -62.09 -14.42 -13.66
C PRO B 386 -62.88 -14.04 -12.41
N GLY B 387 -63.66 -14.99 -11.91
CA GLY B 387 -64.41 -14.82 -10.69
C GLY B 387 -65.91 -14.83 -10.87
N GLN B 388 -66.41 -14.20 -11.93
CA GLN B 388 -67.83 -14.19 -12.19
C GLN B 388 -68.22 -15.31 -13.16
N THR B 389 -69.52 -15.61 -13.18
CA THR B 389 -70.03 -16.72 -13.98
C THR B 389 -71.15 -16.26 -14.91
N GLY B 390 -71.80 -17.20 -15.57
CA GLY B 390 -72.86 -16.91 -16.52
C GLY B 390 -72.55 -17.49 -17.89
N ASN B 391 -73.11 -16.84 -18.92
CA ASN B 391 -72.88 -17.28 -20.28
C ASN B 391 -71.44 -17.00 -20.69
N ILE B 392 -70.93 -17.82 -21.61
CA ILE B 392 -69.60 -17.68 -22.20
C ILE B 392 -68.52 -17.88 -21.13
N ALA B 393 -68.59 -17.14 -20.03
CA ALA B 393 -67.59 -17.25 -18.98
C ALA B 393 -67.58 -18.64 -18.35
N ASP B 394 -68.72 -19.32 -18.32
CA ASP B 394 -68.80 -20.66 -17.76
C ASP B 394 -69.08 -21.73 -18.80
N TYR B 395 -69.58 -21.36 -19.98
CA TYR B 395 -69.93 -22.32 -21.02
C TYR B 395 -68.96 -22.32 -22.19
N ASN B 396 -68.18 -21.26 -22.37
CA ASN B 396 -67.26 -21.16 -23.51
C ASN B 396 -65.82 -21.02 -23.08
N TYR B 397 -65.51 -20.11 -22.15
CA TYR B 397 -64.13 -19.84 -21.77
C TYR B 397 -64.10 -19.33 -20.33
N LYS B 398 -63.42 -20.07 -19.46
CA LYS B 398 -63.31 -19.72 -18.05
C LYS B 398 -61.85 -19.52 -17.70
N LEU B 399 -61.59 -18.52 -16.85
CA LEU B 399 -60.24 -18.22 -16.41
C LEU B 399 -60.05 -18.60 -14.94
N PRO B 400 -58.87 -19.06 -14.56
CA PRO B 400 -58.63 -19.45 -13.16
C PRO B 400 -58.58 -18.22 -12.26
N ASP B 401 -58.81 -18.48 -10.97
CA ASP B 401 -58.76 -17.39 -9.99
C ASP B 401 -57.36 -16.80 -9.86
N ASP B 402 -56.33 -17.63 -9.99
CA ASP B 402 -54.94 -17.19 -9.92
C ASP B 402 -54.35 -16.89 -11.30
N PHE B 403 -55.18 -16.49 -12.24
CA PHE B 403 -54.70 -16.18 -13.59
C PHE B 403 -53.82 -14.94 -13.58
N THR B 404 -52.78 -14.95 -14.41
CA THR B 404 -51.86 -13.83 -14.54
C THR B 404 -51.67 -13.50 -16.01
N GLY B 405 -51.44 -12.23 -16.29
CA GLY B 405 -51.29 -11.74 -17.65
C GLY B 405 -52.34 -10.70 -17.99
N CYS B 406 -52.06 -9.95 -19.04
CA CYS B 406 -52.93 -8.85 -19.48
C CYS B 406 -53.53 -9.17 -20.84
N VAL B 407 -54.79 -8.79 -21.01
CA VAL B 407 -55.53 -9.05 -22.24
C VAL B 407 -55.72 -7.74 -23.00
N ILE B 408 -55.94 -7.86 -24.31
CA ILE B 408 -56.13 -6.71 -25.18
C ILE B 408 -57.44 -6.89 -25.93
N ALA B 409 -58.24 -5.83 -25.97
CA ALA B 409 -59.51 -5.83 -26.68
C ALA B 409 -59.60 -4.58 -27.53
N TRP B 410 -60.18 -4.71 -28.72
CA TRP B 410 -60.34 -3.59 -29.63
C TRP B 410 -61.59 -3.79 -30.48
N ASN B 411 -62.09 -2.69 -31.02
CA ASN B 411 -63.30 -2.73 -31.83
C ASN B 411 -63.00 -3.23 -33.24
N SER B 412 -64.03 -3.75 -33.90
CA SER B 412 -63.96 -4.26 -35.26
C SER B 412 -65.13 -3.73 -36.08
N ASN B 413 -65.38 -2.42 -35.98
CA ASN B 413 -66.52 -1.81 -36.65
C ASN B 413 -66.43 -1.94 -38.16
N LYS B 414 -65.24 -1.70 -38.73
CA LYS B 414 -65.05 -1.70 -40.17
C LYS B 414 -64.33 -2.94 -40.67
N LEU B 415 -64.33 -4.02 -39.88
CA LEU B 415 -63.64 -5.25 -40.27
C LEU B 415 -64.46 -6.52 -40.08
N ASP B 416 -65.60 -6.45 -39.39
CA ASP B 416 -66.40 -7.65 -39.15
C ASP B 416 -67.86 -7.43 -39.53
N SER B 417 -68.28 -6.17 -39.59
CA SER B 417 -69.66 -5.87 -39.92
C SER B 417 -69.94 -6.16 -41.40
N LYS B 418 -71.04 -6.88 -41.64
CA LYS B 418 -71.46 -7.22 -43.00
C LYS B 418 -72.94 -6.87 -43.17
N VAL B 419 -73.28 -6.35 -44.35
CA VAL B 419 -74.66 -5.96 -44.60
C VAL B 419 -75.56 -7.20 -44.70
N SER B 420 -75.07 -8.28 -45.30
CA SER B 420 -75.85 -9.50 -45.41
C SER B 420 -76.00 -10.22 -44.08
N GLY B 421 -74.99 -10.13 -43.22
CA GLY B 421 -75.04 -10.80 -41.93
C GLY B 421 -74.07 -11.96 -41.83
N ASN B 422 -73.26 -11.97 -40.76
CA ASN B 422 -72.28 -13.02 -40.53
C ASN B 422 -72.72 -13.88 -39.36
N TYR B 423 -72.67 -15.20 -39.54
CA TYR B 423 -73.09 -16.15 -38.50
C TYR B 423 -72.03 -17.20 -38.21
N ASN B 424 -70.82 -17.05 -38.74
CA ASN B 424 -69.77 -18.05 -38.52
C ASN B 424 -69.30 -18.08 -37.07
N TYR B 425 -69.57 -17.04 -36.29
CA TYR B 425 -69.16 -16.99 -34.90
C TYR B 425 -70.24 -17.60 -34.03
N LEU B 426 -69.92 -18.69 -33.34
CA LEU B 426 -70.88 -19.46 -32.57
C LEU B 426 -70.52 -19.43 -31.09
N TYR B 427 -71.55 -19.63 -30.26
CA TYR B 427 -71.38 -19.68 -28.82
C TYR B 427 -72.38 -20.66 -28.24
N ARG B 428 -72.06 -21.18 -27.05
CA ARG B 428 -72.90 -22.17 -26.39
C ARG B 428 -73.62 -21.56 -25.20
N LEU B 429 -74.90 -21.91 -25.07
CA LEU B 429 -75.72 -21.49 -23.94
C LEU B 429 -76.24 -22.64 -23.09
N PHE B 430 -75.97 -23.89 -23.47
CA PHE B 430 -76.47 -25.05 -22.74
C PHE B 430 -75.33 -26.04 -22.57
N ARG B 431 -74.87 -26.21 -21.33
CA ARG B 431 -73.86 -27.20 -21.01
C ARG B 431 -74.24 -27.91 -19.72
N LYS B 432 -74.09 -29.24 -19.71
CA LYS B 432 -74.46 -30.02 -18.54
C LYS B 432 -73.53 -29.74 -17.36
N SER B 433 -72.22 -29.75 -17.62
CA SER B 433 -71.23 -29.55 -16.57
C SER B 433 -70.67 -28.13 -16.63
N ASN B 434 -69.67 -27.86 -15.81
CA ASN B 434 -69.01 -26.56 -15.76
C ASN B 434 -67.62 -26.67 -16.35
N LEU B 435 -67.28 -25.73 -17.24
CA LEU B 435 -65.97 -25.76 -17.89
C LEU B 435 -64.87 -25.41 -16.89
N LYS B 436 -63.82 -26.22 -16.88
CA LYS B 436 -62.65 -25.92 -16.08
C LYS B 436 -61.82 -24.83 -16.76
N PRO B 437 -61.00 -24.11 -15.99
CA PRO B 437 -60.20 -23.04 -16.60
C PRO B 437 -59.28 -23.58 -17.69
N PHE B 438 -59.15 -22.79 -18.76
CA PHE B 438 -58.31 -23.12 -19.92
C PHE B 438 -58.69 -24.48 -20.51
N GLU B 439 -59.98 -24.62 -20.83
CA GLU B 439 -60.50 -25.85 -21.39
C GLU B 439 -61.42 -25.52 -22.56
N ARG B 440 -61.24 -26.21 -23.67
CA ARG B 440 -62.10 -26.06 -24.84
C ARG B 440 -63.19 -27.12 -24.84
N ASP B 441 -64.32 -26.77 -25.45
CA ASP B 441 -65.45 -27.68 -25.61
C ASP B 441 -65.84 -27.69 -27.09
N ILE B 442 -65.52 -28.78 -27.78
CA ILE B 442 -65.74 -28.86 -29.21
C ILE B 442 -66.93 -29.75 -29.58
N SER B 443 -67.30 -30.70 -28.73
CA SER B 443 -68.43 -31.56 -29.03
C SER B 443 -69.73 -30.76 -29.08
N THR B 444 -70.55 -31.02 -30.09
CA THR B 444 -71.79 -30.30 -30.32
C THR B 444 -73.00 -31.21 -30.17
N GLU B 445 -72.97 -32.08 -29.17
CA GLU B 445 -74.10 -32.95 -28.91
C GLU B 445 -75.29 -32.15 -28.39
N ILE B 446 -76.49 -32.57 -28.77
CA ILE B 446 -77.70 -31.86 -28.35
C ILE B 446 -77.90 -32.07 -26.85
N TYR B 447 -78.42 -31.03 -26.20
CA TYR B 447 -78.62 -31.08 -24.76
C TYR B 447 -79.79 -32.01 -24.40
N GLN B 448 -79.60 -32.79 -23.34
CA GLN B 448 -80.64 -33.65 -22.80
C GLN B 448 -81.17 -33.03 -21.52
N ALA B 449 -82.48 -32.86 -21.44
CA ALA B 449 -83.12 -32.16 -20.33
C ALA B 449 -83.94 -33.17 -19.51
N GLY B 450 -83.28 -33.83 -18.57
CA GLY B 450 -83.96 -34.67 -17.60
C GLY B 450 -84.49 -35.98 -18.15
N ASN B 451 -85.38 -35.92 -19.12
CA ASN B 451 -86.09 -37.09 -19.60
C ASN B 451 -86.36 -36.90 -21.09
N LYS B 452 -87.31 -37.69 -21.63
CA LYS B 452 -87.75 -37.71 -23.02
C LYS B 452 -86.71 -38.39 -23.90
N PRO B 453 -87.11 -39.07 -24.97
CA PRO B 453 -86.16 -39.89 -25.73
C PRO B 453 -85.24 -39.11 -26.65
N CYS B 454 -85.22 -37.78 -26.51
CA CYS B 454 -84.33 -36.96 -27.34
C CYS B 454 -82.91 -37.08 -26.79
N ASN B 455 -82.27 -38.20 -27.10
CA ASN B 455 -80.87 -38.45 -26.77
C ASN B 455 -80.00 -38.46 -28.01
N GLY B 456 -80.40 -37.71 -29.04
CA GLY B 456 -79.72 -37.71 -30.31
C GLY B 456 -80.71 -37.66 -31.46
N VAL B 457 -82.00 -37.79 -31.13
CA VAL B 457 -83.05 -37.69 -32.15
C VAL B 457 -83.15 -36.27 -32.67
N ALA B 458 -82.82 -35.28 -31.84
CA ALA B 458 -82.89 -33.86 -32.20
C ALA B 458 -84.32 -33.45 -32.55
N GLY B 459 -85.20 -33.60 -31.57
CA GLY B 459 -86.59 -33.23 -31.74
C GLY B 459 -87.04 -32.14 -30.78
N PHE B 460 -88.16 -32.35 -30.11
CA PHE B 460 -88.69 -31.38 -29.17
C PHE B 460 -88.15 -31.67 -27.76
N ASN B 461 -88.32 -30.67 -26.88
CA ASN B 461 -87.83 -30.73 -25.50
C ASN B 461 -86.32 -30.92 -25.45
N CYS B 462 -85.62 -30.40 -26.46
CA CYS B 462 -84.16 -30.48 -26.54
C CYS B 462 -83.68 -29.48 -27.56
N TYR B 463 -82.69 -28.68 -27.19
CA TYR B 463 -82.22 -27.57 -28.01
C TYR B 463 -80.76 -27.76 -28.38
N PHE B 464 -80.39 -27.28 -29.56
CA PHE B 464 -79.00 -27.32 -29.99
C PHE B 464 -78.21 -26.27 -29.23
N PRO B 465 -77.13 -26.64 -28.55
CA PRO B 465 -76.46 -25.69 -27.64
C PRO B 465 -75.68 -24.60 -28.36
N LEU B 466 -75.07 -24.94 -29.49
CA LEU B 466 -74.22 -23.99 -30.20
C LEU B 466 -75.10 -23.06 -31.04
N ARG B 467 -75.35 -21.86 -30.52
CA ARG B 467 -76.13 -20.86 -31.23
C ARG B 467 -75.20 -19.91 -31.98
N SER B 468 -75.79 -19.10 -32.85
CA SER B 468 -75.05 -18.21 -33.73
C SER B 468 -75.18 -16.76 -33.26
N TYR B 469 -74.12 -15.99 -33.48
CA TYR B 469 -74.10 -14.58 -33.12
C TYR B 469 -74.90 -13.78 -34.15
N SER B 470 -75.11 -12.50 -33.85
CA SER B 470 -75.77 -11.56 -34.75
C SER B 470 -74.80 -10.43 -35.05
N PHE B 471 -74.02 -10.59 -36.12
CA PHE B 471 -73.01 -9.61 -36.48
C PHE B 471 -73.22 -9.09 -37.89
N ARG B 472 -73.27 -6.07 -38.90
CA ARG B 472 -74.34 -5.25 -39.44
C ARG B 472 -74.19 -3.81 -39.01
N PRO B 473 -74.16 -2.89 -39.98
CA PRO B 473 -74.02 -1.46 -39.63
C PRO B 473 -75.19 -0.90 -38.86
N THR B 474 -76.36 -1.55 -38.91
CA THR B 474 -77.53 -1.07 -38.19
C THR B 474 -77.44 -1.30 -36.69
N TYR B 475 -76.45 -2.05 -36.22
CA TYR B 475 -76.30 -2.31 -34.79
C TYR B 475 -75.54 -1.17 -34.12
N GLY B 476 -75.97 -0.85 -32.90
CA GLY B 476 -75.36 0.19 -32.11
C GLY B 476 -74.31 -0.33 -31.16
N VAL B 477 -74.00 0.48 -30.15
CA VAL B 477 -73.01 0.09 -29.15
C VAL B 477 -73.61 -0.96 -28.23
N GLY B 478 -72.89 -2.06 -28.04
CA GLY B 478 -73.34 -3.16 -27.22
C GLY B 478 -73.45 -4.49 -27.94
N HIS B 479 -73.61 -4.47 -29.27
CA HIS B 479 -73.70 -5.68 -30.07
C HIS B 479 -72.54 -5.83 -31.04
N GLN B 480 -71.64 -4.86 -31.12
CA GLN B 480 -70.54 -4.94 -32.05
C GLN B 480 -69.56 -6.03 -31.63
N PRO B 481 -68.97 -6.76 -32.58
CA PRO B 481 -67.99 -7.79 -32.22
C PRO B 481 -66.67 -7.16 -31.80
N TYR B 482 -66.09 -7.66 -30.71
CA TYR B 482 -64.82 -7.19 -30.19
C TYR B 482 -63.80 -8.32 -30.25
N ARG B 483 -62.63 -8.03 -30.82
CA ARG B 483 -61.55 -9.00 -30.86
C ARG B 483 -60.76 -8.92 -29.56
N VAL B 484 -60.71 -10.03 -28.82
CA VAL B 484 -60.06 -10.09 -27.52
C VAL B 484 -58.95 -11.15 -27.59
N VAL B 485 -57.74 -10.75 -27.20
CA VAL B 485 -56.59 -11.65 -27.16
C VAL B 485 -56.11 -11.73 -25.71
N VAL B 486 -55.82 -12.94 -25.25
CA VAL B 486 -55.42 -13.20 -23.87
C VAL B 486 -54.01 -13.75 -23.86
N LEU B 487 -53.16 -13.16 -23.04
CA LEU B 487 -51.77 -13.58 -22.91
C LEU B 487 -51.54 -14.17 -21.52
N SER B 488 -50.88 -15.33 -21.48
CA SER B 488 -50.59 -16.01 -20.22
C SER B 488 -49.16 -16.51 -20.25
N PHE B 489 -48.66 -16.88 -19.07
CA PHE B 489 -47.28 -17.34 -18.94
C PHE B 489 -47.15 -18.20 -17.69
N GLU B 490 -46.05 -18.96 -17.64
CA GLU B 490 -45.70 -19.77 -16.50
C GLU B 490 -44.25 -19.52 -16.13
N LEU B 491 -43.94 -19.65 -14.84
CA LEU B 491 -42.64 -19.30 -14.30
C LEU B 491 -42.10 -20.41 -13.43
N LEU B 492 -40.76 -20.44 -13.31
CA LEU B 492 -40.04 -21.36 -12.43
C LEU B 492 -40.29 -22.82 -12.81
N HIS B 493 -40.21 -23.10 -14.11
CA HIS B 493 -40.21 -24.48 -14.58
C HIS B 493 -39.25 -24.72 -15.73
N ALA B 494 -38.49 -23.71 -16.15
CA ALA B 494 -37.55 -23.82 -17.26
C ALA B 494 -36.65 -22.59 -17.25
N PRO B 495 -35.48 -22.66 -17.89
CA PRO B 495 -34.66 -21.45 -18.02
C PRO B 495 -35.38 -20.37 -18.80
N ALA B 496 -35.13 -19.12 -18.43
CA ALA B 496 -35.78 -17.99 -19.07
C ALA B 496 -35.37 -17.91 -20.54
N THR B 497 -36.36 -17.74 -21.42
CA THR B 497 -36.14 -17.71 -22.85
C THR B 497 -36.72 -16.48 -23.53
N VAL B 498 -37.88 -16.01 -23.11
CA VAL B 498 -38.58 -14.91 -23.77
C VAL B 498 -38.69 -13.74 -22.79
N CYS B 499 -38.17 -12.58 -23.21
CA CYS B 499 -38.33 -11.31 -22.53
C CYS B 499 -37.71 -10.22 -23.40
N GLY B 500 -38.31 -9.04 -23.34
CA GLY B 500 -37.84 -7.93 -24.13
C GLY B 500 -36.52 -7.38 -23.64
N PRO B 501 -35.90 -6.48 -24.42
CA PRO B 501 -34.61 -5.89 -24.07
C PRO B 501 -34.70 -4.96 -22.87
N LYS B 503 -31.53 -1.96 -22.59
CA LYS B 503 -32.05 -0.61 -22.68
C LYS B 503 -31.88 -0.03 -24.08
N SER B 504 -30.62 0.02 -24.52
CA SER B 504 -30.26 0.56 -25.84
C SER B 504 -30.79 1.97 -26.02
N THR B 505 -30.31 2.88 -25.17
CA THR B 505 -30.74 4.26 -25.21
C THR B 505 -30.10 5.00 -26.38
N ASN B 506 -30.45 6.27 -26.53
CA ASN B 506 -29.95 7.08 -27.63
C ASN B 506 -28.48 7.43 -27.42
N LEU B 507 -27.80 7.72 -28.54
CA LEU B 507 -26.41 8.09 -28.53
C LEU B 507 -26.27 9.60 -28.64
N VAL B 508 -25.43 10.19 -27.79
CA VAL B 508 -25.16 11.62 -27.81
C VAL B 508 -23.65 11.82 -27.79
N LYS B 509 -23.21 12.95 -28.36
CA LYS B 509 -21.79 13.22 -28.53
C LYS B 509 -21.47 14.64 -28.04
N ASN B 510 -20.17 14.95 -28.07
CA ASN B 510 -19.66 16.30 -27.82
C ASN B 510 -19.98 16.80 -26.41
N LYS B 511 -20.05 15.87 -25.45
CA LYS B 511 -20.17 16.23 -24.05
C LYS B 511 -19.84 15.02 -23.20
N CYS B 512 -19.23 15.29 -22.03
CA CYS B 512 -18.81 14.23 -21.14
C CYS B 512 -20.02 13.51 -20.56
N VAL B 513 -20.21 12.25 -20.96
CA VAL B 513 -21.34 11.45 -20.52
C VAL B 513 -20.84 10.08 -20.12
N ASN B 514 -21.72 9.30 -19.50
CA ASN B 514 -21.42 7.93 -19.11
C ASN B 514 -21.89 6.99 -20.22
N PHE B 515 -20.98 6.19 -20.75
CA PHE B 515 -21.26 5.32 -21.89
C PHE B 515 -21.10 3.86 -21.48
N ASN B 516 -21.91 3.00 -22.10
CA ASN B 516 -21.84 1.56 -21.91
C ASN B 516 -22.05 0.90 -23.27
N PHE B 517 -20.95 0.63 -23.98
CA PHE B 517 -20.98 0.01 -25.30
C PHE B 517 -20.71 -1.48 -25.13
N ASN B 518 -21.78 -2.24 -24.83
CA ASN B 518 -21.67 -3.68 -24.57
C ASN B 518 -20.63 -3.97 -23.50
N GLY B 519 -20.67 -3.19 -22.42
CA GLY B 519 -19.63 -3.23 -21.41
C GLY B 519 -18.73 -2.03 -21.54
N LEU B 520 -17.45 -2.20 -21.16
CA LEU B 520 -16.46 -1.13 -21.28
C LEU B 520 -16.94 0.15 -20.59
N LYS B 521 -17.41 0.00 -19.35
CA LYS B 521 -17.97 1.12 -18.62
C LYS B 521 -16.92 2.20 -18.40
N GLY B 522 -17.32 3.45 -18.61
CA GLY B 522 -16.40 4.57 -18.44
C GLY B 522 -17.14 5.87 -18.64
N THR B 523 -16.39 6.96 -18.57
CA THR B 523 -16.93 8.30 -18.72
C THR B 523 -15.99 9.12 -19.60
N GLY B 524 -16.56 9.83 -20.57
CA GLY B 524 -15.77 10.65 -21.46
C GLY B 524 -16.64 11.30 -22.51
N VAL B 525 -15.97 12.05 -23.38
CA VAL B 525 -16.62 12.77 -24.48
C VAL B 525 -16.43 11.94 -25.75
N LEU B 526 -17.47 11.90 -26.58
CA LEU B 526 -17.47 11.10 -27.80
C LEU B 526 -17.43 12.01 -29.02
N THR B 527 -16.50 11.72 -29.93
CA THR B 527 -16.37 12.47 -31.17
C THR B 527 -16.10 11.51 -32.31
N GLU B 528 -16.49 11.91 -33.52
CA GLU B 528 -16.25 11.10 -34.70
C GLU B 528 -14.76 11.13 -35.07
N SER B 529 -14.25 9.96 -35.45
CA SER B 529 -12.84 9.80 -35.78
C SER B 529 -12.67 9.12 -37.13
N ASN B 530 -11.51 9.33 -37.74
CA ASN B 530 -11.19 8.78 -39.04
C ASN B 530 -10.47 7.43 -38.97
N LYS B 531 -10.30 6.88 -37.77
CA LYS B 531 -9.64 5.58 -37.64
C LYS B 531 -10.49 4.49 -38.29
N LYS B 532 -9.80 3.53 -38.93
CA LYS B 532 -10.46 2.50 -39.72
C LYS B 532 -10.21 1.14 -39.07
N PHE B 533 -11.25 0.60 -38.45
CA PHE B 533 -11.17 -0.70 -37.79
C PHE B 533 -11.16 -1.83 -38.82
N LEU B 534 -10.66 -2.98 -38.38
CA LEU B 534 -10.88 -4.22 -39.11
C LEU B 534 -12.26 -4.77 -38.78
N PRO B 535 -12.82 -5.63 -39.64
CA PRO B 535 -14.20 -6.11 -39.40
C PRO B 535 -14.40 -6.77 -38.05
N PHE B 536 -13.41 -7.51 -37.55
CA PHE B 536 -13.56 -8.22 -36.28
C PHE B 536 -13.15 -7.39 -35.07
N GLN B 537 -12.56 -6.22 -35.27
CA GLN B 537 -12.06 -5.41 -34.16
C GLN B 537 -13.17 -4.49 -33.64
N GLN B 538 -13.36 -4.50 -32.33
CA GLN B 538 -14.40 -3.70 -31.68
C GLN B 538 -13.88 -2.39 -31.10
N PHE B 539 -12.75 -2.41 -30.39
CA PHE B 539 -12.22 -1.21 -29.77
C PHE B 539 -10.72 -1.16 -29.96
N GLY B 540 -10.17 0.05 -29.84
CA GLY B 540 -8.76 0.26 -30.04
C GLY B 540 -8.07 0.83 -28.82
N ARG B 541 -6.74 0.68 -28.76
CA ARG B 541 -5.95 1.18 -27.65
C ARG B 541 -4.77 1.98 -28.18
N ASP B 542 -4.47 3.09 -27.51
CA ASP B 542 -3.32 3.92 -27.85
C ASP B 542 -2.10 3.41 -27.08
N ILE B 543 -1.06 4.23 -27.00
CA ILE B 543 0.10 3.88 -26.21
C ILE B 543 -0.28 3.74 -24.75
N ALA B 544 0.40 2.83 -24.06
CA ALA B 544 0.22 2.58 -22.63
C ALA B 544 -1.17 2.06 -22.28
N ASP B 545 -1.83 1.38 -23.22
CA ASP B 545 -3.10 0.68 -22.97
C ASP B 545 -4.15 1.67 -22.47
N THR B 546 -4.52 2.60 -23.34
CA THR B 546 -5.59 3.55 -23.09
C THR B 546 -6.65 3.42 -24.18
N THR B 547 -7.91 3.31 -23.76
CA THR B 547 -9.01 3.12 -24.71
C THR B 547 -9.17 4.34 -25.61
N ASP B 548 -8.81 4.19 -26.87
CA ASP B 548 -8.80 5.32 -27.81
C ASP B 548 -10.09 5.40 -28.63
N ALA B 549 -10.65 4.25 -29.02
CA ALA B 549 -11.83 4.23 -29.86
C ALA B 549 -12.69 3.04 -29.52
N VAL B 550 -13.96 3.10 -29.94
CA VAL B 550 -14.91 2.01 -29.74
C VAL B 550 -15.90 2.03 -30.90
N ARG B 551 -16.45 0.86 -31.20
CA ARG B 551 -17.43 0.70 -32.28
C ARG B 551 -18.82 0.56 -31.68
N ASP B 552 -19.75 1.37 -32.16
CA ASP B 552 -21.12 1.30 -31.67
C ASP B 552 -21.77 0.03 -32.19
N PRO B 553 -22.27 -0.84 -31.30
CA PRO B 553 -22.89 -2.09 -31.77
C PRO B 553 -24.14 -1.89 -32.61
N GLN B 554 -24.77 -0.71 -32.53
CA GLN B 554 -26.01 -0.49 -33.28
C GLN B 554 -25.73 -0.12 -34.73
N THR B 555 -25.04 1.00 -34.96
CA THR B 555 -24.83 1.51 -36.31
C THR B 555 -23.41 1.28 -36.83
N LEU B 556 -22.56 0.61 -36.06
CA LEU B 556 -21.19 0.27 -36.44
C LEU B 556 -20.32 1.49 -36.73
N GLU B 557 -20.66 2.65 -36.18
CA GLU B 557 -19.89 3.87 -36.41
C GLU B 557 -18.63 3.86 -35.55
N ILE B 558 -17.64 4.65 -35.96
CA ILE B 558 -16.36 4.74 -35.29
C ILE B 558 -16.35 5.99 -34.42
N LEU B 559 -16.15 5.82 -33.13
CA LEU B 559 -16.20 6.91 -32.16
C LEU B 559 -14.89 7.02 -31.40
N ASP B 560 -14.36 8.23 -31.30
CA ASP B 560 -13.15 8.49 -30.53
C ASP B 560 -13.53 8.93 -29.11
N ILE B 561 -12.90 8.30 -28.12
CA ILE B 561 -13.18 8.59 -26.71
C ILE B 561 -11.95 9.25 -26.11
N THR B 562 -12.15 10.44 -25.54
CA THR B 562 -11.13 11.12 -24.78
C THR B 562 -11.75 11.60 -23.47
N PRO B 563 -10.97 11.62 -22.38
CA PRO B 563 -11.52 12.10 -21.11
C PRO B 563 -11.90 13.58 -21.20
N CYS B 564 -12.97 13.94 -20.51
CA CYS B 564 -13.40 15.32 -20.49
C CYS B 564 -12.44 16.15 -19.63
N SER B 565 -12.54 17.48 -19.76
CA SER B 565 -11.53 18.39 -19.25
C SER B 565 -11.35 18.25 -17.75
N PHE B 566 -10.09 18.21 -17.33
CA PHE B 566 -9.71 18.21 -15.92
C PHE B 566 -8.35 18.87 -15.77
N GLY B 567 -8.05 19.31 -14.55
CA GLY B 567 -6.77 19.95 -14.29
C GLY B 567 -6.70 20.59 -12.92
N GLY B 568 -5.53 21.09 -12.56
CA GLY B 568 -5.36 21.75 -11.28
C GLY B 568 -5.79 23.20 -11.32
N VAL B 569 -5.90 23.80 -10.14
CA VAL B 569 -6.23 25.21 -9.98
C VAL B 569 -5.14 25.88 -9.16
N SER B 570 -4.85 27.13 -9.47
CA SER B 570 -3.88 27.92 -8.74
C SER B 570 -4.49 29.27 -8.38
N VAL B 571 -4.22 29.72 -7.15
CA VAL B 571 -4.77 30.97 -6.63
C VAL B 571 -3.63 31.96 -6.45
N ILE B 572 -3.69 33.07 -7.17
CA ILE B 572 -2.70 34.13 -7.07
C ILE B 572 -3.21 35.15 -6.06
N THR B 573 -2.43 35.38 -5.00
CA THR B 573 -2.81 36.33 -3.97
C THR B 573 -1.62 37.23 -3.65
N PRO B 574 -1.86 38.53 -3.40
CA PRO B 574 -0.77 39.42 -3.00
C PRO B 574 -0.41 39.37 -1.53
N GLY B 575 -0.94 38.41 -0.78
CA GLY B 575 -0.67 38.34 0.65
C GLY B 575 -1.75 38.98 1.48
N THR B 576 -2.02 38.42 2.66
CA THR B 576 -3.03 38.98 3.54
C THR B 576 -2.56 40.30 4.15
N ASN B 577 -1.27 40.61 4.02
CA ASN B 577 -0.77 41.87 4.53
C ASN B 577 -1.47 43.05 3.86
N THR B 578 -1.63 42.97 2.54
CA THR B 578 -2.11 44.10 1.75
C THR B 578 -3.63 44.05 1.56
N SER B 579 -4.13 43.01 0.90
CA SER B 579 -5.54 42.91 0.58
C SER B 579 -5.95 41.46 0.48
N ASN B 580 -7.23 41.25 0.21
CA ASN B 580 -7.83 39.92 0.16
C ASN B 580 -8.27 39.51 -1.24
N GLN B 581 -7.99 40.32 -2.27
CA GLN B 581 -8.35 39.94 -3.62
C GLN B 581 -7.49 38.79 -4.11
N VAL B 582 -8.07 37.92 -4.93
CA VAL B 582 -7.37 36.76 -5.46
C VAL B 582 -7.70 36.60 -6.94
N ALA B 583 -6.82 35.89 -7.64
CA ALA B 583 -7.04 35.50 -9.02
C ALA B 583 -6.85 33.99 -9.14
N VAL B 584 -7.53 33.38 -10.11
CA VAL B 584 -7.57 31.93 -10.25
C VAL B 584 -7.04 31.55 -11.62
N LEU B 585 -6.17 30.55 -11.67
CA LEU B 585 -5.58 30.05 -12.90
C LEU B 585 -5.94 28.58 -13.07
N TYR B 586 -6.49 28.23 -14.23
CA TYR B 586 -6.84 26.85 -14.57
C TYR B 586 -5.80 26.34 -15.58
N GLN B 587 -4.87 25.51 -15.11
CA GLN B 587 -3.78 25.05 -15.98
C GLN B 587 -4.30 24.11 -17.04
N GLY B 588 -3.82 24.29 -18.28
CA GLY B 588 -4.08 23.37 -19.36
C GLY B 588 -5.51 23.32 -19.83
N VAL B 589 -6.31 24.36 -19.59
CA VAL B 589 -7.72 24.37 -19.95
C VAL B 589 -7.98 25.57 -20.86
N ASN B 590 -8.53 25.30 -22.04
CA ASN B 590 -9.00 26.35 -22.92
C ASN B 590 -10.32 26.88 -22.39
N CYS B 591 -10.27 28.02 -21.70
CA CYS B 591 -11.42 28.45 -20.90
C CYS B 591 -12.51 29.09 -21.73
N THR B 592 -12.53 28.88 -23.04
CA THR B 592 -13.80 28.98 -23.75
C THR B 592 -14.80 27.96 -23.23
N GLU B 593 -14.30 26.91 -22.58
CA GLU B 593 -15.06 25.98 -21.75
C GLU B 593 -15.05 26.52 -20.32
N VAL B 594 -15.65 25.78 -19.38
CA VAL B 594 -15.63 26.18 -17.99
C VAL B 594 -14.20 26.30 -17.47
N SER B 614 -12.49 39.66 -12.51
CA SER B 614 -13.56 39.88 -13.50
C SER B 614 -13.06 39.61 -14.91
N ASN B 615 -11.92 40.21 -15.26
CA ASN B 615 -11.36 40.04 -16.59
C ASN B 615 -10.88 38.60 -16.78
N VAL B 616 -11.08 38.08 -18.00
CA VAL B 616 -10.69 36.72 -18.36
C VAL B 616 -9.62 36.81 -19.44
N PHE B 617 -8.47 36.21 -19.19
CA PHE B 617 -7.33 36.26 -20.09
C PHE B 617 -6.82 34.85 -20.33
N GLN B 618 -6.35 34.60 -21.56
CA GLN B 618 -5.88 33.28 -21.97
C GLN B 618 -4.36 33.28 -22.06
N THR B 619 -3.74 32.27 -21.47
CA THR B 619 -2.30 32.13 -21.43
C THR B 619 -1.90 30.73 -21.88
N ARG B 620 -0.64 30.59 -22.29
CA ARG B 620 -0.14 29.27 -22.65
C ARG B 620 -0.13 28.33 -21.44
N ALA B 621 -0.01 28.88 -20.23
CA ALA B 621 -0.08 28.06 -19.03
C ALA B 621 -1.50 27.68 -18.65
N GLY B 622 -2.49 28.45 -19.08
CA GLY B 622 -3.87 28.20 -18.71
C GLY B 622 -4.70 29.44 -18.95
N CYS B 623 -5.86 29.50 -18.31
CA CYS B 623 -6.73 30.66 -18.40
C CYS B 623 -6.76 31.36 -17.05
N LEU B 624 -6.60 32.69 -17.07
CA LEU B 624 -6.47 33.48 -15.87
C LEU B 624 -7.73 34.31 -15.68
N ILE B 625 -8.36 34.18 -14.51
CA ILE B 625 -9.60 34.87 -14.19
C ILE B 625 -9.38 35.74 -12.97
N GLY B 626 -9.77 37.00 -13.06
CA GLY B 626 -9.63 37.94 -11.97
C GLY B 626 -8.44 38.87 -12.08
N ALA B 627 -7.71 38.83 -13.19
CA ALA B 627 -6.54 39.69 -13.41
C ALA B 627 -6.68 40.38 -14.76
N GLU B 628 -6.31 41.66 -14.80
CA GLU B 628 -6.42 42.46 -16.01
C GLU B 628 -5.08 42.51 -16.72
N TYR B 629 -5.08 42.30 -18.03
CA TYR B 629 -3.86 42.33 -18.82
C TYR B 629 -3.53 43.77 -19.22
N VAL B 630 -2.28 44.17 -19.02
CA VAL B 630 -1.80 45.49 -19.36
C VAL B 630 -0.59 45.33 -20.27
N ASN B 631 -0.40 46.27 -21.20
CA ASN B 631 0.66 46.16 -22.20
C ASN B 631 2.00 46.69 -21.70
N ASN B 632 2.06 47.25 -20.50
CA ASN B 632 3.34 47.66 -19.94
C ASN B 632 4.12 46.44 -19.45
N SER B 633 5.44 46.58 -19.44
CA SER B 633 6.33 45.51 -19.00
C SER B 633 7.04 45.94 -17.73
N TYR B 634 6.97 45.08 -16.70
CA TYR B 634 7.63 45.32 -15.43
C TYR B 634 8.46 44.10 -15.08
N GLU B 635 9.25 44.22 -14.01
CA GLU B 635 9.94 43.08 -13.45
C GLU B 635 8.93 42.08 -12.88
N CYS B 636 9.28 40.80 -12.94
CA CYS B 636 8.37 39.74 -12.52
C CYS B 636 8.19 39.76 -11.00
N ASP B 637 6.94 39.80 -10.56
CA ASP B 637 6.60 39.68 -9.14
C ASP B 637 6.08 38.30 -8.78
N ILE B 638 5.03 37.85 -9.44
CA ILE B 638 4.50 36.50 -9.24
C ILE B 638 4.56 35.76 -10.57
N PRO B 639 5.45 34.78 -10.74
CA PRO B 639 5.58 34.09 -12.03
C PRO B 639 4.40 33.15 -12.25
N ILE B 640 3.71 33.34 -13.38
CA ILE B 640 2.60 32.46 -13.75
C ILE B 640 3.06 31.38 -14.71
N GLY B 641 3.81 31.75 -15.74
CA GLY B 641 4.33 30.80 -16.71
C GLY B 641 4.29 31.38 -18.10
N ALA B 642 5.13 30.81 -18.98
CA ALA B 642 5.19 31.18 -20.39
C ALA B 642 5.48 32.67 -20.58
N GLY B 643 6.27 33.24 -19.67
CA GLY B 643 6.69 34.62 -19.80
C GLY B 643 5.70 35.65 -19.33
N ILE B 644 4.67 35.26 -18.60
CA ILE B 644 3.65 36.17 -18.09
C ILE B 644 3.70 36.16 -16.58
N CYS B 645 3.77 37.35 -15.98
CA CYS B 645 3.80 37.52 -14.54
C CYS B 645 2.62 38.37 -14.09
N ALA B 646 2.34 38.34 -12.80
CA ALA B 646 1.24 39.08 -12.21
C ALA B 646 1.70 39.81 -10.96
N SER B 647 1.05 40.93 -10.66
CA SER B 647 1.41 41.74 -9.51
C SER B 647 0.21 42.58 -9.09
N TYR B 648 0.32 43.19 -7.92
CA TYR B 648 -0.70 44.09 -7.40
C TYR B 648 -0.43 45.49 -7.93
N GLN B 649 -1.44 46.08 -8.58
CA GLN B 649 -1.23 47.35 -9.28
C GLN B 649 -0.83 48.46 -8.31
N THR B 650 -1.52 48.56 -7.19
CA THR B 650 -1.26 49.58 -6.17
C THR B 650 -1.25 50.99 -6.77
N GLN B 664 -4.22 48.20 -5.68
CA GLN B 664 -5.49 48.64 -6.26
C GLN B 664 -6.20 47.50 -6.97
N SER B 665 -5.45 46.71 -7.73
CA SER B 665 -6.02 45.62 -8.49
C SER B 665 -4.92 44.63 -8.86
N ILE B 666 -5.34 43.46 -9.31
CA ILE B 666 -4.43 42.43 -9.81
C ILE B 666 -4.27 42.63 -11.32
N ILE B 667 -3.04 42.70 -11.78
CA ILE B 667 -2.74 42.91 -13.20
C ILE B 667 -1.83 41.80 -13.68
N ALA B 668 -1.87 41.54 -14.99
CA ALA B 668 -1.00 40.57 -15.64
C ALA B 668 -0.25 41.24 -16.78
N TYR B 669 1.00 40.84 -16.99
CA TYR B 669 1.85 41.51 -17.96
C TYR B 669 2.97 40.56 -18.38
N THR B 670 3.69 40.97 -19.42
CA THR B 670 4.87 40.24 -19.86
C THR B 670 6.11 40.83 -19.22
N MET B 671 6.92 39.98 -18.59
CA MET B 671 8.09 40.46 -17.86
C MET B 671 9.10 41.09 -18.81
N SER B 672 9.80 42.11 -18.33
CA SER B 672 10.83 42.78 -19.10
C SER B 672 12.20 42.24 -18.72
N LEU B 673 13.00 41.89 -19.73
CA LEU B 673 14.33 41.34 -19.47
C LEU B 673 15.27 42.39 -18.88
N GLY B 674 15.16 43.64 -19.32
CA GLY B 674 16.01 44.68 -18.81
C GLY B 674 15.93 45.92 -19.66
N ALA B 675 16.74 46.91 -19.29
CA ALA B 675 16.77 48.17 -20.03
C ALA B 675 17.51 47.99 -21.34
N GLU B 676 17.01 48.64 -22.40
CA GLU B 676 17.67 48.59 -23.69
C GLU B 676 18.86 49.54 -23.72
N ASN B 677 19.97 49.07 -24.27
CA ASN B 677 21.19 49.86 -24.34
C ASN B 677 21.91 49.56 -25.65
N SER B 678 22.65 50.55 -26.14
CA SER B 678 23.44 50.42 -27.36
C SER B 678 24.78 51.08 -27.13
N VAL B 679 25.86 50.34 -27.40
CA VAL B 679 27.20 50.87 -27.22
C VAL B 679 27.69 51.44 -28.55
N ALA B 680 28.23 52.65 -28.50
CA ALA B 680 28.68 53.34 -29.71
C ALA B 680 29.99 52.74 -30.21
N TYR B 681 29.89 51.70 -31.04
CA TYR B 681 31.08 51.03 -31.55
C TYR B 681 31.64 51.78 -32.76
N SER B 682 32.91 52.14 -32.66
CA SER B 682 33.65 52.70 -33.80
C SER B 682 35.03 52.08 -33.77
N ASN B 683 35.66 51.99 -34.94
CA ASN B 683 36.95 51.32 -35.02
C ASN B 683 38.14 52.26 -34.82
N ASN B 684 37.91 53.47 -34.31
CA ASN B 684 39.01 54.33 -33.91
C ASN B 684 38.71 55.07 -32.62
N SER B 685 37.79 54.58 -31.79
CA SER B 685 37.41 55.25 -30.55
C SER B 685 37.42 54.27 -29.40
N ILE B 686 37.77 54.77 -28.21
CA ILE B 686 37.81 53.97 -26.99
C ILE B 686 37.18 54.80 -25.88
N ALA B 687 36.75 54.13 -24.82
CA ALA B 687 36.25 54.78 -23.62
C ALA B 687 37.09 54.35 -22.43
N ILE B 688 37.62 55.33 -21.70
CA ILE B 688 38.48 55.06 -20.55
C ILE B 688 37.91 55.76 -19.31
N PRO B 689 37.72 55.04 -18.20
CA PRO B 689 37.15 55.68 -17.00
C PRO B 689 38.12 56.65 -16.37
N THR B 690 37.59 57.78 -15.90
CA THR B 690 38.39 58.80 -15.24
C THR B 690 38.20 58.84 -13.73
N ASN B 691 37.45 57.88 -13.17
CA ASN B 691 37.18 57.86 -11.74
C ASN B 691 36.81 56.43 -11.37
N PHE B 692 36.58 56.22 -10.07
CA PHE B 692 36.29 54.88 -9.58
C PHE B 692 35.41 54.96 -8.35
N THR B 693 34.76 53.83 -8.03
CA THR B 693 33.97 53.68 -6.83
C THR B 693 34.29 52.35 -6.18
N ILE B 694 34.28 52.33 -4.85
CA ILE B 694 34.52 51.11 -4.07
C ILE B 694 33.17 50.66 -3.51
N SER B 695 32.84 49.39 -3.72
CA SER B 695 31.56 48.84 -3.32
C SER B 695 31.76 47.57 -2.52
N VAL B 696 30.83 47.31 -1.60
CA VAL B 696 30.84 46.12 -0.76
C VAL B 696 29.57 45.32 -1.06
N THR B 697 29.73 44.02 -1.24
CA THR B 697 28.64 43.13 -1.60
C THR B 697 28.56 41.98 -0.61
N THR B 698 27.34 41.56 -0.29
CA THR B 698 27.10 40.52 0.70
C THR B 698 26.69 39.22 0.01
N GLU B 699 27.27 38.11 0.48
CA GLU B 699 26.94 36.77 0.00
C GLU B 699 26.62 35.88 1.17
N ILE B 700 25.53 35.12 1.07
CA ILE B 700 25.08 34.21 2.13
C ILE B 700 25.13 32.79 1.58
N LEU B 701 25.77 31.89 2.32
CA LEU B 701 25.92 30.50 1.92
C LEU B 701 25.62 29.59 3.10
N PRO B 702 24.63 28.70 3.00
CA PRO B 702 24.41 27.73 4.08
C PRO B 702 25.54 26.72 4.17
N VAL B 703 25.80 26.26 5.39
CA VAL B 703 26.92 25.36 5.65
C VAL B 703 26.52 24.06 6.31
N SER B 704 25.45 23.99 7.11
CA SER B 704 25.11 22.76 7.81
C SER B 704 23.64 22.76 8.16
N MET B 705 23.14 21.57 8.50
CA MET B 705 21.77 21.34 8.94
C MET B 705 21.75 21.06 10.44
N THR B 706 20.57 20.68 10.92
CA THR B 706 20.42 20.19 12.29
C THR B 706 20.68 18.69 12.32
N LYS B 707 21.29 18.22 13.41
CA LYS B 707 21.60 16.80 13.57
C LYS B 707 20.42 16.11 14.24
N THR B 708 19.97 14.99 13.67
CA THR B 708 18.79 14.29 14.14
C THR B 708 19.11 12.84 14.45
N SER B 709 18.56 12.34 15.55
CA SER B 709 18.66 10.94 15.94
C SER B 709 17.26 10.39 16.17
N VAL B 710 17.00 9.19 15.65
CA VAL B 710 15.66 8.61 15.66
C VAL B 710 15.71 7.25 16.34
N ASP B 711 14.70 6.97 17.16
CA ASP B 711 14.53 5.68 17.81
C ASP B 711 13.45 4.89 17.07
N CYS B 712 13.76 3.66 16.69
CA CYS B 712 12.75 2.79 16.10
C CYS B 712 11.68 2.41 17.10
N THR B 713 12.07 1.72 18.18
CA THR B 713 11.09 1.10 19.06
C THR B 713 10.10 2.13 19.61
N MET B 714 10.61 3.27 20.12
CA MET B 714 9.72 4.26 20.70
C MET B 714 8.77 4.85 19.67
N TYR B 715 9.17 4.83 18.39
CA TYR B 715 8.35 5.43 17.34
C TYR B 715 7.30 4.45 16.81
N ILE B 716 7.76 3.29 16.35
CA ILE B 716 6.85 2.31 15.75
C ILE B 716 5.97 1.66 16.82
N CYS B 717 6.57 1.28 17.95
CA CYS B 717 5.85 0.49 18.95
C CYS B 717 5.50 1.27 20.21
N GLY B 718 6.31 2.24 20.61
CA GLY B 718 6.04 2.95 21.85
C GLY B 718 6.44 2.10 23.04
N ASP B 719 5.49 1.86 23.94
CA ASP B 719 5.74 1.13 25.17
C ASP B 719 5.31 -0.33 25.10
N SER B 720 4.89 -0.81 23.93
CA SER B 720 4.42 -2.18 23.78
C SER B 720 5.62 -3.11 23.63
N THR B 721 5.68 -4.16 24.47
CA THR B 721 6.77 -5.12 24.36
C THR B 721 6.47 -6.18 23.31
N GLU B 722 5.21 -6.59 23.20
CA GLU B 722 4.83 -7.55 22.18
C GLU B 722 5.03 -6.96 20.78
N CYS B 723 4.76 -5.66 20.62
CA CYS B 723 5.06 -5.02 19.34
C CYS B 723 6.55 -5.07 19.05
N SER B 724 7.39 -4.91 20.07
CA SER B 724 8.83 -5.06 19.88
C SER B 724 9.18 -6.47 19.46
N ASN B 725 8.51 -7.47 20.03
CA ASN B 725 8.77 -8.86 19.66
C ASN B 725 8.44 -9.11 18.19
N LEU B 726 7.29 -8.58 17.73
CA LEU B 726 6.96 -8.71 16.31
C LEU B 726 7.92 -7.92 15.43
N LEU B 727 8.32 -6.72 15.87
CA LEU B 727 9.23 -5.91 15.07
C LEU B 727 10.61 -6.54 14.96
N LEU B 728 10.99 -7.37 15.93
CA LEU B 728 12.29 -8.03 15.87
C LEU B 728 12.40 -8.98 14.68
N GLN B 729 11.27 -9.36 14.07
CA GLN B 729 11.28 -10.27 12.94
C GLN B 729 11.54 -9.59 11.61
N TYR B 730 11.63 -8.26 11.58
CA TYR B 730 11.79 -7.53 10.33
C TYR B 730 13.23 -7.29 9.94
N GLY B 731 14.19 -7.69 10.76
CA GLY B 731 15.59 -7.64 10.38
C GLY B 731 16.33 -6.36 10.73
N SER B 732 17.20 -5.92 9.85
CA SER B 732 18.15 -4.83 10.12
C SER B 732 17.80 -3.56 9.36
N PHE B 733 16.51 -3.24 9.22
CA PHE B 733 16.14 -1.93 8.67
C PHE B 733 16.60 -0.80 9.60
N CYS B 734 16.40 -0.99 10.90
CA CYS B 734 16.72 0.03 11.89
C CYS B 734 18.21 0.34 11.93
N THR B 735 19.05 -0.69 11.80
CA THR B 735 20.49 -0.45 11.75
C THR B 735 20.83 0.44 10.56
N GLN B 736 20.19 0.20 9.41
CA GLN B 736 20.42 1.05 8.24
C GLN B 736 20.00 2.48 8.50
N LEU B 737 18.81 2.67 9.09
CA LEU B 737 18.34 4.03 9.35
C LEU B 737 19.26 4.78 10.31
N LYS B 738 19.64 4.11 11.40
CA LYS B 738 20.54 4.74 12.37
C LYS B 738 21.89 5.05 11.77
N ARG B 739 22.43 4.14 10.95
CA ARG B 739 23.71 4.40 10.30
C ARG B 739 23.63 5.60 9.36
N ALA B 740 22.55 5.71 8.60
CA ALA B 740 22.40 6.85 7.70
C ALA B 740 22.33 8.15 8.47
N LEU B 741 21.55 8.18 9.55
CA LEU B 741 21.44 9.42 10.32
C LEU B 741 22.76 9.80 10.98
N THR B 742 23.50 8.81 11.50
CA THR B 742 24.80 9.09 12.08
C THR B 742 25.77 9.63 11.03
N GLY B 743 25.74 9.05 9.82
CA GLY B 743 26.56 9.58 8.75
C GLY B 743 26.23 11.02 8.41
N ILE B 744 24.94 11.35 8.38
CA ILE B 744 24.54 12.73 8.10
C ILE B 744 25.07 13.67 9.19
N ALA B 745 24.98 13.27 10.46
CA ALA B 745 25.44 14.13 11.54
C ALA B 745 26.94 14.37 11.47
N VAL B 746 27.72 13.30 11.28
CA VAL B 746 29.17 13.49 11.21
C VAL B 746 29.53 14.29 9.96
N GLU B 747 28.75 14.16 8.88
CA GLU B 747 28.96 14.98 7.70
C GLU B 747 28.77 16.46 8.01
N GLN B 748 27.72 16.79 8.79
CA GLN B 748 27.49 18.19 9.14
C GLN B 748 28.65 18.74 9.97
N ASP B 749 29.13 17.95 10.93
CA ASP B 749 30.27 18.39 11.73
C ASP B 749 31.51 18.60 10.86
N LYS B 750 31.75 17.69 9.91
CA LYS B 750 32.89 17.83 9.02
C LYS B 750 32.76 19.06 8.13
N ASN B 751 31.54 19.36 7.67
CA ASN B 751 31.32 20.56 6.87
C ASN B 751 31.70 21.82 7.65
N THR B 752 31.21 21.93 8.89
CA THR B 752 31.55 23.09 9.68
C THR B 752 33.05 23.19 9.90
N GLN B 753 33.70 22.07 10.23
CA GLN B 753 35.14 22.08 10.46
C GLN B 753 35.91 22.50 9.21
N GLU B 754 35.52 21.99 8.05
CA GLU B 754 36.28 22.28 6.84
C GLU B 754 36.05 23.72 6.39
N VAL B 755 34.89 24.29 6.71
CA VAL B 755 34.65 25.68 6.31
C VAL B 755 35.39 26.65 7.23
N PHE B 756 35.32 26.44 8.54
CA PHE B 756 35.77 27.48 9.47
C PHE B 756 37.16 27.27 10.06
N ALA B 757 37.67 26.05 10.08
CA ALA B 757 38.93 25.75 10.76
C ALA B 757 40.14 25.84 9.84
N GLN B 758 40.10 26.69 8.82
CA GLN B 758 41.21 26.79 7.87
C GLN B 758 42.47 27.36 8.53
N VAL B 759 42.33 28.38 9.38
CA VAL B 759 43.50 29.02 9.98
C VAL B 759 44.13 28.08 11.00
N LYS B 760 45.46 27.99 10.98
CA LYS B 760 46.17 27.07 11.85
C LYS B 760 46.17 27.57 13.30
N GLN B 761 46.44 28.85 13.52
CA GLN B 761 46.61 29.38 14.85
C GLN B 761 45.84 30.68 14.99
N ILE B 762 45.49 30.99 16.25
CA ILE B 762 44.57 32.09 16.55
C ILE B 762 45.36 33.39 16.62
N TYR B 763 45.07 34.30 15.70
CA TYR B 763 45.67 35.63 15.70
C TYR B 763 44.82 36.60 16.50
N LYS B 764 45.45 37.59 17.10
CA LYS B 764 44.78 38.59 17.92
C LYS B 764 44.89 39.96 17.27
N THR B 765 43.78 40.69 17.28
CA THR B 765 43.77 42.04 16.75
C THR B 765 44.64 42.97 17.61
N PRO B 766 45.37 43.89 16.98
CA PRO B 766 46.24 44.76 17.76
C PRO B 766 45.43 45.74 18.59
N PRO B 767 45.94 46.15 19.75
CA PRO B 767 45.18 47.07 20.60
C PRO B 767 44.94 48.43 19.96
N ILE B 768 45.87 48.92 19.14
CA ILE B 768 45.75 50.22 18.49
C ILE B 768 44.97 50.00 17.20
N LYS B 769 43.70 50.42 17.19
CA LYS B 769 42.82 50.19 16.06
C LYS B 769 42.83 51.40 15.12
N TYR B 770 44.00 51.63 14.53
CA TYR B 770 44.17 52.64 13.49
C TYR B 770 44.86 52.00 12.30
N PHE B 771 44.20 52.05 11.14
CA PHE B 771 44.68 51.39 9.93
C PHE B 771 44.66 52.34 8.74
N GLY B 772 45.15 53.55 8.94
CA GLY B 772 45.29 54.50 7.85
C GLY B 772 43.99 55.02 7.27
N GLY B 773 43.01 55.31 8.14
CA GLY B 773 41.77 55.93 7.72
C GLY B 773 40.58 54.98 7.64
N PHE B 774 40.83 53.69 7.51
CA PHE B 774 39.75 52.70 7.53
C PHE B 774 39.47 52.31 8.98
N ASN B 775 38.19 52.11 9.33
CA ASN B 775 37.88 51.47 10.60
C ASN B 775 37.13 50.19 10.25
N PHE B 776 37.56 49.08 10.83
CA PHE B 776 36.84 47.82 10.75
C PHE B 776 36.01 47.54 11.99
N SER B 777 35.51 48.60 12.64
CA SER B 777 34.78 48.43 13.90
C SER B 777 33.49 47.66 13.71
N GLN B 778 32.83 47.83 12.56
CA GLN B 778 31.56 47.15 12.33
C GLN B 778 31.74 45.66 12.04
N ILE B 779 32.96 45.21 11.77
CA ILE B 779 33.21 43.80 11.54
C ILE B 779 34.11 43.17 12.60
N LEU B 780 34.81 43.97 13.40
CA LEU B 780 35.64 43.43 14.46
C LEU B 780 34.80 43.14 15.71
N PRO B 781 35.20 42.14 16.50
CA PRO B 781 34.41 41.78 17.68
C PRO B 781 34.37 42.88 18.72
N ASP B 782 33.26 42.93 19.46
CA ASP B 782 33.09 43.88 20.55
C ASP B 782 33.31 43.17 21.87
N PRO B 783 34.36 43.47 22.62
CA PRO B 783 34.63 42.72 23.87
C PRO B 783 33.57 42.91 24.94
N SER B 784 32.75 43.97 24.87
CA SER B 784 31.81 44.25 25.95
C SER B 784 30.75 43.16 26.06
N LYS B 785 30.25 42.66 24.94
CA LYS B 785 29.15 41.72 24.94
C LYS B 785 29.58 40.38 25.52
N PRO B 786 28.63 39.61 26.07
CA PRO B 786 29.00 38.29 26.62
C PRO B 786 29.62 37.37 25.58
N SER B 787 29.13 37.41 24.35
CA SER B 787 29.74 36.69 23.23
C SER B 787 30.49 37.70 22.37
N LYS B 788 31.76 37.43 22.10
CA LYS B 788 32.61 38.39 21.38
C LYS B 788 32.27 38.38 19.89
N ARG B 789 31.10 38.93 19.58
CA ARG B 789 30.61 39.01 18.21
C ARG B 789 30.57 40.47 17.75
N SER B 790 30.84 40.66 16.47
CA SER B 790 30.77 41.98 15.87
C SER B 790 29.33 42.45 15.77
N PHE B 791 29.16 43.71 15.38
CA PHE B 791 27.83 44.29 15.24
C PHE B 791 27.04 43.58 14.15
N ILE B 792 27.66 43.37 12.99
CA ILE B 792 26.97 42.72 11.87
C ILE B 792 26.64 41.28 12.22
N GLU B 793 27.55 40.59 12.93
CA GLU B 793 27.27 39.22 13.33
C GLU B 793 26.06 39.15 14.27
N ASP B 794 25.96 40.10 15.20
CA ASP B 794 24.80 40.13 16.10
C ASP B 794 23.52 40.42 15.32
N LEU B 795 23.57 41.34 14.37
CA LEU B 795 22.40 41.62 13.56
C LEU B 795 21.96 40.39 12.77
N LEU B 796 22.92 39.67 12.19
CA LEU B 796 22.61 38.44 11.45
C LEU B 796 22.01 37.38 12.37
N PHE B 797 22.56 37.23 13.57
CA PHE B 797 22.06 36.22 14.49
C PHE B 797 20.64 36.55 14.94
N ASN B 798 20.34 37.83 15.15
CA ASN B 798 18.99 38.22 15.52
C ASN B 798 18.02 38.15 14.35
N LYS B 799 18.51 38.26 13.11
CA LYS B 799 17.62 38.23 11.95
C LYS B 799 17.04 36.85 11.72
N VAL B 800 17.78 35.80 12.05
CA VAL B 800 17.33 34.42 11.82
C VAL B 800 16.83 33.83 13.12
N THR B 801 15.64 33.25 13.09
CA THR B 801 15.04 32.60 14.25
C THR B 801 15.08 31.08 14.05
N LEU B 802 15.71 30.39 15.00
CA LEU B 802 15.83 28.94 14.92
C LEU B 802 14.88 28.25 15.88
N LYS B 828 12.86 14.48 23.45
CA LYS B 828 12.74 13.26 22.65
C LYS B 828 11.29 12.92 22.39
N PHE B 829 10.67 13.63 21.45
CA PHE B 829 9.27 13.41 21.09
C PHE B 829 9.19 12.11 20.28
N LYS B 830 8.79 11.03 20.94
CA LYS B 830 8.58 9.73 20.31
C LYS B 830 9.86 9.23 19.63
N GLY B 831 10.97 9.34 20.37
CA GLY B 831 12.24 8.83 19.92
C GLY B 831 13.01 9.75 18.99
N LEU B 832 12.49 10.92 18.67
CA LEU B 832 13.15 11.86 17.77
C LEU B 832 13.86 12.92 18.59
N THR B 833 15.17 13.04 18.41
CA THR B 833 15.97 14.00 19.14
C THR B 833 16.75 14.87 18.16
N VAL B 834 17.15 16.05 18.64
CA VAL B 834 18.00 16.96 17.89
C VAL B 834 19.32 17.08 18.64
N LEU B 835 20.42 16.76 17.95
CA LEU B 835 21.71 16.75 18.61
C LEU B 835 22.41 18.10 18.47
N PRO B 836 23.18 18.51 19.47
CA PRO B 836 23.87 19.80 19.40
C PRO B 836 25.13 19.69 18.54
N PRO B 837 25.46 20.75 17.82
CA PRO B 837 26.69 20.74 17.02
C PRO B 837 27.94 20.72 17.91
N LEU B 838 29.02 20.17 17.36
CA LEU B 838 30.26 20.05 18.11
C LEU B 838 30.86 21.42 18.43
N LEU B 839 30.87 22.31 17.46
CA LEU B 839 31.46 23.64 17.63
C LEU B 839 30.37 24.63 18.02
N THR B 840 30.51 25.24 19.20
CA THR B 840 29.57 26.26 19.63
C THR B 840 29.79 27.55 18.86
N ASP B 841 28.83 28.47 18.99
CA ASP B 841 28.92 29.73 18.26
C ASP B 841 30.10 30.57 18.71
N GLU B 842 30.52 30.44 19.97
CA GLU B 842 31.67 31.19 20.45
C GLU B 842 32.96 30.76 19.73
N MET B 843 33.12 29.46 19.50
CA MET B 843 34.31 28.97 18.81
C MET B 843 34.34 29.44 17.36
N ILE B 844 33.19 29.45 16.69
CA ILE B 844 33.12 29.93 15.32
C ILE B 844 33.42 31.43 15.27
N ALA B 845 32.93 32.17 16.27
CA ALA B 845 33.25 33.59 16.35
C ALA B 845 34.75 33.81 16.55
N GLN B 846 35.38 32.97 17.37
CA GLN B 846 36.83 33.08 17.57
C GLN B 846 37.58 32.79 16.27
N TYR B 847 37.15 31.77 15.53
CA TYR B 847 37.78 31.49 14.24
C TYR B 847 37.64 32.66 13.28
N THR B 848 36.44 33.23 13.21
CA THR B 848 36.22 34.39 12.33
C THR B 848 37.07 35.58 12.75
N SER B 849 37.18 35.83 14.05
CA SER B 849 38.01 36.92 14.54
C SER B 849 39.48 36.70 14.18
N ALA B 850 39.95 35.46 14.31
CA ALA B 850 41.32 35.16 13.94
C ALA B 850 41.55 35.41 12.45
N LEU B 851 40.61 35.01 11.61
CA LEU B 851 40.75 35.25 10.17
C LEU B 851 40.77 36.75 9.87
N LEU B 852 39.89 37.52 10.50
CA LEU B 852 39.87 38.97 10.30
C LEU B 852 41.19 39.60 10.72
N ALA B 853 41.69 39.24 11.90
CA ALA B 853 42.95 39.82 12.38
C ALA B 853 44.09 39.46 11.44
N GLY B 854 44.15 38.21 11.00
CA GLY B 854 45.21 37.81 10.09
C GLY B 854 45.17 38.56 8.76
N THR B 855 43.97 38.67 8.17
CA THR B 855 43.87 39.32 6.87
C THR B 855 44.10 40.83 6.97
N ILE B 856 43.76 41.42 8.12
CA ILE B 856 43.99 42.85 8.28
C ILE B 856 45.47 43.15 8.51
N THR B 857 46.13 42.32 9.32
CA THR B 857 47.50 42.65 9.72
C THR B 857 48.55 42.16 8.71
N SER B 858 48.36 40.99 8.11
CA SER B 858 49.40 40.36 7.30
C SER B 858 49.01 40.19 5.83
N GLY B 859 47.79 40.56 5.45
CA GLY B 859 47.41 40.39 4.05
C GLY B 859 47.16 38.93 3.74
N TRP B 860 47.67 38.50 2.59
CA TRP B 860 47.55 37.11 2.17
C TRP B 860 48.74 36.25 2.59
N THR B 861 49.71 36.82 3.29
CA THR B 861 50.93 36.07 3.62
C THR B 861 50.65 34.96 4.61
N PHE B 862 49.68 35.15 5.51
CA PHE B 862 49.41 34.15 6.54
C PHE B 862 48.71 32.93 5.98
N GLY B 863 48.15 33.01 4.78
CA GLY B 863 47.51 31.87 4.15
C GLY B 863 48.43 30.96 3.36
N ALA B 864 49.70 31.31 3.25
CA ALA B 864 50.67 30.52 2.50
C ALA B 864 51.89 30.13 3.30
N GLY B 865 51.93 30.47 4.59
CA GLY B 865 53.09 30.16 5.42
C GLY B 865 53.13 31.00 6.68
N ALA B 866 54.30 31.58 6.97
CA ALA B 866 54.41 32.46 8.12
C ALA B 866 53.67 33.77 7.86
N ALA B 867 53.11 34.34 8.93
CA ALA B 867 52.39 35.60 8.82
C ALA B 867 53.37 36.75 8.83
N LEU B 868 53.32 37.58 7.79
CA LEU B 868 54.26 38.68 7.60
C LEU B 868 53.48 39.99 7.67
N GLN B 869 53.86 40.86 8.61
CA GLN B 869 53.12 42.10 8.81
C GLN B 869 53.47 43.11 7.73
N ILE B 870 52.51 43.99 7.44
CA ILE B 870 52.66 45.03 6.42
C ILE B 870 51.59 46.08 6.66
N PRO B 871 51.91 47.37 6.56
CA PRO B 871 50.88 48.41 6.76
C PRO B 871 49.75 48.27 5.75
N PHE B 872 48.54 48.62 6.20
CA PHE B 872 47.34 48.37 5.40
C PHE B 872 47.33 49.16 4.10
N ALA B 873 47.85 50.39 4.12
CA ALA B 873 47.93 51.17 2.88
C ALA B 873 48.79 50.46 1.84
N MET B 874 49.89 49.84 2.27
CA MET B 874 50.72 49.08 1.36
C MET B 874 49.99 47.83 0.86
N GLN B 875 49.18 47.19 1.71
CA GLN B 875 48.33 46.09 1.26
C GLN B 875 47.40 46.53 0.15
N MET B 876 46.75 47.68 0.32
CA MET B 876 45.79 48.13 -0.68
C MET B 876 46.51 48.56 -1.95
N ALA B 877 47.73 49.07 -1.83
CA ALA B 877 48.53 49.35 -3.02
C ALA B 877 48.87 48.07 -3.78
N TYR B 878 49.25 47.02 -3.05
CA TYR B 878 49.42 45.70 -3.66
C TYR B 878 48.18 45.28 -4.41
N ARG B 879 47.02 45.40 -3.76
CA ARG B 879 45.78 44.91 -4.36
C ARG B 879 45.35 45.75 -5.56
N PHE B 880 45.66 47.06 -5.54
CA PHE B 880 45.44 47.89 -6.71
C PHE B 880 46.34 47.45 -7.86
N ASN B 881 47.60 47.14 -7.57
CA ASN B 881 48.48 46.58 -8.59
C ASN B 881 47.93 45.27 -9.14
N GLY B 882 47.24 44.50 -8.30
CA GLY B 882 46.68 43.24 -8.75
C GLY B 882 45.63 43.38 -9.83
N ILE B 883 44.84 44.45 -9.78
CA ILE B 883 43.73 44.63 -10.72
C ILE B 883 44.16 45.46 -11.91
N GLY B 884 45.44 45.82 -11.98
CA GLY B 884 45.96 46.54 -13.12
C GLY B 884 46.04 48.04 -12.96
N VAL B 885 45.97 48.56 -11.74
CA VAL B 885 46.06 49.99 -11.47
C VAL B 885 47.33 50.25 -10.67
N THR B 886 48.06 51.29 -11.05
CA THR B 886 49.30 51.61 -10.36
C THR B 886 49.02 52.06 -8.93
N GLN B 887 50.03 51.89 -8.07
CA GLN B 887 49.85 52.16 -6.65
C GLN B 887 49.80 53.66 -6.36
N ASN B 888 50.38 54.48 -7.24
CA ASN B 888 50.34 55.92 -7.05
C ASN B 888 48.91 56.44 -7.02
N VAL B 889 47.98 55.76 -7.70
CA VAL B 889 46.57 56.14 -7.63
C VAL B 889 46.07 56.06 -6.19
N LEU B 890 46.40 54.97 -5.50
CA LEU B 890 46.00 54.85 -4.10
C LEU B 890 46.74 55.86 -3.23
N TYR B 891 48.04 56.03 -3.44
CA TYR B 891 48.78 56.95 -2.59
C TYR B 891 48.35 58.39 -2.82
N GLU B 892 47.65 58.65 -3.92
CA GLU B 892 47.10 59.99 -4.14
C GLU B 892 45.64 60.12 -3.74
N ASN B 893 44.89 59.01 -3.66
CA ASN B 893 43.48 59.09 -3.30
C ASN B 893 43.14 58.26 -2.06
N GLN B 894 44.09 58.11 -1.14
CA GLN B 894 43.88 57.29 0.06
C GLN B 894 42.69 57.76 0.88
N LYS B 895 42.59 59.07 1.13
CA LYS B 895 41.50 59.56 1.97
C LYS B 895 40.14 59.32 1.33
N LEU B 896 40.03 59.58 0.02
CA LEU B 896 38.77 59.33 -0.68
C LEU B 896 38.41 57.85 -0.65
N ILE B 897 39.39 56.98 -0.86
CA ILE B 897 39.11 55.54 -0.87
C ILE B 897 38.68 55.07 0.51
N ALA B 898 39.33 55.58 1.56
CA ALA B 898 38.94 55.21 2.91
C ALA B 898 37.52 55.67 3.23
N ASN B 899 37.18 56.90 2.82
CA ASN B 899 35.83 57.39 3.04
C ASN B 899 34.81 56.54 2.29
N GLN B 900 35.11 56.17 1.05
CA GLN B 900 34.21 55.31 0.28
C GLN B 900 34.02 53.97 0.95
N PHE B 901 35.10 53.37 1.46
CA PHE B 901 34.98 52.08 2.13
C PHE B 901 34.13 52.19 3.39
N ASN B 902 34.34 53.23 4.19
CA ASN B 902 33.55 53.41 5.40
C ASN B 902 32.07 53.60 5.07
N SER B 903 31.77 54.42 4.07
CA SER B 903 30.38 54.63 3.66
C SER B 903 29.76 53.33 3.18
N ALA B 904 30.51 52.54 2.42
CA ALA B 904 29.98 51.27 1.92
C ALA B 904 29.67 50.32 3.07
N ILE B 905 30.56 50.24 4.07
CA ILE B 905 30.31 49.37 5.22
C ILE B 905 29.06 49.81 5.97
N GLY B 906 28.92 51.12 6.19
CA GLY B 906 27.72 51.61 6.84
C GLY B 906 26.46 51.29 6.06
N LYS B 907 26.51 51.45 4.74
CA LYS B 907 25.36 51.13 3.90
C LYS B 907 25.01 49.65 3.97
N ILE B 908 26.02 48.79 3.99
CA ILE B 908 25.75 47.34 4.10
C ILE B 908 25.08 47.03 5.42
N GLN B 909 25.55 47.62 6.52
CA GLN B 909 24.92 47.37 7.81
C GLN B 909 23.47 47.84 7.81
N ASP B 910 23.22 49.05 7.27
CA ASP B 910 21.86 49.56 7.24
C ASP B 910 20.95 48.70 6.37
N SER B 911 21.45 48.26 5.21
CA SER B 911 20.66 47.42 4.32
C SER B 911 20.33 46.08 4.96
N LEU B 912 21.30 45.47 5.63
CA LEU B 912 21.03 44.21 6.33
C LEU B 912 20.00 44.41 7.44
N SER B 913 20.10 45.52 8.18
CA SER B 913 19.13 45.79 9.23
C SER B 913 17.73 45.99 8.67
N SER B 914 17.61 46.73 7.56
CA SER B 914 16.29 47.10 7.06
C SER B 914 15.54 45.91 6.47
N THR B 915 16.20 45.13 5.63
CA THR B 915 15.56 44.04 4.90
C THR B 915 15.83 42.72 5.63
N ALA B 916 14.76 42.05 6.06
CA ALA B 916 14.88 40.77 6.76
C ALA B 916 14.77 39.56 5.83
N SER B 917 14.50 39.77 4.55
CA SER B 917 14.32 38.68 3.61
C SER B 917 15.61 38.27 2.90
N ALA B 918 16.74 38.89 3.24
CA ALA B 918 18.00 38.54 2.59
C ALA B 918 18.46 37.14 2.98
N LEU B 919 18.15 36.71 4.20
CA LEU B 919 18.58 35.41 4.72
C LEU B 919 17.53 34.33 4.52
N GLY B 920 16.71 34.44 3.46
CA GLY B 920 15.75 33.40 3.16
C GLY B 920 16.42 32.09 2.77
N LYS B 921 17.53 32.18 2.03
CA LYS B 921 18.27 30.98 1.67
C LYS B 921 18.84 30.28 2.90
N LEU B 922 19.08 31.03 3.97
CA LEU B 922 19.63 30.45 5.19
C LEU B 922 18.55 29.96 6.14
N GLN B 923 17.33 30.53 6.06
CA GLN B 923 16.25 30.06 6.91
C GLN B 923 15.43 28.96 6.23
N ASP B 924 15.59 28.78 4.91
CA ASP B 924 14.86 27.73 4.22
C ASP B 924 15.25 26.34 4.73
N VAL B 925 16.51 26.15 5.08
CA VAL B 925 16.95 24.84 5.55
C VAL B 925 16.27 24.47 6.86
N VAL B 926 16.21 25.41 7.80
CA VAL B 926 15.56 25.11 9.09
C VAL B 926 14.07 24.96 8.91
N ASN B 927 13.46 25.73 8.00
CA ASN B 927 12.04 25.55 7.72
C ASN B 927 11.76 24.16 7.16
N HIS B 928 12.59 23.70 6.21
CA HIS B 928 12.40 22.37 5.63
C HIS B 928 12.59 21.28 6.67
N ASN B 929 13.63 21.41 7.51
CA ASN B 929 13.85 20.42 8.55
C ASN B 929 12.67 20.35 9.51
N ALA B 930 12.17 21.51 9.93
CA ALA B 930 11.03 21.54 10.86
C ALA B 930 9.79 20.91 10.24
N GLN B 931 9.48 21.26 8.98
CA GLN B 931 8.27 20.71 8.37
C GLN B 931 8.40 19.21 8.15
N ALA B 932 9.59 18.74 7.76
CA ALA B 932 9.78 17.31 7.57
C ALA B 932 9.62 16.55 8.88
N LEU B 933 10.19 17.09 9.96
CA LEU B 933 10.11 16.40 11.24
C LEU B 933 8.67 16.40 11.77
N ASN B 934 7.96 17.52 11.58
CA ASN B 934 6.57 17.58 12.02
C ASN B 934 5.69 16.65 11.21
N THR B 935 5.97 16.51 9.92
CA THR B 935 5.25 15.53 9.10
C THR B 935 5.52 14.11 9.58
N LEU B 936 6.77 13.78 9.90
CA LEU B 936 7.08 12.46 10.43
C LEU B 936 6.33 12.20 11.73
N VAL B 937 6.27 13.20 12.60
CA VAL B 937 5.52 13.04 13.86
C VAL B 937 4.04 12.81 13.57
N LYS B 938 3.43 13.67 12.75
CA LYS B 938 1.99 13.63 12.55
C LYS B 938 1.57 12.38 11.79
N GLN B 939 2.48 11.76 11.03
CA GLN B 939 2.13 10.55 10.30
C GLN B 939 1.84 9.38 11.24
N LEU B 940 2.20 9.50 12.52
CA LEU B 940 1.99 8.40 13.45
C LEU B 940 0.50 8.19 13.74
N SER B 941 -0.34 9.17 13.42
CA SER B 941 -1.77 9.06 13.68
C SER B 941 -2.53 8.33 12.58
N SER B 942 -1.85 7.96 11.49
CA SER B 942 -2.53 7.32 10.37
C SER B 942 -2.93 5.90 10.72
N LYS B 943 -4.00 5.42 10.08
CA LYS B 943 -4.47 4.05 10.30
C LYS B 943 -3.81 3.06 9.34
N PHE B 944 -3.41 3.53 8.15
CA PHE B 944 -2.82 2.67 7.12
C PHE B 944 -3.73 1.51 6.76
N GLY B 945 -5.04 1.73 6.77
CA GLY B 945 -6.00 0.71 6.41
C GLY B 945 -6.37 -0.26 7.52
N ALA B 946 -5.80 -0.11 8.71
CA ALA B 946 -6.12 -0.98 9.82
C ALA B 946 -7.40 -0.54 10.51
N ILE B 947 -7.78 -1.27 11.57
CA ILE B 947 -9.00 -0.94 12.29
C ILE B 947 -8.85 0.34 13.09
N SER B 948 -7.69 0.56 13.71
CA SER B 948 -7.48 1.74 14.53
C SER B 948 -6.00 2.15 14.46
N SER B 949 -5.75 3.40 14.80
CA SER B 949 -4.40 3.97 14.80
C SER B 949 -3.66 3.72 16.10
N VAL B 950 -4.28 3.00 17.04
CA VAL B 950 -3.68 2.69 18.33
C VAL B 950 -3.50 1.17 18.41
N LEU B 951 -2.33 0.75 18.89
CA LEU B 951 -1.91 -0.64 18.70
C LEU B 951 -2.39 -1.54 19.83
N ASN B 952 -2.29 -1.07 21.07
CA ASN B 952 -2.72 -1.89 22.20
C ASN B 952 -4.21 -2.18 22.13
N ASP B 953 -5.00 -1.22 21.64
CA ASP B 953 -6.42 -1.47 21.43
C ASP B 953 -6.63 -2.51 20.34
N ILE B 954 -5.77 -2.52 19.31
CA ILE B 954 -5.87 -3.54 18.27
C ILE B 954 -5.64 -4.92 18.87
N PHE B 955 -4.63 -5.04 19.73
CA PHE B 955 -4.40 -6.31 20.41
C PHE B 955 -5.54 -6.66 21.36
N SER B 956 -6.20 -5.64 21.94
CA SER B 956 -7.27 -5.90 22.89
C SER B 956 -8.55 -6.39 22.21
N ARG B 957 -8.96 -5.78 21.11
CA ARG B 957 -10.26 -6.07 20.51
C ARG B 957 -10.24 -7.29 19.60
N LEU B 958 -9.07 -7.78 19.20
CA LEU B 958 -8.97 -8.88 18.27
C LEU B 958 -8.05 -9.96 18.82
N ASP B 959 -8.30 -11.20 18.40
CA ASP B 959 -7.40 -12.29 18.72
C ASP B 959 -6.08 -12.12 17.97
N PRO B 960 -4.97 -12.57 18.55
CA PRO B 960 -3.66 -12.39 17.91
C PRO B 960 -3.60 -12.97 16.51
N PRO B 961 -4.23 -14.14 16.24
CA PRO B 961 -4.25 -14.63 14.85
C PRO B 961 -4.76 -13.62 13.84
N GLU B 962 -5.78 -12.83 14.20
CA GLU B 962 -6.29 -11.78 13.33
C GLU B 962 -5.69 -10.42 13.63
N ALA B 963 -5.16 -10.20 14.84
CA ALA B 963 -4.57 -8.92 15.17
C ALA B 963 -3.20 -8.73 14.53
N GLU B 964 -2.50 -9.83 14.21
CA GLU B 964 -1.18 -9.69 13.61
C GLU B 964 -1.25 -9.07 12.22
N VAL B 965 -2.37 -9.24 11.50
CA VAL B 965 -2.51 -8.59 10.21
C VAL B 965 -2.53 -7.07 10.37
N GLN B 966 -3.32 -6.58 11.33
CA GLN B 966 -3.37 -5.14 11.59
C GLN B 966 -2.01 -4.63 12.06
N ILE B 967 -1.35 -5.40 12.93
CA ILE B 967 -0.05 -4.98 13.45
C ILE B 967 0.97 -4.91 12.32
N ASP B 968 0.94 -5.89 11.41
CA ASP B 968 1.82 -5.88 10.25
C ASP B 968 1.56 -4.66 9.38
N ARG B 969 0.29 -4.33 9.15
CA ARG B 969 -0.03 -3.16 8.34
C ARG B 969 0.52 -1.89 8.97
N LEU B 970 0.30 -1.71 10.27
CA LEU B 970 0.80 -0.51 10.96
C LEU B 970 2.32 -0.44 10.92
N ILE B 971 2.99 -1.57 11.19
CA ILE B 971 4.45 -1.57 11.21
C ILE B 971 5.01 -1.25 9.84
N THR B 972 4.42 -1.83 8.79
CA THR B 972 4.88 -1.56 7.44
C THR B 972 4.70 -0.09 7.08
N GLY B 973 3.55 0.49 7.43
CA GLY B 973 3.34 1.91 7.15
C GLY B 973 4.34 2.80 7.85
N ARG B 974 4.60 2.52 9.13
CA ARG B 974 5.53 3.34 9.90
C ARG B 974 6.96 3.19 9.38
N LEU B 975 7.35 1.98 9.02
CA LEU B 975 8.68 1.77 8.44
C LEU B 975 8.83 2.50 7.11
N GLN B 976 7.77 2.49 6.28
CA GLN B 976 7.83 3.21 5.02
C GLN B 976 7.98 4.71 5.26
N SER B 977 7.25 5.26 6.24
CA SER B 977 7.38 6.68 6.53
C SER B 977 8.80 7.02 7.01
N LEU B 978 9.37 6.18 7.87
CA LEU B 978 10.74 6.41 8.33
C LEU B 978 11.73 6.35 7.18
N GLN B 979 11.56 5.39 6.27
CA GLN B 979 12.46 5.30 5.12
C GLN B 979 12.36 6.53 4.23
N THR B 980 11.13 7.03 4.02
CA THR B 980 10.97 8.25 3.23
C THR B 980 11.68 9.43 3.88
N TYR B 981 11.52 9.57 5.21
CA TYR B 981 12.20 10.65 5.92
C TYR B 981 13.71 10.55 5.75
N VAL B 982 14.27 9.34 5.90
CA VAL B 982 15.71 9.17 5.79
C VAL B 982 16.21 9.50 4.38
N THR B 983 15.47 9.05 3.36
CA THR B 983 15.89 9.33 1.98
C THR B 983 15.90 10.82 1.69
N GLN B 984 14.84 11.54 2.09
CA GLN B 984 14.80 12.98 1.86
C GLN B 984 15.94 13.67 2.62
N GLN B 985 16.21 13.22 3.84
CA GLN B 985 17.31 13.82 4.61
C GLN B 985 18.65 13.59 3.91
N LEU B 986 18.85 12.40 3.33
CA LEU B 986 20.10 12.13 2.62
C LEU B 986 20.26 13.05 1.42
N ILE B 987 19.19 13.26 0.65
CA ILE B 987 19.28 14.14 -0.51
C ILE B 987 19.59 15.57 -0.08
N ARG B 988 18.90 16.06 0.96
CA ARG B 988 19.17 17.40 1.45
C ARG B 988 20.59 17.52 1.99
N ALA B 989 21.11 16.45 2.61
CA ALA B 989 22.47 16.46 3.10
C ALA B 989 23.47 16.57 1.96
N ALA B 990 23.20 15.88 0.85
CA ALA B 990 24.07 16.03 -0.32
C ALA B 990 24.08 17.47 -0.83
N GLU B 991 22.90 18.10 -0.89
CA GLU B 991 22.84 19.49 -1.32
C GLU B 991 23.62 20.40 -0.38
N ILE B 992 23.47 20.21 0.93
CA ILE B 992 24.18 21.03 1.91
C ILE B 992 25.68 20.80 1.81
N ARG B 993 26.11 19.57 1.54
CA ARG B 993 27.53 19.30 1.36
C ARG B 993 28.09 20.06 0.16
N ALA B 994 27.34 20.10 -0.94
CA ALA B 994 27.79 20.89 -2.10
C ALA B 994 27.91 22.36 -1.72
N SER B 995 26.93 22.89 -1.00
CA SER B 995 26.98 24.29 -0.59
C SER B 995 28.18 24.56 0.33
N ALA B 996 28.47 23.64 1.24
CA ALA B 996 29.58 23.83 2.17
C ALA B 996 30.92 23.75 1.45
N ASN B 997 31.05 22.86 0.46
CA ASN B 997 32.26 22.83 -0.34
C ASN B 997 32.47 24.15 -1.08
N LEU B 998 31.38 24.70 -1.65
CA LEU B 998 31.49 26.00 -2.30
C LEU B 998 31.92 27.08 -1.31
N ALA B 999 31.36 27.06 -0.11
CA ALA B 999 31.71 28.06 0.90
C ALA B 999 33.17 27.95 1.30
N ALA B 1000 33.67 26.73 1.47
CA ALA B 1000 35.07 26.55 1.84
C ALA B 1000 36.00 27.04 0.73
N THR B 1001 35.67 26.73 -0.52
CA THR B 1001 36.48 27.23 -1.64
C THR B 1001 36.47 28.75 -1.69
N LYS B 1002 35.30 29.36 -1.50
CA LYS B 1002 35.21 30.82 -1.51
C LYS B 1002 36.03 31.42 -0.38
N MET B 1003 35.98 30.84 0.81
CA MET B 1003 36.81 31.33 1.91
C MET B 1003 38.28 31.28 1.53
N SER B 1004 38.75 30.11 1.09
CA SER B 1004 40.17 29.94 0.80
C SER B 1004 40.63 30.88 -0.31
N GLU B 1005 39.77 31.16 -1.29
CA GLU B 1005 40.25 31.89 -2.46
C GLU B 1005 40.00 33.39 -2.38
N CYS B 1006 38.88 33.82 -1.78
CA CYS B 1006 38.61 35.25 -1.66
C CYS B 1006 39.21 35.85 -0.39
N VAL B 1007 39.22 35.13 0.72
CA VAL B 1007 39.64 35.71 2.00
C VAL B 1007 41.14 35.61 2.18
N LEU B 1008 41.75 34.48 1.81
CA LEU B 1008 43.18 34.29 1.99
C LEU B 1008 44.00 34.74 0.79
N GLY B 1009 43.37 35.31 -0.23
CA GLY B 1009 44.11 35.83 -1.37
C GLY B 1009 43.19 36.66 -2.25
N GLN B 1010 43.77 37.18 -3.33
CA GLN B 1010 43.03 37.96 -4.31
C GLN B 1010 42.78 37.09 -5.53
N SER B 1011 41.53 37.05 -5.98
CA SER B 1011 41.09 36.11 -7.01
C SER B 1011 40.90 36.83 -8.34
N LYS B 1012 41.54 36.32 -9.38
CA LYS B 1012 41.35 36.82 -10.75
C LYS B 1012 40.27 36.03 -11.48
N ARG B 1013 39.13 35.86 -10.85
CA ARG B 1013 37.97 35.19 -11.44
C ARG B 1013 36.81 36.18 -11.41
N VAL B 1014 36.14 36.33 -12.55
CA VAL B 1014 35.40 37.56 -12.83
C VAL B 1014 34.25 37.77 -11.84
N ASP B 1015 33.50 36.71 -11.53
CA ASP B 1015 32.33 36.85 -10.67
C ASP B 1015 32.36 35.89 -9.49
N PHE B 1016 33.54 35.34 -9.17
CA PHE B 1016 33.64 34.41 -8.05
C PHE B 1016 33.56 35.14 -6.71
N CYS B 1017 34.21 36.30 -6.61
CA CYS B 1017 34.34 37.01 -5.35
C CYS B 1017 33.63 38.36 -5.42
N GLY B 1018 32.45 38.39 -6.03
CA GLY B 1018 31.66 39.61 -6.14
C GLY B 1018 31.82 40.30 -7.48
N LYS B 1019 30.83 41.12 -7.82
CA LYS B 1019 30.84 41.84 -9.08
C LYS B 1019 31.87 42.97 -9.04
N GLY B 1020 32.57 43.17 -10.17
CA GLY B 1020 33.64 44.13 -10.24
C GLY B 1020 35.01 43.47 -10.14
N TYR B 1021 36.03 44.30 -10.02
CA TYR B 1021 37.39 43.80 -9.84
C TYR B 1021 37.66 43.57 -8.35
N HIS B 1022 37.97 42.33 -7.99
CA HIS B 1022 38.06 41.94 -6.59
C HIS B 1022 39.26 42.58 -5.91
N LEU B 1023 39.08 43.02 -4.67
CA LEU B 1023 40.16 43.56 -3.85
C LEU B 1023 40.45 42.68 -2.64
N MET B 1024 39.47 42.51 -1.76
CA MET B 1024 39.63 41.69 -0.56
C MET B 1024 38.24 41.45 0.03
N SER B 1025 38.15 40.44 0.89
CA SER B 1025 36.88 40.00 1.44
C SER B 1025 36.99 39.78 2.94
N PHE B 1026 35.83 39.73 3.60
CA PHE B 1026 35.72 39.56 5.04
C PHE B 1026 34.66 38.52 5.37
N PRO B 1027 34.98 37.50 6.16
CA PRO B 1027 33.97 36.54 6.59
C PRO B 1027 33.23 36.99 7.83
N GLN B 1028 31.95 36.62 7.90
CA GLN B 1028 31.13 36.84 9.08
C GLN B 1028 30.33 35.58 9.38
N SER B 1029 30.03 35.38 10.66
CA SER B 1029 29.38 34.15 11.09
C SER B 1029 27.86 34.29 11.08
N ALA B 1030 27.19 33.19 10.78
CA ALA B 1030 25.74 33.09 10.72
C ALA B 1030 25.33 31.83 11.46
N PRO B 1031 24.05 31.74 11.89
CA PRO B 1031 23.64 30.56 12.67
C PRO B 1031 23.90 29.23 11.99
N HIS B 1032 23.65 29.11 10.69
CA HIS B 1032 23.91 27.88 9.95
C HIS B 1032 24.61 28.16 8.62
N GLY B 1033 25.44 29.18 8.59
CA GLY B 1033 26.11 29.53 7.35
C GLY B 1033 27.18 30.57 7.59
N VAL B 1034 27.63 31.17 6.49
CA VAL B 1034 28.69 32.18 6.52
C VAL B 1034 28.27 33.33 5.62
N VAL B 1035 28.79 34.52 5.91
CA VAL B 1035 28.51 35.73 5.15
C VAL B 1035 29.83 36.33 4.72
N PHE B 1036 29.94 36.67 3.43
CA PHE B 1036 31.14 37.26 2.87
C PHE B 1036 30.86 38.69 2.45
N LEU B 1037 31.73 39.61 2.85
CA LEU B 1037 31.63 41.02 2.46
C LEU B 1037 32.71 41.26 1.41
N HIS B 1038 32.31 41.29 0.14
CA HIS B 1038 33.25 41.40 -0.97
C HIS B 1038 33.51 42.86 -1.28
N VAL B 1039 34.76 43.29 -1.17
CA VAL B 1039 35.19 44.64 -1.54
C VAL B 1039 35.75 44.59 -2.95
N THR B 1040 35.17 45.37 -3.85
CA THR B 1040 35.54 45.33 -5.26
C THR B 1040 35.76 46.74 -5.77
N TYR B 1041 36.32 46.83 -6.98
CA TYR B 1041 36.65 48.08 -7.62
C TYR B 1041 35.78 48.24 -8.86
N VAL B 1042 35.06 49.36 -8.95
CA VAL B 1042 34.14 49.62 -10.05
C VAL B 1042 34.56 50.93 -10.71
N PRO B 1043 34.95 50.91 -11.99
CA PRO B 1043 35.26 52.15 -12.69
C PRO B 1043 34.01 52.98 -12.96
N ALA B 1044 34.21 54.29 -13.10
CA ALA B 1044 33.10 55.20 -13.36
C ALA B 1044 33.61 56.45 -14.05
N GLN B 1045 32.66 57.21 -14.62
CA GLN B 1045 32.93 58.49 -15.27
C GLN B 1045 33.92 58.35 -16.43
N GLU B 1046 33.49 57.62 -17.45
CA GLU B 1046 34.32 57.40 -18.62
C GLU B 1046 34.22 58.57 -19.59
N LYS B 1047 35.15 58.60 -20.55
CA LYS B 1047 35.22 59.64 -21.56
C LYS B 1047 35.66 59.04 -22.89
N ASN B 1048 35.32 59.74 -23.98
CA ASN B 1048 35.67 59.25 -25.31
C ASN B 1048 37.04 59.75 -25.73
N PHE B 1049 37.75 58.91 -26.50
CA PHE B 1049 39.04 59.28 -27.05
C PHE B 1049 39.22 58.59 -28.40
N THR B 1050 40.23 59.03 -29.14
CA THR B 1050 40.58 58.42 -30.41
C THR B 1050 41.90 57.66 -30.27
N THR B 1051 41.94 56.45 -30.81
CA THR B 1051 43.09 55.57 -30.63
C THR B 1051 43.67 55.14 -31.97
N ALA B 1052 44.91 54.66 -31.92
CA ALA B 1052 45.59 54.03 -33.04
C ALA B 1052 46.31 52.79 -32.53
N PRO B 1053 46.43 51.75 -33.36
CA PRO B 1053 47.17 50.56 -32.92
C PRO B 1053 48.64 50.81 -32.65
N ALA B 1054 49.28 51.72 -33.38
CA ALA B 1054 50.71 51.94 -33.25
C ALA B 1054 51.05 53.34 -33.74
N ILE B 1055 52.29 53.74 -33.49
CA ILE B 1055 52.82 55.04 -33.91
C ILE B 1055 54.05 54.79 -34.77
N CYS B 1056 54.08 55.40 -35.95
CA CYS B 1056 55.24 55.32 -36.84
C CYS B 1056 56.10 56.56 -36.64
N HIS B 1057 57.40 56.35 -36.46
CA HIS B 1057 58.36 57.44 -36.34
C HIS B 1057 59.68 56.99 -36.94
N ASP B 1058 60.23 57.81 -37.85
CA ASP B 1058 61.46 57.48 -38.56
C ASP B 1058 61.35 56.16 -39.30
N GLY B 1059 60.16 55.85 -39.81
CA GLY B 1059 59.93 54.61 -40.52
C GLY B 1059 59.78 53.37 -39.67
N LYS B 1060 59.66 53.52 -38.36
CA LYS B 1060 59.53 52.39 -37.45
C LYS B 1060 58.24 52.49 -36.66
N ALA B 1061 57.60 51.35 -36.43
CA ALA B 1061 56.32 51.29 -35.74
C ALA B 1061 56.55 51.06 -34.25
N HIS B 1062 55.89 51.88 -33.43
CA HIS B 1062 56.03 51.82 -31.98
C HIS B 1062 54.74 51.35 -31.35
N PHE B 1063 54.86 50.38 -30.45
CA PHE B 1063 53.73 49.87 -29.68
C PHE B 1063 53.93 50.16 -28.20
N PRO B 1064 52.87 50.38 -27.44
CA PRO B 1064 53.04 50.70 -26.02
C PRO B 1064 53.37 49.46 -25.20
N ARG B 1065 54.28 49.63 -24.24
CA ARG B 1065 54.62 48.54 -23.33
C ARG B 1065 53.42 48.12 -22.51
N GLU B 1066 52.75 49.09 -21.89
CA GLU B 1066 51.49 48.87 -21.21
C GLU B 1066 50.65 50.14 -21.33
N GLY B 1067 49.37 49.95 -21.59
CA GLY B 1067 48.50 51.06 -21.87
C GLY B 1067 48.19 51.19 -23.36
N VAL B 1068 47.49 52.27 -23.70
CA VAL B 1068 47.05 52.52 -25.07
C VAL B 1068 47.39 53.96 -25.46
N PHE B 1069 47.51 54.17 -26.77
CA PHE B 1069 47.67 55.50 -27.32
C PHE B 1069 46.29 56.15 -27.44
N VAL B 1070 46.14 57.36 -26.88
CA VAL B 1070 44.89 58.08 -26.94
C VAL B 1070 45.17 59.51 -27.40
N SER B 1071 44.14 60.14 -27.97
CA SER B 1071 44.25 61.50 -28.47
C SER B 1071 43.08 62.33 -27.96
N ASN B 1072 43.39 63.49 -27.38
CA ASN B 1072 42.37 64.45 -27.00
C ASN B 1072 42.14 65.51 -28.07
N GLY B 1073 42.78 65.37 -29.23
CA GLY B 1073 42.73 66.40 -30.26
C GLY B 1073 44.06 67.10 -30.40
N THR B 1074 44.75 66.85 -31.51
CA THR B 1074 46.04 67.43 -31.90
C THR B 1074 47.19 66.95 -31.04
N HIS B 1075 46.97 66.04 -30.08
CA HIS B 1075 48.06 65.50 -29.28
C HIS B 1075 47.77 64.05 -28.95
N TRP B 1076 48.85 63.29 -28.71
CA TRP B 1076 48.75 61.87 -28.41
C TRP B 1076 49.47 61.56 -27.11
N PHE B 1077 48.86 60.69 -26.31
CA PHE B 1077 49.42 60.30 -25.02
C PHE B 1077 49.29 58.79 -24.85
N VAL B 1078 49.96 58.28 -23.83
CA VAL B 1078 49.84 56.89 -23.41
C VAL B 1078 49.24 56.87 -22.01
N THR B 1079 48.18 56.10 -21.83
CA THR B 1079 47.52 55.99 -20.54
C THR B 1079 47.20 54.52 -20.25
N GLN B 1080 47.16 54.18 -18.97
CA GLN B 1080 46.79 52.82 -18.58
C GLN B 1080 45.30 52.58 -18.87
N ARG B 1081 44.96 51.31 -19.07
CA ARG B 1081 43.63 50.98 -19.57
C ARG B 1081 42.54 51.30 -18.56
N ASN B 1082 42.78 51.01 -17.28
CA ASN B 1082 41.73 51.07 -16.27
C ASN B 1082 41.62 52.43 -15.58
N PHE B 1083 42.42 53.41 -15.97
CA PHE B 1083 42.37 54.72 -15.34
C PHE B 1083 43.02 55.73 -16.27
N TYR B 1084 42.42 56.91 -16.37
CA TYR B 1084 42.92 57.94 -17.28
C TYR B 1084 44.10 58.66 -16.63
N GLU B 1085 45.28 58.48 -17.22
CA GLU B 1085 46.50 59.14 -16.74
C GLU B 1085 47.44 59.33 -17.92
N PRO B 1086 47.25 60.40 -18.69
CA PRO B 1086 48.06 60.58 -19.91
C PRO B 1086 49.52 60.86 -19.60
N GLN B 1087 50.40 60.38 -20.48
CA GLN B 1087 51.83 60.63 -20.38
C GLN B 1087 52.38 60.92 -21.77
N ILE B 1088 53.52 61.63 -21.79
CA ILE B 1088 54.17 61.93 -23.06
C ILE B 1088 54.79 60.66 -23.63
N ILE B 1089 54.61 60.45 -24.93
CA ILE B 1089 55.15 59.26 -25.56
C ILE B 1089 56.67 59.38 -25.66
N THR B 1090 57.38 58.43 -25.07
CA THR B 1090 58.83 58.40 -25.08
C THR B 1090 59.31 57.01 -25.48
N THR B 1091 60.63 56.83 -25.44
CA THR B 1091 61.19 55.52 -25.74
C THR B 1091 61.12 54.58 -24.55
N ASP B 1092 60.81 55.10 -23.36
CA ASP B 1092 60.73 54.24 -22.17
C ASP B 1092 59.45 53.43 -22.16
N ASN B 1093 58.33 54.02 -22.58
CA ASN B 1093 57.03 53.37 -22.51
C ASN B 1093 56.58 52.79 -23.85
N THR B 1094 57.45 52.73 -24.84
CA THR B 1094 57.13 52.15 -26.13
C THR B 1094 58.27 51.24 -26.58
N PHE B 1095 57.92 50.26 -27.42
CA PHE B 1095 58.90 49.36 -27.99
C PHE B 1095 58.68 49.26 -29.50
N VAL B 1096 59.76 49.02 -30.23
CA VAL B 1096 59.75 49.05 -31.69
C VAL B 1096 59.64 47.63 -32.22
N SER B 1097 58.90 47.46 -33.32
CA SER B 1097 58.78 46.17 -33.98
C SER B 1097 58.53 46.42 -35.46
N GLY B 1098 59.58 46.40 -36.26
CA GLY B 1098 59.43 46.51 -37.70
C GLY B 1098 59.12 47.92 -38.18
N ASN B 1099 58.79 48.00 -39.47
CA ASN B 1099 58.44 49.25 -40.12
C ASN B 1099 56.92 49.42 -40.17
N CYS B 1100 56.50 50.64 -40.50
CA CYS B 1100 55.09 51.03 -40.38
C CYS B 1100 54.33 50.92 -41.69
N ASP B 1101 54.70 49.99 -42.57
CA ASP B 1101 53.96 49.79 -43.80
C ASP B 1101 53.03 48.59 -43.76
N VAL B 1102 52.94 47.89 -42.63
CA VAL B 1102 52.15 46.67 -42.53
C VAL B 1102 51.00 46.80 -41.54
N VAL B 1103 51.08 47.67 -40.55
CA VAL B 1103 50.03 47.83 -39.55
C VAL B 1103 48.88 48.62 -40.15
N ILE B 1104 47.66 48.14 -39.97
CA ILE B 1104 46.48 48.80 -40.49
C ILE B 1104 45.97 49.81 -39.48
N GLY B 1105 45.85 51.07 -39.89
CA GLY B 1105 45.37 52.11 -39.02
C GLY B 1105 46.44 52.83 -38.23
N ILE B 1106 47.71 52.68 -38.59
CA ILE B 1106 48.78 53.35 -37.87
C ILE B 1106 48.81 54.83 -38.22
N VAL B 1107 49.03 55.67 -37.21
CA VAL B 1107 49.23 57.10 -37.40
C VAL B 1107 50.64 57.42 -36.95
N ASN B 1108 51.14 58.58 -37.38
CA ASN B 1108 52.51 58.96 -37.05
C ASN B 1108 52.58 60.26 -36.28
N ASN B 1109 53.44 60.27 -35.27
CA ASN B 1109 53.63 61.38 -34.35
C ASN B 1109 55.01 61.27 -33.74
N THR B 1110 55.49 62.37 -33.18
CA THR B 1110 56.84 62.39 -32.64
C THR B 1110 56.92 61.60 -31.34
N VAL B 1111 58.08 60.99 -31.09
CA VAL B 1111 58.38 60.29 -29.84
C VAL B 1111 59.66 60.89 -29.28
N TYR B 1112 59.64 61.21 -27.99
CA TYR B 1112 60.78 61.87 -27.36
C TYR B 1112 61.81 60.86 -26.91
N ASP B 1113 63.09 61.20 -27.08
CA ASP B 1113 64.17 60.38 -26.58
C ASP B 1113 64.78 61.09 -25.38
N PRO B 1114 64.65 60.54 -24.17
CA PRO B 1114 65.18 61.25 -22.98
C PRO B 1114 66.67 61.56 -23.04
N LEU B 1115 67.47 60.72 -23.68
CA LEU B 1115 68.91 60.93 -23.68
C LEU B 1115 69.34 62.06 -24.62
N GLN B 1116 68.52 62.40 -25.60
CA GLN B 1116 68.90 63.42 -26.57
C GLN B 1116 69.10 64.80 -25.96
N PRO B 1117 68.17 65.35 -25.16
CA PRO B 1117 68.44 66.67 -24.57
C PRO B 1117 69.66 66.70 -23.67
N GLU B 1118 69.91 65.63 -22.92
CA GLU B 1118 71.09 65.57 -22.06
C GLU B 1118 72.37 65.48 -22.87
N LEU B 1119 72.37 64.71 -23.96
CA LEU B 1119 73.56 64.62 -24.81
C LEU B 1119 73.72 65.85 -25.69
N ASP B 1120 72.69 66.68 -25.79
CA ASP B 1120 72.76 67.89 -26.61
C ASP B 1120 73.37 69.04 -25.82
N ALA C 1 9.02 -36.99 -44.22
CA ALA C 1 8.69 -35.84 -45.05
C ALA C 1 8.50 -34.59 -44.21
N TYR C 2 9.58 -33.82 -44.07
CA TYR C 2 9.60 -32.63 -43.24
C TYR C 2 9.92 -31.40 -44.10
N THR C 3 9.41 -30.26 -43.66
CA THR C 3 9.55 -29.01 -44.42
C THR C 3 9.57 -27.84 -43.44
N ASN C 4 10.38 -26.84 -43.76
CA ASN C 4 10.50 -25.66 -42.92
C ASN C 4 9.19 -24.88 -42.89
N SER C 5 8.92 -24.21 -41.77
CA SER C 5 7.70 -23.45 -41.60
C SER C 5 7.87 -21.96 -41.89
N PHE C 6 9.09 -21.45 -41.82
CA PHE C 6 9.37 -20.02 -42.03
C PHE C 6 8.58 -19.22 -40.97
N THR C 7 8.03 -18.08 -41.37
CA THR C 7 7.31 -17.19 -40.46
C THR C 7 5.80 -17.30 -40.61
N ARG C 8 5.29 -18.51 -40.85
CA ARG C 8 3.87 -18.72 -41.06
C ARG C 8 3.19 -19.19 -39.77
N GLY C 9 1.88 -18.95 -39.68
CA GLY C 9 1.09 -19.45 -38.59
C GLY C 9 0.73 -18.46 -37.51
N VAL C 10 0.97 -17.17 -37.71
CA VAL C 10 0.65 -16.16 -36.71
C VAL C 10 -0.78 -15.68 -36.93
N TYR C 11 -1.42 -15.22 -35.86
CA TYR C 11 -2.82 -14.82 -35.94
C TYR C 11 -3.08 -13.68 -34.95
N TYR C 12 -4.29 -13.14 -35.00
CA TYR C 12 -4.70 -12.07 -34.11
C TYR C 12 -5.13 -12.64 -32.77
N PRO C 13 -4.48 -12.28 -31.66
CA PRO C 13 -4.79 -12.94 -30.39
C PRO C 13 -5.94 -12.32 -29.59
N ASP C 14 -6.21 -11.02 -29.76
CA ASP C 14 -7.10 -10.33 -28.84
C ASP C 14 -8.18 -9.49 -29.48
N LYS C 15 -8.23 -9.40 -30.82
CA LYS C 15 -9.30 -8.69 -31.53
C LYS C 15 -9.34 -7.21 -31.17
N VAL C 16 -8.21 -6.63 -30.78
CA VAL C 16 -8.13 -5.25 -30.34
C VAL C 16 -7.34 -4.45 -31.37
N PHE C 17 -7.92 -3.36 -31.85
CA PHE C 17 -7.27 -2.51 -32.84
C PHE C 17 -6.10 -1.77 -32.21
N ARG C 18 -4.97 -1.74 -32.93
CA ARG C 18 -3.78 -1.02 -32.50
C ARG C 18 -3.10 -0.44 -33.74
N SER C 19 -2.58 0.77 -33.62
CA SER C 19 -2.00 1.49 -34.74
C SER C 19 -0.57 1.89 -34.41
N SER C 20 0.38 1.43 -35.24
CA SER C 20 1.78 1.86 -35.19
C SER C 20 2.38 1.70 -33.80
N VAL C 21 2.13 0.53 -33.19
CA VAL C 21 2.66 0.22 -31.87
C VAL C 21 3.33 -1.15 -31.92
N LEU C 22 4.23 -1.38 -30.96
CA LEU C 22 4.92 -2.66 -30.80
C LEU C 22 4.40 -3.31 -29.52
N HIS C 23 3.66 -4.41 -29.67
CA HIS C 23 3.02 -5.08 -28.55
C HIS C 23 3.62 -6.47 -28.38
N SER C 24 4.02 -6.78 -27.16
CA SER C 24 4.59 -8.09 -26.83
C SER C 24 3.48 -9.01 -26.36
N THR C 25 3.20 -10.06 -27.14
CA THR C 25 2.11 -10.97 -26.89
C THR C 25 2.64 -12.32 -26.44
N GLN C 26 2.17 -12.80 -25.30
CA GLN C 26 2.46 -14.14 -24.81
C GLN C 26 1.20 -14.98 -24.96
N ASP C 27 1.25 -15.97 -25.85
CA ASP C 27 0.07 -16.77 -26.16
C ASP C 27 0.54 -18.06 -26.81
N LEU C 28 -0.42 -18.77 -27.42
CA LEU C 28 -0.16 -20.05 -28.06
C LEU C 28 0.12 -19.82 -29.54
N PHE C 29 1.40 -19.88 -29.92
CA PHE C 29 1.82 -19.60 -31.28
C PHE C 29 2.61 -20.77 -31.84
N LEU C 30 2.86 -20.72 -33.14
CA LEU C 30 3.71 -21.70 -33.80
C LEU C 30 5.13 -21.14 -33.91
N PRO C 31 6.15 -21.87 -33.46
CA PRO C 31 7.52 -21.32 -33.48
C PRO C 31 7.98 -21.03 -34.91
N PHE C 32 8.76 -19.96 -35.05
CA PHE C 32 9.32 -19.62 -36.35
C PHE C 32 10.40 -20.62 -36.74
N PHE C 33 10.46 -20.92 -38.04
CA PHE C 33 11.43 -21.88 -38.59
C PHE C 33 11.29 -23.25 -37.94
N SER C 34 10.06 -23.58 -37.54
CA SER C 34 9.78 -24.88 -36.95
C SER C 34 9.64 -25.93 -38.04
N ASN C 35 9.53 -27.18 -37.63
CA ASN C 35 9.45 -28.29 -38.56
C ASN C 35 8.05 -28.88 -38.53
N VAL C 36 7.42 -28.97 -39.70
CA VAL C 36 6.06 -29.47 -39.84
C VAL C 36 6.06 -30.66 -40.78
N THR C 37 5.30 -31.70 -40.41
CA THR C 37 5.22 -32.89 -41.24
C THR C 37 4.45 -32.57 -42.53
N TRP C 38 4.96 -33.09 -43.64
CA TRP C 38 4.38 -32.85 -44.96
C TRP C 38 3.70 -34.11 -45.45
N PHE C 39 2.40 -34.02 -45.71
CA PHE C 39 1.62 -35.13 -46.24
C PHE C 39 1.25 -34.84 -47.68
N HIS C 40 1.10 -35.91 -48.46
CA HIS C 40 0.68 -35.78 -49.85
C HIS C 40 -0.46 -36.76 -50.10
N VAL C 41 -1.56 -36.24 -50.65
CA VAL C 41 -2.73 -37.07 -50.92
C VAL C 41 -2.41 -38.11 -51.98
N ILE C 42 -1.75 -37.70 -53.06
CA ILE C 42 -1.39 -38.62 -54.13
C ILE C 42 -0.05 -39.27 -53.83
N ASN C 55 -3.78 -40.38 -44.28
CA ASN C 55 -4.48 -39.47 -43.38
C ASN C 55 -4.69 -40.07 -41.99
N PRO C 56 -3.59 -40.23 -41.25
CA PRO C 56 -3.69 -40.83 -39.92
C PRO C 56 -4.12 -39.84 -38.86
N VAL C 57 -4.69 -40.38 -37.79
CA VAL C 57 -5.14 -39.56 -36.67
C VAL C 57 -3.93 -39.07 -35.90
N LEU C 58 -3.93 -37.78 -35.55
CA LEU C 58 -2.81 -37.15 -34.88
C LEU C 58 -3.28 -36.53 -33.57
N PRO C 59 -2.40 -36.44 -32.57
CA PRO C 59 -2.78 -35.79 -31.31
C PRO C 59 -2.97 -34.30 -31.49
N PHE C 60 -3.83 -33.73 -30.64
CA PHE C 60 -4.18 -32.32 -30.71
C PHE C 60 -3.25 -31.43 -29.90
N ASN C 61 -2.83 -31.87 -28.72
CA ASN C 61 -1.94 -31.10 -27.84
C ASN C 61 -2.62 -29.76 -27.53
N ASP C 62 -1.82 -28.70 -27.33
CA ASP C 62 -2.38 -27.39 -27.07
C ASP C 62 -3.06 -26.79 -28.29
N GLY C 63 -2.68 -27.21 -29.50
CA GLY C 63 -3.28 -26.68 -30.71
C GLY C 63 -2.58 -27.25 -31.92
N VAL C 64 -3.21 -27.06 -33.07
CA VAL C 64 -2.70 -27.58 -34.33
C VAL C 64 -2.84 -26.52 -35.42
N TYR C 65 -1.79 -26.35 -36.22
CA TYR C 65 -1.80 -25.47 -37.38
C TYR C 65 -1.94 -26.33 -38.62
N PHE C 66 -2.94 -26.02 -39.45
CA PHE C 66 -3.24 -26.78 -40.65
C PHE C 66 -3.20 -25.85 -41.86
N ALA C 67 -2.54 -26.30 -42.92
CA ALA C 67 -2.44 -25.54 -44.16
C ALA C 67 -2.33 -26.49 -45.33
N SER C 68 -2.84 -26.04 -46.49
CA SER C 68 -2.75 -26.83 -47.71
C SER C 68 -2.48 -25.90 -48.88
N ILE C 69 -1.77 -26.43 -49.88
CA ILE C 69 -1.41 -25.66 -51.07
C ILE C 69 -2.16 -26.24 -52.26
N GLU C 70 -3.33 -26.82 -51.99
CA GLU C 70 -4.08 -27.57 -53.00
C GLU C 70 -5.18 -26.69 -53.59
N LYS C 71 -5.20 -26.60 -54.92
CA LYS C 71 -6.30 -25.96 -55.60
C LYS C 71 -7.46 -26.94 -55.77
N SER C 72 -8.56 -26.46 -56.35
CA SER C 72 -9.77 -27.20 -56.67
C SER C 72 -10.52 -27.67 -55.42
N ASN C 73 -9.99 -27.42 -54.23
CA ASN C 73 -10.69 -27.67 -52.96
C ASN C 73 -11.04 -29.15 -52.79
N ILE C 74 -9.99 -29.98 -52.79
CA ILE C 74 -10.16 -31.38 -52.42
C ILE C 74 -10.42 -31.52 -50.92
N ILE C 75 -9.64 -30.80 -50.10
CA ILE C 75 -9.83 -30.85 -48.66
C ILE C 75 -11.07 -30.06 -48.29
N ARG C 76 -11.97 -30.69 -47.53
CA ARG C 76 -13.24 -30.08 -47.18
C ARG C 76 -13.60 -30.15 -45.70
N GLY C 77 -13.06 -31.09 -44.93
CA GLY C 77 -13.53 -31.24 -43.57
C GLY C 77 -12.49 -31.84 -42.66
N TRP C 78 -12.84 -31.87 -41.37
CA TRP C 78 -11.97 -32.40 -40.32
C TRP C 78 -12.84 -32.97 -39.21
N ILE C 79 -12.19 -33.69 -38.30
CA ILE C 79 -12.83 -34.27 -37.12
C ILE C 79 -12.07 -33.83 -35.89
N PHE C 80 -12.79 -33.60 -34.79
CA PHE C 80 -12.16 -33.22 -33.53
C PHE C 80 -12.93 -33.84 -32.37
N GLY C 81 -12.22 -34.00 -31.26
CA GLY C 81 -12.81 -34.54 -30.05
C GLY C 81 -11.80 -35.39 -29.31
N THR C 82 -12.19 -35.81 -28.11
CA THR C 82 -11.41 -36.74 -27.31
C THR C 82 -12.14 -38.07 -27.27
N THR C 83 -11.36 -39.16 -27.37
CA THR C 83 -11.93 -40.50 -27.51
C THR C 83 -12.92 -40.54 -28.68
N LEU C 84 -12.37 -40.32 -29.87
CA LEU C 84 -13.20 -40.18 -31.07
C LEU C 84 -14.05 -41.41 -31.29
N ASP C 85 -15.30 -41.19 -31.70
CA ASP C 85 -16.34 -42.17 -31.97
C ASP C 85 -16.87 -42.83 -30.69
N SER C 86 -16.49 -42.33 -29.51
CA SER C 86 -16.98 -42.88 -28.26
C SER C 86 -18.13 -42.02 -27.73
N LYS C 87 -18.53 -42.28 -26.48
CA LYS C 87 -19.66 -41.57 -25.89
C LYS C 87 -19.39 -40.08 -25.68
N THR C 88 -18.13 -39.68 -25.56
CA THR C 88 -17.80 -38.29 -25.31
C THR C 88 -18.15 -37.43 -26.53
N GLN C 89 -18.53 -36.18 -26.26
CA GLN C 89 -18.92 -35.26 -27.31
C GLN C 89 -17.77 -35.00 -28.28
N SER C 90 -18.11 -34.82 -29.56
CA SER C 90 -17.11 -34.66 -30.60
C SER C 90 -17.57 -33.59 -31.57
N LEU C 91 -16.60 -33.02 -32.30
CA LEU C 91 -16.80 -31.87 -33.18
C LEU C 91 -16.40 -32.25 -34.61
N LEU C 92 -17.14 -31.72 -35.59
CA LEU C 92 -16.97 -32.06 -36.99
C LEU C 92 -17.22 -30.83 -37.85
N ILE C 93 -16.50 -30.72 -38.97
CA ILE C 93 -16.70 -29.65 -39.95
C ILE C 93 -16.80 -30.30 -41.33
N VAL C 94 -17.78 -29.88 -42.12
CA VAL C 94 -17.83 -30.17 -43.55
C VAL C 94 -18.10 -28.86 -44.28
N ASN C 95 -17.36 -28.65 -45.38
CA ASN C 95 -17.54 -27.48 -46.22
C ASN C 95 -18.25 -27.90 -47.50
N ASN C 96 -19.52 -27.52 -47.62
CA ASN C 96 -20.34 -27.86 -48.77
C ASN C 96 -20.12 -26.82 -49.87
N ALA C 97 -20.81 -27.03 -51.00
CA ALA C 97 -20.73 -26.08 -52.11
C ALA C 97 -21.44 -24.77 -51.83
N THR C 98 -22.25 -24.71 -50.77
CA THR C 98 -23.03 -23.52 -50.45
C THR C 98 -22.74 -22.94 -49.08
N ASN C 99 -22.56 -23.79 -48.05
CA ASN C 99 -22.36 -23.31 -46.70
C ASN C 99 -21.52 -24.32 -45.93
N VAL C 100 -20.96 -23.85 -44.81
CA VAL C 100 -20.23 -24.71 -43.89
C VAL C 100 -21.13 -25.08 -42.72
N VAL C 101 -21.15 -26.37 -42.39
CA VAL C 101 -21.92 -26.88 -41.27
C VAL C 101 -20.93 -27.38 -40.22
N ILE C 102 -21.12 -26.93 -38.98
CA ILE C 102 -20.33 -27.39 -37.84
C ILE C 102 -21.28 -28.13 -36.91
N LYS C 103 -20.97 -29.39 -36.64
CA LYS C 103 -21.88 -30.28 -35.93
C LYS C 103 -21.22 -30.78 -34.66
N VAL C 104 -21.93 -30.63 -33.54
CA VAL C 104 -21.47 -31.11 -32.23
C VAL C 104 -22.54 -32.08 -31.75
N CYS C 105 -22.37 -33.37 -32.09
CA CYS C 105 -23.37 -34.37 -31.76
C CYS C 105 -22.78 -35.67 -31.25
N GLU C 106 -21.49 -35.71 -30.91
CA GLU C 106 -20.83 -36.93 -30.42
C GLU C 106 -21.00 -38.07 -31.42
N PHE C 107 -20.85 -37.75 -32.71
CA PHE C 107 -21.05 -38.73 -33.77
C PHE C 107 -19.97 -39.81 -33.71
N GLN C 108 -20.36 -41.04 -34.05
CA GLN C 108 -19.46 -42.19 -34.03
C GLN C 108 -18.76 -42.30 -35.38
N PHE C 109 -17.59 -41.68 -35.46
CA PHE C 109 -16.83 -41.62 -36.71
C PHE C 109 -16.23 -42.98 -37.06
N CYS C 110 -16.12 -43.24 -38.35
CA CYS C 110 -15.54 -44.49 -38.84
C CYS C 110 -14.02 -44.36 -38.95
N ASN C 111 -13.37 -45.48 -39.24
CA ASN C 111 -11.92 -45.49 -39.42
C ASN C 111 -11.51 -44.66 -40.64
N ASP C 112 -12.24 -44.79 -41.75
CA ASP C 112 -12.03 -43.99 -42.94
C ASP C 112 -13.33 -43.24 -43.20
N PRO C 113 -13.50 -42.07 -42.61
CA PRO C 113 -14.83 -41.42 -42.59
C PRO C 113 -15.39 -41.05 -43.95
N PHE C 114 -14.64 -40.27 -44.74
CA PHE C 114 -15.21 -39.67 -45.94
C PHE C 114 -14.17 -39.69 -47.05
N LEU C 115 -14.52 -40.31 -48.18
CA LEU C 115 -13.65 -40.38 -49.34
C LEU C 115 -14.45 -40.12 -50.62
N ASP C 116 -15.45 -39.24 -50.51
CA ASP C 116 -16.34 -38.96 -51.64
C ASP C 116 -16.71 -37.48 -51.71
N ARG C 132 -21.90 -39.44 -48.41
CA ARG C 132 -22.17 -38.02 -48.22
C ARG C 132 -21.97 -37.61 -46.76
N VAL C 133 -22.26 -38.54 -45.86
CA VAL C 133 -22.11 -38.32 -44.42
C VAL C 133 -21.12 -39.34 -43.88
N TYR C 134 -20.16 -38.86 -43.09
CA TYR C 134 -19.06 -39.68 -42.61
C TYR C 134 -19.35 -40.33 -41.25
N SER C 135 -20.53 -40.11 -40.70
CA SER C 135 -20.86 -40.68 -39.40
C SER C 135 -22.38 -40.73 -39.24
N SER C 136 -22.83 -41.50 -38.25
CA SER C 136 -24.24 -41.65 -37.97
C SER C 136 -24.73 -40.52 -37.08
N ALA C 137 -26.04 -40.26 -37.14
CA ALA C 137 -26.65 -39.23 -36.32
C ALA C 137 -26.77 -39.70 -34.88
N ASN C 138 -26.84 -38.72 -33.97
CA ASN C 138 -26.93 -39.00 -32.55
C ASN C 138 -27.44 -37.75 -31.83
N ASN C 139 -27.53 -37.86 -30.51
CA ASN C 139 -27.94 -36.72 -29.68
C ASN C 139 -27.02 -35.53 -29.88
N CYS C 140 -27.60 -34.34 -29.89
CA CYS C 140 -26.90 -33.12 -30.28
C CYS C 140 -27.02 -32.06 -29.20
N THR C 141 -26.06 -31.14 -29.20
CA THR C 141 -26.06 -30.01 -28.28
C THR C 141 -25.79 -28.66 -28.93
N PHE C 142 -25.19 -28.62 -30.12
CA PHE C 142 -24.87 -27.36 -30.76
C PHE C 142 -24.78 -27.56 -32.26
N GLU C 143 -25.32 -26.61 -33.02
CA GLU C 143 -25.23 -26.60 -34.47
C GLU C 143 -24.98 -25.17 -34.94
N TYR C 144 -24.33 -25.05 -36.10
CA TYR C 144 -24.05 -23.74 -36.66
C TYR C 144 -23.84 -23.87 -38.16
N VAL C 145 -24.41 -22.92 -38.92
CA VAL C 145 -24.24 -22.85 -40.36
C VAL C 145 -23.88 -21.41 -40.72
N SER C 146 -22.85 -21.25 -41.54
CA SER C 146 -22.38 -19.92 -41.94
C SER C 146 -21.90 -19.97 -43.38
N GLN C 147 -21.24 -18.91 -43.81
CA GLN C 147 -20.73 -18.82 -45.16
C GLN C 147 -19.62 -19.85 -45.38
N PRO C 148 -19.45 -20.31 -46.62
CA PRO C 148 -18.40 -21.29 -46.90
C PRO C 148 -17.02 -20.76 -46.57
N PHE C 149 -16.18 -21.63 -46.03
CA PHE C 149 -14.83 -21.25 -45.62
C PHE C 149 -13.90 -21.05 -46.81
N LEU C 150 -13.95 -21.94 -47.80
CA LEU C 150 -13.08 -21.85 -48.96
C LEU C 150 -13.53 -20.74 -49.90
N LYS C 161 -2.89 -23.34 -56.46
CA LYS C 161 -2.45 -21.97 -56.74
C LYS C 161 -2.94 -21.01 -55.67
N ASN C 162 -3.56 -21.55 -54.62
CA ASN C 162 -4.07 -20.74 -53.53
C ASN C 162 -3.64 -21.37 -52.21
N LEU C 163 -3.55 -20.53 -51.17
CA LEU C 163 -3.12 -20.95 -49.84
C LEU C 163 -4.27 -20.77 -48.86
N ARG C 164 -4.55 -21.81 -48.08
CA ARG C 164 -5.48 -21.73 -46.96
C ARG C 164 -4.78 -22.27 -45.72
N GLU C 165 -4.91 -21.54 -44.62
CA GLU C 165 -4.24 -21.88 -43.37
C GLU C 165 -5.25 -21.87 -42.23
N PHE C 166 -5.16 -22.85 -41.34
CA PHE C 166 -6.13 -23.02 -40.28
C PHE C 166 -5.42 -23.25 -38.95
N VAL C 167 -5.95 -22.65 -37.90
CA VAL C 167 -5.44 -22.81 -36.53
C VAL C 167 -6.59 -23.18 -35.64
N PHE C 168 -6.43 -24.24 -34.85
CA PHE C 168 -7.48 -24.75 -33.98
C PHE C 168 -7.04 -24.64 -32.53
N LYS C 169 -7.91 -24.11 -31.68
CA LYS C 169 -7.59 -23.87 -30.28
C LYS C 169 -8.81 -24.19 -29.41
N ASN C 170 -8.55 -24.47 -28.13
CA ASN C 170 -9.61 -24.68 -27.15
C ASN C 170 -9.07 -24.35 -25.75
N ILE C 171 -9.41 -23.16 -25.26
CA ILE C 171 -9.02 -22.75 -23.91
C ILE C 171 -10.21 -22.02 -23.28
N ASP C 172 -10.24 -22.05 -21.95
CA ASP C 172 -11.29 -21.42 -21.13
C ASP C 172 -12.68 -21.62 -21.72
N GLY C 173 -12.95 -22.84 -22.20
CA GLY C 173 -14.26 -23.20 -22.69
C GLY C 173 -14.66 -22.55 -24.01
N TYR C 174 -13.69 -22.13 -24.81
CA TYR C 174 -13.97 -21.52 -26.11
C TYR C 174 -13.22 -22.26 -27.21
N PHE C 175 -13.94 -22.60 -28.27
CA PHE C 175 -13.35 -23.21 -29.46
C PHE C 175 -13.28 -22.16 -30.55
N LYS C 176 -12.07 -21.86 -31.02
CA LYS C 176 -11.84 -20.79 -31.98
C LYS C 176 -11.08 -21.33 -33.18
N ILE C 177 -11.36 -20.76 -34.35
CA ILE C 177 -10.70 -21.13 -35.60
C ILE C 177 -10.24 -19.85 -36.29
N TYR C 178 -9.00 -19.86 -36.79
CA TYR C 178 -8.43 -18.73 -37.49
C TYR C 178 -8.04 -19.15 -38.89
N SER C 179 -8.40 -18.34 -39.88
CA SER C 179 -8.21 -18.72 -41.27
C SER C 179 -7.76 -17.51 -42.09
N LYS C 180 -7.10 -17.81 -43.21
CA LYS C 180 -6.67 -16.77 -44.15
C LYS C 180 -6.55 -17.40 -45.53
N HIS C 181 -6.62 -16.55 -46.55
CA HIS C 181 -6.52 -17.00 -47.93
C HIS C 181 -5.60 -16.07 -48.71
N THR C 182 -4.79 -16.67 -49.58
CA THR C 182 -3.84 -15.92 -50.40
C THR C 182 -3.42 -16.75 -51.61
N PRO C 183 -3.59 -16.22 -52.82
CA PRO C 183 -3.12 -16.96 -54.01
C PRO C 183 -1.62 -17.19 -53.96
N ILE C 184 -1.20 -18.35 -54.45
CA ILE C 184 0.21 -18.71 -54.47
C ILE C 184 0.63 -19.10 -55.88
N ASP C 189 6.42 -25.79 -51.51
CA ASP C 189 6.76 -25.43 -50.14
C ASP C 189 6.03 -24.16 -49.70
N LEU C 190 6.02 -23.91 -48.40
CA LEU C 190 5.37 -22.71 -47.87
C LEU C 190 6.15 -21.46 -48.29
N PRO C 191 5.50 -20.48 -48.90
CA PRO C 191 6.19 -19.25 -49.27
C PRO C 191 6.66 -18.48 -48.04
N GLN C 192 7.71 -17.69 -48.25
CA GLN C 192 8.29 -16.87 -47.19
C GLN C 192 7.41 -15.69 -46.81
N GLY C 193 6.35 -15.41 -47.57
CA GLY C 193 5.48 -14.27 -47.30
C GLY C 193 4.85 -14.29 -45.92
N PHE C 194 4.87 -13.15 -45.25
CA PHE C 194 4.26 -13.02 -43.94
C PHE C 194 2.80 -12.60 -44.07
N SER C 195 1.92 -13.32 -43.36
CA SER C 195 0.50 -13.01 -43.39
C SER C 195 -0.11 -13.43 -42.07
N ALA C 196 -0.92 -12.54 -41.48
CA ALA C 196 -1.55 -12.79 -40.19
C ALA C 196 -2.93 -13.40 -40.40
N LEU C 197 -3.25 -14.44 -39.64
CA LEU C 197 -4.52 -15.13 -39.78
C LEU C 197 -5.60 -14.42 -38.97
N GLU C 198 -6.65 -13.98 -39.65
CA GLU C 198 -7.77 -13.32 -39.02
C GLU C 198 -8.66 -14.35 -38.31
N PRO C 199 -9.28 -13.98 -37.19
CA PRO C 199 -10.17 -14.93 -36.51
C PRO C 199 -11.47 -15.10 -37.27
N LEU C 200 -12.01 -16.31 -37.22
CA LEU C 200 -13.18 -16.68 -38.01
C LEU C 200 -14.42 -16.99 -37.18
N VAL C 201 -14.32 -17.94 -36.25
CA VAL C 201 -15.46 -18.35 -35.44
C VAL C 201 -15.00 -18.54 -34.00
N ASP C 202 -15.87 -18.18 -33.06
CA ASP C 202 -15.62 -18.35 -31.63
C ASP C 202 -16.82 -19.07 -31.04
N LEU C 203 -16.68 -20.39 -30.85
CA LEU C 203 -17.79 -21.22 -30.38
C LEU C 203 -17.80 -21.28 -28.87
N PRO C 204 -18.88 -20.84 -28.21
CA PRO C 204 -18.94 -20.90 -26.74
C PRO C 204 -19.01 -22.29 -26.16
N ILE C 205 -19.03 -23.35 -26.99
CA ILE C 205 -19.14 -24.70 -26.48
C ILE C 205 -17.90 -25.07 -25.67
N GLY C 206 -18.09 -25.93 -24.68
CA GLY C 206 -17.00 -26.33 -23.79
C GLY C 206 -16.68 -27.80 -23.81
N ILE C 207 -16.64 -28.42 -24.98
CA ILE C 207 -16.32 -29.84 -25.10
C ILE C 207 -14.80 -30.02 -24.97
N ASN C 208 -14.37 -31.26 -24.78
CA ASN C 208 -12.96 -31.58 -24.57
C ASN C 208 -12.44 -32.34 -25.77
N ILE C 209 -11.28 -31.92 -26.28
CA ILE C 209 -10.70 -32.46 -27.51
C ILE C 209 -9.25 -32.84 -27.25
N THR C 210 -8.86 -34.04 -27.71
CA THR C 210 -7.48 -34.50 -27.63
C THR C 210 -6.92 -35.07 -28.93
N ARG C 211 -7.76 -35.43 -29.89
CA ARG C 211 -7.33 -36.08 -31.12
C ARG C 211 -8.15 -35.58 -32.30
N PHE C 212 -7.54 -35.56 -33.48
CA PHE C 212 -8.23 -35.05 -34.67
C PHE C 212 -7.83 -35.88 -35.88
N GLN C 213 -8.60 -35.72 -36.95
CA GLN C 213 -8.33 -36.40 -38.22
C GLN C 213 -8.88 -35.55 -39.35
N THR C 214 -8.15 -35.52 -40.46
CA THR C 214 -8.54 -34.74 -41.63
C THR C 214 -9.49 -35.54 -42.52
N LEU C 215 -10.26 -34.81 -43.33
CA LEU C 215 -11.18 -35.39 -44.28
C LEU C 215 -10.91 -34.83 -45.67
N LEU C 216 -10.78 -35.72 -46.64
CA LEU C 216 -10.52 -35.35 -48.03
C LEU C 216 -11.65 -35.83 -48.92
N ALA C 217 -11.89 -35.11 -50.01
CA ALA C 217 -12.99 -35.41 -50.92
C ALA C 217 -12.46 -36.08 -52.18
N LEU C 218 -13.27 -36.94 -52.77
CA LEU C 218 -12.92 -37.64 -53.99
C LEU C 218 -14.20 -37.92 -54.77
N HIS C 219 -14.10 -38.81 -55.75
CA HIS C 219 -15.27 -39.21 -56.54
C HIS C 219 -15.09 -40.66 -56.95
N ARG C 220 -16.22 -41.31 -57.25
CA ARG C 220 -16.26 -42.71 -57.64
C ARG C 220 -15.58 -43.59 -56.59
N SER C 221 -16.14 -43.56 -55.39
CA SER C 221 -15.63 -44.33 -54.27
C SER C 221 -16.77 -45.11 -53.62
N TYR C 222 -16.40 -46.19 -52.92
CA TYR C 222 -17.36 -47.08 -52.29
C TYR C 222 -17.78 -46.61 -50.89
N LEU C 223 -17.22 -45.50 -50.40
CA LEU C 223 -17.53 -44.99 -49.06
C LEU C 223 -17.27 -46.05 -48.00
N THR C 224 -16.16 -46.75 -48.12
CA THR C 224 -15.81 -47.78 -47.14
C THR C 224 -15.50 -47.13 -45.79
N PRO C 225 -16.14 -47.56 -44.71
CA PRO C 225 -15.88 -46.94 -43.40
C PRO C 225 -14.51 -47.29 -42.84
N GLY C 226 -14.03 -48.49 -43.17
CA GLY C 226 -12.74 -48.97 -42.68
C GLY C 226 -11.63 -49.06 -43.71
N ASP C 227 -11.83 -48.51 -44.91
CA ASP C 227 -10.79 -48.57 -45.93
C ASP C 227 -10.67 -47.22 -46.60
N SER C 228 -9.44 -46.87 -46.96
CA SER C 228 -9.13 -45.58 -47.57
C SER C 228 -8.24 -45.81 -48.80
N SER C 229 -8.07 -44.75 -49.56
CA SER C 229 -7.30 -44.68 -50.81
C SER C 229 -7.93 -45.53 -51.91
N SER C 230 -9.16 -46.00 -51.74
CA SER C 230 -9.83 -46.79 -52.76
C SER C 230 -10.55 -45.90 -53.75
N GLY C 231 -10.71 -46.41 -54.97
CA GLY C 231 -11.43 -45.70 -56.01
C GLY C 231 -10.60 -44.62 -56.68
N TRP C 232 -11.30 -43.79 -57.43
CA TRP C 232 -10.66 -42.70 -58.17
C TRP C 232 -10.06 -41.68 -57.19
N THR C 233 -8.86 -41.20 -57.53
CA THR C 233 -8.14 -40.24 -56.71
C THR C 233 -8.32 -38.83 -57.28
N ALA C 234 -8.51 -37.86 -56.39
CA ALA C 234 -8.73 -36.48 -56.78
C ALA C 234 -7.41 -35.85 -57.26
N GLY C 235 -7.45 -34.55 -57.50
CA GLY C 235 -6.27 -33.84 -57.96
C GLY C 235 -5.18 -33.80 -56.91
N ALA C 236 -3.99 -33.42 -57.36
CA ALA C 236 -2.83 -33.37 -56.47
C ALA C 236 -3.09 -32.43 -55.31
N ALA C 237 -2.82 -32.91 -54.09
CA ALA C 237 -3.09 -32.14 -52.89
C ALA C 237 -2.07 -32.49 -51.83
N ALA C 238 -1.60 -31.48 -51.12
CA ALA C 238 -0.69 -31.66 -50.01
C ALA C 238 -1.11 -30.75 -48.87
N TYR C 239 -0.96 -31.24 -47.65
CA TYR C 239 -1.32 -30.45 -46.47
C TYR C 239 -0.28 -30.65 -45.39
N TYR C 240 -0.20 -29.66 -44.50
CA TYR C 240 0.81 -29.60 -43.46
C TYR C 240 0.15 -29.66 -42.09
N VAL C 241 0.90 -30.12 -41.10
CA VAL C 241 0.44 -30.19 -39.71
C VAL C 241 1.52 -29.59 -38.82
N GLY C 242 1.13 -28.61 -38.01
CA GLY C 242 2.05 -28.00 -37.07
C GLY C 242 1.42 -27.87 -35.71
N TYR C 243 2.25 -28.01 -34.69
CA TYR C 243 1.79 -28.04 -33.30
C TYR C 243 2.21 -26.75 -32.60
N LEU C 244 1.24 -26.07 -32.00
CA LEU C 244 1.52 -24.81 -31.33
C LEU C 244 2.17 -25.05 -29.97
N GLN C 245 2.93 -24.07 -29.52
CA GLN C 245 3.59 -24.09 -28.23
C GLN C 245 3.46 -22.72 -27.58
N PRO C 246 3.49 -22.65 -26.24
CA PRO C 246 3.42 -21.34 -25.57
C PRO C 246 4.67 -20.52 -25.82
N ARG C 247 4.54 -19.43 -26.58
CA ARG C 247 5.67 -18.60 -26.95
C ARG C 247 5.31 -17.13 -26.77
N THR C 248 6.34 -16.30 -26.64
CA THR C 248 6.18 -14.85 -26.58
C THR C 248 6.56 -14.27 -27.92
N PHE C 249 5.71 -13.40 -28.45
CA PHE C 249 5.92 -12.80 -29.77
C PHE C 249 5.89 -11.28 -29.65
N LEU C 250 6.61 -10.61 -30.54
CA LEU C 250 6.61 -9.15 -30.64
C LEU C 250 5.90 -8.78 -31.94
N LEU C 251 4.62 -8.42 -31.83
CA LEU C 251 3.81 -8.15 -33.00
C LEU C 251 3.79 -6.66 -33.33
N LYS C 252 4.07 -6.33 -34.59
CA LYS C 252 4.09 -4.96 -35.06
C LYS C 252 2.80 -4.67 -35.82
N TYR C 253 2.11 -3.60 -35.43
CA TYR C 253 0.89 -3.17 -36.09
C TYR C 253 1.20 -1.97 -36.99
N ASN C 254 0.66 -1.99 -38.20
CA ASN C 254 0.84 -0.87 -39.12
C ASN C 254 -0.10 0.27 -38.75
N GLU C 255 -0.14 1.29 -39.60
CA GLU C 255 -1.02 2.43 -39.36
C GLU C 255 -2.50 2.08 -39.50
N ASN C 256 -2.82 0.97 -40.17
CA ASN C 256 -4.20 0.58 -40.41
C ASN C 256 -4.65 -0.57 -39.51
N GLY C 257 -3.87 -0.93 -38.50
CA GLY C 257 -4.27 -1.96 -37.57
C GLY C 257 -4.02 -3.38 -38.02
N THR C 258 -3.18 -3.58 -39.03
CA THR C 258 -2.89 -4.91 -39.55
C THR C 258 -1.48 -5.32 -39.15
N ILE C 259 -1.34 -6.54 -38.64
CA ILE C 259 -0.04 -7.06 -38.25
C ILE C 259 0.78 -7.29 -39.51
N THR C 260 1.97 -6.71 -39.57
CA THR C 260 2.84 -6.82 -40.74
C THR C 260 4.16 -7.52 -40.46
N ASP C 261 4.52 -7.74 -39.20
CA ASP C 261 5.75 -8.43 -38.87
C ASP C 261 5.64 -8.98 -37.45
N ALA C 262 6.55 -9.90 -37.13
CA ALA C 262 6.58 -10.51 -35.80
C ALA C 262 7.98 -10.98 -35.50
N VAL C 263 8.26 -11.16 -34.21
CA VAL C 263 9.56 -11.61 -33.73
C VAL C 263 9.33 -12.75 -32.72
N ASP C 264 10.00 -13.88 -32.94
CA ASP C 264 9.95 -15.01 -32.02
C ASP C 264 11.06 -14.83 -30.99
N CYS C 265 10.69 -14.50 -29.76
CA CYS C 265 11.67 -14.07 -28.77
C CYS C 265 12.65 -15.18 -28.42
N ALA C 266 12.25 -16.44 -28.57
CA ALA C 266 13.10 -17.54 -28.16
C ALA C 266 13.87 -18.19 -29.31
N LEU C 267 13.81 -17.61 -30.51
CA LEU C 267 14.46 -18.25 -31.66
C LEU C 267 15.98 -18.18 -31.56
N ASP C 268 16.53 -17.01 -31.27
CA ASP C 268 17.96 -16.80 -31.31
C ASP C 268 18.30 -15.56 -30.48
N PRO C 269 19.58 -15.37 -30.12
CA PRO C 269 19.91 -14.23 -29.24
C PRO C 269 19.53 -12.86 -29.78
N LEU C 270 19.61 -12.66 -31.10
CA LEU C 270 19.23 -11.37 -31.66
C LEU C 270 17.75 -11.09 -31.44
N SER C 271 16.92 -12.12 -31.52
CA SER C 271 15.50 -11.94 -31.25
C SER C 271 15.26 -11.62 -29.77
N GLU C 272 16.04 -12.23 -28.88
CA GLU C 272 15.95 -11.87 -27.47
C GLU C 272 16.31 -10.41 -27.25
N THR C 273 17.35 -9.93 -27.94
CA THR C 273 17.72 -8.53 -27.82
C THR C 273 16.61 -7.62 -28.35
N LYS C 274 16.01 -8.00 -29.48
CA LYS C 274 14.92 -7.19 -30.04
C LYS C 274 13.73 -7.14 -29.09
N CYS C 275 13.36 -8.29 -28.49
CA CYS C 275 12.24 -8.32 -27.56
C CYS C 275 12.54 -7.51 -26.31
N THR C 276 13.77 -7.60 -25.80
CA THR C 276 14.15 -6.83 -24.61
C THR C 276 14.11 -5.33 -24.90
N LEU C 277 14.61 -4.92 -26.07
CA LEU C 277 14.58 -3.52 -26.46
C LEU C 277 13.20 -3.08 -26.95
N LYS C 278 12.28 -4.03 -27.20
CA LYS C 278 10.95 -3.73 -27.71
C LYS C 278 11.01 -2.92 -29.00
N SER C 279 11.91 -3.31 -29.90
CA SER C 279 12.07 -2.63 -31.17
C SER C 279 12.58 -3.62 -32.20
N PHE C 280 12.40 -3.28 -33.48
CA PHE C 280 12.86 -4.14 -34.57
C PHE C 280 14.26 -3.79 -35.04
N THR C 281 14.83 -2.69 -34.55
CA THR C 281 16.19 -2.28 -34.90
C THR C 281 17.03 -2.19 -33.64
N VAL C 282 18.31 -2.55 -33.75
CA VAL C 282 19.23 -2.57 -32.62
C VAL C 282 20.49 -1.83 -33.02
N GLU C 283 20.94 -0.91 -32.17
CA GLU C 283 22.18 -0.19 -32.40
C GLU C 283 23.36 -0.99 -31.88
N LYS C 284 24.56 -0.59 -32.30
CA LYS C 284 25.78 -1.28 -31.90
C LYS C 284 26.00 -1.15 -30.39
N GLY C 285 26.38 -2.25 -29.77
CA GLY C 285 26.64 -2.25 -28.34
C GLY C 285 26.54 -3.64 -27.76
N ILE C 286 26.63 -3.70 -26.44
CA ILE C 286 26.49 -4.94 -25.69
C ILE C 286 25.26 -4.81 -24.78
N TYR C 287 24.38 -5.80 -24.84
CA TYR C 287 23.10 -5.74 -24.15
C TYR C 287 22.97 -6.94 -23.22
N GLN C 288 22.47 -6.71 -22.01
CA GLN C 288 22.21 -7.77 -21.05
C GLN C 288 20.76 -8.19 -21.20
N THR C 289 20.54 -9.36 -21.81
CA THR C 289 19.19 -9.77 -22.20
C THR C 289 18.52 -10.64 -21.15
N SER C 290 19.10 -11.79 -20.82
CA SER C 290 18.44 -12.75 -19.96
C SER C 290 19.46 -13.34 -19.00
N ASN C 291 19.08 -14.43 -18.33
CA ASN C 291 19.95 -15.11 -17.39
C ASN C 291 20.07 -16.59 -17.75
N PHE C 292 21.21 -17.17 -17.41
CA PHE C 292 21.53 -18.56 -17.72
C PHE C 292 21.33 -19.40 -16.47
N ARG C 293 20.67 -20.55 -16.62
CA ARG C 293 20.43 -21.45 -15.51
C ARG C 293 20.49 -22.89 -16.00
N VAL C 294 21.17 -23.74 -15.24
CA VAL C 294 21.28 -25.16 -15.56
C VAL C 294 20.10 -25.89 -14.97
N GLN C 295 19.40 -26.68 -15.80
CA GLN C 295 18.23 -27.40 -15.34
C GLN C 295 18.63 -28.74 -14.72
N PRO C 296 17.85 -29.24 -13.77
CA PRO C 296 18.18 -30.52 -13.13
C PRO C 296 18.10 -31.68 -14.10
N THR C 297 18.96 -32.68 -13.88
CA THR C 297 18.99 -33.86 -14.74
C THR C 297 18.10 -34.98 -14.23
N GLU C 298 17.86 -35.07 -12.93
CA GLU C 298 17.05 -36.14 -12.36
C GLU C 298 16.51 -35.69 -11.01
N SER C 299 15.74 -36.57 -10.38
CA SER C 299 15.12 -36.31 -9.10
C SER C 299 15.32 -37.51 -8.17
N ILE C 300 15.54 -37.22 -6.89
CA ILE C 300 15.70 -38.26 -5.88
C ILE C 300 14.78 -37.96 -4.71
N VAL C 301 14.25 -39.01 -4.09
CA VAL C 301 13.46 -38.93 -2.86
C VAL C 301 14.10 -39.87 -1.86
N ARG C 302 14.50 -39.35 -0.71
CA ARG C 302 15.41 -40.04 0.19
C ARG C 302 14.80 -40.04 1.58
N PHE C 303 14.39 -41.22 2.06
CA PHE C 303 13.64 -41.33 3.30
C PHE C 303 14.27 -42.36 4.24
N PRO C 304 13.91 -42.36 5.53
CA PRO C 304 14.44 -43.38 6.45
C PRO C 304 14.06 -44.79 6.00
N ASN C 305 14.99 -45.72 6.23
CA ASN C 305 14.86 -47.09 5.78
C ASN C 305 13.87 -47.92 6.60
N ILE C 306 13.19 -47.29 7.57
CA ILE C 306 12.21 -48.03 8.36
C ILE C 306 10.96 -48.28 7.52
N THR C 307 10.26 -49.37 7.84
CA THR C 307 9.10 -49.79 7.05
C THR C 307 7.86 -50.15 7.85
N ASN C 308 7.97 -50.49 9.13
CA ASN C 308 6.81 -50.89 9.90
C ASN C 308 5.90 -49.71 10.17
N LEU C 309 4.59 -49.97 10.15
CA LEU C 309 3.58 -48.92 10.24
C LEU C 309 3.37 -48.47 11.69
N CYS C 310 2.96 -47.22 11.84
CA CYS C 310 2.69 -46.61 13.14
C CYS C 310 1.38 -47.13 13.72
N PRO C 311 1.19 -47.03 15.05
CA PRO C 311 -0.07 -47.49 15.64
C PRO C 311 -1.17 -46.45 15.58
N PHE C 312 -1.02 -45.45 14.71
CA PHE C 312 -2.10 -44.49 14.49
C PHE C 312 -3.41 -45.22 14.15
N ASP C 313 -3.33 -46.22 13.28
CA ASP C 313 -4.51 -47.06 13.03
C ASP C 313 -4.94 -47.78 14.30
N GLU C 314 -3.97 -48.32 15.06
CA GLU C 314 -4.30 -48.98 16.31
C GLU C 314 -4.78 -48.00 17.37
N VAL C 315 -4.15 -46.81 17.45
CA VAL C 315 -4.54 -45.85 18.47
C VAL C 315 -5.94 -45.33 18.22
N PHE C 316 -6.23 -44.94 16.98
CA PHE C 316 -7.58 -44.46 16.66
C PHE C 316 -8.62 -45.56 16.84
N ASN C 317 -8.28 -46.78 16.43
CA ASN C 317 -9.17 -47.94 16.57
C ASN C 317 -8.96 -48.67 17.88
N ALA C 318 -8.47 -47.98 18.91
CA ALA C 318 -8.28 -48.60 20.21
C ALA C 318 -9.62 -48.91 20.85
N THR C 319 -9.60 -49.81 21.84
CA THR C 319 -10.83 -50.27 22.46
C THR C 319 -11.56 -49.17 23.23
N ARG C 320 -10.83 -48.18 23.76
CA ARG C 320 -11.45 -47.11 24.53
C ARG C 320 -10.45 -45.98 24.73
N PHE C 321 -10.99 -44.81 25.08
CA PHE C 321 -10.20 -43.63 25.40
C PHE C 321 -10.59 -43.13 26.78
N ALA C 322 -9.63 -42.51 27.47
CA ALA C 322 -9.84 -42.07 28.84
C ALA C 322 -10.74 -40.83 28.88
N SER C 323 -10.91 -40.30 30.09
CA SER C 323 -11.80 -39.17 30.31
C SER C 323 -11.06 -37.85 30.08
N VAL C 324 -11.82 -36.76 30.11
CA VAL C 324 -11.24 -35.43 29.95
C VAL C 324 -10.32 -35.11 31.13
N TYR C 325 -10.81 -35.36 32.34
CA TYR C 325 -9.98 -35.20 33.53
C TYR C 325 -8.89 -36.26 33.55
N ALA C 326 -7.63 -35.82 33.70
CA ALA C 326 -6.49 -36.71 33.70
C ALA C 326 -6.43 -37.53 32.41
N TRP C 327 -6.30 -36.83 31.28
CA TRP C 327 -6.30 -37.48 29.99
C TRP C 327 -4.98 -38.23 29.76
N ASN C 328 -4.98 -39.06 28.72
CA ASN C 328 -3.81 -39.84 28.35
C ASN C 328 -2.98 -39.10 27.32
N ARG C 329 -1.67 -39.29 27.38
CA ARG C 329 -0.73 -38.77 26.39
C ARG C 329 0.16 -39.91 25.91
N LYS C 330 0.23 -40.08 24.59
CA LYS C 330 0.99 -41.17 24.00
C LYS C 330 1.95 -40.63 22.96
N ARG C 331 3.23 -41.00 23.10
CA ARG C 331 4.28 -40.58 22.19
C ARG C 331 4.52 -41.68 21.17
N ILE C 332 4.58 -41.29 19.89
CA ILE C 332 4.74 -42.22 18.78
C ILE C 332 6.07 -41.92 18.10
N SER C 333 6.88 -42.97 17.91
CA SER C 333 8.19 -42.80 17.29
C SER C 333 8.63 -44.12 16.65
N ASN C 334 9.56 -43.99 15.70
CA ASN C 334 10.18 -45.12 15.01
C ASN C 334 9.14 -46.02 14.33
N CYS C 335 8.45 -45.43 13.37
CA CYS C 335 7.43 -46.15 12.60
C CYS C 335 7.06 -45.31 11.38
N VAL C 336 6.26 -45.93 10.50
CA VAL C 336 5.77 -45.26 9.29
C VAL C 336 4.32 -44.87 9.50
N ALA C 337 4.06 -43.56 9.52
CA ALA C 337 2.73 -43.03 9.79
C ALA C 337 2.01 -42.78 8.47
N ASP C 338 1.13 -43.72 8.11
CA ASP C 338 0.29 -43.59 6.92
C ASP C 338 -1.05 -43.00 7.37
N TYR C 339 -1.20 -41.69 7.19
CA TYR C 339 -2.45 -41.03 7.55
C TYR C 339 -3.62 -41.44 6.67
N SER C 340 -3.36 -42.14 5.56
CA SER C 340 -4.44 -42.58 4.68
C SER C 340 -5.35 -43.59 5.36
N VAL C 341 -4.83 -44.45 6.23
CA VAL C 341 -5.68 -45.42 6.92
C VAL C 341 -6.63 -44.71 7.88
N LEU C 342 -6.22 -43.55 8.40
CA LEU C 342 -7.13 -42.75 9.20
C LEU C 342 -8.26 -42.17 8.35
N TYR C 343 -7.97 -41.89 7.07
CA TYR C 343 -9.01 -41.42 6.16
C TYR C 343 -10.05 -42.49 5.86
N ASN C 344 -9.75 -43.75 6.17
CA ASN C 344 -10.74 -44.81 6.01
C ASN C 344 -11.91 -44.65 6.96
N LEU C 345 -11.74 -43.91 8.05
CA LEU C 345 -12.82 -43.61 8.97
C LEU C 345 -13.71 -42.52 8.36
N ALA C 346 -14.97 -42.87 8.11
CA ALA C 346 -15.90 -41.95 7.46
C ALA C 346 -16.41 -40.86 8.40
N PRO C 347 -16.98 -41.18 9.59
CA PRO C 347 -17.62 -40.13 10.39
C PRO C 347 -16.64 -39.21 11.10
N PHE C 348 -16.02 -38.31 10.34
CA PHE C 348 -15.18 -37.27 10.92
C PHE C 348 -16.00 -35.99 11.10
N PHE C 349 -15.94 -35.40 12.29
CA PHE C 349 -16.68 -34.19 12.58
C PHE C 349 -15.80 -32.93 12.56
N THR C 350 -14.66 -32.95 13.23
CA THR C 350 -13.71 -31.85 13.21
C THR C 350 -12.36 -32.39 12.78
N PHE C 351 -11.75 -31.72 11.80
CA PHE C 351 -10.44 -32.14 11.31
C PHE C 351 -9.53 -30.94 11.06
N LYS C 352 -9.78 -29.82 11.75
CA LYS C 352 -9.03 -28.61 11.52
C LYS C 352 -7.58 -28.77 11.95
N CYS C 353 -6.67 -28.16 11.20
CA CYS C 353 -5.24 -28.20 11.47
C CYS C 353 -4.71 -26.77 11.53
N TYR C 354 -3.71 -26.56 12.37
CA TYR C 354 -3.11 -25.25 12.58
C TYR C 354 -1.67 -25.25 12.10
N GLY C 355 -1.40 -24.46 11.07
CA GLY C 355 -0.07 -24.35 10.52
C GLY C 355 0.31 -25.43 9.53
N VAL C 356 -0.59 -26.38 9.26
CA VAL C 356 -0.30 -27.49 8.34
C VAL C 356 -1.56 -27.79 7.56
N SER C 357 -1.38 -28.31 6.34
CA SER C 357 -2.53 -28.65 5.51
C SER C 357 -2.81 -30.15 5.59
N PRO C 358 -4.08 -30.57 5.70
CA PRO C 358 -4.37 -32.01 5.76
C PRO C 358 -3.91 -32.78 4.54
N THR C 359 -3.98 -32.17 3.36
CA THR C 359 -3.59 -32.87 2.14
C THR C 359 -2.07 -33.00 2.01
N LYS C 360 -1.33 -32.20 2.77
CA LYS C 360 0.13 -32.19 2.69
C LYS C 360 0.78 -33.09 3.72
N LEU C 361 0.00 -33.86 4.49
CA LEU C 361 0.57 -34.69 5.54
C LEU C 361 1.36 -35.86 4.96
N ASN C 362 1.00 -36.32 3.77
CA ASN C 362 1.66 -37.49 3.19
C ASN C 362 3.13 -37.21 2.87
N ASP C 363 3.50 -35.96 2.65
CA ASP C 363 4.85 -35.60 2.26
C ASP C 363 5.66 -35.00 3.41
N LEU C 364 5.20 -35.12 4.64
CA LEU C 364 5.87 -34.49 5.78
C LEU C 364 6.39 -35.55 6.76
N CYS C 365 7.39 -35.13 7.53
CA CYS C 365 7.95 -35.95 8.60
C CYS C 365 7.90 -35.17 9.90
N PHE C 366 7.55 -35.86 10.98
CA PHE C 366 7.31 -35.24 12.28
C PHE C 366 8.37 -35.73 13.25
N THR C 367 9.12 -34.77 13.83
CA THR C 367 10.18 -35.15 14.77
C THR C 367 9.61 -35.80 16.02
N ASN C 368 8.47 -35.30 16.51
CA ASN C 368 7.80 -35.92 17.64
C ASN C 368 6.32 -35.59 17.54
N VAL C 369 5.49 -36.60 17.79
CA VAL C 369 4.04 -36.45 17.74
C VAL C 369 3.45 -37.08 18.99
N TYR C 370 2.54 -36.35 19.64
CA TYR C 370 1.86 -36.83 20.83
C TYR C 370 0.43 -37.17 20.47
N ALA C 371 0.05 -38.42 20.69
CA ALA C 371 -1.32 -38.88 20.41
C ALA C 371 -2.21 -38.62 21.62
N ASP C 372 -2.21 -37.35 22.03
CA ASP C 372 -2.99 -36.93 23.19
C ASP C 372 -4.48 -37.12 22.89
N SER C 373 -5.11 -38.02 23.64
CA SER C 373 -6.49 -38.42 23.35
C SER C 373 -7.31 -38.42 24.63
N PHE C 374 -8.54 -37.93 24.50
CA PHE C 374 -9.54 -38.04 25.56
C PHE C 374 -10.90 -37.83 24.90
N VAL C 375 -11.93 -38.44 25.50
CA VAL C 375 -13.28 -38.43 24.96
C VAL C 375 -14.05 -37.29 25.60
N ILE C 376 -14.78 -36.54 24.78
CA ILE C 376 -15.47 -35.33 25.21
C ILE C 376 -16.93 -35.39 24.77
N ARG C 377 -17.69 -34.40 25.23
CA ARG C 377 -19.07 -34.24 24.82
C ARG C 377 -19.14 -33.69 23.40
N GLY C 378 -20.31 -33.82 22.77
CA GLY C 378 -20.48 -33.47 21.38
C GLY C 378 -20.16 -32.03 21.02
N ASP C 379 -20.55 -31.09 21.87
CA ASP C 379 -20.37 -29.67 21.60
C ASP C 379 -19.06 -29.11 22.13
N GLU C 380 -18.27 -29.90 22.85
CA GLU C 380 -17.06 -29.37 23.48
C GLU C 380 -15.94 -29.11 22.50
N VAL C 381 -16.08 -29.51 21.24
CA VAL C 381 -15.03 -29.26 20.24
C VAL C 381 -14.81 -27.77 20.01
N ARG C 382 -15.74 -26.94 20.49
CA ARG C 382 -15.60 -25.50 20.33
C ARG C 382 -14.41 -24.96 21.12
N GLN C 383 -14.18 -25.46 22.33
CA GLN C 383 -13.16 -24.92 23.21
C GLN C 383 -11.76 -25.47 22.96
N ILE C 384 -11.62 -26.46 22.06
CA ILE C 384 -10.31 -27.01 21.74
C ILE C 384 -9.75 -26.16 20.59
N ALA C 385 -9.11 -25.05 20.95
CA ALA C 385 -8.58 -24.10 19.99
C ALA C 385 -7.53 -23.25 20.69
N PRO C 386 -6.54 -22.75 19.97
CA PRO C 386 -5.46 -22.02 20.63
C PRO C 386 -5.68 -20.52 20.83
N GLY C 387 -5.33 -20.06 22.03
CA GLY C 387 -5.62 -18.69 22.41
C GLY C 387 -7.07 -18.44 22.75
N GLN C 388 -7.83 -19.49 23.05
CA GLN C 388 -9.26 -19.37 23.30
C GLN C 388 -9.56 -19.83 24.72
N THR C 389 -10.32 -19.02 25.46
CA THR C 389 -10.59 -19.32 26.86
C THR C 389 -11.88 -20.13 27.01
N GLY C 390 -12.07 -20.67 28.21
CA GLY C 390 -13.23 -21.47 28.52
C GLY C 390 -12.97 -22.41 29.67
N ASN C 391 -14.04 -23.02 30.18
CA ASN C 391 -13.91 -23.94 31.30
C ASN C 391 -13.04 -25.14 30.92
N ILE C 392 -13.35 -25.78 29.79
CA ILE C 392 -12.57 -26.94 29.36
C ILE C 392 -11.11 -26.57 29.14
N ALA C 393 -10.88 -25.46 28.43
CA ALA C 393 -9.51 -25.03 28.14
C ALA C 393 -8.75 -24.67 29.41
N ASP C 394 -9.32 -23.80 30.24
CA ASP C 394 -8.58 -23.26 31.38
C ASP C 394 -8.45 -24.27 32.51
N TYR C 395 -9.30 -25.30 32.53
CA TYR C 395 -9.31 -26.21 33.66
C TYR C 395 -8.82 -27.61 33.33
N ASN C 396 -8.93 -28.05 32.08
CA ASN C 396 -8.40 -29.35 31.68
C ASN C 396 -7.29 -29.26 30.65
N TYR C 397 -7.55 -28.63 29.49
CA TYR C 397 -6.62 -28.73 28.36
C TYR C 397 -6.56 -27.39 27.66
N LYS C 398 -5.54 -26.61 28.00
CA LYS C 398 -5.30 -25.32 27.34
C LYS C 398 -4.26 -25.47 26.24
N LEU C 399 -4.51 -24.82 25.11
CA LEU C 399 -3.60 -24.81 23.96
C LEU C 399 -2.81 -23.51 23.93
N PRO C 400 -1.50 -23.57 23.71
CA PRO C 400 -0.71 -22.34 23.61
C PRO C 400 -1.04 -21.56 22.34
N ASP C 401 -0.76 -20.26 22.39
CA ASP C 401 -1.02 -19.40 21.23
C ASP C 401 -0.19 -19.82 20.03
N ASP C 402 0.98 -20.42 20.26
CA ASP C 402 1.84 -20.90 19.19
C ASP C 402 1.58 -22.36 18.83
N PHE C 403 0.37 -22.84 19.05
CA PHE C 403 0.05 -24.24 18.78
C PHE C 403 0.18 -24.56 17.30
N THR C 404 0.78 -25.70 17.01
CA THR C 404 0.78 -26.28 15.66
C THR C 404 0.38 -27.75 15.77
N GLY C 405 -0.67 -28.12 15.05
CA GLY C 405 -1.19 -29.47 15.14
C GLY C 405 -2.59 -29.54 14.60
N CYS C 406 -3.14 -30.76 14.61
CA CYS C 406 -4.49 -31.02 14.14
C CYS C 406 -5.37 -31.47 15.30
N VAL C 407 -6.58 -30.93 15.34
CA VAL C 407 -7.59 -31.33 16.31
C VAL C 407 -8.59 -32.21 15.57
N ILE C 408 -8.67 -33.48 15.99
CA ILE C 408 -9.51 -34.47 15.32
C ILE C 408 -10.51 -35.03 16.32
N ALA C 409 -11.78 -35.04 15.94
CA ALA C 409 -12.83 -35.63 16.76
C ALA C 409 -13.74 -36.46 15.88
N TRP C 410 -14.12 -37.63 16.37
CA TRP C 410 -15.07 -38.49 15.65
C TRP C 410 -15.96 -39.20 16.67
N ASN C 411 -17.15 -39.55 16.22
CA ASN C 411 -18.15 -40.13 17.10
C ASN C 411 -17.74 -41.52 17.55
N SER C 412 -18.07 -41.85 18.81
CA SER C 412 -17.79 -43.16 19.38
C SER C 412 -18.96 -43.69 20.18
N ASN C 413 -20.19 -43.30 19.82
CA ASN C 413 -21.37 -43.79 20.53
C ASN C 413 -21.56 -45.29 20.36
N LYS C 414 -20.93 -45.90 19.35
CA LYS C 414 -21.02 -47.35 19.18
C LYS C 414 -20.23 -48.10 20.23
N LEU C 415 -19.25 -47.46 20.87
CA LEU C 415 -18.41 -48.15 21.85
C LEU C 415 -18.40 -47.41 23.18
N ASP C 416 -18.44 -46.08 23.15
CA ASP C 416 -18.34 -45.26 24.35
C ASP C 416 -19.70 -44.85 24.91
N SER C 417 -20.76 -45.51 24.48
CA SER C 417 -22.10 -45.22 24.99
C SER C 417 -22.77 -46.52 25.42
N LYS C 418 -23.52 -46.45 26.52
CA LYS C 418 -24.19 -47.61 27.07
C LYS C 418 -25.49 -47.16 27.73
N VAL C 419 -26.42 -48.10 27.84
CA VAL C 419 -27.74 -47.79 28.39
C VAL C 419 -27.65 -47.69 29.91
N SER C 420 -28.07 -46.55 30.45
CA SER C 420 -28.06 -46.29 31.89
C SER C 420 -26.68 -46.53 32.48
N GLY C 421 -25.66 -46.04 31.78
CA GLY C 421 -24.29 -46.22 32.22
C GLY C 421 -23.37 -45.22 31.56
N ASN C 422 -22.11 -45.64 31.41
CA ASN C 422 -21.06 -44.82 30.81
C ASN C 422 -20.86 -43.50 31.56
N TYR C 423 -21.04 -43.54 32.88
CA TYR C 423 -20.78 -42.39 33.73
C TYR C 423 -19.36 -42.38 34.28
N ASN C 424 -18.52 -43.34 33.89
CA ASN C 424 -17.15 -43.39 34.39
C ASN C 424 -16.34 -42.20 33.90
N TYR C 425 -16.65 -41.68 32.71
CA TYR C 425 -15.88 -40.56 32.17
C TYR C 425 -16.16 -39.29 32.97
N LEU C 426 -15.10 -38.73 33.54
CA LEU C 426 -15.19 -37.57 34.40
C LEU C 426 -14.41 -36.41 33.78
N TYR C 427 -14.87 -35.19 34.04
CA TYR C 427 -14.18 -34.01 33.56
C TYR C 427 -14.19 -32.95 34.64
N ARG C 428 -13.02 -32.34 34.85
CA ARG C 428 -12.88 -31.25 35.81
C ARG C 428 -13.75 -30.08 35.39
N LEU C 429 -14.51 -29.52 36.34
CA LEU C 429 -15.38 -28.41 36.01
C LEU C 429 -14.82 -27.07 36.47
N PHE C 430 -14.01 -27.06 37.52
CA PHE C 430 -13.49 -25.83 38.09
C PHE C 430 -12.07 -26.02 38.61
N ARG C 431 -11.33 -24.91 38.70
CA ARG C 431 -10.00 -24.88 39.29
C ARG C 431 -9.72 -23.47 39.79
N LYS C 432 -8.77 -23.36 40.72
CA LYS C 432 -8.49 -22.07 41.35
C LYS C 432 -7.87 -21.08 40.39
N SER C 433 -6.94 -21.52 39.54
CA SER C 433 -6.23 -20.63 38.64
C SER C 433 -6.07 -21.30 37.27
N ASN C 434 -5.83 -20.48 36.26
CA ASN C 434 -5.68 -20.96 34.90
C ASN C 434 -4.44 -21.84 34.76
N LEU C 435 -4.54 -22.83 33.90
CA LEU C 435 -3.45 -23.77 33.66
C LEU C 435 -2.50 -23.23 32.59
N LYS C 436 -1.25 -23.66 32.69
CA LYS C 436 -0.29 -23.43 31.63
C LYS C 436 -0.62 -24.35 30.45
N PRO C 437 -0.15 -24.01 29.24
CA PRO C 437 -0.42 -24.89 28.10
C PRO C 437 0.14 -26.27 28.32
N PHE C 438 -0.64 -27.28 27.90
CA PHE C 438 -0.29 -28.69 28.01
C PHE C 438 0.02 -29.10 29.45
N GLU C 439 -0.65 -28.49 30.43
CA GLU C 439 -0.45 -28.86 31.82
C GLU C 439 -1.53 -29.84 32.28
N ARG C 440 -1.09 -30.87 32.99
CA ARG C 440 -1.97 -31.95 33.44
C ARG C 440 -2.06 -31.92 34.95
N ASP C 441 -3.29 -31.88 35.47
CA ASP C 441 -3.55 -31.83 36.89
C ASP C 441 -4.47 -32.98 37.29
N ILE C 442 -4.11 -33.68 38.36
CA ILE C 442 -4.91 -34.80 38.86
C ILE C 442 -5.42 -34.58 40.28
N SER C 443 -5.03 -33.48 40.94
CA SER C 443 -5.49 -33.23 42.30
C SER C 443 -7.00 -33.05 42.34
N THR C 444 -7.62 -33.61 43.38
CA THR C 444 -9.07 -33.55 43.52
C THR C 444 -9.48 -32.84 44.81
N GLU C 445 -8.75 -31.81 45.21
CA GLU C 445 -9.13 -31.03 46.38
C GLU C 445 -10.34 -30.17 46.08
N ILE C 446 -11.02 -29.72 47.15
CA ILE C 446 -12.23 -28.94 46.97
C ILE C 446 -11.89 -27.59 46.34
N TYR C 447 -12.58 -27.28 45.24
CA TYR C 447 -12.36 -26.06 44.49
C TYR C 447 -12.92 -24.86 45.25
N GLN C 448 -12.13 -23.79 45.32
CA GLN C 448 -12.52 -22.58 46.01
C GLN C 448 -11.70 -21.41 45.46
N ALA C 449 -12.38 -20.50 44.76
CA ALA C 449 -11.74 -19.28 44.25
C ALA C 449 -12.04 -18.10 45.18
N GLY C 450 -11.37 -18.10 46.32
CA GLY C 450 -11.55 -17.07 47.32
C GLY C 450 -12.42 -17.46 48.50
N ASN C 451 -12.98 -18.66 48.50
CA ASN C 451 -13.88 -19.10 49.57
C ASN C 451 -13.09 -20.03 50.49
N LYS C 452 -12.49 -19.44 51.53
CA LYS C 452 -11.68 -20.22 52.46
C LYS C 452 -12.45 -21.27 53.24
N PRO C 453 -13.60 -20.99 53.87
CA PRO C 453 -14.22 -21.97 54.76
C PRO C 453 -14.80 -23.20 54.07
N CYS C 454 -14.61 -23.36 52.76
CA CYS C 454 -15.17 -24.51 52.06
C CYS C 454 -14.47 -25.82 52.40
N ASN C 455 -13.36 -25.78 53.13
CA ASN C 455 -12.62 -27.00 53.43
C ASN C 455 -13.48 -28.00 54.19
N GLY C 456 -13.83 -29.11 53.53
CA GLY C 456 -14.61 -30.17 54.10
C GLY C 456 -16.08 -30.17 53.72
N VAL C 457 -16.58 -29.08 53.14
CA VAL C 457 -17.99 -28.95 52.82
C VAL C 457 -18.15 -28.44 51.39
N ALA C 458 -19.34 -28.66 50.84
CA ALA C 458 -19.67 -28.17 49.51
C ALA C 458 -20.66 -27.02 49.61
N GLY C 459 -21.08 -26.51 48.45
CA GLY C 459 -22.02 -25.40 48.42
C GLY C 459 -22.15 -24.86 47.02
N PHE C 460 -22.87 -23.73 46.91
CA PHE C 460 -22.96 -23.04 45.63
C PHE C 460 -21.60 -22.49 45.23
N ASN C 461 -20.85 -21.95 46.19
CA ASN C 461 -19.56 -21.33 45.91
C ASN C 461 -18.43 -22.35 45.82
N CYS C 462 -18.66 -23.60 46.21
CA CYS C 462 -17.62 -24.62 46.19
C CYS C 462 -18.23 -25.97 45.88
N TYR C 463 -17.72 -26.63 44.84
CA TYR C 463 -18.17 -27.97 44.47
C TYR C 463 -16.98 -28.92 44.54
N PHE C 464 -17.27 -30.19 44.31
CA PHE C 464 -16.19 -31.12 44.00
C PHE C 464 -15.71 -30.84 42.58
N PRO C 465 -14.39 -30.75 42.35
CA PRO C 465 -13.91 -30.26 41.06
C PRO C 465 -14.31 -31.13 39.88
N LEU C 466 -14.70 -32.38 40.11
CA LEU C 466 -15.00 -33.29 39.02
C LEU C 466 -16.50 -33.43 38.80
N ARG C 467 -16.86 -33.79 37.56
CA ARG C 467 -18.24 -34.06 37.18
C ARG C 467 -18.23 -35.19 36.16
N SER C 468 -19.34 -35.89 36.05
CA SER C 468 -19.44 -37.10 35.24
C SER C 468 -20.12 -36.81 33.90
N TYR C 469 -19.64 -37.50 32.86
CA TYR C 469 -20.26 -37.49 31.55
C TYR C 469 -21.37 -38.53 31.51
N SER C 470 -22.49 -38.20 30.88
CA SER C 470 -23.59 -39.14 30.78
C SER C 470 -23.40 -40.11 29.60
N PHE C 471 -23.26 -39.57 28.39
CA PHE C 471 -23.08 -40.37 27.18
C PHE C 471 -24.20 -41.39 27.01
N ARG C 472 -25.43 -40.95 27.28
CA ARG C 472 -26.59 -41.83 27.12
C ARG C 472 -26.82 -42.13 25.64
N PRO C 473 -27.32 -43.33 25.32
CA PRO C 473 -27.63 -43.62 23.91
C PRO C 473 -28.66 -42.69 23.30
N THR C 474 -29.61 -42.22 24.10
CA THR C 474 -30.62 -41.30 23.61
C THR C 474 -30.08 -39.91 23.30
N TYR C 475 -28.86 -39.60 23.74
CA TYR C 475 -28.29 -38.28 23.47
C TYR C 475 -27.85 -38.18 22.02
N GLY C 476 -28.07 -37.01 21.44
CA GLY C 476 -27.79 -36.78 20.03
C GLY C 476 -26.32 -36.51 19.76
N VAL C 477 -26.04 -36.19 18.49
CA VAL C 477 -24.67 -35.92 18.07
C VAL C 477 -24.11 -34.70 18.81
N GLY C 478 -24.98 -33.80 19.26
CA GLY C 478 -24.54 -32.67 20.05
C GLY C 478 -24.03 -33.03 21.42
N HIS C 479 -24.32 -34.25 21.88
CA HIS C 479 -23.88 -34.71 23.20
C HIS C 479 -23.33 -36.13 23.19
N GLN C 480 -23.28 -36.79 22.03
CA GLN C 480 -22.73 -38.13 21.94
C GLN C 480 -21.23 -38.11 22.24
N PRO C 481 -20.69 -39.20 22.80
CA PRO C 481 -19.26 -39.23 23.10
C PRO C 481 -18.43 -39.21 21.82
N TYR C 482 -17.51 -38.25 21.74
CA TYR C 482 -16.64 -38.07 20.58
C TYR C 482 -15.22 -38.42 20.96
N ARG C 483 -14.64 -39.40 20.26
CA ARG C 483 -13.23 -39.70 20.41
C ARG C 483 -12.40 -38.56 19.84
N VAL C 484 -11.69 -37.85 20.72
CA VAL C 484 -10.91 -36.68 20.32
C VAL C 484 -9.43 -36.98 20.52
N VAL C 485 -8.66 -36.85 19.45
CA VAL C 485 -7.22 -37.00 19.48
C VAL C 485 -6.60 -35.75 18.87
N VAL C 486 -5.90 -34.98 19.69
CA VAL C 486 -5.20 -33.79 19.24
C VAL C 486 -3.76 -34.18 18.91
N LEU C 487 -3.38 -33.99 17.66
CA LEU C 487 -2.05 -34.42 17.19
C LEU C 487 -1.09 -33.23 17.23
N SER C 488 -0.60 -32.96 18.43
CA SER C 488 0.44 -31.95 18.59
C SER C 488 1.77 -32.50 18.08
N PHE C 489 2.48 -31.69 17.31
CA PHE C 489 3.74 -32.10 16.72
C PHE C 489 4.61 -30.89 16.45
N GLU C 490 5.92 -31.14 16.32
CA GLU C 490 6.89 -30.12 15.96
C GLU C 490 7.26 -30.31 14.50
N LEU C 491 7.24 -29.22 13.75
CA LEU C 491 7.32 -29.27 12.28
C LEU C 491 8.71 -28.96 11.73
N LEU C 492 9.71 -28.80 12.59
CA LEU C 492 11.03 -28.43 12.11
C LEU C 492 11.68 -29.61 11.38
N HIS C 493 12.92 -29.38 10.95
CA HIS C 493 13.63 -30.36 10.13
C HIS C 493 14.19 -31.47 11.02
N ALA C 494 15.09 -32.27 10.45
CA ALA C 494 15.66 -33.46 11.10
C ALA C 494 16.38 -33.06 12.38
N PRO C 495 16.47 -33.95 13.39
CA PRO C 495 16.06 -35.36 13.40
C PRO C 495 14.55 -35.58 13.41
N ALA C 496 14.09 -36.63 12.76
CA ALA C 496 12.68 -36.99 12.71
C ALA C 496 12.55 -38.51 12.69
N THR C 497 11.67 -39.03 13.55
CA THR C 497 11.49 -40.47 13.67
C THR C 497 10.17 -40.97 13.07
N VAL C 498 9.30 -40.06 12.62
CA VAL C 498 8.00 -40.44 12.09
C VAL C 498 7.87 -39.85 10.69
N CYS C 499 7.57 -40.71 9.71
CA CYS C 499 7.43 -40.32 8.32
C CYS C 499 6.38 -41.17 7.63
N GLY C 500 5.86 -40.63 6.53
CA GLY C 500 4.93 -41.37 5.70
C GLY C 500 5.64 -42.28 4.72
N PRO C 501 4.84 -42.94 3.89
CA PRO C 501 5.41 -43.88 2.89
C PRO C 501 6.05 -43.12 1.74
N LYS C 502 7.22 -43.59 1.32
CA LYS C 502 7.96 -42.97 0.22
C LYS C 502 9.00 -43.94 -0.29
N LYS C 503 9.65 -43.56 -1.39
CA LYS C 503 10.66 -44.37 -2.04
C LYS C 503 12.05 -43.80 -1.75
N SER C 504 13.08 -44.63 -1.94
CA SER C 504 14.46 -44.23 -1.69
C SER C 504 15.26 -44.34 -3.00
N THR C 505 16.07 -43.34 -3.28
CA THR C 505 16.89 -43.30 -4.48
C THR C 505 18.37 -43.12 -4.11
N ASN C 506 19.24 -43.55 -5.01
CA ASN C 506 20.67 -43.59 -4.74
C ASN C 506 21.32 -42.20 -4.72
N LEU C 507 22.64 -42.17 -4.54
CA LEU C 507 23.38 -40.93 -4.38
C LEU C 507 23.99 -40.50 -5.71
N VAL C 508 23.87 -39.21 -6.00
CA VAL C 508 24.42 -38.61 -7.21
C VAL C 508 25.33 -37.47 -6.78
N LYS C 509 26.50 -37.39 -7.42
CA LYS C 509 27.56 -36.50 -7.00
C LYS C 509 28.05 -35.67 -8.19
N ASN C 510 28.16 -34.36 -7.97
CA ASN C 510 28.39 -33.38 -9.02
C ASN C 510 27.40 -33.48 -10.17
N LYS C 511 26.12 -33.69 -9.88
CA LYS C 511 25.08 -33.54 -10.89
C LYS C 511 24.00 -32.64 -10.31
N CYS C 512 23.57 -31.66 -11.09
CA CYS C 512 22.49 -30.77 -10.67
C CYS C 512 21.20 -31.57 -10.63
N VAL C 513 20.73 -31.87 -9.42
CA VAL C 513 19.68 -32.85 -9.20
C VAL C 513 18.60 -32.25 -8.31
N ASN C 514 17.35 -32.45 -8.71
CA ASN C 514 16.22 -32.19 -7.81
C ASN C 514 16.23 -33.23 -6.70
N PHE C 515 16.03 -32.79 -5.46
CA PHE C 515 16.13 -33.68 -4.31
C PHE C 515 14.97 -33.44 -3.36
N ASN C 516 14.75 -34.42 -2.47
CA ASN C 516 13.81 -34.31 -1.36
C ASN C 516 14.37 -35.14 -0.21
N PHE C 517 15.09 -34.49 0.70
CA PHE C 517 15.66 -35.13 1.89
C PHE C 517 14.72 -34.92 3.06
N ASN C 518 13.96 -35.96 3.40
CA ASN C 518 13.20 -36.00 4.66
C ASN C 518 12.20 -34.85 4.74
N GLY C 519 11.67 -34.45 3.58
CA GLY C 519 10.76 -33.33 3.49
C GLY C 519 11.41 -32.01 3.13
N LEU C 520 12.73 -31.95 3.02
CA LEU C 520 13.43 -30.71 2.68
C LEU C 520 13.51 -30.62 1.16
N LYS C 521 12.56 -29.90 0.58
CA LYS C 521 12.51 -29.71 -0.86
C LYS C 521 13.57 -28.71 -1.31
N GLY C 522 14.05 -28.89 -2.53
CA GLY C 522 15.00 -27.96 -3.10
C GLY C 522 15.64 -28.53 -4.34
N THR C 523 16.57 -27.75 -4.89
CA THR C 523 17.35 -28.15 -6.05
C THR C 523 18.79 -27.72 -5.83
N GLY C 524 19.72 -28.63 -6.11
CA GLY C 524 21.12 -28.34 -5.88
C GLY C 524 21.98 -29.52 -6.26
N VAL C 525 23.29 -29.33 -6.11
CA VAL C 525 24.29 -30.34 -6.44
C VAL C 525 25.04 -30.71 -5.17
N LEU C 526 25.27 -32.00 -4.97
CA LEU C 526 25.94 -32.52 -3.78
C LEU C 526 27.38 -32.87 -4.09
N THR C 527 28.30 -32.43 -3.23
CA THR C 527 29.72 -32.62 -3.47
C THR C 527 30.39 -33.16 -2.21
N GLU C 528 31.63 -33.61 -2.39
CA GLU C 528 32.42 -34.09 -1.25
C GLU C 528 32.73 -32.94 -0.30
N SER C 529 32.57 -33.19 0.99
CA SER C 529 32.74 -32.16 2.01
C SER C 529 34.00 -32.43 2.82
N ASN C 530 34.85 -31.41 2.91
CA ASN C 530 36.05 -31.44 3.74
C ASN C 530 35.83 -30.76 5.09
N LYS C 531 34.61 -30.30 5.37
CA LYS C 531 34.33 -29.63 6.62
C LYS C 531 34.31 -30.64 7.77
N LYS C 532 34.88 -30.23 8.91
CA LYS C 532 34.97 -31.09 10.08
C LYS C 532 33.65 -31.04 10.85
N PHE C 533 32.64 -31.66 10.25
CA PHE C 533 31.32 -31.72 10.85
C PHE C 533 31.35 -32.63 12.08
N LEU C 534 30.86 -32.12 13.20
CA LEU C 534 30.81 -32.90 14.42
C LEU C 534 29.69 -33.94 14.35
N PRO C 535 29.82 -35.03 15.10
CA PRO C 535 28.84 -36.13 14.96
C PRO C 535 27.42 -35.72 15.25
N PHE C 536 27.20 -34.74 16.11
CA PHE C 536 25.84 -34.33 16.47
C PHE C 536 25.28 -33.25 15.53
N GLN C 537 26.04 -32.84 14.52
CA GLN C 537 25.59 -31.78 13.63
C GLN C 537 24.65 -32.33 12.56
N GLN C 538 23.39 -31.95 12.63
CA GLN C 538 22.36 -32.44 11.72
C GLN C 538 22.37 -31.76 10.36
N PHE C 539 22.24 -30.44 10.30
CA PHE C 539 22.37 -29.72 9.04
C PHE C 539 22.92 -28.34 9.34
N GLY C 540 23.78 -27.85 8.45
CA GLY C 540 24.64 -26.73 8.78
C GLY C 540 24.48 -25.47 7.97
N ARG C 541 24.14 -24.38 8.67
CA ARG C 541 24.11 -23.04 8.08
C ARG C 541 25.41 -22.32 8.42
N ASP C 542 26.49 -22.80 7.80
CA ASP C 542 27.83 -22.44 8.25
C ASP C 542 28.16 -20.97 7.96
N ILE C 543 28.17 -20.59 6.69
CA ILE C 543 28.65 -19.28 6.28
C ILE C 543 27.53 -18.55 5.54
N ALA C 544 27.39 -17.25 5.83
CA ALA C 544 26.41 -16.38 5.19
C ALA C 544 24.98 -16.84 5.43
N ASP C 545 24.77 -17.62 6.50
CA ASP C 545 23.44 -18.09 6.89
C ASP C 545 22.75 -18.83 5.74
N THR C 546 23.48 -19.78 5.15
CA THR C 546 22.97 -20.59 4.04
C THR C 546 23.01 -22.06 4.43
N THR C 547 21.96 -22.80 4.07
CA THR C 547 21.82 -24.21 4.44
C THR C 547 22.81 -25.01 3.61
N ASP C 548 24.08 -24.94 4.02
CA ASP C 548 25.15 -25.53 3.22
C ASP C 548 25.05 -27.04 3.15
N ALA C 549 24.71 -27.71 4.25
CA ALA C 549 24.82 -29.16 4.32
C ALA C 549 23.66 -29.76 5.08
N VAL C 550 23.37 -31.03 4.75
CA VAL C 550 22.38 -31.85 5.44
C VAL C 550 22.92 -33.26 5.54
N ARG C 551 22.73 -33.91 6.68
CA ARG C 551 23.29 -35.23 6.92
C ARG C 551 22.35 -36.32 6.43
N ASP C 552 22.94 -37.30 5.76
CA ASP C 552 22.19 -38.34 5.05
C ASP C 552 21.44 -39.22 6.04
N PRO C 553 20.15 -39.47 5.85
CA PRO C 553 19.43 -40.33 6.79
C PRO C 553 19.85 -41.80 6.77
N GLN C 554 20.53 -42.26 5.72
CA GLN C 554 21.01 -43.64 5.67
C GLN C 554 22.53 -43.74 5.70
N THR C 555 23.25 -43.07 4.80
CA THR C 555 24.70 -43.22 4.79
C THR C 555 25.38 -42.31 5.79
N LEU C 556 24.65 -41.38 6.41
CA LEU C 556 25.17 -40.47 7.42
C LEU C 556 26.36 -39.66 6.91
N GLU C 557 26.36 -39.33 5.63
CA GLU C 557 27.45 -38.54 5.06
C GLU C 557 27.07 -37.06 5.04
N ILE C 558 28.09 -36.22 5.14
CA ILE C 558 27.91 -34.77 5.07
C ILE C 558 27.75 -34.38 3.62
N LEU C 559 26.54 -33.95 3.25
CA LEU C 559 26.21 -33.61 1.88
C LEU C 559 26.06 -32.09 1.76
N ASP C 560 27.08 -31.44 1.20
CA ASP C 560 27.00 -30.00 0.95
C ASP C 560 25.99 -29.73 -0.17
N ILE C 561 25.14 -28.74 0.06
CA ILE C 561 24.10 -28.37 -0.90
C ILE C 561 24.45 -27.01 -1.49
N THR C 562 24.72 -26.98 -2.79
CA THR C 562 24.94 -25.76 -3.53
C THR C 562 24.11 -25.77 -4.81
N PRO C 563 23.56 -24.62 -5.23
CA PRO C 563 22.78 -24.59 -6.46
C PRO C 563 23.69 -24.70 -7.68
N CYS C 564 23.24 -25.45 -8.69
CA CYS C 564 24.08 -25.63 -9.87
C CYS C 564 24.18 -24.33 -10.66
N SER C 565 25.18 -24.28 -11.54
CA SER C 565 25.69 -23.01 -12.05
C SER C 565 24.61 -22.18 -12.73
N PHE C 566 24.66 -20.87 -12.48
CA PHE C 566 23.78 -19.91 -13.11
C PHE C 566 24.57 -18.63 -13.37
N GLY C 567 24.03 -17.76 -14.20
CA GLY C 567 24.71 -16.52 -14.52
C GLY C 567 23.99 -15.68 -15.56
N GLY C 568 24.55 -14.51 -15.86
CA GLY C 568 23.95 -13.60 -16.82
C GLY C 568 24.45 -13.86 -18.23
N VAL C 569 23.68 -13.42 -19.21
CA VAL C 569 24.01 -13.55 -20.62
C VAL C 569 23.97 -12.19 -21.27
N SER C 570 25.04 -11.83 -21.98
CA SER C 570 25.14 -10.57 -22.69
C SER C 570 25.28 -10.83 -24.18
N VAL C 571 24.75 -9.90 -24.99
CA VAL C 571 24.72 -10.04 -26.44
C VAL C 571 25.47 -8.88 -27.06
N ILE C 572 26.49 -9.19 -27.86
CA ILE C 572 27.29 -8.19 -28.56
C ILE C 572 26.85 -8.14 -30.01
N THR C 573 26.44 -6.97 -30.47
CA THR C 573 25.95 -6.80 -31.83
C THR C 573 26.64 -5.62 -32.51
N PRO C 574 26.91 -5.73 -33.81
CA PRO C 574 27.52 -4.61 -34.54
C PRO C 574 26.52 -3.60 -35.09
N GLY C 575 25.23 -3.85 -34.93
CA GLY C 575 24.21 -2.95 -35.44
C GLY C 575 23.38 -3.64 -36.51
N THR C 576 22.08 -3.32 -36.53
CA THR C 576 21.19 -3.93 -37.51
C THR C 576 21.55 -3.50 -38.94
N ASN C 577 21.90 -2.23 -39.14
CA ASN C 577 22.21 -1.76 -40.49
C ASN C 577 23.46 -2.44 -41.05
N THR C 578 24.33 -2.95 -40.18
CA THR C 578 25.61 -3.49 -40.62
C THR C 578 25.54 -4.98 -40.92
N SER C 579 25.19 -5.78 -39.91
CA SER C 579 25.14 -7.23 -40.08
C SER C 579 24.25 -7.84 -39.00
N ASN C 580 23.83 -9.07 -39.25
CA ASN C 580 23.03 -9.83 -38.30
C ASN C 580 23.87 -10.80 -37.47
N GLN C 581 25.19 -10.81 -37.65
CA GLN C 581 26.04 -11.68 -36.86
C GLN C 581 26.05 -11.22 -35.40
N VAL C 582 26.12 -12.18 -34.49
CA VAL C 582 26.00 -11.91 -33.06
C VAL C 582 27.03 -12.74 -32.31
N ALA C 583 27.71 -12.08 -31.36
CA ALA C 583 28.58 -12.74 -30.40
C ALA C 583 27.95 -12.63 -29.02
N VAL C 584 28.10 -13.68 -28.22
CA VAL C 584 27.43 -13.80 -26.93
C VAL C 584 28.48 -13.97 -25.84
N LEU C 585 28.29 -13.28 -24.72
CA LEU C 585 29.18 -13.36 -23.57
C LEU C 585 28.45 -13.98 -22.39
N TYR C 586 29.06 -15.00 -21.78
CA TYR C 586 28.51 -15.66 -20.61
C TYR C 586 29.21 -15.08 -19.39
N GLN C 587 28.57 -14.09 -18.77
CA GLN C 587 29.23 -13.30 -17.74
C GLN C 587 29.48 -14.10 -16.48
N GLY C 588 30.71 -14.03 -15.98
CA GLY C 588 31.05 -14.64 -14.71
C GLY C 588 31.03 -16.15 -14.68
N VAL C 589 31.19 -16.80 -15.83
CA VAL C 589 31.13 -18.26 -15.92
C VAL C 589 32.37 -18.76 -16.64
N ASN C 590 33.18 -19.56 -15.96
CA ASN C 590 34.17 -20.38 -16.63
C ASN C 590 33.44 -21.45 -17.42
N CYS C 591 33.33 -21.24 -18.73
CA CYS C 591 32.32 -21.97 -19.50
C CYS C 591 32.86 -23.23 -20.15
N THR C 592 33.77 -23.94 -19.47
CA THR C 592 33.98 -25.34 -19.83
C THR C 592 32.69 -26.15 -19.75
N GLU C 593 31.75 -25.73 -18.91
CA GLU C 593 30.41 -26.28 -18.89
C GLU C 593 29.41 -25.49 -19.74
N VAL C 594 29.78 -24.30 -20.21
CA VAL C 594 28.88 -23.42 -20.97
C VAL C 594 27.58 -23.17 -20.21
N THR C 612 26.21 -20.75 -29.55
CA THR C 612 26.59 -20.98 -30.95
C THR C 612 27.73 -21.99 -31.05
N GLY C 613 28.87 -21.67 -30.44
CA GLY C 613 30.02 -22.55 -30.47
C GLY C 613 30.96 -22.35 -31.63
N SER C 614 30.87 -21.23 -32.34
CA SER C 614 31.75 -20.99 -33.49
C SER C 614 33.20 -20.88 -33.04
N ASN C 615 33.48 -20.02 -32.06
CA ASN C 615 34.83 -19.83 -31.55
C ASN C 615 34.74 -19.42 -30.09
N VAL C 616 35.54 -20.08 -29.24
CA VAL C 616 35.48 -19.91 -27.80
C VAL C 616 36.75 -19.21 -27.35
N PHE C 617 36.59 -18.13 -26.59
CA PHE C 617 37.71 -17.36 -26.04
C PHE C 617 37.39 -17.00 -24.60
N GLN C 618 38.40 -17.05 -23.74
CA GLN C 618 38.21 -16.85 -22.31
C GLN C 618 38.67 -15.45 -21.91
N THR C 619 37.86 -14.78 -21.08
CA THR C 619 38.15 -13.43 -20.61
C THR C 619 37.89 -13.38 -19.12
N ARG C 620 38.40 -12.34 -18.46
CA ARG C 620 38.15 -12.17 -17.03
C ARG C 620 36.66 -11.95 -16.74
N ALA C 621 35.94 -11.31 -17.66
CA ALA C 621 34.52 -11.06 -17.46
C ALA C 621 33.64 -12.25 -17.81
N GLY C 622 34.21 -13.27 -18.43
CA GLY C 622 33.46 -14.42 -18.90
C GLY C 622 34.13 -14.99 -20.13
N CYS C 623 33.39 -15.82 -20.85
CA CYS C 623 33.89 -16.35 -22.11
C CYS C 623 33.06 -15.81 -23.26
N LEU C 624 33.73 -15.45 -24.35
CA LEU C 624 33.11 -14.82 -25.50
C LEU C 624 32.98 -15.86 -26.60
N ILE C 625 31.76 -16.10 -27.06
CA ILE C 625 31.46 -17.11 -28.06
C ILE C 625 30.97 -16.42 -29.33
N GLY C 626 31.59 -16.77 -30.45
CA GLY C 626 31.23 -16.20 -31.73
C GLY C 626 32.11 -15.07 -32.20
N ALA C 627 33.20 -14.77 -31.50
CA ALA C 627 34.14 -13.73 -31.88
C ALA C 627 35.55 -14.29 -31.86
N GLU C 628 36.35 -13.90 -32.84
CA GLU C 628 37.72 -14.39 -32.99
C GLU C 628 38.70 -13.40 -32.38
N TYR C 629 39.59 -13.90 -31.53
CA TYR C 629 40.58 -13.05 -30.89
C TYR C 629 41.73 -12.76 -31.85
N VAL C 630 42.02 -11.48 -32.04
CA VAL C 630 43.11 -11.03 -32.90
C VAL C 630 44.26 -10.58 -32.02
N ASN C 631 45.43 -10.35 -32.64
CA ASN C 631 46.66 -10.07 -31.90
C ASN C 631 47.14 -8.64 -32.06
N ASN C 632 46.31 -7.75 -32.59
CA ASN C 632 46.70 -6.35 -32.73
C ASN C 632 45.61 -5.46 -32.16
N SER C 633 46.02 -4.29 -31.69
CA SER C 633 45.18 -3.43 -30.85
C SER C 633 44.61 -2.27 -31.66
N TYR C 634 43.35 -1.94 -31.36
CA TYR C 634 42.66 -0.78 -31.92
C TYR C 634 42.06 0.03 -30.79
N GLU C 635 41.44 1.15 -31.14
CA GLU C 635 40.63 1.89 -30.18
C GLU C 635 39.38 1.10 -29.82
N CYS C 636 38.93 1.25 -28.58
CA CYS C 636 37.81 0.46 -28.09
C CYS C 636 36.51 0.90 -28.76
N ASP C 637 35.85 -0.02 -29.44
CA ASP C 637 34.54 0.22 -30.03
C ASP C 637 33.41 -0.24 -29.12
N ILE C 638 33.39 -1.53 -28.79
CA ILE C 638 32.41 -2.08 -27.86
C ILE C 638 33.15 -2.62 -26.64
N PRO C 639 32.99 -2.02 -25.47
CA PRO C 639 33.75 -2.47 -24.29
C PRO C 639 33.12 -3.73 -23.69
N ILE C 640 33.94 -4.74 -23.47
CA ILE C 640 33.50 -5.98 -22.83
C ILE C 640 33.91 -6.03 -21.37
N GLY C 641 35.15 -5.68 -21.07
CA GLY C 641 35.62 -5.63 -19.69
C GLY C 641 37.04 -6.15 -19.56
N ALA C 642 37.73 -5.68 -18.52
CA ALA C 642 39.10 -6.09 -18.21
C ALA C 642 40.05 -5.83 -19.37
N GLY C 643 39.85 -4.71 -20.06
CA GLY C 643 40.74 -4.30 -21.14
C GLY C 643 40.48 -4.97 -22.48
N ILE C 644 39.40 -5.72 -22.62
CA ILE C 644 39.07 -6.42 -23.86
C ILE C 644 37.91 -5.71 -24.52
N CYS C 645 38.03 -5.42 -25.81
CA CYS C 645 37.00 -4.76 -26.59
C CYS C 645 36.72 -5.56 -27.85
N ALA C 646 35.56 -5.31 -28.46
CA ALA C 646 35.14 -6.02 -29.66
C ALA C 646 34.66 -5.03 -30.71
N SER C 647 34.82 -5.41 -31.97
CA SER C 647 34.41 -4.57 -33.08
C SER C 647 34.14 -5.44 -34.30
N TYR C 648 33.48 -4.85 -35.29
CA TYR C 648 33.17 -5.52 -36.54
C TYR C 648 34.20 -5.08 -37.58
N GLN C 649 35.08 -5.99 -37.97
CA GLN C 649 36.14 -5.70 -38.92
C GLN C 649 36.14 -6.73 -40.03
N THR C 650 36.54 -6.28 -41.22
CA THR C 650 36.59 -7.15 -42.39
C THR C 650 37.78 -8.10 -42.32
N GLN C 664 33.78 -10.05 -43.43
CA GLN C 664 33.50 -9.29 -42.22
C GLN C 664 33.09 -10.22 -41.08
N SER C 665 33.64 -9.96 -39.89
CA SER C 665 33.35 -10.78 -38.73
C SER C 665 33.60 -9.97 -37.47
N ILE C 666 33.10 -10.48 -36.36
CA ILE C 666 33.29 -9.84 -35.05
C ILE C 666 34.58 -10.34 -34.44
N ILE C 667 35.46 -9.40 -34.05
CA ILE C 667 36.77 -9.74 -33.51
C ILE C 667 36.88 -9.16 -32.11
N ALA C 668 37.75 -9.78 -31.30
CA ALA C 668 38.02 -9.35 -29.94
C ALA C 668 39.50 -9.04 -29.80
N TYR C 669 39.81 -7.96 -29.08
CA TYR C 669 41.19 -7.50 -28.98
C TYR C 669 41.38 -6.75 -27.67
N THR C 670 42.64 -6.49 -27.35
CA THR C 670 42.98 -5.63 -26.24
C THR C 670 43.06 -4.18 -26.72
N MET C 671 42.41 -3.28 -26.00
CA MET C 671 42.34 -1.89 -26.44
C MET C 671 43.69 -1.21 -26.34
N SER C 672 43.90 -0.21 -27.19
CA SER C 672 45.16 0.54 -27.24
C SER C 672 44.95 1.90 -26.60
N LEU C 673 45.89 2.31 -25.76
CA LEU C 673 45.77 3.58 -25.05
C LEU C 673 46.18 4.78 -25.88
N GLY C 674 46.87 4.57 -27.00
CA GLY C 674 47.26 5.67 -27.85
C GLY C 674 48.63 5.50 -28.47
N ALA C 675 49.01 6.44 -29.34
CA ALA C 675 50.32 6.38 -29.99
C ALA C 675 51.44 6.62 -28.99
N GLU C 676 52.56 5.94 -29.20
CA GLU C 676 53.71 6.02 -28.31
C GLU C 676 54.80 6.85 -28.98
N ASN C 677 55.30 7.85 -28.27
CA ASN C 677 56.38 8.69 -28.77
C ASN C 677 57.20 9.20 -27.58
N SER C 678 58.45 9.56 -27.85
CA SER C 678 59.37 10.01 -26.82
C SER C 678 59.85 11.41 -27.17
N VAL C 679 59.85 12.30 -26.17
CA VAL C 679 60.36 13.65 -26.37
C VAL C 679 61.86 13.67 -26.10
N ALA C 680 62.59 14.43 -26.92
CA ALA C 680 64.05 14.43 -26.87
C ALA C 680 64.58 15.41 -25.82
N TYR C 681 64.54 14.96 -24.56
CA TYR C 681 65.13 15.74 -23.48
C TYR C 681 66.64 15.79 -23.64
N SER C 682 67.25 16.90 -23.24
CA SER C 682 68.68 17.07 -23.41
C SER C 682 69.22 18.12 -22.45
N ASN C 683 70.55 18.14 -22.34
CA ASN C 683 71.27 19.20 -21.63
C ASN C 683 70.74 20.59 -21.94
N ASN C 684 70.81 21.01 -23.19
CA ASN C 684 70.57 22.40 -23.55
C ASN C 684 69.76 22.49 -24.85
N SER C 685 68.69 21.73 -24.93
CA SER C 685 67.82 21.72 -26.11
C SER C 685 66.46 22.26 -25.73
N ILE C 686 65.93 23.15 -26.58
CA ILE C 686 64.62 23.74 -26.36
C ILE C 686 63.92 23.86 -27.71
N ALA C 687 62.60 23.73 -27.71
CA ALA C 687 61.79 23.84 -28.91
C ALA C 687 60.85 25.03 -28.79
N ILE C 688 60.83 25.88 -29.81
CA ILE C 688 60.01 27.09 -29.81
C ILE C 688 59.14 27.10 -31.06
N PRO C 689 57.83 27.31 -30.94
CA PRO C 689 56.97 27.32 -32.12
C PRO C 689 57.20 28.56 -32.97
N THR C 690 57.16 28.39 -34.29
CA THR C 690 57.34 29.48 -35.23
C THR C 690 56.05 29.91 -35.90
N ASN C 691 54.91 29.29 -35.55
CA ASN C 691 53.63 29.64 -36.14
C ASN C 691 52.54 29.31 -35.13
N PHE C 692 51.29 29.41 -35.56
CA PHE C 692 50.15 29.12 -34.70
C PHE C 692 48.93 28.80 -35.54
N THR C 693 47.95 28.17 -34.91
CA THR C 693 46.65 27.87 -35.52
C THR C 693 45.59 28.14 -34.46
N ILE C 694 44.72 29.11 -34.72
CA ILE C 694 43.62 29.38 -33.79
C ILE C 694 42.47 28.44 -34.11
N SER C 695 41.81 27.93 -33.08
CA SER C 695 40.79 26.90 -33.25
C SER C 695 39.56 27.22 -32.41
N VAL C 696 38.42 26.72 -32.86
CA VAL C 696 37.14 26.85 -32.17
C VAL C 696 36.62 25.45 -31.87
N THR C 697 36.15 25.24 -30.64
CA THR C 697 35.59 23.97 -30.21
C THR C 697 34.24 24.20 -29.56
N THR C 698 33.44 23.13 -29.51
CA THR C 698 32.06 23.19 -29.05
C THR C 698 31.88 22.42 -27.76
N GLU C 699 31.09 22.97 -26.84
CA GLU C 699 30.75 22.31 -25.59
C GLU C 699 29.24 22.40 -25.37
N ILE C 700 28.65 21.29 -24.92
CA ILE C 700 27.21 21.19 -24.71
C ILE C 700 26.97 20.88 -23.23
N LEU C 701 26.06 21.64 -22.61
CA LEU C 701 25.77 21.46 -21.19
C LEU C 701 24.27 21.59 -20.93
N PRO C 702 23.63 20.56 -20.39
CA PRO C 702 22.22 20.70 -19.99
C PRO C 702 22.06 21.65 -18.82
N VAL C 703 20.93 22.37 -18.81
CA VAL C 703 20.70 23.41 -17.83
C VAL C 703 19.44 23.12 -17.02
N SER C 704 18.45 22.49 -17.65
CA SER C 704 17.17 22.27 -16.99
C SER C 704 16.45 21.11 -17.66
N MET C 705 15.40 20.62 -16.98
CA MET C 705 14.57 19.53 -17.47
C MET C 705 13.11 19.93 -17.36
N THR C 706 12.23 19.01 -17.75
CA THR C 706 10.81 19.32 -17.81
C THR C 706 10.20 19.42 -16.42
N LYS C 707 9.17 20.25 -16.30
CA LYS C 707 8.45 20.44 -15.05
C LYS C 707 7.18 19.59 -15.12
N THR C 708 7.02 18.69 -14.16
CA THR C 708 5.91 17.75 -14.14
C THR C 708 5.10 17.89 -12.86
N SER C 709 3.78 17.79 -13.00
CA SER C 709 2.85 17.83 -11.88
C SER C 709 2.01 16.56 -11.88
N VAL C 710 1.77 16.02 -10.68
CA VAL C 710 1.06 14.75 -10.52
C VAL C 710 -0.05 14.93 -9.49
N ASP C 711 -1.24 14.46 -9.82
CA ASP C 711 -2.36 14.38 -8.91
C ASP C 711 -2.54 12.94 -8.48
N CYS C 712 -2.65 12.70 -7.17
CA CYS C 712 -2.76 11.33 -6.68
C CYS C 712 -4.04 10.66 -7.17
N THR C 713 -5.20 11.18 -6.76
CA THR C 713 -6.46 10.47 -6.92
C THR C 713 -6.69 10.01 -8.35
N MET C 714 -6.44 10.89 -9.33
CA MET C 714 -6.65 10.53 -10.72
C MET C 714 -5.75 9.36 -11.13
N TYR C 715 -4.49 9.37 -10.68
CA TYR C 715 -3.57 8.29 -11.06
C TYR C 715 -3.91 7.01 -10.33
N ILE C 716 -3.97 7.06 -8.99
CA ILE C 716 -4.14 5.85 -8.20
C ILE C 716 -5.49 5.20 -8.48
N CYS C 717 -6.57 5.98 -8.37
CA CYS C 717 -7.91 5.46 -8.65
C CYS C 717 -8.81 6.63 -8.99
N GLY C 718 -9.01 6.85 -10.28
CA GLY C 718 -9.80 7.98 -10.75
C GLY C 718 -11.21 7.57 -11.15
N ASP C 719 -12.12 8.55 -11.14
CA ASP C 719 -13.53 8.32 -11.44
C ASP C 719 -14.14 7.27 -10.54
N SER C 720 -13.70 7.21 -9.28
CA SER C 720 -14.19 6.23 -8.32
C SER C 720 -14.10 6.87 -6.93
N THR C 721 -15.22 7.43 -6.47
CA THR C 721 -15.24 8.08 -5.16
C THR C 721 -15.18 7.04 -4.04
N GLU C 722 -15.58 5.80 -4.33
CA GLU C 722 -15.50 4.73 -3.33
C GLU C 722 -14.05 4.52 -2.91
N CYS C 723 -13.15 4.40 -3.87
CA CYS C 723 -11.72 4.32 -3.57
C CYS C 723 -11.18 5.63 -3.03
N SER C 724 -11.74 6.76 -3.47
CA SER C 724 -11.29 8.06 -2.97
C SER C 724 -11.56 8.21 -1.49
N ASN C 725 -12.61 7.56 -0.97
CA ASN C 725 -12.86 7.59 0.46
C ASN C 725 -11.75 6.88 1.23
N LEU C 726 -11.32 5.72 0.73
CA LEU C 726 -10.28 4.95 1.41
C LEU C 726 -8.89 5.53 1.23
N LEU C 727 -8.64 6.27 0.14
CA LEU C 727 -7.32 6.83 -0.08
C LEU C 727 -6.91 7.84 0.99
N LEU C 728 -7.87 8.54 1.60
CA LEU C 728 -7.54 9.54 2.60
C LEU C 728 -7.04 8.91 3.90
N GLN C 729 -7.19 7.60 4.06
CA GLN C 729 -6.84 6.94 5.31
C GLN C 729 -5.33 6.81 5.51
N TYR C 730 -4.53 6.98 4.45
CA TYR C 730 -3.10 6.73 4.54
C TYR C 730 -2.30 7.93 5.03
N GLY C 731 -2.90 9.11 5.14
CA GLY C 731 -2.20 10.26 5.68
C GLY C 731 -1.83 11.33 4.69
N SER C 732 -0.64 11.90 4.85
CA SER C 732 -0.20 13.07 4.08
C SER C 732 0.87 12.72 3.05
N PHE C 733 0.78 11.56 2.41
CA PHE C 733 1.74 11.21 1.37
C PHE C 733 1.61 12.15 0.17
N CYS C 734 0.37 12.50 -0.19
CA CYS C 734 0.14 13.35 -1.35
C CYS C 734 0.75 14.73 -1.16
N THR C 735 0.62 15.30 0.03
CA THR C 735 1.20 16.61 0.30
C THR C 735 2.71 16.58 0.12
N GLN C 736 3.36 15.53 0.64
CA GLN C 736 4.80 15.40 0.47
C GLN C 736 5.19 15.29 -1.00
N LEU C 737 4.45 14.46 -1.75
CA LEU C 737 4.78 14.28 -3.17
C LEU C 737 4.61 15.57 -3.95
N LYS C 738 3.51 16.28 -3.70
CA LYS C 738 3.27 17.54 -4.39
C LYS C 738 4.33 18.58 -4.02
N ARG C 739 4.74 18.62 -2.75
CA ARG C 739 5.77 19.57 -2.34
C ARG C 739 7.09 19.27 -3.03
N ALA C 740 7.46 17.98 -3.10
CA ALA C 740 8.70 17.61 -3.77
C ALA C 740 8.67 17.99 -5.24
N LEU C 741 7.56 17.71 -5.92
CA LEU C 741 7.45 18.02 -7.33
C LEU C 741 7.47 19.54 -7.56
N THR C 742 6.79 20.30 -6.72
CA THR C 742 6.80 21.75 -6.85
C THR C 742 8.20 22.32 -6.64
N GLY C 743 8.93 21.79 -5.66
CA GLY C 743 10.29 22.26 -5.45
C GLY C 743 11.19 21.98 -6.63
N ILE C 744 11.13 20.75 -7.16
CA ILE C 744 12.00 20.43 -8.29
C ILE C 744 11.50 21.08 -9.57
N ALA C 745 10.29 21.63 -9.58
CA ALA C 745 9.84 22.42 -10.73
C ALA C 745 10.32 23.87 -10.64
N VAL C 746 10.29 24.44 -9.43
CA VAL C 746 10.81 25.80 -9.24
C VAL C 746 12.32 25.84 -9.47
N GLU C 747 13.01 24.76 -9.09
CA GLU C 747 14.45 24.71 -9.26
C GLU C 747 14.87 24.88 -10.72
N GLN C 748 14.03 24.45 -11.67
CA GLN C 748 14.38 24.58 -13.08
C GLN C 748 14.40 26.04 -13.52
N ASP C 749 13.39 26.81 -13.12
CA ASP C 749 13.39 28.24 -13.40
C ASP C 749 14.56 28.92 -12.71
N LYS C 750 14.88 28.49 -11.48
CA LYS C 750 16.04 29.05 -10.79
C LYS C 750 17.31 28.80 -11.58
N ASN C 751 17.50 27.58 -12.09
CA ASN C 751 18.69 27.25 -12.86
C ASN C 751 18.78 28.09 -14.12
N THR C 752 17.67 28.20 -14.86
CA THR C 752 17.69 28.97 -16.10
C THR C 752 18.01 30.44 -15.84
N GLN C 753 17.39 31.03 -14.81
CA GLN C 753 17.67 32.42 -14.47
C GLN C 753 19.13 32.60 -14.05
N GLU C 754 19.67 31.65 -13.28
CA GLU C 754 21.06 31.76 -12.85
C GLU C 754 22.02 31.67 -14.04
N VAL C 755 21.72 30.83 -15.02
CA VAL C 755 22.66 30.63 -16.13
C VAL C 755 22.59 31.80 -17.11
N PHE C 756 21.38 32.20 -17.52
CA PHE C 756 21.28 33.11 -18.66
C PHE C 756 21.13 34.58 -18.28
N ALA C 757 20.56 34.89 -17.12
CA ALA C 757 20.36 36.29 -16.75
C ALA C 757 21.60 36.87 -16.09
N GLN C 758 22.76 36.74 -16.73
CA GLN C 758 23.99 37.31 -16.20
C GLN C 758 24.08 38.82 -16.44
N VAL C 759 23.57 39.30 -17.56
CA VAL C 759 23.72 40.69 -17.97
C VAL C 759 22.50 41.47 -17.50
N LYS C 760 22.71 42.73 -17.10
CA LYS C 760 21.64 43.57 -16.59
C LYS C 760 20.96 44.40 -17.67
N GLN C 761 21.63 44.64 -18.81
CA GLN C 761 21.09 45.47 -19.86
C GLN C 761 21.15 44.73 -21.19
N ILE C 762 20.23 45.07 -22.08
CA ILE C 762 20.10 44.42 -23.38
C ILE C 762 20.93 45.23 -24.39
N TYR C 763 22.17 44.81 -24.60
CA TYR C 763 23.05 45.51 -25.54
C TYR C 763 22.69 45.14 -26.97
N LYS C 764 22.84 46.11 -27.87
CA LYS C 764 22.54 45.93 -29.29
C LYS C 764 23.78 46.12 -30.13
N THR C 765 23.92 45.28 -31.15
CA THR C 765 25.03 45.32 -32.10
C THR C 765 24.85 46.48 -33.08
N PRO C 766 25.94 47.13 -33.49
CA PRO C 766 25.81 48.24 -34.42
C PRO C 766 25.35 47.76 -35.78
N PRO C 767 24.66 48.60 -36.54
CA PRO C 767 24.19 48.16 -37.87
C PRO C 767 25.31 47.78 -38.81
N ILE C 768 26.47 48.45 -38.71
CA ILE C 768 27.61 48.15 -39.57
C ILE C 768 28.35 46.95 -39.00
N LYS C 769 28.22 45.79 -39.64
CA LYS C 769 28.81 44.55 -39.15
C LYS C 769 30.21 44.34 -39.76
N TYR C 770 31.08 45.31 -39.51
CA TYR C 770 32.49 45.21 -39.87
C TYR C 770 33.32 45.29 -38.59
N PHE C 771 34.13 44.27 -38.35
CA PHE C 771 34.92 44.16 -37.12
C PHE C 771 36.37 43.82 -37.43
N GLY C 772 36.96 44.54 -38.38
CA GLY C 772 38.36 44.36 -38.69
C GLY C 772 38.69 43.09 -39.44
N GLY C 773 37.71 42.51 -40.13
CA GLY C 773 37.91 41.31 -40.91
C GLY C 773 37.30 40.07 -40.29
N PHE C 774 36.92 40.12 -39.02
CA PHE C 774 36.28 38.97 -38.39
C PHE C 774 34.79 38.94 -38.74
N ASN C 775 34.29 37.75 -39.02
CA ASN C 775 32.93 37.56 -39.53
C ASN C 775 32.13 36.79 -38.48
N PHE C 776 31.09 37.45 -37.95
CA PHE C 776 30.25 36.88 -36.91
C PHE C 776 28.83 36.58 -37.38
N SER C 777 28.64 36.39 -38.70
CA SER C 777 27.30 36.24 -39.23
C SER C 777 26.64 34.94 -38.76
N GLN C 778 27.44 33.92 -38.50
CA GLN C 778 26.89 32.62 -38.11
C GLN C 778 26.46 32.56 -36.66
N ILE C 779 26.82 33.55 -35.84
CA ILE C 779 26.45 33.56 -34.43
C ILE C 779 25.52 34.72 -34.09
N LEU C 780 25.52 35.80 -34.87
CA LEU C 780 24.62 36.91 -34.64
C LEU C 780 23.21 36.58 -35.12
N PRO C 781 22.19 37.24 -34.57
CA PRO C 781 20.81 36.92 -34.97
C PRO C 781 20.58 37.24 -36.45
N ASP C 782 19.68 36.47 -37.05
CA ASP C 782 19.41 36.60 -38.47
C ASP C 782 18.65 37.89 -38.75
N PRO C 783 19.17 38.78 -39.59
CA PRO C 783 18.47 40.05 -39.87
C PRO C 783 17.10 39.86 -40.51
N SER C 784 16.90 38.78 -41.28
CA SER C 784 15.60 38.56 -41.91
C SER C 784 14.52 38.33 -40.88
N LYS C 785 14.90 38.03 -39.64
CA LYS C 785 13.99 37.84 -38.51
C LYS C 785 12.94 36.77 -38.75
N PRO C 786 13.31 35.52 -39.06
CA PRO C 786 12.29 34.46 -39.02
C PRO C 786 11.92 34.06 -37.61
N SER C 787 12.92 33.90 -36.72
CA SER C 787 12.68 33.65 -35.31
C SER C 787 13.65 34.41 -34.40
N LYS C 788 14.40 35.37 -34.93
CA LYS C 788 15.42 36.10 -34.19
C LYS C 788 16.47 35.17 -33.61
N ARG C 789 16.84 34.14 -34.36
CA ARG C 789 17.85 33.17 -33.95
C ARG C 789 18.99 33.14 -34.96
N SER C 790 20.19 32.86 -34.46
CA SER C 790 21.33 32.65 -35.33
C SER C 790 21.18 31.31 -36.07
N PHE C 791 21.95 31.15 -37.15
CA PHE C 791 21.82 29.95 -37.96
C PHE C 791 22.29 28.72 -37.20
N ILE C 792 23.38 28.85 -36.43
CA ILE C 792 23.83 27.75 -35.60
C ILE C 792 22.77 27.39 -34.56
N GLU C 793 22.13 28.41 -33.99
CA GLU C 793 21.02 28.16 -33.07
C GLU C 793 19.87 27.46 -33.77
N ASP C 794 19.64 27.80 -35.04
CA ASP C 794 18.61 27.10 -35.81
C ASP C 794 18.95 25.62 -35.95
N LEU C 795 20.20 25.30 -36.25
CA LEU C 795 20.58 23.89 -36.37
C LEU C 795 20.50 23.18 -35.03
N LEU C 796 20.87 23.86 -33.94
CA LEU C 796 20.74 23.26 -32.62
C LEU C 796 19.29 22.96 -32.28
N PHE C 797 18.38 23.89 -32.59
CA PHE C 797 16.97 23.69 -32.29
C PHE C 797 16.34 22.65 -33.20
N ASN C 798 16.87 22.46 -34.41
CA ASN C 798 16.31 21.47 -35.31
C ASN C 798 16.86 20.07 -35.06
N LYS C 799 18.09 19.97 -34.54
CA LYS C 799 18.77 18.68 -34.41
C LYS C 799 18.29 17.87 -33.21
N VAL C 800 17.77 18.50 -32.17
CA VAL C 800 17.41 17.84 -30.93
C VAL C 800 15.91 17.92 -30.73
N THR C 801 15.29 16.78 -30.47
CA THR C 801 13.85 16.72 -30.31
C THR C 801 13.42 17.38 -28.99
N LEU C 802 12.37 18.19 -29.05
CA LEU C 802 11.86 18.85 -27.87
C LEU C 802 10.33 18.92 -27.90
N LYS C 828 -1.42 16.72 -20.20
CA LYS C 828 -2.82 16.36 -20.02
C LYS C 828 -3.03 14.85 -20.14
N PHE C 829 -2.11 14.09 -19.54
CA PHE C 829 -2.18 12.64 -19.57
C PHE C 829 -3.14 12.15 -18.49
N LYS C 830 -3.12 10.84 -18.22
CA LYS C 830 -4.01 10.22 -17.24
C LYS C 830 -3.54 10.58 -15.82
N GLY C 831 -3.82 11.82 -15.45
CA GLY C 831 -3.38 12.37 -14.18
C GLY C 831 -2.04 13.06 -14.23
N LEU C 832 -1.34 12.99 -15.37
CA LEU C 832 0.02 13.49 -15.51
C LEU C 832 0.02 14.72 -16.40
N THR C 833 0.64 15.80 -15.92
CA THR C 833 0.69 17.06 -16.65
C THR C 833 2.13 17.54 -16.70
N VAL C 834 2.38 18.50 -17.60
CA VAL C 834 3.67 19.16 -17.73
C VAL C 834 3.46 20.66 -17.67
N LEU C 835 4.40 21.36 -17.06
CA LEU C 835 4.22 22.80 -16.90
C LEU C 835 5.13 23.56 -17.85
N PRO C 836 4.69 24.71 -18.34
CA PRO C 836 5.52 25.50 -19.26
C PRO C 836 6.58 26.28 -18.50
N PRO C 837 7.80 26.36 -19.04
CA PRO C 837 8.85 27.12 -18.37
C PRO C 837 8.57 28.61 -18.37
N LEU C 838 9.10 29.29 -17.35
CA LEU C 838 8.85 30.72 -17.19
C LEU C 838 9.43 31.52 -18.35
N LEU C 839 10.65 31.19 -18.77
CA LEU C 839 11.32 31.91 -19.86
C LEU C 839 11.07 31.18 -21.17
N THR C 840 10.54 31.90 -22.16
CA THR C 840 10.34 31.32 -23.47
C THR C 840 11.65 31.30 -24.24
N ASP C 841 11.65 30.57 -25.36
CA ASP C 841 12.85 30.45 -26.17
C ASP C 841 13.28 31.81 -26.74
N GLU C 842 12.30 32.67 -27.05
CA GLU C 842 12.62 33.99 -27.57
C GLU C 842 13.39 34.82 -26.55
N MET C 843 12.99 34.75 -25.27
CA MET C 843 13.67 35.52 -24.24
C MET C 843 15.09 35.02 -24.02
N ILE C 844 15.30 33.70 -24.04
CA ILE C 844 16.65 33.17 -23.87
C ILE C 844 17.52 33.55 -25.06
N ALA C 845 16.95 33.51 -26.27
CA ALA C 845 17.69 33.95 -27.45
C ALA C 845 18.05 35.43 -27.35
N GLN C 846 17.14 36.23 -26.79
CA GLN C 846 17.42 37.66 -26.62
C GLN C 846 18.54 37.89 -25.60
N TYR C 847 18.54 37.11 -24.51
CA TYR C 847 19.64 37.18 -23.56
C TYR C 847 20.97 36.81 -24.22
N THR C 848 20.96 35.75 -25.02
CA THR C 848 22.18 35.35 -25.72
C THR C 848 22.65 36.42 -26.68
N SER C 849 21.72 37.05 -27.41
CA SER C 849 22.09 38.13 -28.32
C SER C 849 22.70 39.29 -27.57
N ALA C 850 22.14 39.64 -26.42
CA ALA C 850 22.71 40.71 -25.59
C ALA C 850 24.13 40.36 -25.15
N LEU C 851 24.34 39.10 -24.74
CA LEU C 851 25.68 38.69 -24.33
C LEU C 851 26.68 38.78 -25.48
N LEU C 852 26.28 38.32 -26.67
CA LEU C 852 27.17 38.43 -27.83
C LEU C 852 27.48 39.87 -28.17
N ALA C 853 26.47 40.74 -28.17
CA ALA C 853 26.70 42.15 -28.50
C ALA C 853 27.64 42.79 -27.50
N GLY C 854 27.43 42.51 -26.21
CA GLY C 854 28.31 43.08 -25.19
C GLY C 854 29.74 42.58 -25.31
N THR C 855 29.91 41.28 -25.54
CA THR C 855 31.26 40.72 -25.57
C THR C 855 31.98 41.08 -26.87
N ILE C 856 31.25 41.44 -27.91
CA ILE C 856 31.89 41.81 -29.17
C ILE C 856 32.22 43.30 -29.18
N THR C 857 31.29 44.14 -28.73
CA THR C 857 31.47 45.58 -28.81
C THR C 857 32.43 46.12 -27.76
N SER C 858 32.40 45.58 -26.54
CA SER C 858 33.12 46.17 -25.43
C SER C 858 34.19 45.28 -24.81
N GLY C 859 34.19 43.97 -25.07
CA GLY C 859 35.19 43.11 -24.47
C GLY C 859 34.74 42.59 -23.13
N TRP C 860 35.67 42.52 -22.17
CA TRP C 860 35.32 42.07 -20.84
C TRP C 860 34.86 43.20 -19.93
N THR C 861 34.87 44.44 -20.41
CA THR C 861 34.57 45.57 -19.55
C THR C 861 33.10 45.59 -19.14
N PHE C 862 32.21 45.13 -20.02
CA PHE C 862 30.78 45.22 -19.75
C PHE C 862 30.35 44.30 -18.61
N GLY C 863 31.12 43.26 -18.31
CA GLY C 863 30.77 42.34 -17.25
C GLY C 863 31.30 42.68 -15.87
N ALA C 864 32.00 43.81 -15.73
CA ALA C 864 32.57 44.22 -14.45
C ALA C 864 32.30 45.67 -14.12
N GLY C 865 31.29 46.28 -14.71
CA GLY C 865 30.97 47.66 -14.47
C GLY C 865 30.28 48.27 -15.70
N ALA C 866 30.63 49.50 -16.00
CA ALA C 866 30.09 50.16 -17.18
C ALA C 866 30.73 49.58 -18.44
N ALA C 867 29.94 49.52 -19.52
CA ALA C 867 30.43 48.98 -20.78
C ALA C 867 31.27 50.03 -21.48
N LEU C 868 32.46 49.63 -21.93
CA LEU C 868 33.43 50.53 -22.54
C LEU C 868 33.80 50.00 -23.92
N GLN C 869 33.55 50.79 -24.95
CA GLN C 869 33.79 50.33 -26.31
C GLN C 869 35.28 50.32 -26.62
N ILE C 870 35.67 49.42 -27.52
CA ILE C 870 37.06 49.29 -27.96
C ILE C 870 37.06 48.55 -29.30
N PRO C 871 37.89 48.94 -30.26
CA PRO C 871 37.94 48.22 -31.53
C PRO C 871 38.33 46.76 -31.32
N PHE C 872 37.76 45.88 -32.15
CA PHE C 872 37.94 44.44 -31.94
C PHE C 872 39.40 44.02 -32.14
N ALA C 873 40.12 44.69 -33.03
CA ALA C 873 41.53 44.38 -33.21
C ALA C 873 42.32 44.67 -31.94
N MET C 874 42.04 45.79 -31.27
CA MET C 874 42.75 46.11 -30.03
C MET C 874 42.35 45.16 -28.91
N GLN C 875 41.10 44.69 -28.91
CA GLN C 875 40.69 43.68 -27.95
C GLN C 875 41.44 42.37 -28.16
N MET C 876 41.61 41.97 -29.42
CA MET C 876 42.41 40.78 -29.71
C MET C 876 43.87 40.96 -29.32
N ALA C 877 44.41 42.17 -29.48
CA ALA C 877 45.75 42.45 -29.01
C ALA C 877 45.85 42.31 -27.50
N TYR C 878 44.84 42.83 -26.78
CA TYR C 878 44.75 42.61 -25.34
C TYR C 878 44.80 41.14 -25.00
N ARG C 879 44.03 40.33 -25.73
CA ARG C 879 43.92 38.91 -25.38
C ARG C 879 45.21 38.15 -25.70
N PHE C 880 45.89 38.49 -26.79
CA PHE C 880 47.21 37.91 -27.04
C PHE C 880 48.19 38.30 -25.94
N ASN C 881 48.17 39.56 -25.51
CA ASN C 881 48.98 39.95 -24.36
C ASN C 881 48.63 39.12 -23.13
N GLY C 882 47.35 38.78 -22.98
CA GLY C 882 46.92 37.95 -21.87
C GLY C 882 47.46 36.54 -21.94
N ILE C 883 47.56 35.96 -23.14
CA ILE C 883 48.04 34.59 -23.27
C ILE C 883 49.57 34.56 -23.35
N GLY C 884 50.20 35.73 -23.23
CA GLY C 884 51.65 35.79 -23.18
C GLY C 884 52.34 36.06 -24.50
N VAL C 885 51.63 36.57 -25.49
CA VAL C 885 52.20 36.87 -26.81
C VAL C 885 52.04 38.35 -27.06
N THR C 886 53.07 38.98 -27.63
CA THR C 886 53.05 40.42 -27.84
C THR C 886 51.99 40.80 -28.88
N GLN C 887 51.55 42.06 -28.83
CA GLN C 887 50.47 42.52 -29.69
C GLN C 887 50.90 42.70 -31.14
N ASN C 888 52.19 42.98 -31.39
CA ASN C 888 52.64 43.11 -32.77
C ASN C 888 52.47 41.79 -33.52
N VAL C 889 52.48 40.66 -32.82
CA VAL C 889 52.20 39.39 -33.48
C VAL C 889 50.81 39.41 -34.10
N LEU C 890 49.84 40.02 -33.41
CA LEU C 890 48.53 40.21 -34.01
C LEU C 890 48.56 41.27 -35.11
N TYR C 891 49.32 42.34 -34.90
CA TYR C 891 49.21 43.48 -35.82
C TYR C 891 49.85 43.17 -37.18
N GLU C 892 50.84 42.27 -37.21
CA GLU C 892 51.36 41.86 -38.52
C GLU C 892 50.70 40.60 -39.08
N ASN C 893 49.75 39.99 -38.36
CA ASN C 893 49.11 38.76 -38.84
C ASN C 893 47.60 38.84 -38.69
N GLN C 894 47.07 40.06 -38.66
CA GLN C 894 45.63 40.26 -38.51
C GLN C 894 44.83 39.55 -39.60
N LYS C 895 45.23 39.69 -40.85
CA LYS C 895 44.48 39.08 -41.94
C LYS C 895 44.50 37.55 -41.84
N LEU C 896 45.66 36.98 -41.55
CA LEU C 896 45.76 35.54 -41.39
C LEU C 896 44.89 35.05 -40.24
N ILE C 897 44.90 35.77 -39.12
CA ILE C 897 44.12 35.35 -37.96
C ILE C 897 42.63 35.43 -38.25
N ALA C 898 42.20 36.49 -38.96
CA ALA C 898 40.80 36.60 -39.34
C ALA C 898 40.39 35.47 -40.26
N ASN C 899 41.24 35.12 -41.24
CA ASN C 899 40.92 34.02 -42.14
C ASN C 899 40.81 32.70 -41.39
N GLN C 900 41.74 32.46 -40.45
CA GLN C 900 41.67 31.23 -39.66
C GLN C 900 40.41 31.19 -38.81
N PHE C 901 40.02 32.32 -38.22
CA PHE C 901 38.81 32.36 -37.40
C PHE C 901 37.58 32.06 -38.25
N ASN C 902 37.48 32.66 -39.44
CA ASN C 902 36.32 32.41 -40.30
C ASN C 902 36.29 30.94 -40.73
N SER C 903 37.43 30.38 -41.09
CA SER C 903 37.47 28.97 -41.49
C SER C 903 37.06 28.07 -40.34
N ALA C 904 37.51 28.37 -39.12
CA ALA C 904 37.14 27.56 -37.97
C ALA C 904 35.64 27.63 -37.69
N ILE C 905 35.05 28.83 -37.82
CA ILE C 905 33.60 28.95 -37.64
C ILE C 905 32.86 28.12 -38.69
N GLY C 906 33.32 28.17 -39.94
CA GLY C 906 32.70 27.35 -40.97
C GLY C 906 32.83 25.86 -40.68
N LYS C 907 34.00 25.44 -40.18
CA LYS C 907 34.19 24.03 -39.83
C LYS C 907 33.26 23.60 -38.70
N ILE C 908 33.06 24.46 -37.70
CA ILE C 908 32.11 24.15 -36.64
C ILE C 908 30.71 24.05 -37.20
N GLN C 909 30.35 24.96 -38.11
CA GLN C 909 29.06 24.89 -38.78
C GLN C 909 28.85 23.52 -39.42
N ASP C 910 29.83 23.08 -40.22
CA ASP C 910 29.71 21.80 -40.92
C ASP C 910 29.69 20.63 -39.94
N SER C 911 30.55 20.67 -38.92
CA SER C 911 30.62 19.56 -37.98
C SER C 911 29.31 19.39 -37.21
N LEU C 912 28.72 20.50 -36.76
CA LEU C 912 27.42 20.41 -36.10
C LEU C 912 26.35 19.93 -37.07
N SER C 913 26.41 20.38 -38.32
CA SER C 913 25.41 19.95 -39.30
C SER C 913 25.52 18.46 -39.60
N SER C 914 26.72 17.89 -39.51
CA SER C 914 26.98 16.54 -40.00
C SER C 914 27.01 15.48 -38.92
N THR C 915 27.48 15.81 -37.72
CA THR C 915 27.65 14.79 -36.68
C THR C 915 26.32 14.18 -36.28
N ALA C 916 26.29 12.86 -36.15
CA ALA C 916 25.05 12.16 -35.83
C ALA C 916 24.66 12.31 -34.37
N SER C 917 25.62 12.21 -33.46
CA SER C 917 25.37 12.19 -32.03
C SER C 917 26.17 13.29 -31.32
N ALA C 918 26.13 14.49 -31.87
CA ALA C 918 26.82 15.61 -31.23
C ALA C 918 26.05 16.13 -30.03
N LEU C 919 24.71 16.12 -30.10
CA LEU C 919 23.86 16.67 -29.04
C LEU C 919 23.20 15.57 -28.22
N GLY C 920 23.94 14.49 -27.91
CA GLY C 920 23.36 13.40 -27.14
C GLY C 920 23.06 13.74 -25.70
N LYS C 921 23.69 14.78 -25.15
CA LYS C 921 23.53 15.13 -23.75
C LYS C 921 22.15 15.68 -23.41
N LEU C 922 21.43 16.22 -24.39
CA LEU C 922 20.05 16.69 -24.19
C LEU C 922 19.01 15.64 -24.56
N GLN C 923 19.26 14.88 -25.64
CA GLN C 923 18.47 13.69 -25.91
C GLN C 923 18.46 12.75 -24.71
N ASP C 924 19.57 12.67 -23.96
CA ASP C 924 19.60 11.82 -22.78
C ASP C 924 18.54 12.26 -21.78
N VAL C 925 18.47 13.55 -21.48
CA VAL C 925 17.49 14.06 -20.51
C VAL C 925 16.08 13.85 -21.02
N VAL C 926 15.84 14.16 -22.30
CA VAL C 926 14.50 14.04 -22.85
C VAL C 926 14.03 12.59 -22.80
N ASN C 927 14.90 11.66 -23.21
CA ASN C 927 14.54 10.24 -23.20
C ASN C 927 14.34 9.73 -21.79
N HIS C 928 15.16 10.19 -20.83
CA HIS C 928 14.98 9.75 -19.45
C HIS C 928 13.61 10.18 -18.91
N ASN C 929 13.23 11.43 -19.18
CA ASN C 929 11.91 11.89 -18.74
C ASN C 929 10.80 11.10 -19.41
N ALA C 930 10.93 10.85 -20.72
CA ALA C 930 9.91 10.12 -21.45
C ALA C 930 9.75 8.71 -20.91
N GLN C 931 10.87 8.01 -20.68
CA GLN C 931 10.76 6.63 -20.20
C GLN C 931 10.23 6.58 -18.77
N ALA C 932 10.60 7.56 -17.93
CA ALA C 932 10.05 7.60 -16.58
C ALA C 932 8.53 7.75 -16.61
N LEU C 933 8.03 8.68 -17.43
CA LEU C 933 6.59 8.87 -17.52
C LEU C 933 5.90 7.63 -18.10
N ASN C 934 6.51 7.03 -19.13
CA ASN C 934 5.89 5.87 -19.78
C ASN C 934 5.82 4.69 -18.82
N THR C 935 6.88 4.44 -18.05
CA THR C 935 6.83 3.33 -17.10
C THR C 935 5.88 3.62 -15.95
N LEU C 936 5.76 4.89 -15.55
CA LEU C 936 4.78 5.23 -14.53
C LEU C 936 3.37 4.93 -15.00
N VAL C 937 3.06 5.25 -16.26
CA VAL C 937 1.75 4.94 -16.80
C VAL C 937 1.57 3.43 -16.95
N LYS C 938 2.62 2.74 -17.40
CA LYS C 938 2.51 1.30 -17.65
C LYS C 938 2.27 0.52 -16.36
N GLN C 939 2.87 0.97 -15.25
CA GLN C 939 2.71 0.27 -13.98
C GLN C 939 1.27 0.27 -13.50
N LEU C 940 0.41 1.13 -14.06
CA LEU C 940 -0.97 1.23 -13.59
C LEU C 940 -1.79 0.02 -13.99
N SER C 941 -1.30 -0.80 -14.91
CA SER C 941 -2.04 -1.98 -15.37
C SER C 941 -1.65 -3.26 -14.64
N SER C 942 -0.73 -3.20 -13.69
CA SER C 942 -0.29 -4.41 -12.99
C SER C 942 -1.31 -4.83 -11.95
N LYS C 943 -1.32 -6.14 -11.65
CA LYS C 943 -2.26 -6.68 -10.67
C LYS C 943 -1.85 -6.37 -9.24
N PHE C 944 -0.56 -6.45 -8.93
CA PHE C 944 -0.04 -6.27 -7.57
C PHE C 944 -0.72 -7.23 -6.59
N GLY C 945 -0.98 -8.45 -7.04
CA GLY C 945 -1.55 -9.48 -6.18
C GLY C 945 -3.06 -9.58 -6.19
N ALA C 946 -3.76 -8.62 -6.78
CA ALA C 946 -5.21 -8.70 -6.85
C ALA C 946 -5.64 -9.58 -8.02
N ILE C 947 -6.93 -9.91 -8.05
CA ILE C 947 -7.44 -10.77 -9.11
C ILE C 947 -7.53 -10.01 -10.42
N SER C 948 -7.73 -8.70 -10.36
CA SER C 948 -7.87 -7.89 -11.56
C SER C 948 -7.23 -6.53 -11.32
N SER C 949 -6.77 -5.91 -12.40
CA SER C 949 -6.19 -4.57 -12.35
C SER C 949 -7.24 -3.48 -12.51
N VAL C 950 -8.48 -3.83 -12.82
CA VAL C 950 -9.56 -2.87 -12.99
C VAL C 950 -10.33 -2.78 -11.68
N LEU C 951 -10.34 -1.59 -11.08
CA LEU C 951 -11.00 -1.39 -9.79
C LEU C 951 -12.51 -1.62 -9.89
N ASN C 952 -13.13 -1.15 -10.97
CA ASN C 952 -14.55 -1.42 -11.18
C ASN C 952 -14.81 -2.91 -11.27
N ASP C 953 -13.90 -3.64 -11.91
CA ASP C 953 -14.07 -5.08 -12.08
C ASP C 953 -14.05 -5.79 -10.72
N ILE C 954 -13.11 -5.42 -9.85
CA ILE C 954 -13.03 -6.09 -8.55
C ILE C 954 -14.19 -5.68 -7.66
N PHE C 955 -14.70 -4.45 -7.81
CA PHE C 955 -15.94 -4.11 -7.13
C PHE C 955 -17.11 -4.95 -7.62
N SER C 956 -17.18 -5.18 -8.94
CA SER C 956 -18.31 -5.90 -9.50
C SER C 956 -18.30 -7.38 -9.13
N ARG C 957 -17.12 -8.00 -9.15
CA ARG C 957 -17.04 -9.45 -9.04
C ARG C 957 -16.87 -9.97 -7.62
N LEU C 958 -16.80 -9.09 -6.61
CA LEU C 958 -16.55 -9.54 -5.25
C LEU C 958 -17.28 -8.65 -4.26
N ASP C 959 -17.48 -9.18 -3.05
CA ASP C 959 -18.14 -8.47 -1.97
C ASP C 959 -17.20 -7.44 -1.35
N PRO C 960 -17.75 -6.34 -0.85
CA PRO C 960 -16.90 -5.24 -0.31
C PRO C 960 -15.95 -5.69 0.79
N PRO C 961 -16.40 -6.50 1.77
CA PRO C 961 -15.44 -6.91 2.82
C PRO C 961 -14.24 -7.67 2.27
N GLU C 962 -14.44 -8.54 1.28
CA GLU C 962 -13.33 -9.24 0.66
C GLU C 962 -12.59 -8.36 -0.35
N ALA C 963 -13.30 -7.44 -1.00
CA ALA C 963 -12.66 -6.57 -1.99
C ALA C 963 -11.78 -5.52 -1.34
N GLU C 964 -11.96 -5.28 -0.04
CA GLU C 964 -11.15 -4.28 0.64
C GLU C 964 -9.67 -4.65 0.62
N VAL C 965 -9.36 -5.94 0.79
CA VAL C 965 -7.96 -6.37 0.78
C VAL C 965 -7.33 -6.13 -0.58
N GLN C 966 -8.06 -6.48 -1.65
CA GLN C 966 -7.53 -6.28 -3.00
C GLN C 966 -7.38 -4.80 -3.32
N ILE C 967 -8.31 -3.98 -2.84
CA ILE C 967 -8.19 -2.53 -2.99
C ILE C 967 -6.94 -2.03 -2.28
N ASP C 968 -6.69 -2.53 -1.07
CA ASP C 968 -5.50 -2.13 -0.32
C ASP C 968 -4.23 -2.53 -1.07
N ARG C 969 -4.23 -3.72 -1.66
CA ARG C 969 -3.07 -4.16 -2.44
C ARG C 969 -2.81 -3.24 -3.62
N LEU C 970 -3.87 -2.88 -4.35
CA LEU C 970 -3.72 -1.95 -5.47
C LEU C 970 -3.21 -0.59 -5.00
N ILE C 971 -3.76 -0.08 -3.90
CA ILE C 971 -3.35 1.21 -3.37
C ILE C 971 -1.87 1.18 -3.03
N THR C 972 -1.43 0.12 -2.34
CA THR C 972 -0.03 0.02 -1.94
C THR C 972 0.89 -0.04 -3.16
N GLY C 973 0.54 -0.85 -4.16
CA GLY C 973 1.39 -0.95 -5.33
C GLY C 973 1.52 0.38 -6.07
N ARG C 974 0.40 1.06 -6.29
CA ARG C 974 0.43 2.31 -7.02
C ARG C 974 1.16 3.40 -6.25
N LEU C 975 0.95 3.46 -4.93
CA LEU C 975 1.68 4.42 -4.11
C LEU C 975 3.17 4.17 -4.14
N GLN C 976 3.59 2.91 -4.09
CA GLN C 976 5.01 2.59 -4.15
C GLN C 976 5.61 3.02 -5.49
N SER C 977 4.90 2.75 -6.59
CA SER C 977 5.41 3.14 -7.90
C SER C 977 5.54 4.66 -8.01
N LEU C 978 4.55 5.40 -7.52
CA LEU C 978 4.61 6.85 -7.60
C LEU C 978 5.72 7.42 -6.72
N GLN C 979 5.93 6.83 -5.55
CA GLN C 979 7.02 7.28 -4.69
C GLN C 979 8.38 7.02 -5.34
N THR C 980 8.53 5.87 -6.00
CA THR C 980 9.76 5.59 -6.73
C THR C 980 9.99 6.63 -7.83
N TYR C 981 8.93 6.97 -8.56
CA TYR C 981 9.05 8.03 -9.56
C TYR C 981 9.54 9.34 -8.95
N VAL C 982 8.97 9.72 -7.81
CA VAL C 982 9.35 10.99 -7.17
C VAL C 982 10.81 10.96 -6.75
N THR C 983 11.26 9.85 -6.18
CA THR C 983 12.66 9.76 -5.73
C THR C 983 13.63 9.85 -6.91
N GLN C 984 13.34 9.13 -8.00
CA GLN C 984 14.21 9.22 -9.17
C GLN C 984 14.23 10.63 -9.73
N GLN C 985 13.08 11.31 -9.71
CA GLN C 985 13.04 12.70 -10.17
C GLN C 985 13.90 13.60 -9.30
N LEU C 986 13.89 13.38 -7.98
CA LEU C 986 14.72 14.19 -7.09
C LEU C 986 16.20 14.00 -7.40
N ILE C 987 16.63 12.75 -7.61
CA ILE C 987 18.03 12.50 -7.91
C ILE C 987 18.44 13.14 -9.23
N ARG C 988 17.60 12.98 -10.27
CA ARG C 988 17.90 13.59 -11.55
C ARG C 988 17.94 15.11 -11.47
N ALA C 989 17.06 15.70 -10.65
CA ALA C 989 17.05 17.14 -10.46
C ALA C 989 18.33 17.61 -9.79
N ALA C 990 18.84 16.85 -8.82
CA ALA C 990 20.12 17.21 -8.20
C ALA C 990 21.25 17.20 -9.23
N GLU C 991 21.28 16.17 -10.08
CA GLU C 991 22.31 16.12 -11.12
C GLU C 991 22.20 17.30 -12.09
N ILE C 992 20.97 17.63 -12.50
CA ILE C 992 20.77 18.76 -13.42
C ILE C 992 21.15 20.07 -12.76
N ARG C 993 20.90 20.22 -11.46
CA ARG C 993 21.30 21.43 -10.76
C ARG C 993 22.82 21.58 -10.73
N ALA C 994 23.53 20.48 -10.50
CA ALA C 994 24.99 20.55 -10.57
C ALA C 994 25.46 20.96 -11.96
N SER C 995 24.85 20.40 -13.00
CA SER C 995 25.22 20.78 -14.37
C SER C 995 24.94 22.25 -14.63
N ALA C 996 23.82 22.77 -14.14
CA ALA C 996 23.47 24.17 -14.34
C ALA C 996 24.45 25.09 -13.61
N ASN C 997 24.88 24.70 -12.40
CA ASN C 997 25.89 25.49 -11.70
C ASN C 997 27.19 25.53 -12.48
N LEU C 998 27.59 24.39 -13.05
CA LEU C 998 28.78 24.38 -13.90
C LEU C 998 28.61 25.29 -15.10
N ALA C 999 27.43 25.27 -15.73
CA ALA C 999 27.20 26.09 -16.92
C ALA C 999 27.25 27.58 -16.57
N ALA C 1000 26.69 27.97 -15.42
CA ALA C 1000 26.75 29.37 -15.01
C ALA C 1000 28.18 29.81 -14.73
N THR C 1001 28.95 28.94 -14.04
CA THR C 1001 30.34 29.27 -13.77
C THR C 1001 31.12 29.42 -15.07
N LYS C 1002 30.90 28.53 -16.03
CA LYS C 1002 31.59 28.63 -17.32
C LYS C 1002 31.18 29.90 -18.06
N MET C 1003 29.90 30.25 -18.03
CA MET C 1003 29.46 31.50 -18.64
C MET C 1003 30.24 32.67 -18.09
N SER C 1004 30.27 32.81 -16.76
CA SER C 1004 30.99 33.93 -16.14
C SER C 1004 32.46 33.90 -16.50
N GLU C 1005 33.13 32.76 -16.29
CA GLU C 1005 34.58 32.70 -16.43
C GLU C 1005 35.01 32.91 -17.88
N CYS C 1006 34.42 32.18 -18.82
CA CYS C 1006 34.91 32.18 -20.19
C CYS C 1006 34.28 33.27 -21.05
N VAL C 1007 32.98 33.52 -20.91
CA VAL C 1007 32.32 34.47 -21.80
C VAL C 1007 32.60 35.91 -21.37
N LEU C 1008 32.45 36.20 -20.08
CA LEU C 1008 32.62 37.55 -19.56
C LEU C 1008 34.06 37.90 -19.24
N GLY C 1009 34.99 36.97 -19.40
CA GLY C 1009 36.38 37.24 -19.12
C GLY C 1009 37.29 36.35 -19.93
N GLN C 1010 38.52 36.20 -19.44
CA GLN C 1010 39.53 35.36 -20.07
C GLN C 1010 40.17 34.52 -18.97
N SER C 1011 39.81 33.24 -18.91
CA SER C 1011 40.28 32.37 -17.83
C SER C 1011 41.71 31.92 -18.09
N LYS C 1012 42.50 31.89 -17.02
CA LYS C 1012 43.85 31.36 -17.05
C LYS C 1012 43.90 29.89 -16.63
N ARG C 1013 42.77 29.30 -16.27
CA ARG C 1013 42.70 27.89 -15.94
C ARG C 1013 42.92 27.06 -17.20
N VAL C 1014 43.54 25.89 -17.01
CA VAL C 1014 44.17 25.18 -18.13
C VAL C 1014 43.14 24.72 -19.14
N ASP C 1015 42.28 23.80 -18.75
CA ASP C 1015 41.33 23.19 -19.69
C ASP C 1015 39.89 23.59 -19.39
N PHE C 1016 39.67 24.67 -18.64
CA PHE C 1016 38.32 25.09 -18.31
C PHE C 1016 37.54 25.58 -19.54
N CYS C 1017 38.19 26.33 -20.42
CA CYS C 1017 37.51 26.89 -21.59
C CYS C 1017 38.13 26.36 -22.88
N GLY C 1018 38.36 25.06 -22.96
CA GLY C 1018 38.85 24.44 -24.17
C GLY C 1018 40.34 24.18 -24.16
N LYS C 1019 40.77 23.32 -25.09
CA LYS C 1019 42.18 22.99 -25.20
C LYS C 1019 42.95 24.11 -25.88
N GLY C 1020 44.14 24.39 -25.34
CA GLY C 1020 44.94 25.51 -25.81
C GLY C 1020 44.77 26.73 -24.93
N TYR C 1021 45.49 27.79 -25.29
CA TYR C 1021 45.42 29.03 -24.54
C TYR C 1021 44.15 29.78 -24.91
N HIS C 1022 43.30 30.03 -23.91
CA HIS C 1022 41.96 30.57 -24.14
C HIS C 1022 42.03 32.03 -24.55
N LEU C 1023 41.23 32.40 -25.55
CA LEU C 1023 41.11 33.79 -26.00
C LEU C 1023 39.75 34.37 -25.68
N MET C 1024 38.68 33.73 -26.17
CA MET C 1024 37.32 34.19 -25.90
C MET C 1024 36.35 33.06 -26.19
N SER C 1025 35.11 33.24 -25.75
CA SER C 1025 34.06 32.26 -25.94
C SER C 1025 32.77 32.96 -26.33
N PHE C 1026 31.90 32.22 -27.03
CA PHE C 1026 30.62 32.72 -27.50
C PHE C 1026 29.51 31.76 -27.08
N PRO C 1027 28.48 32.22 -26.38
CA PRO C 1027 27.39 31.35 -25.99
C PRO C 1027 26.30 31.24 -27.06
N GLN C 1028 25.70 30.05 -27.13
CA GLN C 1028 24.59 29.78 -28.03
C GLN C 1028 23.52 29.01 -27.27
N SER C 1029 22.28 29.16 -27.68
CA SER C 1029 21.17 28.57 -26.94
C SER C 1029 20.77 27.23 -27.53
N ALA C 1030 20.31 26.35 -26.65
CA ALA C 1030 19.80 25.02 -26.98
C ALA C 1030 18.48 24.83 -26.26
N PRO C 1031 17.64 23.90 -26.73
CA PRO C 1031 16.30 23.76 -26.11
C PRO C 1031 16.32 23.49 -24.62
N HIS C 1032 17.29 22.72 -24.12
CA HIS C 1032 17.36 22.47 -22.69
C HIS C 1032 18.76 22.71 -22.14
N GLY C 1033 19.54 23.54 -22.81
CA GLY C 1033 20.90 23.77 -22.36
C GLY C 1033 21.53 24.93 -23.10
N VAL C 1034 22.85 25.03 -22.96
CA VAL C 1034 23.65 26.11 -23.56
C VAL C 1034 24.82 25.49 -24.30
N VAL C 1035 25.31 26.20 -25.32
CA VAL C 1035 26.42 25.74 -26.14
C VAL C 1035 27.48 26.82 -26.14
N PHE C 1036 28.74 26.43 -25.90
CA PHE C 1036 29.86 27.35 -25.85
C PHE C 1036 30.79 27.09 -27.02
N LEU C 1037 31.26 28.15 -27.66
CA LEU C 1037 32.23 28.07 -28.75
C LEU C 1037 33.51 28.71 -28.26
N HIS C 1038 34.49 27.87 -27.89
CA HIS C 1038 35.72 28.34 -27.28
C HIS C 1038 36.78 28.58 -28.36
N VAL C 1039 37.23 29.82 -28.48
CA VAL C 1039 38.31 30.18 -29.40
C VAL C 1039 39.62 30.18 -28.62
N THR C 1040 40.56 29.35 -29.05
CA THR C 1040 41.82 29.17 -28.33
C THR C 1040 42.99 29.34 -29.30
N TYR C 1041 44.19 29.41 -28.72
CA TYR C 1041 45.43 29.62 -29.46
C TYR C 1041 46.27 28.35 -29.32
N VAL C 1042 46.65 27.75 -30.44
CA VAL C 1042 47.41 26.51 -30.47
C VAL C 1042 48.71 26.77 -31.21
N PRO C 1043 49.87 26.57 -30.59
CA PRO C 1043 51.13 26.73 -31.32
C PRO C 1043 51.37 25.60 -32.30
N ALA C 1044 52.18 25.89 -33.32
CA ALA C 1044 52.48 24.92 -34.37
C ALA C 1044 53.82 25.25 -35.01
N GLN C 1045 54.37 24.26 -35.72
CA GLN C 1045 55.61 24.40 -36.49
C GLN C 1045 56.78 24.82 -35.59
N GLU C 1046 57.14 23.92 -34.68
CA GLU C 1046 58.20 24.20 -33.73
C GLU C 1046 59.57 23.84 -34.29
N LYS C 1047 60.60 24.49 -33.79
CA LYS C 1047 61.98 24.27 -34.20
C LYS C 1047 62.87 24.12 -32.99
N ASN C 1048 63.96 23.38 -33.15
CA ASN C 1048 64.90 23.11 -32.07
C ASN C 1048 66.05 24.11 -32.10
N PHE C 1049 66.43 24.59 -30.92
CA PHE C 1049 67.59 25.45 -30.73
C PHE C 1049 68.35 24.97 -29.51
N THR C 1050 69.58 25.43 -29.37
CA THR C 1050 70.36 25.18 -28.17
C THR C 1050 70.34 26.42 -27.28
N THR C 1051 70.16 26.22 -25.98
CA THR C 1051 69.85 27.30 -25.06
C THR C 1051 70.86 27.33 -23.91
N ALA C 1052 70.86 28.45 -23.19
CA ALA C 1052 71.70 28.66 -22.03
C ALA C 1052 70.91 29.37 -20.93
N PRO C 1053 71.27 29.14 -19.67
CA PRO C 1053 70.55 29.83 -18.59
C PRO C 1053 70.95 31.28 -18.41
N ALA C 1054 72.20 31.64 -18.68
CA ALA C 1054 72.67 33.00 -18.46
C ALA C 1054 73.83 33.28 -19.42
N ILE C 1055 74.13 34.57 -19.57
CA ILE C 1055 75.21 35.02 -20.43
C ILE C 1055 76.29 35.65 -19.55
N CYS C 1056 77.52 35.15 -19.69
CA CYS C 1056 78.65 35.67 -18.93
C CYS C 1056 79.34 36.76 -19.75
N HIS C 1057 79.26 38.00 -19.26
CA HIS C 1057 79.88 39.14 -19.94
C HIS C 1057 80.58 40.01 -18.90
N ASP C 1058 81.86 40.30 -19.14
CA ASP C 1058 82.66 41.14 -18.25
C ASP C 1058 82.69 40.58 -16.82
N GLY C 1059 82.68 39.27 -16.68
CA GLY C 1059 82.66 38.67 -15.36
C GLY C 1059 81.35 38.80 -14.63
N LYS C 1060 80.24 39.00 -15.34
CA LYS C 1060 78.93 39.17 -14.75
C LYS C 1060 77.92 38.26 -15.44
N ALA C 1061 76.92 37.84 -14.68
CA ALA C 1061 75.89 36.94 -15.20
C ALA C 1061 74.65 37.75 -15.57
N HIS C 1062 74.20 37.61 -16.82
CA HIS C 1062 73.04 38.31 -17.33
C HIS C 1062 71.91 37.32 -17.55
N PHE C 1063 70.71 37.67 -17.08
CA PHE C 1063 69.54 36.85 -17.24
C PHE C 1063 68.49 37.57 -18.09
N PRO C 1064 67.71 36.84 -18.89
CA PRO C 1064 66.68 37.49 -19.70
C PRO C 1064 65.56 38.05 -18.83
N ARG C 1065 64.96 39.15 -19.28
CA ARG C 1065 63.91 39.78 -18.49
C ARG C 1065 62.57 39.08 -18.74
N GLU C 1066 62.15 38.99 -20.00
CA GLU C 1066 60.87 38.36 -20.35
C GLU C 1066 61.03 37.47 -21.56
N GLY C 1067 62.11 36.67 -21.60
CA GLY C 1067 62.33 35.82 -22.73
C GLY C 1067 63.23 34.65 -22.40
N VAL C 1068 63.82 34.07 -23.44
CA VAL C 1068 64.69 32.91 -23.33
C VAL C 1068 65.84 33.07 -24.31
N PHE C 1069 67.00 32.50 -23.96
CA PHE C 1069 68.18 32.55 -24.81
C PHE C 1069 68.14 31.41 -25.83
N VAL C 1070 68.37 31.74 -27.09
CA VAL C 1070 68.52 30.76 -28.16
C VAL C 1070 69.77 31.11 -28.95
N SER C 1071 70.35 30.11 -29.60
CA SER C 1071 71.70 30.27 -30.14
C SER C 1071 71.78 30.22 -31.66
N ASN C 1072 70.76 29.72 -32.35
CA ASN C 1072 70.79 29.64 -33.82
C ASN C 1072 71.98 28.79 -34.29
N GLY C 1073 72.58 28.05 -33.37
CA GLY C 1073 73.80 27.34 -33.67
C GLY C 1073 75.05 28.14 -33.35
N THR C 1074 75.14 29.38 -33.86
CA THR C 1074 76.35 30.17 -33.67
C THR C 1074 76.11 31.64 -33.32
N HIS C 1075 74.87 32.06 -33.06
CA HIS C 1075 74.60 33.46 -32.76
C HIS C 1075 73.46 33.54 -31.75
N TRP C 1076 73.76 34.01 -30.54
CA TRP C 1076 72.79 34.01 -29.46
C TRP C 1076 71.82 35.18 -29.59
N PHE C 1077 70.54 34.92 -29.32
CA PHE C 1077 69.50 35.93 -29.37
C PHE C 1077 68.62 35.80 -28.13
N VAL C 1078 67.67 36.72 -28.02
CA VAL C 1078 66.64 36.69 -26.97
C VAL C 1078 65.29 36.68 -27.65
N THR C 1079 64.46 35.70 -27.29
CA THR C 1079 63.15 35.54 -27.91
C THR C 1079 62.10 35.21 -26.85
N GLN C 1080 60.85 35.54 -27.15
CA GLN C 1080 59.75 35.16 -26.29
C GLN C 1080 59.49 33.66 -26.39
N ARG C 1081 58.85 33.11 -25.36
CA ARG C 1081 58.73 31.66 -25.24
C ARG C 1081 57.72 31.09 -26.23
N ASN C 1082 56.58 31.74 -26.41
CA ASN C 1082 55.47 31.19 -27.16
C ASN C 1082 55.50 31.54 -28.64
N PHE C 1083 56.53 32.24 -29.11
CA PHE C 1083 56.65 32.59 -30.52
C PHE C 1083 58.10 32.91 -30.81
N TYR C 1084 58.61 32.39 -31.92
CA TYR C 1084 60.02 32.60 -32.27
C TYR C 1084 60.18 33.97 -32.89
N GLU C 1085 60.93 34.84 -32.20
CA GLU C 1085 61.20 36.20 -32.67
C GLU C 1085 62.53 36.65 -32.09
N PRO C 1086 63.64 36.28 -32.73
CA PRO C 1086 64.95 36.58 -32.15
C PRO C 1086 65.25 38.07 -32.15
N GLN C 1087 66.08 38.50 -31.20
CA GLN C 1087 66.50 39.87 -31.09
C GLN C 1087 67.93 39.93 -30.54
N ILE C 1088 68.61 41.04 -30.82
CA ILE C 1088 69.97 41.21 -30.33
C ILE C 1088 69.96 41.38 -28.81
N ILE C 1089 70.88 40.71 -28.14
CA ILE C 1089 70.96 40.79 -26.68
C ILE C 1089 71.61 42.12 -26.32
N THR C 1090 70.86 42.95 -25.58
CA THR C 1090 71.36 44.24 -25.11
C THR C 1090 71.16 44.32 -23.61
N THR C 1091 71.45 45.50 -23.06
CA THR C 1091 71.22 45.73 -21.64
C THR C 1091 69.77 46.12 -21.35
N ASP C 1092 68.98 46.41 -22.38
CA ASP C 1092 67.59 46.79 -22.17
C ASP C 1092 66.72 45.58 -21.85
N ASN C 1093 67.03 44.44 -22.46
CA ASN C 1093 66.21 43.23 -22.30
C ASN C 1093 66.85 42.20 -21.39
N THR C 1094 67.90 42.56 -20.65
CA THR C 1094 68.54 41.66 -19.71
C THR C 1094 68.86 42.42 -18.43
N PHE C 1095 68.94 41.68 -17.32
CA PHE C 1095 69.37 42.23 -16.05
C PHE C 1095 70.53 41.42 -15.51
N VAL C 1096 71.42 42.09 -14.79
CA VAL C 1096 72.66 41.49 -14.30
C VAL C 1096 72.54 41.28 -12.80
N SER C 1097 72.97 40.09 -12.34
CA SER C 1097 72.90 39.76 -10.92
C SER C 1097 73.93 38.67 -10.63
N GLY C 1098 75.00 39.03 -9.92
CA GLY C 1098 75.98 38.06 -9.50
C GLY C 1098 77.13 37.90 -10.47
N ASN C 1099 77.96 36.91 -10.19
CA ASN C 1099 79.13 36.62 -11.01
C ASN C 1099 78.89 35.41 -11.90
N CYS C 1100 79.94 34.99 -12.60
CA CYS C 1100 79.86 33.87 -13.53
C CYS C 1100 80.24 32.54 -12.89
N ASP C 1101 80.50 32.51 -11.58
CA ASP C 1101 80.97 31.29 -10.93
C ASP C 1101 79.86 30.52 -10.24
N VAL C 1102 78.65 31.06 -10.17
CA VAL C 1102 77.59 30.45 -9.36
C VAL C 1102 76.61 29.71 -10.25
N VAL C 1103 76.47 30.15 -11.50
CA VAL C 1103 75.49 29.58 -12.41
C VAL C 1103 76.09 28.40 -13.16
N ILE C 1104 75.40 27.27 -13.14
CA ILE C 1104 75.84 26.06 -13.83
C ILE C 1104 75.28 26.07 -15.24
N GLY C 1105 76.17 26.04 -16.24
CA GLY C 1105 75.75 26.10 -17.62
C GLY C 1105 75.85 27.47 -18.26
N ILE C 1106 76.49 28.44 -17.59
CA ILE C 1106 76.64 29.77 -18.17
C ILE C 1106 77.54 29.69 -19.40
N VAL C 1107 77.31 30.60 -20.34
CA VAL C 1107 78.02 30.61 -21.61
C VAL C 1107 78.57 32.00 -21.86
N ASN C 1108 79.62 32.07 -22.69
CA ASN C 1108 80.33 33.30 -22.96
C ASN C 1108 79.77 33.98 -24.20
N ASN C 1109 79.44 35.27 -24.08
CA ASN C 1109 78.98 36.06 -25.21
C ASN C 1109 79.06 37.53 -24.83
N THR C 1110 78.97 38.38 -25.84
CA THR C 1110 78.99 39.83 -25.63
C THR C 1110 77.57 40.37 -25.56
N VAL C 1111 77.39 41.38 -24.71
CA VAL C 1111 76.11 42.04 -24.53
C VAL C 1111 76.24 43.47 -25.05
N TYR C 1112 75.42 43.81 -26.04
CA TYR C 1112 75.53 45.12 -26.70
C TYR C 1112 75.00 46.21 -25.78
N ASP C 1113 75.68 47.36 -25.80
CA ASP C 1113 75.28 48.51 -24.99
C ASP C 1113 74.72 49.59 -25.90
N PRO C 1114 73.44 49.94 -25.79
CA PRO C 1114 72.88 50.97 -26.69
C PRO C 1114 73.58 52.31 -26.59
N LEU C 1115 74.05 52.70 -25.42
CA LEU C 1115 74.73 53.99 -25.25
C LEU C 1115 76.22 53.93 -25.59
N GLN C 1116 76.75 52.74 -25.86
CA GLN C 1116 78.17 52.63 -26.21
C GLN C 1116 78.56 53.40 -27.47
N PRO C 1117 77.83 53.32 -28.59
CA PRO C 1117 78.26 54.08 -29.79
C PRO C 1117 78.32 55.58 -29.57
N GLU C 1118 77.57 56.12 -28.62
CA GLU C 1118 77.62 57.55 -28.33
C GLU C 1118 78.85 57.88 -27.49
N LEU C 1119 80.04 57.64 -28.04
CA LEU C 1119 81.28 57.91 -27.32
C LEU C 1119 81.57 59.40 -27.21
N ASP C 1120 80.94 60.23 -28.03
CA ASP C 1120 81.18 61.67 -27.99
C ASP C 1120 79.97 62.41 -27.42
N GLU D 1 -71.75 -35.73 -31.34
CA GLU D 1 -71.00 -35.26 -30.18
C GLU D 1 -69.55 -34.97 -30.54
N VAL D 2 -69.51 -39.15 -30.05
CA VAL D 2 -68.67 -38.88 -31.21
C VAL D 2 -68.24 -40.19 -31.86
N GLN D 3 -68.28 -40.23 -33.19
CA GLN D 3 -67.94 -41.43 -33.96
C GLN D 3 -66.91 -41.08 -35.01
N LEU D 4 -65.81 -41.83 -35.02
CA LEU D 4 -64.77 -41.71 -36.04
C LEU D 4 -64.69 -43.03 -36.79
N VAL D 5 -64.82 -42.97 -38.12
CA VAL D 5 -64.84 -44.15 -38.97
C VAL D 5 -63.62 -44.10 -39.89
N GLU D 6 -62.99 -45.25 -40.09
CA GLU D 6 -61.81 -45.39 -40.93
C GLU D 6 -62.17 -46.19 -42.18
N SER D 7 -61.77 -45.68 -43.34
CA SER D 7 -62.02 -46.34 -44.61
C SER D 7 -60.71 -46.50 -45.38
N GLY D 8 -60.64 -47.55 -46.18
CA GLY D 8 -59.46 -47.83 -46.98
C GLY D 8 -58.49 -48.76 -46.27
N GLY D 9 -57.50 -49.21 -47.03
CA GLY D 9 -56.50 -50.13 -46.53
C GLY D 9 -56.70 -51.52 -47.07
N GLY D 10 -55.60 -52.26 -47.17
CA GLY D 10 -55.66 -53.63 -47.69
C GLY D 10 -54.28 -54.12 -48.09
N LEU D 11 -54.28 -55.07 -49.02
CA LEU D 11 -53.06 -55.67 -49.53
C LEU D 11 -52.68 -55.00 -50.85
N VAL D 12 -51.43 -54.56 -50.95
CA VAL D 12 -50.93 -53.89 -52.14
C VAL D 12 -49.44 -54.17 -52.28
N LYS D 13 -48.97 -54.22 -53.52
CA LYS D 13 -47.56 -54.46 -53.78
C LYS D 13 -46.72 -53.28 -53.30
N PRO D 14 -45.47 -53.52 -52.91
CA PRO D 14 -44.61 -52.41 -52.48
C PRO D 14 -44.39 -51.40 -53.59
N GLY D 15 -44.27 -50.13 -53.19
CA GLY D 15 -44.09 -49.05 -54.13
C GLY D 15 -45.36 -48.48 -54.72
N GLY D 16 -46.52 -49.00 -54.35
CA GLY D 16 -47.79 -48.53 -54.87
C GLY D 16 -48.30 -47.32 -54.09
N SER D 17 -49.54 -46.96 -54.40
CA SER D 17 -50.20 -45.82 -53.77
C SER D 17 -51.52 -46.26 -53.14
N LEU D 18 -51.81 -45.70 -51.97
CA LEU D 18 -53.05 -46.02 -51.27
C LEU D 18 -53.51 -44.78 -50.53
N ARG D 19 -54.84 -44.60 -50.45
CA ARG D 19 -55.45 -43.46 -49.80
C ARG D 19 -56.38 -43.95 -48.71
N LEU D 20 -56.27 -43.39 -47.52
CA LEU D 20 -57.09 -43.75 -46.37
C LEU D 20 -58.06 -42.62 -46.06
N SER D 21 -59.32 -42.96 -45.83
CA SER D 21 -60.37 -41.98 -45.57
C SER D 21 -60.87 -42.14 -44.14
N CYS D 22 -60.87 -41.04 -43.40
CA CYS D 22 -61.40 -41.00 -42.04
C CYS D 22 -62.44 -39.88 -41.97
N ALA D 23 -63.65 -40.22 -41.53
CA ALA D 23 -64.74 -39.27 -41.45
C ALA D 23 -65.17 -39.09 -40.00
N ALA D 24 -65.34 -37.85 -39.59
CA ALA D 24 -65.79 -37.51 -38.24
C ALA D 24 -66.98 -36.57 -38.32
N SER D 25 -67.87 -36.67 -37.33
CA SER D 25 -69.09 -35.87 -37.31
C SER D 25 -69.51 -35.64 -35.86
N GLY D 26 -70.35 -34.63 -35.68
CA GLY D 26 -70.90 -34.30 -34.38
C GLY D 26 -70.14 -33.26 -33.59
N PHE D 27 -68.97 -32.84 -34.06
CA PHE D 27 -68.19 -31.82 -33.36
C PHE D 27 -67.54 -30.91 -34.38
N SER D 28 -67.26 -29.68 -33.96
CA SER D 28 -66.68 -28.67 -34.82
C SER D 28 -65.16 -28.67 -34.74
N PHE D 29 -65.77 -28.94 -37.94
CA PHE D 29 -64.59 -29.77 -37.98
C PHE D 29 -63.37 -28.92 -38.29
N SER D 30 -63.62 -27.70 -38.75
CA SER D 30 -62.55 -26.79 -39.16
C SER D 30 -61.74 -26.30 -37.98
N ASP D 31 -62.33 -26.22 -36.79
CA ASP D 31 -61.72 -25.59 -35.63
C ASP D 31 -61.20 -26.60 -34.62
N ALA D 32 -60.66 -27.73 -35.08
CA ALA D 32 -60.10 -28.74 -34.20
C ALA D 32 -58.83 -29.30 -34.81
N TRP D 33 -58.04 -29.99 -33.99
CA TRP D 33 -56.71 -30.48 -34.36
C TRP D 33 -56.75 -32.00 -34.47
N MET D 34 -56.38 -32.51 -35.64
CA MET D 34 -56.29 -33.96 -35.83
C MET D 34 -54.83 -34.42 -35.81
N SER D 35 -54.66 -35.74 -35.77
CA SER D 35 -53.34 -36.37 -35.82
C SER D 35 -53.50 -37.79 -36.33
N TRP D 36 -52.40 -38.36 -36.80
CA TRP D 36 -52.38 -39.72 -37.31
C TRP D 36 -51.39 -40.56 -36.50
N VAL D 37 -51.80 -41.78 -36.19
CA VAL D 37 -51.00 -42.70 -35.39
C VAL D 37 -51.10 -44.10 -36.00
N ARG D 38 -49.98 -44.82 -36.00
CA ARG D 38 -49.93 -46.19 -36.46
C ARG D 38 -49.41 -47.09 -35.35
N GLN D 39 -49.69 -48.39 -35.47
CA GLN D 39 -49.27 -49.35 -34.45
C GLN D 39 -48.99 -50.69 -35.13
N ALA D 40 -47.74 -51.12 -35.10
CA ALA D 40 -47.39 -52.43 -35.64
C ALA D 40 -48.00 -53.54 -34.77
N PRO D 41 -48.34 -54.67 -35.38
CA PRO D 41 -48.90 -55.78 -34.59
C PRO D 41 -47.89 -56.31 -33.58
N GLY D 42 -48.27 -56.29 -32.31
CA GLY D 42 -47.40 -56.72 -31.24
C GLY D 42 -46.43 -55.66 -30.74
N LYS D 43 -46.46 -54.47 -31.31
CA LYS D 43 -45.56 -53.39 -30.92
C LYS D 43 -46.38 -52.21 -30.38
N GLY D 44 -45.68 -51.15 -30.01
CA GLY D 44 -46.31 -49.97 -29.46
C GLY D 44 -46.80 -49.02 -30.54
N LEU D 45 -47.44 -47.94 -30.08
CA LEU D 45 -47.97 -46.95 -30.99
C LEU D 45 -46.84 -46.12 -31.60
N GLU D 46 -47.02 -45.74 -32.86
CA GLU D 46 -46.04 -44.94 -33.59
C GLU D 46 -46.73 -43.75 -34.24
N TRP D 47 -46.15 -42.57 -34.07
CA TRP D 47 -46.71 -41.37 -34.66
C TRP D 47 -46.53 -41.38 -36.17
N VAL D 48 -47.44 -40.69 -36.88
CA VAL D 48 -47.40 -40.62 -38.33
C VAL D 48 -47.25 -39.17 -38.77
N GLY D 49 -48.17 -38.32 -38.34
CA GLY D 49 -48.11 -36.92 -38.73
C GLY D 49 -49.27 -36.16 -38.13
N ARG D 50 -49.36 -34.89 -38.53
CA ARG D 50 -50.42 -33.99 -38.07
C ARG D 50 -50.90 -33.14 -39.23
N VAL D 51 -52.11 -32.61 -39.08
CA VAL D 51 -52.69 -31.73 -40.09
C VAL D 51 -53.09 -30.36 -39.55
N SER D 52 -53.35 -30.23 -38.25
CA SER D 52 -53.72 -28.96 -37.62
C SER D 52 -54.97 -28.35 -38.26
N SER D 53 -55.24 -27.08 -37.95
CA SER D 53 -56.40 -26.38 -38.47
C SER D 53 -55.98 -25.16 -39.26
N GLU D 54 -56.82 -24.76 -40.21
CA GLU D 54 -56.52 -23.58 -41.03
C GLU D 54 -56.65 -22.28 -40.25
N ILE D 55 -57.28 -22.31 -39.08
CA ILE D 55 -57.42 -21.12 -38.24
C ILE D 55 -56.15 -21.05 -37.38
N GLY D 56 -55.13 -20.40 -37.92
CA GLY D 56 -53.84 -20.31 -37.24
C GLY D 56 -52.68 -20.63 -38.15
N GLY D 57 -52.97 -21.04 -39.38
CA GLY D 57 -51.94 -21.35 -40.34
C GLY D 57 -51.72 -22.84 -40.52
N GLY D 58 -51.51 -23.26 -41.77
CA GLY D 58 -51.26 -24.66 -42.06
C GLY D 58 -49.86 -25.10 -41.67
N THR D 59 -49.77 -25.94 -40.64
CA THR D 59 -48.50 -26.41 -40.10
C THR D 59 -48.50 -27.94 -40.01
N THR D 60 -48.98 -28.59 -41.08
CA THR D 60 -49.04 -30.04 -41.13
C THR D 60 -47.66 -30.66 -40.96
N ASP D 61 -47.46 -31.39 -39.87
CA ASP D 61 -46.18 -32.00 -39.54
C ASP D 61 -46.18 -33.47 -39.90
N TYR D 62 -44.97 -34.03 -40.00
CA TYR D 62 -44.80 -35.44 -40.34
C TYR D 62 -43.79 -36.05 -39.38
N ALA D 63 -43.93 -37.36 -39.18
CA ALA D 63 -42.99 -38.09 -38.34
C ALA D 63 -41.65 -38.25 -39.07
N ALA D 64 -40.58 -38.32 -38.27
CA ALA D 64 -39.24 -38.44 -38.86
C ALA D 64 -39.05 -39.70 -39.70
N PRO D 65 -39.44 -40.91 -39.25
CA PRO D 65 -39.22 -42.09 -40.10
C PRO D 65 -40.02 -42.09 -41.39
N VAL D 66 -41.11 -41.32 -41.48
CA VAL D 66 -41.96 -41.35 -42.66
C VAL D 66 -42.14 -39.93 -43.20
N LYS D 67 -41.14 -39.08 -42.98
CA LYS D 67 -41.20 -37.71 -43.46
C LYS D 67 -41.05 -37.66 -44.97
N GLY D 68 -41.91 -36.88 -45.63
CA GLY D 68 -41.83 -36.65 -47.07
C GLY D 68 -42.58 -37.64 -47.94
N ARG D 69 -42.61 -38.91 -47.55
CA ARG D 69 -43.24 -39.94 -48.36
C ARG D 69 -44.73 -40.10 -48.11
N PHE D 70 -45.28 -39.38 -47.13
CA PHE D 70 -46.71 -39.42 -46.85
C PHE D 70 -47.33 -38.06 -47.10
N THR D 71 -48.57 -38.07 -47.59
CA THR D 71 -49.30 -36.85 -47.90
C THR D 71 -50.57 -36.80 -47.04
N ILE D 72 -50.82 -35.65 -46.43
CA ILE D 72 -51.98 -35.46 -45.57
C ILE D 72 -52.72 -34.20 -46.03
N SER D 73 -54.03 -34.20 -45.81
CA SER D 73 -54.87 -33.07 -46.20
C SER D 73 -56.16 -33.11 -45.38
N ARG D 74 -56.84 -31.96 -45.36
CA ARG D 74 -58.12 -31.83 -44.69
C ARG D 74 -59.14 -31.21 -45.64
N ASP D 75 -60.35 -31.76 -45.64
CA ASP D 75 -61.44 -31.25 -46.46
C ASP D 75 -62.65 -31.05 -45.56
N ASP D 76 -62.89 -29.80 -45.15
CA ASP D 76 -63.98 -29.48 -44.24
C ASP D 76 -65.34 -29.48 -44.92
N SER D 77 -65.39 -29.39 -46.25
CA SER D 77 -66.67 -29.38 -46.94
C SER D 77 -67.36 -30.74 -46.84
N LYS D 78 -66.63 -31.81 -47.08
CA LYS D 78 -67.18 -33.17 -47.01
C LYS D 78 -66.89 -33.87 -45.69
N ASN D 79 -66.20 -33.18 -44.77
CA ASN D 79 -65.86 -33.75 -43.45
C ASN D 79 -65.12 -35.07 -43.58
N THR D 80 -64.14 -35.10 -44.47
CA THR D 80 -63.35 -36.30 -44.75
C THR D 80 -61.86 -35.96 -44.71
N LEU D 81 -61.05 -36.95 -44.35
CA LEU D 81 -59.60 -36.82 -44.29
C LEU D 81 -58.99 -37.80 -45.29
N PHE D 82 -58.06 -37.29 -46.11
CA PHE D 82 -57.39 -38.10 -47.12
C PHE D 82 -55.90 -38.21 -46.75
N LEU D 83 -55.41 -39.44 -46.67
CA LEU D 83 -54.02 -39.72 -46.36
C LEU D 83 -53.43 -40.56 -47.49
N GLN D 84 -52.53 -39.94 -48.27
CA GLN D 84 -51.96 -40.57 -49.46
C GLN D 84 -50.58 -41.11 -49.12
N MET D 85 -50.32 -42.34 -49.54
CA MET D 85 -49.07 -43.02 -49.26
C MET D 85 -48.34 -43.34 -50.56
N SER D 86 -47.03 -43.09 -50.57
CA SER D 86 -46.21 -43.36 -51.73
C SER D 86 -44.88 -43.96 -51.29
N SER D 87 -44.26 -44.71 -52.19
CA SER D 87 -42.98 -45.39 -51.94
C SER D 87 -43.08 -46.27 -50.69
N LEU D 88 -44.01 -47.22 -50.75
CA LEU D 88 -44.26 -48.10 -49.62
C LEU D 88 -43.08 -49.03 -49.38
N LYS D 89 -42.92 -49.45 -48.12
CA LYS D 89 -41.86 -50.34 -47.70
C LYS D 89 -42.45 -51.58 -47.05
N THR D 90 -41.59 -52.55 -46.76
CA THR D 90 -42.02 -53.80 -46.15
C THR D 90 -42.38 -53.65 -44.68
N GLU D 91 -42.05 -52.53 -44.05
CA GLU D 91 -42.34 -52.29 -42.65
C GLU D 91 -43.62 -51.48 -42.44
N ASP D 92 -44.39 -51.25 -43.49
CA ASP D 92 -45.62 -50.48 -43.39
C ASP D 92 -46.83 -51.33 -42.99
N THR D 93 -46.63 -52.64 -42.75
CA THR D 93 -47.71 -53.53 -42.35
C THR D 93 -48.09 -53.23 -40.91
N ALA D 94 -49.14 -52.43 -40.73
CA ALA D 94 -49.61 -52.05 -39.40
C ALA D 94 -51.04 -51.56 -39.52
N VAL D 95 -51.63 -51.19 -38.39
CA VAL D 95 -52.97 -50.63 -38.34
C VAL D 95 -52.86 -49.13 -38.11
N TYR D 96 -53.77 -48.38 -38.71
CA TYR D 96 -53.78 -46.92 -38.66
C TYR D 96 -55.04 -46.42 -37.98
N TYR D 97 -54.86 -45.48 -37.04
CA TYR D 97 -55.95 -44.87 -36.30
C TYR D 97 -55.94 -43.37 -36.55
N CYS D 98 -57.10 -42.80 -36.87
CA CYS D 98 -57.26 -41.36 -36.94
C CYS D 98 -57.81 -40.88 -35.61
N THR D 99 -57.06 -40.00 -34.93
CA THR D 99 -57.34 -39.61 -33.56
C THR D 99 -57.54 -38.10 -33.48
N THR D 100 -58.66 -37.68 -32.90
CA THR D 100 -58.89 -36.27 -32.63
C THR D 100 -58.06 -35.85 -31.43
N GLY D 101 -57.27 -34.78 -31.59
CA GLY D 101 -56.36 -34.38 -30.53
C GLY D 101 -57.06 -33.94 -29.27
N VAL D 102 -58.06 -33.07 -29.40
CA VAL D 102 -58.72 -32.46 -28.25
C VAL D 102 -60.22 -32.53 -28.44
N ASP D 103 -60.92 -33.14 -27.49
CA ASP D 103 -62.38 -33.03 -27.42
C ASP D 103 -62.83 -32.31 -26.15
N ILE D 104 -62.50 -32.83 -24.97
CA ILE D 104 -62.74 -32.15 -23.70
C ILE D 104 -61.54 -32.36 -22.77
N VAL D 105 -60.65 -31.37 -22.73
CA VAL D 105 -59.45 -31.43 -21.90
C VAL D 105 -59.08 -30.02 -21.45
N VAL D 106 -58.26 -29.97 -20.41
CA VAL D 106 -57.53 -28.76 -20.06
C VAL D 106 -56.16 -28.85 -20.74
N MET D 107 -55.92 -27.96 -21.69
CA MET D 107 -54.79 -28.14 -22.63
C MET D 107 -53.52 -27.45 -22.13
N MET D 108 -53.56 -26.13 -21.97
CA MET D 108 -52.48 -25.28 -21.46
C MET D 108 -51.11 -25.62 -22.07
N TYR D 109 -51.10 -26.22 -23.26
CA TYR D 109 -49.92 -26.76 -23.93
C TYR D 109 -50.14 -26.60 -25.42
N ALA D 110 -49.35 -27.34 -26.21
CA ALA D 110 -49.65 -27.49 -27.63
C ALA D 110 -50.95 -28.26 -27.81
N ASP D 111 -51.69 -27.95 -28.87
CA ASP D 111 -53.02 -28.50 -29.08
C ASP D 111 -52.90 -29.96 -29.52
N ASP D 112 -52.54 -30.81 -28.57
CA ASP D 112 -52.42 -32.25 -28.80
C ASP D 112 -52.67 -32.96 -27.47
N ALA D 113 -53.80 -33.66 -27.38
CA ALA D 113 -54.15 -34.39 -26.16
C ALA D 113 -54.61 -35.82 -26.40
N PHE D 114 -55.09 -36.17 -27.59
CA PHE D 114 -55.52 -37.53 -27.94
C PHE D 114 -56.63 -38.00 -27.00
N ASP D 115 -57.77 -37.31 -27.10
CA ASP D 115 -58.91 -37.63 -26.24
C ASP D 115 -59.69 -38.83 -26.76
N ILE D 116 -60.21 -38.74 -27.98
CA ILE D 116 -61.05 -39.78 -28.58
C ILE D 116 -60.33 -40.38 -29.77
N TRP D 117 -60.44 -41.70 -29.91
CA TRP D 117 -59.76 -42.46 -30.95
C TRP D 117 -60.80 -43.06 -31.89
N GLY D 118 -60.31 -43.85 -32.87
CA GLY D 118 -61.15 -44.54 -33.81
C GLY D 118 -60.91 -46.04 -33.76
N GLN D 119 -61.77 -46.78 -34.47
CA GLN D 119 -61.64 -48.23 -34.50
C GLN D 119 -60.41 -48.67 -35.29
N GLY D 120 -60.05 -47.95 -36.34
CA GLY D 120 -58.84 -48.27 -37.08
C GLY D 120 -59.10 -49.21 -38.24
N THR D 121 -58.16 -49.22 -39.18
CA THR D 121 -58.21 -50.08 -40.35
C THR D 121 -56.86 -50.76 -40.53
N MET D 122 -56.87 -51.90 -41.23
CA MET D 122 -55.69 -52.72 -41.43
C MET D 122 -55.15 -52.51 -42.85
N VAL D 123 -53.86 -52.24 -42.96
CA VAL D 123 -53.19 -52.08 -44.25
C VAL D 123 -51.92 -52.93 -44.24
N THR D 124 -51.69 -53.65 -45.34
CA THR D 124 -50.52 -54.52 -45.47
C THR D 124 -49.82 -54.20 -46.78
N VAL D 125 -48.49 -54.24 -46.75
CA VAL D 125 -47.70 -53.97 -47.94
C VAL D 125 -46.81 -55.18 -48.26
N GLU E 1 -36.80 -40.38 -26.44
CA GLU E 1 -37.17 -41.79 -26.38
C GLU E 1 -37.50 -42.21 -24.96
N LEU E 2 -38.79 -42.42 -24.68
CA LEU E 2 -39.22 -42.82 -23.36
C LEU E 2 -38.90 -44.29 -23.11
N THR E 3 -38.64 -44.62 -21.84
CA THR E 3 -38.29 -45.96 -21.43
C THR E 3 -39.25 -46.43 -20.35
N GLN E 4 -39.78 -47.64 -20.51
CA GLN E 4 -40.70 -48.22 -19.54
C GLN E 4 -40.34 -49.68 -19.30
N ASP E 5 -40.72 -50.19 -18.13
CA ASP E 5 -40.48 -51.57 -17.80
C ASP E 5 -41.37 -52.49 -18.64
N PRO E 6 -40.91 -53.72 -18.93
CA PRO E 6 -41.71 -54.63 -19.77
C PRO E 6 -43.04 -55.00 -19.14
N ALA E 7 -43.02 -55.48 -17.90
CA ALA E 7 -44.24 -55.93 -17.24
C ALA E 7 -44.15 -55.64 -15.75
N VAL E 8 -45.31 -55.47 -15.13
CA VAL E 8 -45.44 -55.19 -13.70
C VAL E 8 -46.32 -56.26 -13.09
N SER E 9 -45.86 -56.85 -11.98
CA SER E 9 -46.60 -57.91 -11.28
C SER E 9 -46.96 -57.38 -9.89
N VAL E 10 -48.22 -56.99 -9.72
CA VAL E 10 -48.74 -56.51 -8.46
C VAL E 10 -49.99 -57.32 -8.11
N ALA E 11 -50.07 -57.79 -6.87
CA ALA E 11 -51.20 -58.59 -6.43
C ALA E 11 -52.44 -57.71 -6.25
N LEU E 12 -53.57 -58.36 -5.97
CA LEU E 12 -54.82 -57.63 -5.78
C LEU E 12 -54.81 -56.89 -4.45
N GLY E 13 -55.44 -55.71 -4.45
CA GLY E 13 -55.53 -54.91 -3.25
C GLY E 13 -54.28 -54.15 -2.89
N GLN E 14 -53.29 -54.11 -3.78
CA GLN E 14 -52.02 -53.42 -3.53
C GLN E 14 -51.85 -52.28 -4.52
N THR E 15 -51.16 -51.24 -4.07
CA THR E 15 -50.93 -50.07 -4.91
C THR E 15 -50.02 -50.45 -6.09
N VAL E 16 -50.44 -50.06 -7.30
CA VAL E 16 -49.69 -50.35 -8.52
C VAL E 16 -49.06 -49.06 -9.00
N ARG E 17 -47.74 -49.10 -9.24
CA ARG E 17 -46.99 -47.94 -9.69
C ARG E 17 -46.46 -48.20 -11.09
N ILE E 18 -46.76 -47.29 -12.02
CA ILE E 18 -46.30 -47.37 -13.40
C ILE E 18 -45.39 -46.16 -13.66
N THR E 19 -44.16 -46.43 -14.08
CA THR E 19 -43.17 -45.39 -14.28
C THR E 19 -42.90 -45.18 -15.77
N CYS E 20 -42.43 -43.98 -16.10
CA CYS E 20 -42.05 -43.63 -17.46
C CYS E 20 -40.85 -42.70 -17.39
N GLN E 21 -39.72 -43.12 -17.96
CA GLN E 21 -38.47 -42.39 -17.87
C GLN E 21 -38.24 -41.62 -19.17
N GLY E 22 -37.89 -40.34 -19.03
CA GLY E 22 -37.61 -39.51 -20.18
C GLY E 22 -36.77 -38.32 -19.78
N ASP E 23 -35.95 -37.85 -20.73
CA ASP E 23 -35.04 -36.74 -20.44
C ASP E 23 -35.76 -35.40 -20.40
N SER E 24 -36.82 -35.22 -21.20
CA SER E 24 -37.50 -33.94 -21.34
C SER E 24 -38.86 -33.93 -20.66
N LEU E 25 -38.98 -34.58 -19.50
CA LEU E 25 -40.24 -34.63 -18.77
C LEU E 25 -40.40 -33.48 -17.78
N ARG E 26 -39.42 -32.58 -17.68
CA ARG E 26 -39.58 -31.39 -16.85
C ARG E 26 -40.70 -30.52 -17.37
N SER E 27 -40.76 -30.32 -18.69
CA SER E 27 -41.86 -29.66 -19.38
C SER E 27 -42.58 -30.67 -20.25
N TYR E 28 -43.70 -30.24 -20.83
CA TYR E 28 -44.53 -31.08 -21.69
C TYR E 28 -44.96 -32.34 -20.95
N TYR E 29 -45.79 -32.11 -19.94
CA TYR E 29 -46.19 -33.18 -19.02
C TYR E 29 -46.78 -34.36 -19.78
N ALA E 30 -46.36 -35.56 -19.37
CA ALA E 30 -46.73 -36.78 -20.09
C ALA E 30 -48.22 -37.08 -19.93
N SER E 31 -48.78 -37.69 -20.96
CA SER E 31 -50.18 -38.13 -20.96
C SER E 31 -50.22 -39.65 -21.06
N TRP E 32 -51.13 -40.25 -20.29
CA TRP E 32 -51.22 -41.70 -20.17
C TRP E 32 -52.46 -42.21 -20.87
N TYR E 33 -52.30 -43.24 -21.70
CA TYR E 33 -53.40 -43.89 -22.38
C TYR E 33 -53.39 -45.38 -22.07
N GLN E 34 -54.59 -45.96 -22.02
CA GLN E 34 -54.76 -47.39 -21.76
C GLN E 34 -55.34 -48.05 -23.00
N GLN E 35 -54.64 -49.07 -23.49
CA GLN E 35 -55.05 -49.81 -24.69
C GLN E 35 -55.43 -51.23 -24.28
N LYS E 36 -56.73 -51.55 -24.37
CA LYS E 36 -57.19 -52.89 -24.07
C LYS E 36 -56.72 -53.85 -25.17
N PRO E 37 -56.56 -55.13 -24.84
CA PRO E 37 -56.14 -56.11 -25.85
C PRO E 37 -57.16 -56.22 -26.97
N GLY E 38 -56.71 -55.92 -28.19
CA GLY E 38 -57.60 -55.92 -29.33
C GLY E 38 -58.65 -54.83 -29.30
N GLN E 39 -58.30 -53.65 -28.79
CA GLN E 39 -59.25 -52.55 -28.70
C GLN E 39 -58.50 -51.23 -28.90
N ALA E 40 -59.25 -50.20 -29.27
CA ALA E 40 -58.64 -48.89 -29.48
C ALA E 40 -58.20 -48.28 -28.15
N PRO E 41 -57.09 -47.54 -28.16
CA PRO E 41 -56.65 -46.88 -26.92
C PRO E 41 -57.61 -45.80 -26.48
N VAL E 42 -57.67 -45.59 -25.17
CA VAL E 42 -58.54 -44.58 -24.56
C VAL E 42 -57.70 -43.71 -23.63
N LEU E 43 -58.20 -42.50 -23.40
CA LEU E 43 -57.52 -41.55 -22.52
C LEU E 43 -57.88 -41.83 -21.06
N VAL E 44 -56.86 -41.85 -20.21
CA VAL E 44 -57.05 -42.16 -18.79
C VAL E 44 -56.57 -41.00 -17.94
N ILE E 45 -55.33 -40.55 -18.15
CA ILE E 45 -54.73 -39.48 -17.38
C ILE E 45 -54.12 -38.46 -18.34
N TYR E 46 -54.49 -37.19 -18.19
CA TYR E 46 -53.95 -36.10 -18.99
C TYR E 46 -53.75 -34.89 -18.09
N GLY E 47 -53.17 -33.84 -18.65
CA GLY E 47 -53.01 -32.59 -17.92
C GLY E 47 -52.06 -32.73 -16.74
N LYS E 48 -52.36 -31.97 -15.68
CA LYS E 48 -51.53 -31.99 -14.49
C LYS E 48 -51.82 -33.21 -13.63
N ASN E 49 -53.03 -33.28 -13.05
CA ASN E 49 -53.36 -34.40 -12.19
C ASN E 49 -54.79 -34.91 -12.38
N ASN E 50 -55.53 -34.42 -13.35
CA ASN E 50 -56.94 -34.76 -13.52
C ASN E 50 -57.10 -35.87 -14.55
N ARG E 51 -58.34 -36.29 -14.73
CA ARG E 51 -58.71 -37.38 -15.62
C ARG E 51 -59.97 -36.98 -16.38
N PRO E 52 -60.19 -37.55 -17.56
CA PRO E 52 -61.42 -37.24 -18.30
C PRO E 52 -62.65 -37.79 -17.58
N SER E 53 -63.79 -37.18 -17.91
CA SER E 53 -65.05 -37.59 -17.31
C SER E 53 -65.39 -39.03 -17.68
N GLY E 54 -65.94 -39.76 -16.72
CA GLY E 54 -66.28 -41.16 -16.89
C GLY E 54 -65.25 -42.13 -16.36
N ILE E 55 -64.02 -41.68 -16.15
CA ILE E 55 -62.97 -42.55 -15.60
C ILE E 55 -63.17 -42.65 -14.10
N PRO E 56 -63.24 -43.85 -13.53
CA PRO E 56 -63.39 -43.98 -12.08
C PRO E 56 -62.17 -43.44 -11.33
N ASP E 57 -62.42 -42.96 -10.12
CA ASP E 57 -61.39 -42.34 -9.29
C ASP E 57 -60.47 -43.43 -8.72
N ARG E 58 -59.63 -43.98 -9.59
CA ARG E 58 -58.63 -44.97 -9.20
C ARG E 58 -57.23 -44.70 -9.74
N PHE E 59 -57.08 -43.89 -10.77
CA PHE E 59 -55.79 -43.61 -11.38
C PHE E 59 -55.38 -42.17 -11.11
N SER E 60 -54.17 -41.98 -10.60
CA SER E 60 -53.61 -40.67 -10.35
C SER E 60 -52.19 -40.61 -10.90
N GLY E 61 -51.83 -39.44 -11.43
CA GLY E 61 -50.53 -39.24 -12.03
C GLY E 61 -49.73 -38.17 -11.31
N SER E 62 -48.41 -38.33 -11.32
CA SER E 62 -47.51 -37.37 -10.71
C SER E 62 -46.19 -37.38 -11.46
N SER E 63 -45.46 -36.27 -11.37
CA SER E 63 -44.18 -36.13 -12.02
C SER E 63 -43.19 -35.48 -11.07
N SER E 64 -41.90 -35.80 -11.27
CA SER E 64 -40.84 -35.23 -10.44
C SER E 64 -39.59 -35.13 -11.31
N GLY E 65 -39.34 -33.95 -11.85
CA GLY E 65 -38.19 -33.73 -12.70
C GLY E 65 -38.28 -34.45 -14.02
N ASN E 66 -37.46 -35.49 -14.19
CA ASN E 66 -37.42 -36.28 -15.42
C ASN E 66 -38.13 -37.63 -15.26
N THR E 67 -38.95 -37.78 -14.23
CA THR E 67 -39.66 -39.03 -13.97
C THR E 67 -41.16 -38.78 -13.92
N ALA E 68 -41.92 -39.68 -14.52
CA ALA E 68 -43.38 -39.65 -14.50
C ALA E 68 -43.89 -40.95 -13.92
N SER E 69 -44.90 -40.85 -13.05
CA SER E 69 -45.41 -42.02 -12.34
C SER E 69 -46.92 -42.07 -12.43
N LEU E 70 -47.46 -43.28 -12.39
CA LEU E 70 -48.90 -43.52 -12.37
C LEU E 70 -49.24 -44.40 -11.19
N THR E 71 -50.32 -44.04 -10.48
CA THR E 71 -50.70 -44.72 -9.25
C THR E 71 -52.10 -45.31 -9.42
N ILE E 72 -52.25 -46.58 -9.04
CA ILE E 72 -53.53 -47.28 -9.10
C ILE E 72 -53.85 -47.76 -7.69
N THR E 73 -55.03 -47.41 -7.20
CA THR E 73 -55.49 -47.80 -5.88
C THR E 73 -56.70 -48.71 -6.03
N GLY E 74 -56.64 -49.89 -5.43
CA GLY E 74 -57.72 -50.85 -5.50
C GLY E 74 -57.90 -51.41 -6.90
N PRO E 75 -56.93 -52.18 -7.38
CA PRO E 75 -57.00 -52.69 -8.75
C PRO E 75 -57.96 -53.86 -8.88
N GLN E 76 -58.72 -53.86 -9.96
CA GLN E 76 -59.66 -54.93 -10.26
C GLN E 76 -59.07 -55.85 -11.33
N ALA E 77 -59.87 -56.84 -11.73
CA ALA E 77 -59.43 -57.80 -12.74
C ALA E 77 -59.64 -57.28 -14.16
N GLU E 78 -60.31 -56.16 -14.34
CA GLU E 78 -60.58 -55.59 -15.66
C GLU E 78 -59.55 -54.55 -16.07
N ASP E 79 -58.52 -54.33 -15.25
CA ASP E 79 -57.48 -53.35 -15.53
C ASP E 79 -56.28 -53.94 -16.26
N GLU E 80 -56.35 -55.23 -16.62
CA GLU E 80 -55.25 -55.90 -17.32
C GLU E 80 -55.21 -55.42 -18.76
N ALA E 81 -54.35 -54.45 -19.04
CA ALA E 81 -54.21 -53.89 -20.37
C ALA E 81 -52.82 -53.27 -20.49
N ASP E 82 -52.58 -52.56 -21.59
CA ASP E 82 -51.31 -51.90 -21.83
C ASP E 82 -51.41 -50.41 -21.53
N TYR E 83 -50.37 -49.87 -20.88
CA TYR E 83 -50.31 -48.47 -20.51
C TYR E 83 -49.17 -47.80 -21.27
N TYR E 84 -49.47 -46.65 -21.88
CA TYR E 84 -48.50 -45.92 -22.67
C TYR E 84 -48.36 -44.49 -22.14
N CYS E 85 -47.13 -44.01 -22.08
CA CYS E 85 -46.84 -42.62 -21.72
C CYS E 85 -46.41 -41.85 -22.96
N THR E 86 -46.97 -40.65 -23.13
CA THR E 86 -46.70 -39.83 -24.30
C THR E 86 -46.25 -38.44 -23.84
N SER E 87 -45.05 -38.03 -24.28
CA SER E 87 -44.55 -36.71 -23.95
C SER E 87 -44.22 -35.94 -25.23
N ARG E 88 -43.63 -34.76 -25.09
CA ARG E 88 -43.28 -33.92 -26.25
C ARG E 88 -41.84 -33.46 -26.14
N ASP E 89 -41.22 -33.27 -27.30
CA ASP E 89 -39.87 -32.75 -27.39
C ASP E 89 -39.90 -31.26 -27.72
N SER E 90 -38.89 -30.55 -27.21
CA SER E 90 -38.84 -29.09 -27.37
C SER E 90 -38.64 -28.67 -28.81
N SER E 91 -37.80 -29.36 -29.56
CA SER E 91 -37.45 -28.91 -30.91
C SER E 91 -38.54 -29.25 -31.92
N GLY E 92 -38.82 -30.54 -32.10
CA GLY E 92 -39.77 -30.96 -33.10
C GLY E 92 -41.23 -30.90 -32.72
N ASN E 93 -41.52 -30.77 -31.41
CA ASN E 93 -42.90 -30.72 -30.93
C ASN E 93 -43.69 -31.94 -31.37
N HIS E 94 -43.05 -33.11 -31.36
CA HIS E 94 -43.70 -34.35 -31.72
C HIS E 94 -44.19 -35.08 -30.47
N VAL E 95 -45.17 -35.96 -30.66
CA VAL E 95 -45.70 -36.76 -29.55
C VAL E 95 -44.84 -37.97 -29.23
N ILE E 96 -44.07 -38.46 -30.22
CA ILE E 96 -43.06 -39.52 -30.07
C ILE E 96 -43.58 -40.80 -29.42
N PHE E 97 -44.61 -40.68 -28.56
CA PHE E 97 -45.19 -41.81 -27.85
C PHE E 97 -44.16 -42.52 -26.98
N GLY E 98 -44.53 -43.68 -26.43
CA GLY E 98 -43.65 -44.44 -25.57
C GLY E 98 -43.63 -45.91 -25.94
N GLY E 99 -42.73 -46.63 -25.28
CA GLY E 99 -42.62 -48.07 -25.51
C GLY E 99 -43.71 -48.90 -24.87
N GLY E 100 -44.42 -48.33 -23.90
CA GLY E 100 -45.53 -49.02 -23.26
C GLY E 100 -45.09 -49.96 -22.16
N THR E 101 -46.08 -50.52 -21.48
CA THR E 101 -45.84 -51.48 -20.41
C THR E 101 -47.02 -52.43 -20.33
N LYS E 102 -46.80 -53.56 -19.66
CA LYS E 102 -47.81 -54.59 -19.51
C LYS E 102 -48.20 -54.72 -18.05
N LEU E 103 -49.49 -54.70 -17.78
CA LEU E 103 -50.03 -54.87 -16.44
C LEU E 103 -50.98 -56.06 -16.43
N THR E 104 -50.80 -56.97 -15.48
CA THR E 104 -51.57 -58.21 -15.41
C THR E 104 -52.22 -58.31 -14.03
N VAL E 105 -52.96 -59.39 -13.83
CA VAL E 105 -53.66 -59.68 -12.58
C VAL E 105 -53.08 -60.97 -12.01
N LEU E 106 -52.70 -60.94 -10.72
CA LEU E 106 -52.11 -62.09 -10.04
C LEU E 106 -53.14 -62.89 -9.27
N GLY E 107 -54.38 -62.92 -9.74
CA GLY E 107 -55.43 -63.68 -9.09
C GLY E 107 -55.37 -65.16 -9.44
N GLN E 108 -56.27 -65.92 -8.81
CA GLN E 108 -56.33 -67.36 -9.02
C GLN E 108 -56.83 -67.69 -10.42
N GLU F 1 -66.01 -26.31 44.37
CA GLU F 1 -64.97 -25.93 43.42
C GLU F 1 -64.82 -24.42 43.33
N VAL F 2 -63.98 -23.96 42.40
CA VAL F 2 -63.77 -22.53 42.22
C VAL F 2 -65.02 -21.91 41.61
N GLN F 3 -65.44 -20.77 42.18
CA GLN F 3 -66.63 -20.08 41.71
C GLN F 3 -66.37 -18.57 41.71
N LEU F 4 -66.71 -17.92 40.60
CA LEU F 4 -66.59 -16.48 40.46
C LEU F 4 -67.94 -15.92 40.04
N VAL F 5 -68.41 -14.88 40.74
CA VAL F 5 -69.72 -14.30 40.49
C VAL F 5 -69.56 -12.80 40.26
N GLU F 6 -70.42 -12.26 39.40
CA GLU F 6 -70.42 -10.84 39.08
C GLU F 6 -71.74 -10.21 39.51
N SER F 7 -71.65 -9.05 40.14
CA SER F 7 -72.81 -8.30 40.61
C SER F 7 -72.68 -6.84 40.20
N GLY F 8 -73.82 -6.18 40.04
CA GLY F 8 -73.86 -4.80 39.63
C GLY F 8 -73.96 -4.64 38.12
N GLY F 9 -74.18 -3.40 37.71
CA GLY F 9 -74.38 -3.07 36.31
C GLY F 9 -75.84 -2.79 36.00
N GLY F 10 -76.05 -2.05 34.92
CA GLY F 10 -77.41 -1.72 34.51
C GLY F 10 -77.41 -0.52 33.56
N LEU F 11 -78.53 0.19 33.56
CA LEU F 11 -78.71 1.37 32.72
C LEU F 11 -78.64 2.62 33.59
N VAL F 12 -77.77 3.56 33.20
CA VAL F 12 -77.60 4.81 33.93
C VAL F 12 -77.14 5.87 32.94
N LYS F 13 -77.53 7.11 33.19
CA LYS F 13 -77.18 8.20 32.30
C LYS F 13 -75.67 8.44 32.30
N PRO F 14 -75.13 8.95 31.19
CA PRO F 14 -73.68 9.21 31.15
C PRO F 14 -73.27 10.25 32.19
N GLY F 15 -72.06 10.07 32.71
CA GLY F 15 -71.55 10.94 33.75
C GLY F 15 -71.83 10.49 35.16
N GLY F 16 -72.52 9.36 35.35
CA GLY F 16 -72.82 8.84 36.66
C GLY F 16 -71.70 7.98 37.20
N SER F 17 -71.99 7.34 38.34
CA SER F 17 -71.03 6.47 39.02
C SER F 17 -71.66 5.10 39.22
N LEU F 18 -70.84 4.06 39.05
CA LEU F 18 -71.30 2.69 39.20
C LEU F 18 -70.18 1.86 39.80
N ARG F 19 -70.55 0.92 40.67
CA ARG F 19 -69.60 0.03 41.33
C ARG F 19 -69.94 -1.41 41.00
N LEU F 20 -68.92 -2.21 40.71
CA LEU F 20 -69.06 -3.62 40.42
C LEU F 20 -68.39 -4.45 41.50
N SER F 21 -69.11 -5.44 42.02
CA SER F 21 -68.62 -6.31 43.07
C SER F 21 -68.49 -7.74 42.55
N CYS F 22 -67.30 -8.31 42.69
CA CYS F 22 -67.03 -9.69 42.27
C CYS F 22 -66.53 -10.47 43.48
N ALA F 23 -67.10 -11.65 43.69
CA ALA F 23 -66.76 -12.49 44.82
C ALA F 23 -66.12 -13.78 44.33
N ALA F 24 -65.07 -14.23 45.03
CA ALA F 24 -64.36 -15.45 44.70
C ALA F 24 -64.52 -16.46 45.83
N SER F 25 -64.82 -17.70 45.47
CA SER F 25 -65.01 -18.77 46.44
C SER F 25 -64.27 -20.01 45.98
N GLY F 26 -63.96 -20.88 46.94
CA GLY F 26 -63.24 -22.12 46.67
C GLY F 26 -61.74 -21.99 46.71
N PHE F 27 -61.20 -20.78 46.85
CA PHE F 27 -59.76 -20.57 46.93
C PHE F 27 -59.50 -19.27 47.67
N SER F 28 -58.26 -19.11 48.11
CA SER F 28 -57.90 -17.93 48.90
C SER F 28 -57.99 -16.67 48.05
N PHE F 29 -58.72 -15.68 48.55
CA PHE F 29 -58.90 -14.42 47.83
C PHE F 29 -57.76 -13.44 48.05
N SER F 30 -57.03 -13.57 49.16
CA SER F 30 -55.88 -12.70 49.39
C SER F 30 -54.78 -12.94 48.37
N ASP F 31 -54.56 -14.18 47.97
CA ASP F 31 -53.56 -14.52 46.97
C ASP F 31 -54.13 -14.23 45.58
N ALA F 32 -53.38 -14.63 44.54
CA ALA F 32 -53.78 -14.53 43.14
C ALA F 32 -53.83 -13.09 42.67
N TRP F 33 -53.56 -12.86 41.39
CA TRP F 33 -53.57 -11.52 40.80
C TRP F 33 -54.90 -11.35 40.09
N MET F 34 -55.87 -10.75 40.78
CA MET F 34 -57.19 -10.54 40.24
C MET F 34 -57.16 -9.50 39.13
N SER F 35 -58.03 -9.70 38.13
CA SER F 35 -58.03 -8.84 36.95
C SER F 35 -59.46 -8.66 36.46
N TRP F 36 -59.64 -7.59 35.68
CA TRP F 36 -60.90 -7.30 35.01
C TRP F 36 -60.70 -7.34 33.50
N VAL F 37 -61.70 -7.86 32.80
CA VAL F 37 -61.70 -7.87 31.34
C VAL F 37 -63.10 -7.50 30.85
N ARG F 38 -63.16 -6.65 29.84
CA ARG F 38 -64.41 -6.25 29.23
C ARG F 38 -64.45 -6.70 27.77
N GLN F 39 -65.66 -6.80 27.23
CA GLN F 39 -65.84 -7.24 25.85
C GLN F 39 -67.08 -6.57 25.27
N ALA F 40 -66.89 -5.73 24.27
CA ALA F 40 -68.00 -5.10 23.58
C ALA F 40 -68.79 -6.14 22.80
N PRO F 41 -70.11 -5.96 22.66
CA PRO F 41 -70.93 -6.92 21.90
C PRO F 41 -70.50 -6.95 20.44
N GLY F 42 -70.14 -8.14 19.96
CA GLY F 42 -69.66 -8.31 18.61
C GLY F 42 -68.20 -7.99 18.40
N LYS F 43 -67.48 -7.58 19.45
CA LYS F 43 -66.07 -7.25 19.37
C LYS F 43 -65.27 -8.19 20.26
N GLY F 44 -63.95 -8.00 20.25
CA GLY F 44 -63.06 -8.83 21.05
C GLY F 44 -62.95 -8.37 22.49
N LEU F 45 -62.19 -9.14 23.25
CA LEU F 45 -61.97 -8.81 24.66
C LEU F 45 -61.05 -7.62 24.79
N GLU F 46 -61.30 -6.79 25.82
CA GLU F 46 -60.48 -5.62 26.10
C GLU F 46 -60.11 -5.61 27.58
N TRP F 47 -58.85 -5.32 27.86
CA TRP F 47 -58.38 -5.26 29.23
C TRP F 47 -58.93 -4.02 29.94
N VAL F 48 -59.05 -4.12 31.27
CA VAL F 48 -59.58 -3.03 32.08
C VAL F 48 -58.53 -2.56 33.09
N GLY F 49 -58.06 -3.48 33.92
CA GLY F 49 -57.10 -3.12 34.95
C GLY F 49 -56.70 -4.33 35.76
N ARG F 50 -55.88 -4.08 36.77
CA ARG F 50 -55.35 -5.13 37.63
C ARG F 50 -55.26 -4.63 39.06
N VAL F 51 -55.16 -5.57 40.00
CA VAL F 51 -54.98 -5.23 41.41
C VAL F 51 -53.72 -5.83 42.01
N SER F 52 -53.14 -6.86 41.41
CA SER F 52 -51.98 -7.56 41.96
C SER F 52 -52.29 -8.11 43.35
N SER F 53 -51.25 -8.44 44.12
CA SER F 53 -51.41 -8.97 45.46
C SER F 53 -50.67 -8.10 46.46
N GLU F 54 -51.13 -8.13 47.71
CA GLU F 54 -50.50 -7.36 48.77
C GLU F 54 -49.09 -7.88 49.08
N ILE F 55 -48.79 -9.12 48.73
CA ILE F 55 -47.45 -9.69 48.93
C ILE F 55 -46.63 -9.28 47.70
N GLY F 56 -45.82 -8.24 47.87
CA GLY F 56 -45.03 -7.69 46.79
C GLY F 56 -45.31 -6.23 46.47
N GLY F 57 -46.20 -5.56 47.21
CA GLY F 57 -46.48 -4.16 46.99
C GLY F 57 -47.69 -3.91 46.12
N GLY F 58 -48.47 -2.88 46.45
CA GLY F 58 -49.64 -2.52 45.68
C GLY F 58 -49.26 -1.80 44.40
N THR F 59 -49.46 -2.46 43.26
CA THR F 59 -49.12 -1.93 41.95
C THR F 59 -50.29 -2.08 40.98
N THR F 60 -51.48 -1.71 41.45
CA THR F 60 -52.69 -1.80 40.65
C THR F 60 -52.57 -1.00 39.36
N ASP F 61 -52.56 -1.69 38.23
CA ASP F 61 -52.39 -1.06 36.92
C ASP F 61 -53.74 -0.87 36.25
N TYR F 62 -53.75 -0.01 35.24
CA TYR F 62 -54.97 0.31 34.49
C TYR F 62 -54.67 0.26 33.00
N ALA F 63 -55.71 -0.02 32.21
CA ALA F 63 -55.58 -0.02 30.76
C ALA F 63 -55.41 1.42 30.26
N ALA F 64 -54.65 1.53 29.15
CA ALA F 64 -54.36 2.85 28.60
C ALA F 64 -55.60 3.62 28.17
N PRO F 65 -56.55 3.06 27.42
CA PRO F 65 -57.74 3.85 27.03
C PRO F 65 -58.59 4.30 28.19
N VAL F 66 -58.54 3.63 29.34
CA VAL F 66 -59.39 3.96 30.48
C VAL F 66 -58.53 4.26 31.70
N LYS F 67 -57.31 4.74 31.47
CA LYS F 67 -56.43 5.08 32.58
C LYS F 67 -56.88 6.38 33.23
N GLY F 68 -56.93 6.37 34.56
CA GLY F 68 -57.27 7.54 35.35
C GLY F 68 -58.72 7.68 35.75
N ARG F 69 -59.65 7.30 34.87
CA ARG F 69 -61.07 7.43 35.16
C ARG F 69 -61.64 6.23 35.89
N PHE F 70 -60.86 5.17 36.08
CA PHE F 70 -61.32 3.98 36.79
C PHE F 70 -60.56 3.81 38.10
N THR F 71 -61.29 3.36 39.12
CA THR F 71 -60.74 3.12 40.44
C THR F 71 -60.92 1.64 40.78
N ILE F 72 -59.83 0.97 41.15
CA ILE F 72 -59.87 -0.46 41.44
C ILE F 72 -59.30 -0.69 42.84
N SER F 73 -59.81 -1.71 43.50
CA SER F 73 -59.40 -2.01 44.88
C SER F 73 -59.71 -3.45 45.20
N ARG F 74 -59.12 -3.93 46.29
CA ARG F 74 -59.35 -5.28 46.80
C ARG F 74 -59.71 -5.21 48.27
N ASP F 75 -60.67 -6.03 48.68
CA ASP F 75 -61.13 -6.10 50.07
C ASP F 75 -61.10 -7.56 50.50
N ASP F 76 -60.02 -7.97 51.17
CA ASP F 76 -59.87 -9.35 51.61
C ASP F 76 -60.78 -9.71 52.78
N SER F 77 -61.24 -8.72 53.55
CA SER F 77 -62.07 -9.01 54.71
C SER F 77 -63.40 -9.63 54.29
N LYS F 78 -64.05 -9.08 53.27
CA LYS F 78 -65.32 -9.58 52.79
C LYS F 78 -65.18 -10.54 51.61
N ASN F 79 -63.94 -10.82 51.17
CA ASN F 79 -63.68 -11.68 50.02
C ASN F 79 -64.42 -11.18 48.78
N THR F 80 -64.45 -9.85 48.61
CA THR F 80 -65.14 -9.22 47.50
C THR F 80 -64.20 -8.32 46.73
N LEU F 81 -64.36 -8.30 45.41
CA LEU F 81 -63.61 -7.44 44.51
C LEU F 81 -64.47 -6.24 44.14
N PHE F 82 -63.96 -5.04 44.41
CA PHE F 82 -64.70 -3.81 44.16
C PHE F 82 -64.08 -3.04 43.00
N LEU F 83 -64.91 -2.63 42.05
CA LEU F 83 -64.48 -1.84 40.90
C LEU F 83 -65.30 -0.56 40.87
N GLN F 84 -64.62 0.58 40.94
CA GLN F 84 -65.28 1.89 40.97
C GLN F 84 -64.95 2.66 39.70
N MET F 85 -65.95 3.37 39.17
CA MET F 85 -65.81 4.09 37.90
C MET F 85 -66.44 5.47 38.02
N SER F 86 -65.95 6.39 37.18
CA SER F 86 -66.48 7.75 37.11
C SER F 86 -66.32 8.27 35.68
N SER F 87 -67.13 9.28 35.34
CA SER F 87 -67.07 9.94 34.04
C SER F 87 -67.32 8.94 32.90
N LEU F 88 -68.56 8.44 32.89
CA LEU F 88 -68.97 7.41 31.94
C LEU F 88 -68.81 7.89 30.50
N LYS F 89 -68.62 6.92 29.61
CA LYS F 89 -68.40 7.17 28.18
C LYS F 89 -69.45 6.42 27.36
N THR F 90 -69.73 6.95 26.18
CA THR F 90 -70.74 6.39 25.29
C THR F 90 -70.33 5.04 24.71
N GLU F 91 -69.06 4.66 24.82
CA GLU F 91 -68.55 3.41 24.28
C GLU F 91 -68.39 2.34 25.36
N ASP F 92 -68.96 2.55 26.54
CA ASP F 92 -68.78 1.64 27.66
C ASP F 92 -69.78 0.50 27.70
N THR F 93 -70.61 0.35 26.66
CA THR F 93 -71.57 -0.74 26.60
C THR F 93 -70.82 -2.03 26.31
N ALA F 94 -70.53 -2.80 27.36
CA ALA F 94 -69.81 -4.04 27.21
C ALA F 94 -70.12 -4.93 28.40
N VAL F 95 -69.84 -6.23 28.24
CA VAL F 95 -69.97 -7.20 29.33
C VAL F 95 -68.66 -7.23 30.11
N TYR F 96 -68.78 -7.29 31.44
CA TYR F 96 -67.65 -7.20 32.33
C TYR F 96 -67.42 -8.53 33.02
N TYR F 97 -66.21 -9.07 32.90
CA TYR F 97 -65.83 -10.32 33.52
C TYR F 97 -64.69 -10.08 34.49
N CYS F 98 -64.81 -10.64 35.70
CA CYS F 98 -63.70 -10.70 36.64
C CYS F 98 -63.06 -12.07 36.51
N THR F 99 -61.79 -12.08 36.13
CA THR F 99 -61.10 -13.32 35.75
C THR F 99 -59.89 -13.50 36.65
N THR F 100 -59.80 -14.67 37.30
CA THR F 100 -58.63 -14.99 38.09
C THR F 100 -57.43 -15.23 37.19
N GLY F 101 -56.32 -14.56 37.49
CA GLY F 101 -55.15 -14.69 36.65
C GLY F 101 -54.56 -16.09 36.65
N VAL F 102 -54.39 -16.68 37.82
CA VAL F 102 -53.73 -17.97 37.96
C VAL F 102 -54.49 -18.83 38.95
N ASP F 103 -54.82 -20.06 38.55
CA ASP F 103 -55.26 -21.08 39.49
C ASP F 103 -54.29 -22.27 39.52
N ILE F 104 -54.09 -22.96 38.40
CA ILE F 104 -53.09 -24.00 38.26
C ILE F 104 -52.47 -23.95 36.87
N VAL F 105 -51.27 -23.35 36.78
CA VAL F 105 -50.54 -23.24 35.51
C VAL F 105 -49.04 -23.27 35.79
N VAL F 106 -48.27 -23.58 34.74
CA VAL F 106 -46.84 -23.32 34.71
C VAL F 106 -46.62 -22.03 33.92
N MET F 107 -46.10 -21.01 34.60
CA MET F 107 -46.10 -19.66 34.04
C MET F 107 -44.73 -19.21 33.52
N MET F 108 -43.67 -19.34 34.34
CA MET F 108 -42.36 -18.78 34.03
C MET F 108 -42.43 -17.28 33.77
N TYR F 109 -43.54 -16.64 34.13
CA TYR F 109 -43.75 -15.22 33.86
C TYR F 109 -44.41 -14.59 35.09
N ALA F 110 -44.87 -13.35 34.95
CA ALA F 110 -45.62 -12.68 36.00
C ALA F 110 -46.98 -13.34 36.19
N ASP F 111 -47.61 -13.05 37.33
CA ASP F 111 -48.90 -13.66 37.66
C ASP F 111 -49.98 -13.00 36.82
N ASP F 112 -50.08 -13.47 35.57
CA ASP F 112 -51.13 -13.03 34.65
C ASP F 112 -51.31 -14.13 33.62
N ALA F 113 -52.34 -14.97 33.80
CA ALA F 113 -52.61 -16.06 32.87
C ALA F 113 -54.09 -16.25 32.53
N PHE F 114 -55.02 -15.76 33.35
CA PHE F 114 -56.46 -15.89 33.12
C PHE F 114 -56.86 -17.37 33.02
N ASP F 115 -56.70 -18.07 34.15
CA ASP F 115 -57.02 -19.49 34.19
C ASP F 115 -58.53 -19.72 34.20
N ILE F 116 -59.22 -19.21 35.22
CA ILE F 116 -60.66 -19.37 35.35
C ILE F 116 -61.33 -18.00 35.23
N TRP F 117 -62.48 -18.00 34.55
CA TRP F 117 -63.21 -16.78 34.24
C TRP F 117 -64.49 -16.70 35.07
N GLY F 118 -65.30 -15.68 34.81
CA GLY F 118 -66.56 -15.48 35.50
C GLY F 118 -67.74 -15.50 34.55
N GLN F 119 -68.94 -15.47 35.13
CA GLN F 119 -70.16 -15.53 34.33
C GLN F 119 -70.45 -14.21 33.62
N GLY F 120 -70.11 -13.07 34.24
CA GLY F 120 -70.24 -11.79 33.58
C GLY F 120 -71.49 -11.00 33.93
N THR F 121 -71.39 -9.68 33.82
CA THR F 121 -72.51 -8.78 34.09
C THR F 121 -72.60 -7.74 32.99
N MET F 122 -73.80 -7.19 32.80
CA MET F 122 -74.06 -6.27 31.72
C MET F 122 -74.24 -4.85 32.24
N VAL F 123 -73.62 -3.90 31.53
CA VAL F 123 -73.76 -2.48 31.84
C VAL F 123 -74.04 -1.74 30.54
N THR F 124 -75.04 -0.86 30.57
CA THR F 124 -75.38 -0.01 29.44
C THR F 124 -75.34 1.44 29.87
N VAL F 125 -74.76 2.28 29.03
CA VAL F 125 -74.71 3.72 29.28
C VAL F 125 -75.68 4.46 28.38
N GLU G 1 -50.21 -4.62 19.39
CA GLU G 1 -51.42 -4.80 18.59
C GLU G 1 -51.32 -6.07 17.76
N LEU G 2 -51.90 -7.16 18.28
CA LEU G 2 -51.85 -8.44 17.59
C LEU G 2 -52.77 -8.45 16.38
N THR G 3 -52.42 -9.27 15.39
CA THR G 3 -53.16 -9.38 14.15
C THR G 3 -53.53 -10.83 13.92
N GLN G 4 -54.81 -11.07 13.59
CA GLN G 4 -55.30 -12.41 13.31
C GLN G 4 -56.21 -12.38 12.10
N ASP G 5 -56.29 -13.51 11.40
CA ASP G 5 -57.14 -13.61 10.23
C ASP G 5 -58.62 -13.59 10.66
N PRO G 6 -59.50 -13.06 9.81
CA PRO G 6 -60.92 -12.97 10.18
C PRO G 6 -61.57 -14.33 10.40
N ALA G 7 -61.44 -15.23 9.42
CA ALA G 7 -62.08 -16.53 9.50
C ALA G 7 -61.20 -17.58 8.84
N VAL G 8 -61.34 -18.82 9.28
CA VAL G 8 -60.61 -19.96 8.74
C VAL G 8 -61.61 -21.00 8.28
N SER G 9 -61.44 -21.50 7.06
CA SER G 9 -62.33 -22.48 6.47
C SER G 9 -61.57 -23.79 6.27
N VAL G 10 -61.71 -24.71 7.22
CA VAL G 10 -61.09 -26.03 7.16
C VAL G 10 -62.18 -27.08 7.33
N ALA G 11 -62.18 -28.07 6.44
CA ALA G 11 -63.17 -29.13 6.50
C ALA G 11 -62.82 -30.14 7.59
N LEU G 12 -63.68 -31.14 7.75
CA LEU G 12 -63.46 -32.16 8.76
C LEU G 12 -62.29 -33.07 8.37
N GLY G 13 -61.58 -33.56 9.38
CA GLY G 13 -60.49 -34.48 9.15
C GLY G 13 -59.20 -33.85 8.66
N GLN G 14 -59.10 -32.53 8.66
CA GLN G 14 -57.91 -31.84 8.20
C GLN G 14 -57.32 -31.01 9.33
N THR G 15 -56.00 -30.84 9.31
CA THR G 15 -55.31 -30.07 10.34
C THR G 15 -55.70 -28.60 10.25
N VAL G 16 -56.00 -28.00 11.39
CA VAL G 16 -56.38 -26.59 11.46
C VAL G 16 -55.22 -25.80 12.06
N ARG G 17 -54.78 -24.77 11.35
CA ARG G 17 -53.70 -23.90 11.82
C ARG G 17 -54.26 -22.50 12.06
N ILE G 18 -54.09 -22.01 13.28
CA ILE G 18 -54.54 -20.67 13.67
C ILE G 18 -53.31 -19.85 14.01
N THR G 19 -53.11 -18.74 13.30
CA THR G 19 -51.92 -17.93 13.44
C THR G 19 -52.24 -16.62 14.16
N CYS G 20 -51.24 -16.12 14.87
CA CYS G 20 -51.32 -14.84 15.56
C CYS G 20 -50.05 -14.05 15.27
N GLN G 21 -50.21 -12.82 14.79
CA GLN G 21 -49.10 -11.99 14.38
C GLN G 21 -48.85 -10.90 15.41
N GLY G 22 -47.60 -10.73 15.82
CA GLY G 22 -47.26 -9.71 16.79
C GLY G 22 -45.77 -9.41 16.74
N ASP G 23 -45.42 -8.17 17.07
CA ASP G 23 -44.03 -7.75 17.04
C ASP G 23 -43.24 -8.29 18.22
N SER G 24 -43.88 -8.49 19.36
CA SER G 24 -43.21 -8.88 20.60
C SER G 24 -43.54 -10.31 21.01
N LEU G 25 -43.63 -11.21 20.04
CA LEU G 25 -43.91 -12.62 20.33
C LEU G 25 -42.65 -13.44 20.60
N ARG G 26 -41.46 -12.83 20.47
CA ARG G 26 -40.24 -13.53 20.85
C ARG G 26 -40.25 -13.86 22.33
N SER G 27 -40.67 -12.91 23.17
CA SER G 27 -40.94 -13.16 24.57
C SER G 27 -42.44 -13.07 24.81
N TYR G 28 -42.86 -13.33 26.06
CA TYR G 28 -44.26 -13.26 26.45
C TYR G 28 -45.12 -14.17 25.57
N TYR G 29 -44.85 -15.47 25.70
CA TYR G 29 -45.48 -16.48 24.85
C TYR G 29 -47.00 -16.39 24.94
N ALA G 30 -47.65 -16.44 23.78
CA ALA G 30 -49.08 -16.22 23.69
C ALA G 30 -49.86 -17.36 24.34
N SER G 31 -50.97 -17.00 24.96
CA SER G 31 -51.92 -17.95 25.53
C SER G 31 -53.22 -17.90 24.75
N TRP G 32 -53.76 -19.06 24.41
CA TRP G 32 -54.93 -19.17 23.55
C TRP G 32 -56.16 -19.49 24.40
N TYR G 33 -57.24 -18.73 24.17
CA TYR G 33 -58.52 -18.95 24.82
C TYR G 33 -59.58 -19.20 23.77
N GLN G 34 -60.55 -20.04 24.12
CA GLN G 34 -61.68 -20.36 23.25
C GLN G 34 -62.95 -19.81 23.89
N GLN G 35 -63.67 -18.99 23.12
CA GLN G 35 -64.91 -18.36 23.58
C GLN G 35 -66.06 -18.93 22.78
N LYS G 36 -66.92 -19.72 23.43
CA LYS G 36 -68.10 -20.23 22.78
C LYS G 36 -69.10 -19.10 22.55
N PRO G 37 -70.00 -19.23 21.56
CA PRO G 37 -71.01 -18.19 21.33
C PRO G 37 -71.91 -18.04 22.54
N GLY G 38 -71.93 -16.83 23.11
CA GLY G 38 -72.71 -16.58 24.31
C GLY G 38 -72.20 -17.32 25.53
N GLN G 39 -70.89 -17.49 25.66
CA GLN G 39 -70.32 -18.18 26.81
C GLN G 39 -69.00 -17.51 27.19
N ALA G 40 -68.62 -17.68 28.44
CA ALA G 40 -67.36 -17.11 28.92
C ALA G 40 -66.18 -17.84 28.28
N PRO G 41 -65.10 -17.13 27.95
CA PRO G 41 -63.92 -17.78 27.40
C PRO G 41 -63.28 -18.73 28.40
N VAL G 42 -62.67 -19.80 27.88
CA VAL G 42 -62.02 -20.80 28.70
C VAL G 42 -60.57 -20.94 28.25
N LEU G 43 -59.73 -21.41 29.17
CA LEU G 43 -58.31 -21.60 28.88
C LEU G 43 -58.11 -22.88 28.08
N VAL G 44 -57.32 -22.78 27.00
CA VAL G 44 -57.05 -23.89 26.10
C VAL G 44 -55.56 -24.21 26.06
N ILE G 45 -54.73 -23.21 25.75
CA ILE G 45 -53.29 -23.40 25.64
C ILE G 45 -52.60 -22.28 26.41
N TYR G 46 -51.67 -22.65 27.28
CA TYR G 46 -50.87 -21.71 28.05
C TYR G 46 -49.44 -22.24 28.12
N GLY G 47 -48.56 -21.43 28.72
CA GLY G 47 -47.19 -21.87 28.89
C GLY G 47 -46.47 -22.06 27.57
N LYS G 48 -45.60 -23.06 27.53
CA LYS G 48 -44.84 -23.36 26.31
C LYS G 48 -45.66 -24.18 25.33
N ASN G 49 -45.97 -25.43 25.68
CA ASN G 49 -46.69 -26.29 24.74
C ASN G 49 -47.78 -27.14 25.39
N ASN G 50 -48.14 -26.90 26.65
CA ASN G 50 -49.09 -27.76 27.35
C ASN G 50 -50.45 -27.08 27.44
N ARG G 51 -51.39 -27.81 28.03
CA ARG G 51 -52.78 -27.42 28.17
C ARG G 51 -53.25 -27.66 29.60
N PRO G 52 -54.28 -26.95 30.05
CA PRO G 52 -54.82 -27.21 31.39
C PRO G 52 -55.51 -28.55 31.46
N SER G 53 -55.63 -29.06 32.68
CA SER G 53 -56.27 -30.36 32.90
C SER G 53 -57.72 -30.31 32.46
N GLY G 54 -58.17 -31.41 31.84
CA GLY G 54 -59.52 -31.52 31.33
C GLY G 54 -59.66 -31.20 29.86
N ILE G 55 -58.70 -30.49 29.28
CA ILE G 55 -58.74 -30.17 27.85
C ILE G 55 -58.28 -31.40 27.06
N PRO G 56 -59.05 -31.86 26.08
CA PRO G 56 -58.63 -33.03 25.31
C PRO G 56 -57.37 -32.76 24.52
N ASP G 57 -56.59 -33.82 24.30
CA ASP G 57 -55.30 -33.72 23.61
C ASP G 57 -55.54 -33.56 22.10
N ARG G 58 -56.07 -32.39 21.75
CA ARG G 58 -56.32 -32.04 20.36
C ARG G 58 -55.75 -30.70 19.94
N PHE G 59 -55.43 -29.81 20.87
CA PHE G 59 -54.89 -28.49 20.57
C PHE G 59 -53.46 -28.39 21.06
N SER G 60 -52.55 -28.02 20.16
CA SER G 60 -51.15 -27.83 20.50
C SER G 60 -50.69 -26.47 20.00
N GLY G 61 -49.86 -25.82 20.81
CA GLY G 61 -49.39 -24.48 20.50
C GLY G 61 -47.90 -24.47 20.20
N SER G 62 -47.49 -23.55 19.32
CA SER G 62 -46.11 -23.42 18.93
C SER G 62 -45.79 -21.95 18.69
N SER G 63 -44.53 -21.60 18.87
CA SER G 63 -44.06 -20.23 18.67
C SER G 63 -42.77 -20.25 17.86
N SER G 64 -42.62 -19.26 16.98
CA SER G 64 -41.43 -19.17 16.13
C SER G 64 -41.16 -17.68 15.87
N GLY G 65 -40.27 -17.11 16.68
CA GLY G 65 -39.90 -15.71 16.53
C GLY G 65 -41.05 -14.76 16.80
N ASN G 66 -41.55 -14.10 15.75
CA ASN G 66 -42.64 -13.15 15.86
C ASN G 66 -43.97 -13.71 15.40
N THR G 67 -44.09 -15.04 15.30
CA THR G 67 -45.31 -15.70 14.86
C THR G 67 -45.76 -16.69 15.92
N ALA G 68 -47.06 -16.65 16.24
CA ALA G 68 -47.68 -17.60 17.16
C ALA G 68 -48.69 -18.42 16.40
N SER G 69 -48.64 -19.74 16.56
CA SER G 69 -49.47 -20.65 15.78
C SER G 69 -50.13 -21.67 16.70
N LEU G 70 -51.28 -22.16 16.26
CA LEU G 70 -52.02 -23.20 16.96
C LEU G 70 -52.33 -24.34 16.00
N THR G 71 -52.36 -25.57 16.52
CA THR G 71 -52.61 -26.75 15.73
C THR G 71 -53.79 -27.52 16.31
N ILE G 72 -54.73 -27.90 15.46
CA ILE G 72 -55.88 -28.72 15.84
C ILE G 72 -55.81 -30.02 15.07
N THR G 73 -55.84 -31.13 15.79
CA THR G 73 -55.81 -32.47 15.19
C THR G 73 -57.15 -33.14 15.40
N GLY G 74 -57.78 -33.56 14.31
CA GLY G 74 -59.06 -34.22 14.36
C GLY G 74 -60.16 -33.31 14.88
N PRO G 75 -60.51 -32.29 14.11
CA PRO G 75 -61.54 -31.35 14.57
C PRO G 75 -62.92 -31.99 14.58
N GLN G 76 -63.76 -31.54 15.49
CA GLN G 76 -65.12 -32.05 15.65
C GLN G 76 -66.12 -30.95 15.30
N ALA G 77 -67.40 -31.29 15.42
CA ALA G 77 -68.47 -30.33 15.17
C ALA G 77 -68.74 -29.42 16.35
N GLU G 78 -68.13 -29.68 17.50
CA GLU G 78 -68.30 -28.86 18.69
C GLU G 78 -67.20 -27.82 18.85
N ASP G 79 -66.28 -27.74 17.89
CA ASP G 79 -65.16 -26.79 17.96
C ASP G 79 -65.47 -25.47 17.28
N GLU G 80 -66.70 -25.27 16.81
CA GLU G 80 -67.09 -24.02 16.15
C GLU G 80 -67.23 -22.94 17.21
N ALA G 81 -66.17 -22.16 17.40
CA ALA G 81 -66.16 -21.09 18.39
C ALA G 81 -65.10 -20.07 17.98
N ASP G 82 -64.80 -19.14 18.88
CA ASP G 82 -63.82 -18.09 18.63
C ASP G 82 -62.52 -18.40 19.36
N TYR G 83 -61.41 -18.03 18.72
CA TYR G 83 -60.08 -18.24 19.28
C TYR G 83 -59.35 -16.90 19.39
N TYR G 84 -58.70 -16.67 20.52
CA TYR G 84 -58.01 -15.42 20.80
C TYR G 84 -56.59 -15.71 21.26
N CYS G 85 -55.65 -14.88 20.80
CA CYS G 85 -54.27 -14.94 21.26
C CYS G 85 -53.99 -13.72 22.14
N THR G 86 -53.38 -13.97 23.30
CA THR G 86 -53.09 -12.91 24.27
C THR G 86 -51.59 -12.90 24.53
N SER G 87 -50.98 -11.72 24.36
CA SER G 87 -49.55 -11.57 24.60
C SER G 87 -49.29 -10.43 25.57
N ARG G 88 -48.03 -10.05 25.74
CA ARG G 88 -47.66 -8.96 26.63
C ARG G 88 -46.68 -8.02 25.92
N ASP G 89 -46.66 -6.77 26.37
CA ASP G 89 -45.68 -5.81 25.89
C ASP G 89 -44.54 -5.64 26.89
N SER G 90 -43.38 -5.27 26.36
CA SER G 90 -42.17 -5.20 27.18
C SER G 90 -42.25 -4.09 28.21
N SER G 91 -42.84 -2.95 27.84
CA SER G 91 -42.84 -1.78 28.71
C SER G 91 -43.92 -1.88 29.78
N GLY G 92 -45.19 -1.96 29.36
CA GLY G 92 -46.30 -1.91 30.29
C GLY G 92 -46.70 -3.23 30.91
N ASN G 93 -46.26 -4.36 30.35
CA ASN G 93 -46.64 -5.68 30.83
C ASN G 93 -48.15 -5.87 30.86
N HIS G 94 -48.83 -5.32 29.85
CA HIS G 94 -50.27 -5.45 29.73
C HIS G 94 -50.63 -6.68 28.91
N VAL G 95 -51.82 -7.22 29.17
CA VAL G 95 -52.29 -8.39 28.42
C VAL G 95 -52.76 -8.03 27.02
N ILE G 96 -53.15 -6.78 26.78
CA ILE G 96 -53.45 -6.21 25.47
C ILE G 96 -54.46 -7.01 24.65
N PHE G 97 -54.51 -8.33 24.85
CA PHE G 97 -55.41 -9.23 24.13
C PHE G 97 -55.16 -9.17 22.62
N GLY G 98 -56.05 -9.82 21.85
CA GLY G 98 -55.93 -9.84 20.41
C GLY G 98 -57.25 -9.57 19.72
N GLY G 99 -57.19 -9.48 18.39
CA GLY G 99 -58.38 -9.25 17.61
C GLY G 99 -59.27 -10.46 17.45
N GLY G 100 -58.73 -11.66 17.67
CA GLY G 100 -59.52 -12.87 17.59
C GLY G 100 -59.67 -13.38 16.17
N THR G 101 -60.26 -14.58 16.08
CA THR G 101 -60.50 -15.22 14.80
C THR G 101 -61.76 -16.06 14.89
N LYS G 102 -62.33 -16.38 13.73
CA LYS G 102 -63.56 -17.16 13.66
C LYS G 102 -63.25 -18.51 13.02
N LEU G 103 -63.69 -19.59 13.68
CA LEU G 103 -63.53 -20.94 13.16
C LEU G 103 -64.89 -21.61 13.11
N THR G 104 -65.21 -22.21 11.97
CA THR G 104 -66.49 -22.85 11.75
C THR G 104 -66.27 -24.28 11.27
N VAL G 105 -67.39 -24.97 11.02
CA VAL G 105 -67.39 -26.36 10.57
C VAL G 105 -67.98 -26.40 9.17
N LEU G 106 -67.27 -27.06 8.24
CA LEU G 106 -67.68 -27.14 6.85
C LEU G 106 -68.44 -28.43 6.55
N GLY G 107 -69.20 -28.95 7.51
CA GLY G 107 -69.98 -30.15 7.31
C GLY G 107 -71.27 -29.87 6.56
N GLN G 108 -72.01 -30.95 6.32
CA GLN G 108 -73.28 -30.86 5.61
C GLN G 108 -74.37 -30.28 6.51
C1 NAG H . 68.16 28.04 4.20
C2 NAG H . 69.60 28.19 4.69
C3 NAG H . 70.41 26.95 4.33
C4 NAG H . 69.71 25.69 4.81
C5 NAG H . 68.28 25.65 4.30
C6 NAG H . 67.47 24.48 4.84
C7 NAG H . 70.20 30.56 4.76
C8 NAG H . 70.89 31.69 4.05
N2 NAG H . 70.22 29.38 4.15
O3 NAG H . 71.70 27.04 4.91
O4 NAG H . 70.41 24.53 4.33
O5 NAG H . 67.58 26.84 4.71
O6 NAG H . 67.63 24.35 6.24
O7 NAG H . 69.64 30.72 5.84
C1 NAG H . 70.94 23.77 5.43
C2 NAG H . 71.19 22.34 4.94
C3 NAG H . 71.80 21.51 6.06
C4 NAG H . 73.05 22.19 6.62
C5 NAG H . 72.71 23.63 7.03
C6 NAG H . 73.92 24.41 7.49
C7 NAG H . 69.81 21.25 3.23
C8 NAG H . 68.48 20.65 2.91
N2 NAG H . 69.96 21.74 4.47
O3 NAG H . 72.14 20.22 5.57
O4 NAG H . 73.53 21.48 7.76
O5 NAG H . 72.16 24.34 5.92
O6 NAG H . 74.74 24.78 6.39
O7 NAG H . 70.72 21.30 2.40
C1 NAG I . 35.45 60.84 -8.23
C2 NAG I . 35.64 62.36 -8.15
C3 NAG I . 35.59 62.81 -6.69
C4 NAG I . 34.31 62.32 -6.02
C5 NAG I . 34.16 60.81 -6.22
C6 NAG I . 32.84 60.28 -5.69
C7 NAG I . 37.01 63.19 -10.01
C8 NAG I . 38.39 63.55 -10.47
N2 NAG I . 36.91 62.75 -8.76
O3 NAG I . 35.65 64.23 -6.64
O4 NAG I . 34.37 62.60 -4.62
O5 NAG I . 34.22 60.49 -7.61
O6 NAG I . 31.75 61.07 -6.16
O7 NAG I . 36.03 63.30 -10.74
C1 NAG I . 33.34 63.54 -4.26
C2 NAG I . 33.16 63.48 -2.75
C3 NAG I . 32.11 64.49 -2.31
C4 NAG I . 32.46 65.89 -2.82
C5 NAG I . 32.67 65.84 -4.34
C6 NAG I . 33.14 67.17 -4.90
C7 NAG I . 33.43 61.51 -1.31
C8 NAG I . 32.92 60.14 -1.00
N2 NAG I . 32.80 62.14 -2.32
O3 NAG I . 32.05 64.51 -0.89
O4 NAG I . 31.41 66.79 -2.52
O5 NAG I . 33.67 64.87 -4.67
O6 NAG I . 34.54 67.31 -4.75
O7 NAG I . 34.35 62.02 -0.70
C1 NAG J . 39.04 24.74 36.77
C2 NAG J . 39.54 25.20 38.14
C3 NAG J . 38.37 25.54 39.06
C4 NAG J . 37.43 26.54 38.38
C5 NAG J . 37.01 26.02 37.01
C6 NAG J . 36.18 27.01 36.24
C7 NAG J . 41.70 24.11 38.55
C8 NAG J . 42.42 23.00 39.25
N2 NAG J . 40.39 24.19 38.75
O3 NAG J . 38.85 26.07 40.28
O4 NAG J . 36.28 26.73 39.19
O5 NAG J . 38.17 25.75 36.22
O6 NAG J . 36.85 28.25 36.08
O7 NAG J . 42.29 24.90 37.83
C1 NAG K . -19.63 5.42 43.18
C2 NAG K . -19.43 6.93 43.34
C3 NAG K . -18.45 7.22 44.47
C4 NAG K . -18.91 6.54 45.75
C5 NAG K . -19.15 5.05 45.51
C6 NAG K . -19.74 4.35 46.70
C7 NAG K . -19.27 8.77 41.71
C8 NAG K . -18.70 9.21 40.40
N2 NAG K . -18.96 7.52 42.09
O3 NAG K . -18.35 8.62 44.67
O4 NAG K . -17.93 6.69 46.77
O5 NAG K . -20.09 4.87 44.43
O6 NAG K . -20.85 3.53 46.33
O7 NAG K . -19.98 9.49 42.40
C1 NAG L . 3.95 -27.66 37.55
C2 NAG L . 3.43 -26.89 36.34
C3 NAG L . 3.32 -25.40 36.68
C4 NAG L . 2.49 -25.20 37.94
C5 NAG L . 3.04 -26.06 39.08
C6 NAG L . 2.19 -26.00 40.33
C7 NAG L . 4.12 -28.08 34.31
C8 NAG L . 5.10 -28.14 33.17
N2 NAG L . 4.29 -27.09 35.19
O3 NAG L . 2.71 -24.72 35.58
O4 NAG L . 2.54 -23.83 38.33
O5 NAG L . 3.10 -27.44 38.67
O6 NAG L . 0.92 -26.59 40.11
O7 NAG L . 3.21 -28.91 34.43
C1 NAG M . 46.47 -4.43 19.81
C2 NAG M . 47.01 -5.60 20.62
C3 NAG M . 48.49 -5.83 20.30
C4 NAG M . 48.70 -5.96 18.80
C5 NAG M . 48.10 -4.76 18.07
C6 NAG M . 48.18 -4.88 16.57
C7 NAG M . 45.81 -5.94 22.73
C8 NAG M . 45.77 -5.62 24.19
N2 NAG M . 46.82 -5.40 22.04
O3 NAG M . 48.94 -7.00 20.96
O4 NAG M . 50.10 -6.03 18.50
O5 NAG M . 46.71 -4.64 18.41
O6 NAG M . 48.62 -6.18 16.18
O7 NAG M . 44.98 -6.65 22.20
C1 NAG N . 59.71 42.04 14.79
C2 NAG N . 60.07 40.63 15.25
C3 NAG N . 58.96 40.06 16.13
C4 NAG N . 58.66 41.00 17.28
C5 NAG N . 58.35 42.40 16.75
C6 NAG N . 58.15 43.42 17.85
C7 NAG N . 61.44 39.08 13.94
C8 NAG N . 61.53 38.23 12.70
N2 NAG N . 60.31 39.77 14.11
O3 NAG N . 59.38 38.79 16.64
O4 NAG N . 57.53 40.53 18.02
O5 NAG N . 59.44 42.87 15.94
O6 NAG N . 59.36 43.66 18.56
O7 NAG N . 62.37 39.13 14.74
C1 NAG O . 63.01 66.74 2.83
C2 NAG O . 62.55 67.35 4.15
C3 NAG O . 61.87 68.70 3.91
C4 NAG O . 62.78 69.61 3.10
C5 NAG O . 63.21 68.91 1.81
C6 NAG O . 64.20 69.72 1.01
C7 NAG O . 61.94 65.92 6.06
C8 NAG O . 60.90 65.01 6.64
N2 NAG O . 61.65 66.44 4.86
O3 NAG O . 61.56 69.31 5.16
O4 NAG O . 62.09 70.82 2.77
O5 NAG O . 63.85 67.67 2.13
O6 NAG O . 65.40 68.99 0.78
O7 NAG O . 62.99 66.17 6.64
C1 NAG P . 72.87 48.65 6.09
C2 NAG P . 73.93 48.55 7.18
C3 NAG P . 75.18 49.33 6.76
C4 NAG P . 75.67 48.86 5.40
C5 NAG P . 74.53 48.94 4.38
C6 NAG P . 74.91 48.36 3.04
C7 NAG P . 73.35 48.28 9.55
C8 NAG P . 72.80 48.95 10.78
N2 NAG P . 73.42 49.04 8.45
O3 NAG P . 76.20 49.14 7.74
O4 NAG P . 76.75 49.68 4.96
O5 NAG P . 73.41 48.18 4.85
O6 NAG P . 76.10 48.96 2.54
O7 NAG P . 73.70 47.11 9.55
C1 NAG Q . 0.40 -47.84 41.16
C2 NAG Q . 0.14 -46.92 42.36
C3 NAG Q . -0.79 -47.59 43.36
C4 NAG Q . -2.07 -48.04 42.66
C5 NAG Q . -1.70 -48.93 41.48
C6 NAG Q . -2.89 -49.37 40.66
C7 NAG Q . 1.79 -45.27 43.17
C8 NAG Q . 3.12 -45.08 43.81
N2 NAG Q . 1.39 -46.53 42.99
O3 NAG Q . -1.13 -46.69 44.41
O4 NAG Q . -2.93 -48.72 43.55
O5 NAG Q . -0.84 -48.22 40.59
O6 NAG Q . -2.77 -48.90 39.33
O7 NAG Q . 1.09 -44.31 42.84
C1 NAG R . 19.64 20.67 35.76
C2 NAG R . 21.18 20.74 35.87
C3 NAG R . 21.62 22.09 36.44
C4 NAG R . 21.00 23.23 35.64
C5 NAG R . 19.49 23.07 35.61
C6 NAG R . 18.81 24.12 34.76
C7 NAG R . 21.44 19.47 37.99
C8 NAG R . 22.09 18.29 38.63
N2 NAG R . 21.71 19.65 36.68
O3 NAG R . 23.04 22.18 36.38
O4 NAG R . 21.33 24.48 36.25
O5 NAG R . 19.16 21.80 35.03
O6 NAG R . 19.60 24.47 33.63
O7 NAG R . 20.69 20.23 38.61
C1 NAG S . 51.23 54.99 13.19
C2 NAG S . 50.68 56.39 12.89
C3 NAG S . 50.82 57.28 14.12
C4 NAG S . 50.19 56.62 15.34
C5 NAG S . 50.77 55.23 15.54
C6 NAG S . 50.10 54.46 16.65
C7 NAG S . 50.69 57.43 10.68
C8 NAG S . 51.54 58.02 9.59
N2 NAG S . 51.35 56.98 11.75
O3 NAG S . 50.19 58.54 13.87
O4 NAG S . 50.43 57.40 16.50
O5 NAG S . 50.58 54.45 14.34
O6 NAG S . 48.69 54.43 16.49
O7 NAG S . 49.48 57.38 10.59
C1 NAG T . 67.80 9.76 -6.99
C2 NAG T . 69.14 8.99 -7.10
C3 NAG T . 68.92 7.47 -7.07
C4 NAG T . 68.07 7.06 -5.88
C5 NAG T . 66.73 7.81 -5.98
C6 NAG T . 65.78 7.49 -4.84
C7 NAG T . 71.17 9.31 -8.46
C8 NAG T . 71.72 9.73 -9.79
N2 NAG T . 69.84 9.37 -8.32
O3 NAG T . 70.19 6.82 -6.96
O4 NAG T . 67.82 5.66 -5.90
O5 NAG T . 67.00 9.20 -5.91
O6 NAG T . 66.46 6.98 -3.70
O7 NAG T . 71.91 8.90 -7.55
C1 NAG U . 41.07 -27.32 13.05
C2 NAG U . 42.16 -26.49 13.75
C3 NAG U . 43.50 -26.68 13.04
C4 NAG U . 43.84 -28.17 12.92
C5 NAG U . 42.68 -28.92 12.26
C6 NAG U . 42.91 -30.41 12.23
C7 NAG U . 41.07 -24.55 14.78
C8 NAG U . 40.80 -23.08 14.66
N2 NAG U . 41.81 -25.09 13.80
O3 NAG U . 44.52 -26.01 13.75
O4 NAG U . 45.01 -28.34 12.15
O5 NAG U . 41.47 -28.71 13.00
O6 NAG U . 43.26 -30.92 13.51
O7 NAG U . 40.66 -25.22 15.71
C1 NAG V . 30.99 58.79 -26.80
C2 NAG V . 30.04 59.28 -25.71
C3 NAG V . 28.68 58.60 -25.84
C4 NAG V . 28.13 58.79 -27.24
C5 NAG V . 29.15 58.32 -28.27
C6 NAG V . 28.71 58.58 -29.70
C7 NAG V . 30.59 59.94 -23.41
C8 NAG V . 31.20 59.52 -22.10
N2 NAG V . 30.61 59.03 -24.39
O3 NAG V . 27.79 59.15 -24.88
O4 NAG V . 26.92 58.05 -27.40
O5 NAG V . 30.40 59.00 -28.09
O6 NAG V . 29.32 59.76 -30.21
O7 NAG V . 30.08 61.05 -23.56
C1 NAG W . -39.10 12.45 7.51
C2 NAG W . -39.24 11.28 6.55
C3 NAG W . -39.48 11.79 5.12
C4 NAG W . -40.68 12.74 5.11
C5 NAG W . -40.49 13.85 6.13
C6 NAG W . -41.70 14.75 6.24
C7 NAG W . -38.08 9.17 7.04
C8 NAG W . -36.77 8.43 7.01
N2 NAG W . -38.06 10.43 6.58
O3 NAG W . -39.71 10.69 4.26
O4 NAG W . -40.82 13.31 3.81
O5 NAG W . -40.27 13.28 7.43
O6 NAG W . -42.77 14.11 6.90
O7 NAG W . -39.11 8.65 7.46
C1 NAG X . -7.34 31.54 29.58
C2 NAG X . -7.36 32.89 28.84
C3 NAG X . -6.28 33.83 29.39
C4 NAG X . -6.41 33.96 30.91
C5 NAG X . -6.34 32.58 31.54
C6 NAG X . -6.54 32.61 33.04
C7 NAG X . -7.41 33.64 26.49
C8 NAG X . -7.12 33.26 25.07
N2 NAG X . -7.14 32.70 27.40
O3 NAG X . -6.40 35.11 28.80
O4 NAG X . -5.36 34.77 31.42
O5 NAG X . -7.40 31.76 31.01
O6 NAG X . -7.72 33.31 33.39
O7 NAG X . -7.87 34.73 26.78
C1 NAG Y . 45.05 68.10 -25.21
C2 NAG Y . 44.55 69.53 -25.36
C3 NAG Y . 45.74 70.49 -25.45
C4 NAG Y . 46.66 70.30 -24.26
C5 NAG Y . 47.07 68.84 -24.13
C6 NAG Y . 47.90 68.55 -22.90
C7 NAG Y . 42.40 69.98 -26.47
C8 NAG Y . 41.69 70.07 -27.79
N2 NAG Y . 43.70 69.66 -26.54
O3 NAG Y . 45.25 71.83 -25.48
O4 NAG Y . 47.83 71.10 -24.42
O5 NAG Y . 45.90 68.01 -24.05
O6 NAG Y . 49.19 69.13 -23.00
O7 NAG Y . 41.84 70.18 -25.40
C1 NAG Z . 35.63 54.55 12.09
C2 NAG Z . 34.95 55.21 13.29
C3 NAG Z . 33.48 54.87 13.30
C4 NAG Z . 32.84 55.24 11.97
C5 NAG Z . 33.63 54.65 10.80
C6 NAG Z . 33.12 55.12 9.46
C7 NAG Z . 36.49 55.58 15.16
C8 NAG Z . 37.06 55.03 16.43
N2 NAG Z . 35.59 54.82 14.54
O3 NAG Z . 32.84 55.57 14.36
O4 NAG Z . 31.50 54.76 11.92
O5 NAG Z . 35.02 55.02 10.88
O6 NAG Z . 31.76 54.76 9.27
O7 NAG Z . 36.84 56.67 14.71
C1 NAG AA . 36.45 51.54 -39.97
C2 NAG AA . 37.32 50.93 -41.07
C3 NAG AA . 36.98 51.53 -42.43
C4 NAG AA . 35.49 51.41 -42.70
C5 NAG AA . 34.69 52.02 -41.55
C6 NAG AA . 33.20 51.83 -41.70
C7 NAG AA . 39.60 50.08 -40.68
C8 NAG AA . 41.02 50.45 -40.37
N2 NAG AA . 38.74 51.11 -40.77
O3 NAG AA . 37.72 50.86 -43.44
O4 NAG AA . 35.16 52.08 -43.91
O5 NAG AA . 35.07 51.40 -40.31
O6 NAG AA . 32.89 50.55 -42.23
O7 NAG AA . 39.25 48.93 -40.86
C1 NAG BA . -3.26 45.88 -24.44
C2 NAG BA . -4.54 46.65 -24.10
C3 NAG BA . -5.75 45.95 -24.71
C4 NAG BA . -5.54 45.73 -26.20
C5 NAG BA . -4.22 45.02 -26.46
C6 NAG BA . -3.89 44.88 -27.92
C7 NAG BA . -4.33 47.87 -21.98
C8 NAG BA . -4.57 47.84 -20.50
N2 NAG BA . -4.70 46.79 -22.66
O3 NAG BA . -6.92 46.74 -24.49
O4 NAG BA . -6.60 44.95 -26.74
O5 NAG BA . -3.15 45.77 -25.86
O6 NAG BA . -4.30 46.02 -28.66
O7 NAG BA . -3.83 48.84 -22.54
C1 NAG CA . -8.04 27.93 -27.29
C2 NAG CA . -6.64 27.98 -27.90
C3 NAG CA . -6.55 29.07 -28.95
C4 NAG CA . -7.66 28.90 -30.00
C5 NAG CA . -9.02 28.82 -29.31
C6 NAG CA . -10.15 28.52 -30.27
C7 NAG CA . -4.54 27.42 -26.75
C8 NAG CA . -3.60 27.78 -25.63
N2 NAG CA . -5.63 28.18 -26.87
O3 NAG CA . -5.28 29.04 -29.58
O4 NAG CA . -7.65 29.98 -30.91
O5 NAG CA . -9.01 27.76 -28.34
O6 NAG CA . -10.35 27.13 -30.42
O7 NAG CA . -4.30 26.49 -27.52
C1 NAG DA . 3.48 42.63 3.96
C2 NAG DA . 4.22 43.62 3.07
C3 NAG DA . 5.05 42.87 2.03
C4 NAG DA . 5.95 41.85 2.71
C5 NAG DA . 5.14 40.95 3.64
C6 NAG DA . 6.01 40.01 4.45
C7 NAG DA . 3.20 45.83 2.84
C8 NAG DA . 2.20 46.67 2.09
N2 NAG DA . 3.30 44.56 2.45
O3 NAG DA . 5.83 43.81 1.30
O4 NAG DA . 6.58 41.04 1.71
O5 NAG DA . 4.41 41.75 4.59
O6 NAG DA . 7.39 40.16 4.14
O7 NAG DA . 3.88 46.29 3.75
C1 NAG EA . -30.05 -2.92 -35.80
C2 NAG EA . -29.02 -3.14 -36.91
C3 NAG EA . -28.73 -1.83 -37.63
C4 NAG EA . -30.02 -1.20 -38.12
C5 NAG EA . -31.01 -1.05 -36.97
C6 NAG EA . -32.36 -0.55 -37.41
C7 NAG EA . -27.52 -5.03 -36.43
C8 NAG EA . -26.22 -5.45 -35.83
N2 NAG EA . -27.80 -3.72 -36.38
O3 NAG EA . -27.86 -2.09 -38.74
O4 NAG EA . -29.75 0.09 -38.69
O5 NAG EA . -31.23 -2.34 -36.35
O6 NAG EA . -32.41 -0.37 -38.82
O7 NAG EA . -28.30 -5.83 -36.94
C1 NAG FA . -49.94 9.34 22.09
C2 NAG FA . -50.29 7.85 21.98
C3 NAG FA . -50.18 7.39 20.53
C4 NAG FA . -51.01 8.28 19.62
C5 NAG FA . -50.64 9.75 19.83
C6 NAG FA . -51.51 10.69 19.05
C7 NAG FA . -48.12 6.93 22.75
C8 NAG FA . -47.46 6.03 23.76
N2 NAG FA . -49.45 7.03 22.85
O3 NAG FA . -50.63 6.04 20.43
O4 NAG FA . -50.78 7.93 18.26
O5 NAG FA . -50.79 10.09 21.22
O6 NAG FA . -51.15 12.05 19.29
O7 NAG FA . -47.47 7.54 21.90
C1 NAG GA . 52.91 60.39 -41.82
C2 NAG GA . 54.15 60.62 -42.68
C3 NAG GA . 53.75 61.13 -44.07
C4 NAG GA . 52.73 60.21 -44.71
C5 NAG GA . 51.54 60.04 -43.78
C6 NAG GA . 50.51 59.06 -44.29
C7 NAG GA . 55.95 61.18 -41.10
C8 NAG GA . 56.81 62.28 -40.55
N2 NAG GA . 55.07 61.55 -42.04
O3 NAG GA . 54.91 61.21 -44.89
O4 NAG GA . 52.28 60.75 -45.95
O5 NAG GA . 51.99 59.53 -42.51
O6 NAG GA . 50.01 58.23 -43.25
O7 NAG GA . 56.04 60.03 -40.72
C1 NAG HA . 22.14 2.67 -41.04
C2 NAG HA . 23.32 3.07 -40.12
C3 NAG HA . 24.28 4.01 -40.86
C4 NAG HA . 24.71 3.40 -42.19
C5 NAG HA . 23.49 3.03 -43.02
C6 NAG HA . 23.83 2.34 -44.32
C7 NAG HA . 23.55 3.75 -37.78
C8 NAG HA . 22.88 4.44 -36.61
N2 NAG HA . 22.84 3.70 -38.90
O3 NAG HA . 25.41 4.26 -40.06
O4 NAG HA . 25.52 4.32 -42.92
O5 NAG HA . 22.65 2.12 -42.28
O6 NAG HA . 24.85 1.36 -44.13
O7 NAG HA . 24.67 3.27 -37.69
C1 NAG IA . -4.26 2.36 -44.96
C2 NAG IA . -3.18 2.30 -46.04
C3 NAG IA . -3.29 3.49 -46.97
C4 NAG IA . -4.70 3.60 -47.54
C5 NAG IA . -5.72 3.61 -46.42
C6 NAG IA . -7.15 3.59 -46.90
C7 NAG IA . -1.20 1.11 -45.23
C8 NAG IA . 0.16 1.24 -44.59
N2 NAG IA . -1.85 2.25 -45.43
O3 NAG IA . -2.35 3.36 -48.03
O4 NAG IA . -4.83 4.79 -48.31
O5 NAG IA . -5.55 2.44 -45.59
O6 NAG IA . -7.66 2.26 -46.96
O7 NAG IA . -1.67 0.01 -45.53
C1 NAG JA . 50.54 -12.78 -30.48
C2 NAG JA . 50.32 -14.25 -30.17
C3 NAG JA . 51.30 -14.71 -29.09
C4 NAG JA . 52.73 -14.38 -29.49
C5 NAG JA . 52.85 -12.90 -29.84
C6 NAG JA . 54.22 -12.52 -30.36
C7 NAG JA . 47.98 -14.82 -30.63
C8 NAG JA . 46.62 -15.03 -30.04
N2 NAG JA . 48.95 -14.50 -29.76
O3 NAG JA . 51.16 -16.11 -28.90
O4 NAG JA . 53.62 -14.69 -28.42
O5 NAG JA . 51.91 -12.56 -30.86
O6 NAG JA . 54.13 -11.83 -31.60
O7 NAG JA . 48.18 -14.91 -31.84
C1 NAG KA . 19.26 -47.27 8.00
C2 NAG KA . 20.70 -47.48 7.52
C3 NAG KA . 21.68 -47.25 8.67
C4 NAG KA . 21.43 -45.90 9.32
C5 NAG KA . 19.98 -45.77 9.74
C6 NAG KA . 19.63 -44.42 10.31
C7 NAG KA . 21.16 -49.02 5.67
C8 NAG KA . 21.31 -50.45 5.26
N2 NAG KA . 20.88 -48.81 6.96
O3 NAG KA . 23.01 -47.31 8.18
O4 NAG KA . 22.27 -45.74 10.46
O5 NAG KA . 19.12 -45.98 8.60
O6 NAG KA . 20.77 -43.59 10.42
O7 NAG KA . 21.28 -48.09 4.87
C1 NAG LA . 84.75 32.84 -20.76
C2 NAG LA . 85.34 31.46 -20.51
C3 NAG LA . 86.27 31.48 -19.30
C4 NAG LA . 87.32 32.57 -19.48
C5 NAG LA . 86.65 33.91 -19.76
C6 NAG LA . 87.63 35.02 -20.06
C7 NAG LA . 84.23 29.32 -21.01
C8 NAG LA . 83.08 28.41 -20.67
N2 NAG LA . 84.29 30.46 -20.32
O3 NAG LA . 86.91 30.22 -19.17
O4 NAG LA . 88.11 32.68 -18.30
O5 NAG LA . 85.80 33.80 -20.91
O6 NAG LA . 86.96 36.23 -20.38
O7 NAG LA . 85.07 29.02 -21.86
C1 NAG MA . -9.91 -34.44 -21.94
C2 NAG MA . -9.33 -33.82 -20.66
C3 NAG MA . -7.97 -34.43 -20.36
C4 NAG MA . -8.07 -35.95 -20.30
C5 NAG MA . -8.70 -36.49 -21.58
C6 NAG MA . -8.94 -37.98 -21.54
C7 NAG MA . -9.22 -31.54 -19.74
C8 NAG MA . -9.10 -30.09 -20.06
N2 NAG MA . -9.22 -32.38 -20.79
O3 NAG MA . -7.49 -33.93 -19.11
O4 NAG MA . -6.77 -36.52 -20.15
O5 NAG MA . -9.98 -35.86 -21.79
O6 NAG MA . -9.54 -38.44 -22.75
O7 NAG MA . -9.31 -31.95 -18.59
C1 NAG NA . 73.76 18.93 -19.08
C2 NAG NA . 75.19 19.05 -18.53
C3 NAG NA . 75.25 20.08 -17.40
C4 NAG NA . 74.67 21.40 -17.86
C5 NAG NA . 73.24 21.19 -18.36
C6 NAG NA . 72.62 22.45 -18.91
C7 NAG NA . 76.46 16.96 -18.83
C8 NAG NA . 76.89 15.68 -18.20
N2 NAG NA . 75.70 17.76 -18.08
O3 NAG NA . 76.60 20.26 -16.99
O4 NAG NA . 74.66 22.34 -16.79
O5 NAG NA . 73.25 20.24 -19.43
O6 NAG NA . 73.58 23.28 -19.57
O7 NAG NA . 76.77 17.28 -19.98
C1 NAG OA . -25.68 -39.20 -26.00
C2 NAG OA . -26.19 -40.16 -24.92
C3 NAG OA . -25.04 -41.00 -24.37
C4 NAG OA . -24.29 -41.70 -25.50
C5 NAG OA . -23.83 -40.67 -26.52
C6 NAG OA . -23.15 -41.29 -27.73
C7 NAG OA . -28.17 -39.21 -23.83
C8 NAG OA . -28.68 -38.45 -22.64
N2 NAG OA . -26.85 -39.45 -23.85
O3 NAG OA . -25.56 -41.97 -23.46
O4 NAG OA . -23.17 -42.41 -24.99
O5 NAG OA . -24.96 -39.95 -27.01
O6 NAG OA . -23.94 -41.14 -28.89
O7 NAG OA . -28.91 -39.60 -24.72
C1 NAG PA . 71.49 32.04 -38.02
C2 NAG PA . 72.36 33.21 -38.49
C3 NAG PA . 72.55 33.16 -40.01
C4 NAG PA . 73.07 31.79 -40.43
C5 NAG PA . 72.16 30.70 -39.91
C6 NAG PA . 72.67 29.31 -40.21
C7 NAG PA . 72.51 35.59 -37.92
C8 NAG PA . 71.75 36.82 -37.52
N2 NAG PA . 71.78 34.48 -38.09
O3 NAG PA . 73.46 34.17 -40.41
O4 NAG PA . 73.13 31.72 -41.87
O5 NAG PA . 72.05 30.80 -38.49
O6 NAG PA . 73.58 28.87 -39.21
O7 NAG PA . 73.73 35.60 -38.08
C1 NAG QA . 30.47 36.26 -43.63
C2 NAG QA . 30.56 37.09 -44.91
C3 NAG QA . 29.33 36.86 -45.79
C4 NAG QA . 29.15 35.36 -46.06
C5 NAG QA . 29.08 34.61 -44.73
C6 NAG QA . 29.00 33.12 -44.91
C7 NAG QA . 31.31 39.37 -45.42
C8 NAG QA . 31.37 40.80 -44.94
N2 NAG QA . 30.70 38.51 -44.61
O3 NAG QA . 29.49 37.55 -47.03
O4 NAG QA . 27.96 35.15 -46.79
O5 NAG QA . 30.27 34.88 -43.97
O6 NAG QA . 30.28 32.54 -45.07
O7 NAG QA . 31.81 39.02 -46.49
C1 NAG RA . 65.86 19.62 -33.92
C2 NAG RA . 66.21 18.19 -34.35
C3 NAG RA . 67.50 18.20 -35.16
C4 NAG RA . 67.40 19.16 -36.34
C5 NAG RA . 67.03 20.55 -35.82
C6 NAG RA . 66.79 21.54 -36.94
C7 NAG RA . 65.33 16.55 -32.76
C8 NAG RA . 65.63 15.70 -31.56
N2 NAG RA . 66.32 17.31 -33.20
O3 NAG RA . 67.76 16.87 -35.64
O4 NAG RA . 68.65 19.23 -37.01
O5 NAG RA . 65.80 20.47 -35.07
O6 NAG RA . 67.38 22.80 -36.64
O7 NAG RA . 64.22 16.53 -33.30
C1 NAG SA . 38.56 -22.38 -16.40
C2 NAG SA . 39.89 -21.87 -15.87
C3 NAG SA . 41.04 -22.73 -16.38
C4 NAG SA . 40.78 -24.21 -16.08
C5 NAG SA . 39.42 -24.62 -16.62
C6 NAG SA . 39.05 -26.04 -16.26
C7 NAG SA . 39.64 -19.45 -15.49
C8 NAG SA . 39.95 -18.08 -16.01
N2 NAG SA . 40.10 -20.48 -16.22
O3 NAG SA . 42.26 -22.32 -15.78
O4 NAG SA . 41.79 -25.01 -16.67
O5 NAG SA . 38.40 -23.77 -16.07
O6 NAG SA . 39.21 -26.27 -14.87
O7 NAG SA . 38.99 -19.63 -14.46
#